data_7TJ7
#
_entry.id   7TJ7
#
loop_
_entity.id
_entity.type
_entity.pdbx_description
1 polymer 'cardiac actin'
2 polymer 'Myosin-binding protein C, cardiac-type'
3 polymer 'tropomyosin model'
#
loop_
_entity_poly.entity_id
_entity_poly.type
_entity_poly.pdbx_seq_one_letter_code
_entity_poly.pdbx_strand_id
1 'polypeptide(L)'
;DDEETTALVCDNGSGLVKAGFAGDDAPRAVFPSIVGRPRHQGVMVGMGQKDSYVGDEAQSKRGILTLKYPIEHGIITNWD
DMEKIWHHTFYNELRVAPEEHPTLLTEAPLNPKANREKMTQIMFETFNVPAMYVAIQAVLSLYASGRTTGIVLDSGDGVT
HNVPIYEGYALPHAIMRLDLAGRDLTDYLMKILTERGYSFVTTAEREIVRDIKEKLCYVALDFENEMATAASSSSLEKSY
ELPDGQVITIGNERFRCPETLFQPSFIGMESAGIHETTYNSIMKCDIDIRKDLYANNVLSGGTTMYPGIADRMQKEITAL
APSTMKIKIIAPPERKYSVWIGGSILASLSTFQQMWISKQEYDEAGPSIVHRKCF
;
A,B,C,D,E,F
2 'polypeptide(L)'
;DDPIGLFVMRPQDGEVTVGGSITFSARVAGASLLKPPVVKWFKGKWVDLSSKVGQHLQLHDSYDRASKVYLFELHITDAQ
PAFTGSYRCEVSTKDKFDCSNFNLTVHEAMGTGDLDLLSAFRRTSLAGGGRRISDSHEDTGILDFSSLLKKRDSFRTPRD
SKLEAPAEEDVWEILRQAPPSEYERIAFQYGVTDLRGMLKRLKGMRRDEKKSTAFQKKLE
;
G,H,I,J,K,L,M,N,O,P,Q,R
3 'polypeptide(L)'
;(UNK)(UNK)(UNK)(UNK)(UNK)(UNK)(UNK)(UNK)(UNK)(UNK)(UNK)(UNK)(UNK)(UNK)(UNK)(UNK)
(UNK)(UNK)(UNK)(UNK)(UNK)(UNK)(UNK)(UNK)(UNK)(UNK)(UNK)(UNK)(UNK)(UNK)(UNK)(UNK)
(UNK)(UNK)(UNK)(UNK)(UNK)(UNK)(UNK)(UNK)(UNK)(UNK)(UNK)(UNK)(UNK)(UNK)(UNK)(UNK)
(UNK)(UNK)(UNK)(UNK)(UNK)(UNK)(UNK)(UNK)(UNK)(UNK)(UNK)(UNK)(UNK)(UNK)(UNK)(UNK)
(UNK)(UNK)(UNK)(UNK)(UNK)(UNK)(UNK)(UNK)(UNK)(UNK)(UNK)(UNK)(UNK)(UNK)(UNK)(UNK)
(UNK)(UNK)(UNK)(UNK)(UNK)(UNK)(UNK)(UNK)(UNK)(UNK)(UNK)(UNK)(UNK)(UNK)(UNK)(UNK)
(UNK)(UNK)(UNK)(UNK)(UNK)(UNK)(UNK)(UNK)(UNK)(UNK)(UNK)(UNK)(UNK)(UNK)(UNK)(UNK)
(UNK)(UNK)(UNK)(UNK)(UNK)(UNK)(UNK)(UNK)(UNK)(UNK)(UNK)(UNK)(UNK)(UNK)(UNK)(UNK)
(UNK)(UNK)(UNK)(UNK)(UNK)(UNK)(UNK)
;
S,T,U,V
#
# COMPACT_ATOMS: atom_id res chain seq x y z
N ASP A 1 41.29 18.47 -70.17
CA ASP A 1 41.00 17.42 -71.13
C ASP A 1 40.16 17.95 -72.29
N ASP A 2 40.40 19.19 -72.66
CA ASP A 2 39.65 19.84 -73.73
C ASP A 2 40.49 20.98 -74.28
N GLU A 3 39.87 21.90 -75.02
CA GLU A 3 40.57 23.02 -75.63
C GLU A 3 40.86 24.09 -74.60
N GLU A 4 41.25 25.28 -75.06
CA GLU A 4 41.91 26.28 -74.23
C GLU A 4 41.29 26.42 -72.84
N THR A 5 40.04 26.87 -72.75
CA THR A 5 39.37 26.98 -71.47
C THR A 5 37.98 27.56 -71.70
N THR A 6 37.17 27.50 -70.64
CA THR A 6 35.95 28.28 -70.54
C THR A 6 36.08 29.19 -69.34
N ALA A 7 35.94 30.48 -69.59
CA ALA A 7 35.89 31.40 -68.47
C ALA A 7 34.83 30.94 -67.49
N LEU A 8 34.95 31.43 -66.28
CA LEU A 8 34.16 30.90 -65.18
C LEU A 8 33.24 32.11 -65.10
N VAL A 9 31.94 31.85 -65.09
CA VAL A 9 31.00 32.95 -65.07
C VAL A 9 30.41 32.65 -63.71
N CYS A 10 31.05 33.20 -62.69
CA CYS A 10 30.69 32.99 -61.30
C CYS A 10 29.99 34.22 -60.77
N ASP A 11 28.79 34.04 -60.25
CA ASP A 11 27.94 35.18 -59.88
C ASP A 11 27.25 35.11 -58.52
N ASN A 12 27.93 35.64 -57.51
CA ASN A 12 27.38 35.73 -56.17
C ASN A 12 26.09 36.52 -56.02
N GLY A 13 25.03 36.11 -56.73
CA GLY A 13 23.78 36.84 -56.67
C GLY A 13 23.51 37.28 -55.24
N SER A 14 23.24 38.57 -55.07
CA SER A 14 23.41 39.20 -53.76
C SER A 14 22.94 38.29 -52.63
N GLY A 15 21.92 37.48 -52.90
CA GLY A 15 21.50 36.48 -51.93
C GLY A 15 22.16 35.14 -52.14
N LEU A 16 22.29 34.70 -53.38
CA LEU A 16 22.90 33.41 -53.70
C LEU A 16 24.11 33.66 -54.58
N VAL A 17 25.08 32.83 -54.45
CA VAL A 17 26.18 32.82 -55.40
C VAL A 17 25.76 31.85 -56.49
N LYS A 18 26.04 32.22 -57.73
CA LYS A 18 25.57 31.47 -58.88
C LYS A 18 26.67 31.49 -59.92
N ALA A 19 26.49 30.72 -60.98
CA ALA A 19 27.58 30.66 -61.95
C ALA A 19 27.33 29.59 -62.99
N GLY A 20 27.93 29.80 -64.15
CA GLY A 20 28.04 28.80 -65.18
C GLY A 20 29.43 28.89 -65.78
N PHE A 21 29.46 29.03 -67.10
CA PHE A 21 30.67 29.35 -67.83
C PHE A 21 30.41 30.44 -68.84
N ALA A 22 31.49 30.91 -69.44
CA ALA A 22 31.37 31.72 -70.64
C ALA A 22 30.56 30.97 -71.67
N GLY A 23 29.72 31.68 -72.40
CA GLY A 23 28.84 31.05 -73.36
C GLY A 23 27.81 30.13 -72.75
N ASP A 24 27.88 29.87 -71.44
CA ASP A 24 26.86 29.05 -70.82
C ASP A 24 25.50 29.70 -70.98
N ASP A 25 24.48 28.96 -70.59
CA ASP A 25 23.11 29.43 -70.73
C ASP A 25 22.36 29.43 -69.42
N ALA A 26 22.84 28.70 -68.42
CA ALA A 26 22.17 28.62 -67.14
C ALA A 26 23.25 28.54 -66.08
N PRO A 27 23.26 29.44 -65.14
CA PRO A 27 24.22 29.34 -64.06
C PRO A 27 24.02 28.02 -63.36
N ARG A 28 24.95 27.11 -63.59
CA ARG A 28 24.87 25.82 -62.95
C ARG A 28 25.04 25.90 -61.45
N ALA A 29 25.49 27.04 -60.93
CA ALA A 29 25.61 27.26 -59.50
C ALA A 29 24.52 28.23 -59.07
N VAL A 30 23.76 27.85 -58.04
CA VAL A 30 22.80 28.75 -57.42
C VAL A 30 22.57 28.31 -55.98
N PHE A 31 22.85 29.17 -55.02
CA PHE A 31 22.54 28.73 -53.66
C PHE A 31 22.85 29.78 -52.60
N PRO A 32 22.37 29.58 -51.37
CA PRO A 32 22.37 30.66 -50.38
C PRO A 32 23.76 31.13 -50.01
N SER A 33 23.84 32.42 -49.68
CA SER A 33 25.09 33.06 -49.28
C SER A 33 25.22 33.13 -47.76
N ILE A 34 24.97 32.01 -47.11
CA ILE A 34 24.90 31.94 -45.66
C ILE A 34 25.91 30.96 -45.11
N VAL A 35 26.19 31.13 -43.82
CA VAL A 35 26.97 30.19 -43.04
C VAL A 35 26.11 29.78 -41.85
N GLY A 36 26.34 28.58 -41.35
CA GLY A 36 25.42 27.99 -40.39
C GLY A 36 26.09 27.37 -39.19
N ARG A 37 25.63 27.73 -38.00
CA ARG A 37 26.18 27.20 -36.78
C ARG A 37 25.17 26.48 -35.89
N PRO A 38 25.25 25.15 -35.78
CA PRO A 38 24.49 24.46 -34.76
C PRO A 38 24.78 24.99 -33.37
N ARG A 39 23.92 24.65 -32.41
CA ARG A 39 24.19 25.10 -31.05
C ARG A 39 24.63 23.95 -30.16
N HIS A 40 23.79 22.94 -30.02
CA HIS A 40 23.79 22.12 -28.83
C HIS A 40 24.88 21.06 -28.82
N GLN A 41 25.13 20.38 -29.93
CA GLN A 41 25.98 19.20 -29.91
C GLN A 41 25.47 18.16 -28.93
N GLY A 42 24.33 17.59 -29.28
CA GLY A 42 24.01 16.31 -28.73
C GLY A 42 25.24 15.49 -29.01
N VAL A 43 25.78 14.82 -28.01
CA VAL A 43 26.95 13.99 -28.25
C VAL A 43 26.38 13.04 -29.30
N MET A 44 27.11 12.84 -30.37
CA MET A 44 26.59 12.14 -31.52
C MET A 44 27.75 11.27 -31.96
N VAL A 45 27.48 9.96 -32.03
CA VAL A 45 28.52 9.09 -32.51
C VAL A 45 29.00 9.60 -33.86
N GLY A 46 30.19 9.16 -34.23
CA GLY A 46 30.68 9.41 -35.56
C GLY A 46 30.70 10.89 -35.90
N MET A 47 30.81 11.15 -37.20
CA MET A 47 31.03 12.50 -37.67
C MET A 47 30.32 12.65 -39.01
N GLY A 48 30.75 13.64 -39.79
CA GLY A 48 29.99 14.10 -40.93
C GLY A 48 29.09 15.26 -40.62
N GLN A 49 29.16 15.78 -39.39
CA GLN A 49 28.26 16.83 -38.96
C GLN A 49 29.02 18.15 -39.05
N LYS A 50 29.11 18.65 -40.28
CA LYS A 50 29.92 19.83 -40.50
C LYS A 50 29.39 21.02 -39.75
N ASP A 51 30.31 21.81 -39.22
CA ASP A 51 29.95 23.13 -38.73
C ASP A 51 29.36 23.99 -39.84
N SER A 52 30.00 24.00 -41.00
CA SER A 52 29.78 25.07 -41.97
C SER A 52 29.73 24.58 -43.40
N TYR A 53 28.89 23.59 -43.70
CA TYR A 53 28.64 23.24 -45.09
C TYR A 53 27.48 24.00 -45.70
N VAL A 54 27.26 25.24 -45.30
CA VAL A 54 26.02 25.90 -45.69
C VAL A 54 25.77 25.73 -47.18
N GLY A 55 26.61 26.36 -48.00
CA GLY A 55 26.49 26.15 -49.42
C GLY A 55 25.05 26.05 -49.80
N ASP A 56 24.68 24.87 -50.28
CA ASP A 56 23.28 24.56 -50.54
C ASP A 56 22.82 23.34 -49.76
N GLU A 57 23.53 22.95 -48.69
CA GLU A 57 23.04 21.81 -47.93
C GLU A 57 22.49 22.38 -46.64
N ALA A 58 23.19 23.36 -46.06
CA ALA A 58 22.96 23.74 -44.68
C ALA A 58 21.55 24.19 -44.39
N GLN A 59 20.78 24.50 -45.43
CA GLN A 59 19.41 24.88 -45.14
C GLN A 59 18.73 23.57 -44.82
N SER A 60 19.25 22.46 -45.34
CA SER A 60 18.87 21.19 -44.77
C SER A 60 19.16 21.20 -43.29
N LYS A 61 20.27 21.80 -42.89
CA LYS A 61 20.61 21.88 -41.48
C LYS A 61 20.02 23.13 -40.86
N ARG A 62 18.98 23.69 -41.47
CA ARG A 62 18.50 24.93 -40.92
C ARG A 62 18.07 24.67 -39.47
N GLY A 63 17.85 25.75 -38.74
CA GLY A 63 17.53 25.71 -37.34
C GLY A 63 18.75 25.56 -36.46
N ILE A 64 19.27 24.35 -36.34
CA ILE A 64 20.46 24.17 -35.53
C ILE A 64 21.66 24.92 -36.07
N LEU A 65 21.77 25.01 -37.38
CA LEU A 65 22.82 25.79 -38.01
C LEU A 65 22.23 27.17 -38.19
N THR A 66 22.98 28.20 -37.82
CA THR A 66 22.52 29.57 -37.97
C THR A 66 22.86 30.09 -39.37
N LEU A 67 22.80 31.40 -39.57
CA LEU A 67 22.91 32.00 -40.88
C LEU A 67 24.06 33.02 -40.90
N LYS A 68 24.82 33.02 -41.99
CA LYS A 68 25.86 34.03 -42.15
C LYS A 68 26.08 34.33 -43.63
N TYR A 69 25.71 35.54 -44.03
CA TYR A 69 26.24 36.12 -45.25
C TYR A 69 27.61 36.71 -44.95
N PRO A 70 28.60 36.58 -45.83
CA PRO A 70 29.81 37.42 -45.69
C PRO A 70 29.51 38.80 -46.23
N ILE A 71 28.89 38.90 -47.40
CA ILE A 71 28.63 40.14 -48.13
C ILE A 71 27.26 40.63 -47.70
N GLU A 72 27.08 40.73 -46.40
CA GLU A 72 25.80 40.71 -45.71
C GLU A 72 25.03 41.85 -46.34
N HIS A 73 25.64 43.02 -46.34
CA HIS A 73 25.06 44.22 -46.93
C HIS A 73 25.58 44.42 -48.35
N GLY A 74 25.73 43.33 -49.09
CA GLY A 74 26.50 43.44 -50.30
C GLY A 74 27.85 43.91 -49.83
N ILE A 75 28.24 43.40 -48.66
CA ILE A 75 29.43 43.84 -47.97
C ILE A 75 30.07 42.61 -47.36
N ILE A 76 31.15 42.14 -47.96
CA ILE A 76 31.78 40.95 -47.43
C ILE A 76 32.45 41.31 -46.11
N THR A 77 31.78 40.97 -45.01
CA THR A 77 32.42 41.12 -43.71
C THR A 77 33.51 40.08 -43.51
N ASN A 78 33.32 38.90 -44.07
CA ASN A 78 34.33 37.86 -43.94
C ASN A 78 34.46 37.09 -45.24
N TRP A 79 35.60 36.41 -45.38
CA TRP A 79 36.03 35.93 -46.68
C TRP A 79 36.48 34.48 -46.74
N ASP A 80 36.90 33.92 -45.61
CA ASP A 80 37.27 32.52 -45.58
C ASP A 80 35.95 31.80 -45.62
N ASP A 81 34.97 32.33 -44.89
CA ASP A 81 33.60 31.94 -45.15
C ASP A 81 33.36 31.91 -46.65
N MET A 82 33.45 33.06 -47.30
CA MET A 82 33.21 33.12 -48.73
C MET A 82 34.27 32.33 -49.48
N GLU A 83 35.43 32.19 -48.88
CA GLU A 83 36.51 31.42 -49.50
C GLU A 83 36.05 30.00 -49.75
N LYS A 84 35.83 29.26 -48.66
CA LYS A 84 35.31 27.92 -48.79
C LYS A 84 33.97 27.93 -49.49
N ILE A 85 33.26 29.05 -49.46
CA ILE A 85 32.08 29.17 -50.29
C ILE A 85 32.46 28.90 -51.73
N TRP A 86 33.48 29.59 -52.19
CA TRP A 86 33.97 29.37 -53.53
C TRP A 86 34.36 27.92 -53.70
N HIS A 87 35.22 27.44 -52.81
CA HIS A 87 35.71 26.07 -52.95
C HIS A 87 34.55 25.10 -53.06
N HIS A 88 33.62 25.16 -52.12
CA HIS A 88 32.36 24.48 -52.30
C HIS A 88 31.91 24.57 -53.73
N THR A 89 31.86 25.79 -54.25
CA THR A 89 31.38 25.97 -55.61
C THR A 89 32.26 25.03 -56.41
N PHE A 90 33.47 25.51 -56.68
CA PHE A 90 34.43 24.99 -57.62
C PHE A 90 34.92 23.60 -57.39
N TYR A 91 34.20 22.82 -56.58
CA TYR A 91 34.73 21.58 -56.09
C TYR A 91 33.61 20.64 -55.73
N ASN A 92 32.41 21.15 -55.58
CA ASN A 92 31.23 20.36 -55.32
C ASN A 92 30.18 20.55 -56.40
N GLU A 93 29.87 21.81 -56.69
CA GLU A 93 28.92 22.13 -57.74
C GLU A 93 29.65 22.65 -58.97
N LEU A 94 30.65 23.51 -58.77
CA LEU A 94 31.60 23.67 -59.85
C LEU A 94 32.53 22.48 -59.92
N ARG A 95 32.84 21.87 -58.77
CA ARG A 95 33.64 20.66 -58.71
C ARG A 95 34.74 20.73 -59.78
N VAL A 96 35.35 21.90 -59.91
CA VAL A 96 36.21 22.22 -61.04
C VAL A 96 37.40 23.02 -60.54
N ALA A 97 38.53 22.81 -61.19
CA ALA A 97 39.74 23.54 -60.81
C ALA A 97 39.64 24.97 -61.30
N PRO A 98 39.80 25.96 -60.43
CA PRO A 98 39.89 27.34 -60.91
C PRO A 98 41.07 27.53 -61.85
N GLU A 99 42.16 26.82 -61.60
CA GLU A 99 43.46 27.21 -62.14
C GLU A 99 43.45 27.27 -63.66
N GLU A 100 42.52 26.56 -64.29
CA GLU A 100 42.57 26.39 -65.73
C GLU A 100 41.39 27.02 -66.45
N HIS A 101 40.44 27.59 -65.73
CA HIS A 101 39.32 28.26 -66.36
C HIS A 101 39.25 29.71 -65.94
N PRO A 102 39.21 30.64 -66.89
CA PRO A 102 39.18 32.05 -66.53
C PRO A 102 37.92 32.30 -65.73
N THR A 103 37.74 33.55 -65.32
CA THR A 103 36.50 33.91 -64.67
C THR A 103 36.41 35.42 -64.64
N LEU A 104 35.22 35.93 -64.94
CA LEU A 104 34.88 37.32 -64.70
C LEU A 104 34.28 37.41 -63.31
N LEU A 105 34.40 38.57 -62.68
CA LEU A 105 33.98 38.75 -61.31
C LEU A 105 32.91 39.77 -60.97
N THR A 106 31.73 39.28 -60.63
CA THR A 106 30.57 40.09 -60.32
C THR A 106 30.68 40.97 -59.09
N GLU A 107 30.40 42.25 -59.25
CA GLU A 107 30.49 43.18 -58.12
C GLU A 107 29.61 44.40 -58.29
N ALA A 108 28.93 44.74 -57.24
CA ALA A 108 28.27 46.03 -57.26
C ALA A 108 29.22 47.17 -56.89
N PRO A 109 28.90 48.38 -57.32
CA PRO A 109 29.69 49.54 -56.91
C PRO A 109 29.67 49.70 -55.41
N LEU A 110 30.36 50.74 -54.95
CA LEU A 110 30.39 51.16 -53.56
C LEU A 110 31.36 50.33 -52.75
N ASN A 111 32.16 49.48 -53.36
CA ASN A 111 33.05 48.61 -52.60
C ASN A 111 34.31 49.40 -52.34
N PRO A 112 34.85 49.35 -51.12
CA PRO A 112 36.21 49.83 -50.90
C PRO A 112 37.12 48.80 -51.54
N LYS A 113 38.21 49.30 -52.11
CA LYS A 113 38.94 48.57 -53.14
C LYS A 113 39.49 47.27 -52.60
N ALA A 114 40.04 47.31 -51.38
CA ALA A 114 40.76 46.15 -50.88
C ALA A 114 39.89 44.92 -50.89
N ASN A 115 38.58 45.06 -50.75
CA ASN A 115 37.72 43.93 -50.95
C ASN A 115 38.13 43.17 -52.20
N ARG A 116 38.07 43.85 -53.33
CA ARG A 116 38.48 43.20 -54.56
C ARG A 116 39.95 42.87 -54.55
N GLU A 117 40.79 43.78 -54.05
CA GLU A 117 42.20 43.45 -53.97
C GLU A 117 42.38 42.03 -53.46
N LYS A 118 41.95 41.82 -52.22
CA LYS A 118 42.10 40.53 -51.55
C LYS A 118 41.43 39.42 -52.33
N MET A 119 40.16 39.61 -52.68
CA MET A 119 39.49 38.56 -53.41
C MET A 119 40.34 38.15 -54.60
N THR A 120 40.87 39.13 -55.31
CA THR A 120 41.66 38.88 -56.50
C THR A 120 42.86 38.03 -56.18
N GLN A 121 43.77 38.53 -55.35
CA GLN A 121 45.00 37.76 -55.21
C GLN A 121 44.63 36.37 -54.76
N ILE A 122 43.83 36.27 -53.71
CA ILE A 122 43.55 34.96 -53.14
C ILE A 122 42.94 34.07 -54.19
N MET A 123 42.16 34.64 -55.09
CA MET A 123 41.62 33.83 -56.17
C MET A 123 42.69 33.39 -57.15
N PHE A 124 43.84 34.06 -57.15
CA PHE A 124 44.94 33.54 -57.97
C PHE A 124 45.77 32.52 -57.20
N GLU A 125 45.71 32.51 -55.88
CA GLU A 125 46.72 31.75 -55.15
C GLU A 125 45.95 30.49 -54.81
N THR A 126 44.90 30.64 -54.00
CA THR A 126 44.05 29.51 -53.71
C THR A 126 43.52 28.90 -54.99
N PHE A 127 43.49 29.67 -56.07
CA PHE A 127 42.73 29.27 -57.25
C PHE A 127 43.56 29.13 -58.51
N ASN A 128 44.57 29.98 -58.68
CA ASN A 128 45.45 29.85 -59.83
C ASN A 128 44.67 29.69 -61.12
N VAL A 129 43.45 30.20 -61.13
CA VAL A 129 42.67 30.22 -62.36
C VAL A 129 43.61 30.72 -63.45
N PRO A 130 43.35 30.40 -64.71
CA PRO A 130 44.24 30.92 -65.75
C PRO A 130 44.36 32.43 -65.66
N ALA A 131 43.25 33.10 -65.38
CA ALA A 131 43.22 34.52 -65.07
C ALA A 131 41.79 34.85 -64.70
N MET A 132 41.65 35.86 -63.87
CA MET A 132 40.32 36.29 -63.46
C MET A 132 39.90 37.54 -64.21
N TYR A 133 38.90 38.20 -63.64
CA TYR A 133 38.51 39.52 -64.13
C TYR A 133 37.39 39.84 -63.16
N VAL A 134 36.99 41.10 -63.08
CA VAL A 134 35.95 41.48 -62.15
C VAL A 134 35.09 42.33 -63.04
N ALA A 135 33.83 42.49 -62.66
CA ALA A 135 32.92 43.34 -63.39
C ALA A 135 31.73 43.69 -62.50
N ILE A 136 31.33 44.96 -62.53
CA ILE A 136 30.19 45.36 -61.72
C ILE A 136 28.98 44.55 -62.12
N GLN A 137 28.49 43.77 -61.16
CA GLN A 137 27.15 43.22 -61.25
C GLN A 137 26.22 44.19 -61.96
N ALA A 138 26.26 45.46 -61.56
CA ALA A 138 25.40 46.44 -62.22
C ALA A 138 25.68 46.45 -63.70
N VAL A 139 26.94 46.69 -64.08
CA VAL A 139 27.30 46.72 -65.49
C VAL A 139 26.97 45.40 -66.16
N LEU A 140 27.16 44.32 -65.42
CA LEU A 140 26.96 42.99 -65.99
C LEU A 140 25.52 42.63 -66.27
N SER A 141 24.59 43.33 -65.61
CA SER A 141 23.20 43.24 -66.00
C SER A 141 23.10 44.20 -67.17
N LEU A 142 23.83 45.31 -67.09
CA LEU A 142 23.69 46.33 -68.11
C LEU A 142 23.84 45.73 -69.50
N TYR A 143 25.00 45.17 -69.79
CA TYR A 143 25.10 44.46 -71.04
C TYR A 143 24.37 43.54 -70.10
N ALA A 144 23.32 42.88 -70.60
CA ALA A 144 22.68 41.81 -69.86
C ALA A 144 21.41 42.52 -70.29
N SER A 145 21.41 43.85 -70.29
CA SER A 145 20.29 44.57 -70.88
C SER A 145 20.45 44.62 -72.39
N GLY A 146 21.56 45.16 -72.87
CA GLY A 146 21.81 45.17 -74.30
C GLY A 146 21.15 46.39 -74.86
N ARG A 147 20.29 47.05 -74.10
CA ARG A 147 19.82 48.38 -74.47
C ARG A 147 20.85 49.37 -73.99
N THR A 148 21.96 49.46 -74.73
CA THR A 148 23.13 50.20 -74.25
C THR A 148 22.79 51.60 -73.77
N THR A 149 21.65 52.14 -74.18
CA THR A 149 21.19 53.41 -73.69
C THR A 149 20.15 53.16 -72.61
N GLY A 150 19.83 54.20 -71.84
CA GLY A 150 18.90 54.08 -70.74
C GLY A 150 19.40 53.58 -69.40
N ILE A 151 18.70 53.94 -68.34
CA ILE A 151 18.99 53.43 -67.01
C ILE A 151 18.47 52.01 -66.88
N VAL A 152 19.00 51.28 -65.92
CA VAL A 152 18.38 50.03 -65.47
C VAL A 152 18.16 50.13 -63.98
N LEU A 153 17.01 49.64 -63.53
CA LEU A 153 16.70 49.58 -62.11
C LEU A 153 17.02 48.27 -61.39
N ASP A 154 18.28 48.11 -61.01
CA ASP A 154 18.74 46.88 -60.37
C ASP A 154 18.32 46.71 -58.92
N SER A 155 17.17 46.10 -58.71
CA SER A 155 16.73 45.70 -57.37
C SER A 155 16.61 44.18 -57.43
N GLY A 156 17.73 43.50 -57.21
CA GLY A 156 17.82 42.12 -57.60
C GLY A 156 17.82 41.11 -56.49
N ASP A 157 18.87 40.29 -56.47
CA ASP A 157 18.96 39.24 -55.47
C ASP A 157 18.67 39.82 -54.10
N GLY A 158 19.43 40.83 -53.71
CA GLY A 158 19.13 41.66 -52.56
C GLY A 158 19.60 43.08 -52.74
N VAL A 159 19.83 43.50 -53.98
CA VAL A 159 20.58 44.72 -54.28
C VAL A 159 19.61 45.78 -54.78
N THR A 160 20.13 46.99 -54.98
CA THR A 160 19.34 48.07 -55.56
C THR A 160 20.24 49.21 -56.03
N HIS A 161 20.20 49.48 -57.32
CA HIS A 161 20.80 50.66 -57.90
C HIS A 161 19.92 51.16 -59.02
N ASN A 162 20.17 52.40 -59.43
CA ASN A 162 19.73 52.89 -60.72
C ASN A 162 20.94 52.96 -61.63
N VAL A 163 20.76 52.54 -62.88
CA VAL A 163 21.92 52.45 -63.77
C VAL A 163 21.65 53.22 -65.06
N PRO A 164 21.65 54.54 -65.00
CA PRO A 164 21.47 55.31 -66.23
C PRO A 164 22.52 54.92 -67.23
N ILE A 165 22.11 54.73 -68.49
CA ILE A 165 23.04 54.24 -69.49
C ILE A 165 22.65 54.96 -70.78
N TYR A 166 23.38 54.67 -71.85
CA TYR A 166 23.27 55.45 -73.07
C TYR A 166 24.23 54.86 -74.07
N GLU A 167 23.75 53.96 -74.91
CA GLU A 167 24.60 53.12 -75.75
C GLU A 167 25.87 52.74 -75.00
N GLY A 168 25.68 52.12 -73.84
CA GLY A 168 26.79 51.80 -72.98
C GLY A 168 27.20 52.94 -72.08
N TYR A 169 26.64 54.12 -72.29
CA TYR A 169 27.09 55.32 -71.61
C TYR A 169 26.21 55.56 -70.40
N ALA A 170 26.83 55.47 -69.22
CA ALA A 170 26.17 55.61 -67.93
C ALA A 170 26.81 56.74 -67.14
N LEU A 171 26.02 57.47 -66.38
CA LEU A 171 26.56 58.52 -65.55
C LEU A 171 26.63 58.05 -64.11
N PRO A 172 27.81 57.75 -63.58
CA PRO A 172 27.90 57.36 -62.17
C PRO A 172 27.35 58.43 -61.28
N HIS A 173 27.59 59.69 -61.63
CA HIS A 173 27.05 60.78 -60.83
C HIS A 173 25.57 60.60 -60.58
N ALA A 174 24.81 60.36 -61.65
CA ALA A 174 23.39 60.11 -61.51
C ALA A 174 23.10 58.73 -60.95
N ILE A 175 24.08 57.86 -60.82
CA ILE A 175 23.87 56.47 -60.44
C ILE A 175 23.78 56.37 -58.92
N MET A 176 22.96 55.44 -58.43
CA MET A 176 22.59 55.36 -57.03
C MET A 176 22.30 53.93 -56.60
N ARG A 177 22.26 53.73 -55.28
CA ARG A 177 21.83 52.49 -54.65
C ARG A 177 20.63 52.76 -53.76
N LEU A 178 19.79 51.75 -53.60
CA LEU A 178 18.79 51.73 -52.56
C LEU A 178 19.08 50.59 -51.62
N ASP A 179 19.50 50.91 -50.40
CA ASP A 179 19.91 49.87 -49.47
C ASP A 179 18.91 48.74 -49.40
N LEU A 180 17.67 48.97 -49.82
CA LEU A 180 16.65 47.95 -49.70
C LEU A 180 17.14 46.63 -50.25
N ALA A 181 16.81 45.56 -49.52
CA ALA A 181 17.03 44.20 -49.98
C ALA A 181 15.71 43.50 -49.76
N GLY A 182 15.48 42.43 -50.52
CA GLY A 182 14.30 41.61 -50.29
C GLY A 182 14.38 41.09 -48.88
N ARG A 183 15.60 40.87 -48.39
CA ARG A 183 15.81 40.70 -46.96
C ARG A 183 15.16 41.81 -46.16
N ASP A 184 15.27 43.04 -46.61
CA ASP A 184 14.67 44.14 -45.84
C ASP A 184 13.17 43.95 -45.74
N LEU A 185 12.56 43.65 -46.88
CA LEU A 185 11.12 43.43 -46.90
C LEU A 185 10.78 42.28 -45.98
N THR A 186 11.50 41.18 -46.14
CA THR A 186 11.55 40.12 -45.16
C THR A 186 11.40 40.68 -43.77
N ASP A 187 12.24 41.65 -43.46
CA ASP A 187 12.24 42.21 -42.13
C ASP A 187 10.85 42.71 -41.80
N TYR A 188 10.43 43.73 -42.50
CA TYR A 188 9.16 44.34 -42.11
C TYR A 188 8.07 43.30 -42.03
N LEU A 189 8.14 42.30 -42.90
CA LEU A 189 7.21 41.19 -42.82
C LEU A 189 7.25 40.53 -41.47
N MET A 190 8.45 40.20 -41.01
CA MET A 190 8.53 39.59 -39.70
C MET A 190 7.89 40.52 -38.69
N LYS A 191 8.30 41.78 -38.74
CA LYS A 191 7.71 42.80 -37.88
C LYS A 191 6.21 42.60 -37.81
N ILE A 192 5.57 42.73 -38.95
CA ILE A 192 4.12 42.78 -39.01
C ILE A 192 3.52 41.46 -38.56
N LEU A 193 3.80 40.40 -39.30
CA LEU A 193 3.12 39.14 -39.02
C LEU A 193 3.29 38.75 -37.57
N THR A 194 4.50 38.83 -37.06
CA THR A 194 4.77 38.47 -35.67
C THR A 194 3.88 39.33 -34.77
N GLU A 195 4.06 40.65 -34.79
CA GLU A 195 3.25 41.50 -33.93
C GLU A 195 1.77 41.23 -34.16
N ARG A 196 1.40 40.91 -35.38
CA ARG A 196 0.04 40.62 -35.78
C ARG A 196 -0.45 39.26 -35.29
N GLY A 197 0.29 38.61 -34.42
CA GLY A 197 -0.21 37.36 -33.90
C GLY A 197 0.75 36.22 -34.14
N TYR A 198 2.02 36.54 -34.34
CA TYR A 198 2.93 35.51 -34.78
C TYR A 198 4.24 35.70 -34.05
N SER A 199 5.03 34.61 -33.97
CA SER A 199 6.29 34.62 -33.24
C SER A 199 7.38 34.14 -34.18
N PHE A 200 7.89 35.03 -35.01
CA PHE A 200 8.59 34.61 -36.21
C PHE A 200 9.92 35.34 -36.31
N VAL A 201 10.96 34.71 -35.78
CA VAL A 201 12.26 35.38 -35.68
C VAL A 201 13.37 34.50 -36.21
N THR A 202 13.14 33.21 -36.29
CA THR A 202 14.25 32.31 -36.39
C THR A 202 14.83 32.32 -37.80
N THR A 203 16.12 31.99 -37.89
CA THR A 203 16.83 32.12 -39.15
C THR A 203 16.02 31.53 -40.29
N ALA A 204 15.79 30.22 -40.26
CA ALA A 204 14.95 29.62 -41.28
C ALA A 204 13.52 30.11 -41.16
N GLU A 205 13.16 30.68 -40.01
CA GLU A 205 11.89 31.37 -39.96
C GLU A 205 11.90 32.50 -40.97
N ARG A 206 12.99 33.24 -40.97
CA ARG A 206 13.26 34.18 -42.05
C ARG A 206 13.25 33.47 -43.39
N GLU A 207 13.73 32.24 -43.41
CA GLU A 207 13.71 31.49 -44.65
C GLU A 207 12.29 31.37 -45.18
N ILE A 208 11.39 30.89 -44.33
CA ILE A 208 10.01 30.70 -44.72
C ILE A 208 9.45 32.03 -45.18
N VAL A 209 9.72 33.09 -44.44
CA VAL A 209 9.10 34.36 -44.76
C VAL A 209 9.55 34.86 -46.12
N ARG A 210 10.85 34.74 -46.40
CA ARG A 210 11.34 35.13 -47.71
C ARG A 210 10.70 34.29 -48.79
N ASP A 211 10.55 33.00 -48.52
CA ASP A 211 9.82 32.16 -49.44
C ASP A 211 8.44 32.73 -49.64
N ILE A 212 7.82 33.18 -48.55
CA ILE A 212 6.47 33.69 -48.59
C ILE A 212 6.39 34.85 -49.54
N LYS A 213 7.30 35.80 -49.38
CA LYS A 213 7.31 36.95 -50.27
C LYS A 213 7.45 36.49 -51.70
N GLU A 214 8.48 35.68 -51.96
CA GLU A 214 8.83 35.39 -53.33
C GLU A 214 7.82 34.46 -53.97
N LYS A 215 6.89 33.90 -53.20
CA LYS A 215 5.84 33.08 -53.79
C LYS A 215 4.49 33.77 -53.82
N LEU A 216 4.17 34.56 -52.84
CA LEU A 216 2.82 35.08 -52.71
C LEU A 216 2.79 36.57 -52.53
N CYS A 217 3.71 37.13 -51.75
CA CYS A 217 3.67 38.55 -51.49
C CYS A 217 3.83 39.34 -52.79
N TYR A 218 3.05 40.41 -52.90
CA TYR A 218 2.91 41.15 -54.14
C TYR A 218 2.83 42.62 -53.78
N VAL A 219 2.34 43.41 -54.73
CA VAL A 219 1.85 44.76 -54.47
C VAL A 219 0.74 45.09 -55.44
N ALA A 220 -0.23 45.86 -54.96
CA ALA A 220 -1.22 46.47 -55.82
C ALA A 220 -0.76 47.86 -56.23
N LEU A 221 -0.97 48.17 -57.51
CA LEU A 221 -0.64 49.48 -58.04
C LEU A 221 -0.95 50.57 -57.05
N ASP A 222 -2.22 50.72 -56.70
CA ASP A 222 -2.66 51.74 -55.77
C ASP A 222 -2.54 51.25 -54.35
N PHE A 223 -2.70 52.18 -53.43
CA PHE A 223 -2.72 51.91 -52.01
C PHE A 223 -3.91 52.27 -51.14
N GLU A 224 -4.56 53.38 -51.45
CA GLU A 224 -5.42 54.01 -50.45
C GLU A 224 -6.80 53.46 -50.80
N ASN A 225 -7.22 53.61 -52.04
CA ASN A 225 -8.35 52.82 -52.50
C ASN A 225 -8.01 51.34 -52.42
N GLU A 226 -6.78 51.00 -52.80
CA GLU A 226 -6.30 49.66 -52.54
C GLU A 226 -6.17 49.35 -51.05
N MET A 227 -6.32 50.37 -50.22
CA MET A 227 -6.33 50.15 -48.78
C MET A 227 -7.76 49.79 -48.43
N ALA A 228 -8.72 50.54 -48.96
CA ALA A 228 -10.10 50.21 -48.69
C ALA A 228 -10.40 48.80 -49.16
N THR A 229 -9.96 48.48 -50.37
CA THR A 229 -10.04 47.11 -50.85
C THR A 229 -9.58 46.16 -49.75
N ALA A 230 -8.37 46.38 -49.25
CA ALA A 230 -7.87 45.58 -48.15
C ALA A 230 -8.85 45.59 -46.99
N ALA A 231 -9.58 46.68 -46.82
CA ALA A 231 -10.43 46.84 -45.64
C ALA A 231 -11.38 45.67 -45.49
N SER A 232 -11.84 45.07 -46.60
CA SER A 232 -12.68 43.89 -46.51
C SER A 232 -12.39 42.85 -47.59
N SER A 233 -11.49 43.11 -48.52
CA SER A 233 -11.34 42.24 -49.68
C SER A 233 -10.97 40.86 -49.21
N SER A 234 -11.92 39.92 -49.29
CA SER A 234 -11.68 38.59 -48.78
C SER A 234 -10.76 37.77 -49.66
N SER A 235 -10.72 38.06 -50.97
CA SER A 235 -9.92 37.26 -51.87
C SER A 235 -8.47 37.18 -51.40
N LEU A 236 -7.86 38.34 -51.14
CA LEU A 236 -6.53 38.36 -50.56
C LEU A 236 -6.56 37.50 -49.31
N GLU A 237 -7.58 37.65 -48.49
CA GLU A 237 -7.61 37.07 -47.15
C GLU A 237 -7.37 35.56 -47.14
N LYS A 238 -6.15 35.20 -47.53
CA LYS A 238 -5.79 33.81 -47.78
C LYS A 238 -4.65 33.38 -46.87
N SER A 239 -4.85 32.25 -46.20
CA SER A 239 -3.84 31.65 -45.35
C SER A 239 -2.99 30.70 -46.15
N TYR A 240 -1.69 30.79 -45.98
CA TYR A 240 -0.80 29.85 -46.63
C TYR A 240 -0.04 28.90 -45.73
N GLU A 241 -0.22 27.61 -45.99
CA GLU A 241 0.48 26.57 -45.27
C GLU A 241 1.84 27.01 -44.77
N LEU A 242 1.95 27.18 -43.47
CA LEU A 242 3.26 27.39 -42.89
C LEU A 242 4.05 26.09 -43.00
N PRO A 243 5.30 26.14 -43.47
CA PRO A 243 5.99 24.89 -43.77
C PRO A 243 6.24 24.02 -42.57
N ASP A 244 5.97 24.49 -41.36
CA ASP A 244 5.77 23.55 -40.28
C ASP A 244 4.74 22.59 -40.84
N GLY A 245 3.68 23.13 -41.41
CA GLY A 245 2.46 22.41 -41.71
C GLY A 245 1.30 23.32 -41.38
N GLN A 246 1.51 24.28 -40.48
CA GLN A 246 0.56 25.34 -40.29
C GLN A 246 0.14 25.84 -41.68
N VAL A 247 -0.86 26.71 -41.71
CA VAL A 247 -1.24 27.40 -42.94
C VAL A 247 -1.28 28.86 -42.53
N ILE A 248 -0.15 29.53 -42.64
CA ILE A 248 -0.07 30.93 -42.30
C ILE A 248 -1.01 31.85 -43.05
N THR A 249 -2.07 32.29 -42.40
CA THR A 249 -2.98 33.23 -43.03
C THR A 249 -2.37 34.53 -43.53
N ILE A 250 -2.91 35.02 -44.64
CA ILE A 250 -2.33 36.21 -45.26
C ILE A 250 -3.42 37.15 -45.73
N GLY A 251 -3.19 38.44 -45.52
CA GLY A 251 -4.01 39.49 -46.06
C GLY A 251 -3.17 40.62 -46.60
N ASN A 252 -3.39 41.81 -46.03
CA ASN A 252 -2.85 43.04 -46.59
C ASN A 252 -1.33 43.00 -46.72
N GLU A 253 -0.67 42.22 -45.89
CA GLU A 253 0.78 42.15 -45.95
C GLU A 253 1.28 41.85 -47.35
N ARG A 254 0.72 40.82 -47.98
CA ARG A 254 1.29 40.20 -49.19
C ARG A 254 1.89 41.32 -50.01
N PHE A 255 1.12 42.37 -50.16
CA PHE A 255 1.55 43.60 -50.76
C PHE A 255 2.13 44.68 -49.86
N ARG A 256 1.64 44.82 -48.64
CA ARG A 256 2.21 45.85 -47.80
C ARG A 256 3.62 45.54 -47.38
N CYS A 257 4.16 44.41 -47.78
CA CYS A 257 5.61 44.21 -47.61
C CYS A 257 6.38 45.04 -48.60
N PRO A 258 6.36 44.76 -49.88
CA PRO A 258 7.35 45.34 -50.79
C PRO A 258 7.16 46.82 -51.00
N GLU A 259 5.90 47.22 -51.19
CA GLU A 259 5.58 48.55 -51.67
C GLU A 259 6.40 49.64 -50.99
N THR A 260 6.80 49.44 -49.74
CA THR A 260 7.52 50.50 -49.05
C THR A 260 8.80 50.87 -49.76
N LEU A 261 9.30 50.03 -50.67
CA LEU A 261 10.42 50.45 -51.50
C LEU A 261 10.18 51.82 -52.10
N PHE A 262 8.92 52.23 -52.17
CA PHE A 262 8.60 53.58 -52.60
C PHE A 262 8.37 54.51 -51.42
N GLN A 263 8.26 53.96 -50.24
CA GLN A 263 8.03 54.73 -49.00
C GLN A 263 8.71 54.16 -47.76
N PRO A 264 10.03 54.25 -47.69
CA PRO A 264 10.76 53.74 -46.53
C PRO A 264 10.30 54.23 -45.19
N SER A 265 9.25 55.05 -45.17
CA SER A 265 8.57 55.34 -43.92
C SER A 265 8.25 54.02 -43.24
N PHE A 266 7.79 53.05 -44.03
CA PHE A 266 7.46 51.76 -43.44
C PHE A 266 8.70 51.08 -42.91
N ILE A 267 9.81 51.20 -43.63
CA ILE A 267 11.10 50.77 -43.11
C ILE A 267 11.64 51.95 -42.31
N GLY A 268 10.84 53.01 -42.26
CA GLY A 268 11.23 54.23 -41.61
C GLY A 268 12.43 54.88 -42.26
N MET A 269 12.91 54.33 -43.36
CA MET A 269 14.13 54.84 -43.96
C MET A 269 13.94 56.28 -44.42
N GLU A 270 14.96 57.11 -44.18
CA GLU A 270 14.95 58.47 -44.68
C GLU A 270 14.88 58.51 -46.19
N SER A 271 15.17 57.40 -46.85
CA SER A 271 15.34 57.40 -48.28
C SER A 271 14.00 57.65 -48.97
N ALA A 272 14.00 57.54 -50.29
CA ALA A 272 12.83 57.74 -51.12
C ALA A 272 12.62 56.54 -52.04
N GLY A 273 11.38 56.39 -52.52
CA GLY A 273 11.02 55.26 -53.34
C GLY A 273 11.95 55.07 -54.52
N ILE A 274 11.91 53.86 -55.05
CA ILE A 274 12.79 53.51 -56.17
C ILE A 274 12.44 54.19 -57.48
N HIS A 275 11.22 54.73 -57.55
CA HIS A 275 10.72 55.33 -58.77
C HIS A 275 11.35 56.70 -58.86
N GLU A 276 11.25 57.49 -57.80
CA GLU A 276 11.74 58.86 -57.90
C GLU A 276 13.25 58.91 -57.81
N THR A 277 13.88 57.89 -57.25
CA THR A 277 15.30 57.71 -57.52
C THR A 277 15.60 57.54 -58.99
N THR A 278 14.68 56.91 -59.70
CA THR A 278 14.83 56.81 -61.15
C THR A 278 14.66 58.22 -61.71
N TYR A 279 13.67 58.93 -61.20
CA TYR A 279 13.26 60.18 -61.83
C TYR A 279 14.28 61.29 -61.58
N ASN A 280 14.77 61.41 -60.37
CA ASN A 280 15.80 62.40 -60.12
C ASN A 280 17.07 62.04 -60.87
N SER A 281 17.36 60.76 -60.98
CA SER A 281 18.46 60.36 -61.85
C SER A 281 18.24 60.91 -63.24
N ILE A 282 17.08 60.60 -63.82
CA ILE A 282 16.82 60.95 -65.21
C ILE A 282 16.91 62.45 -65.38
N MET A 283 16.25 63.20 -64.51
CA MET A 283 16.38 64.64 -64.54
C MET A 283 17.85 65.04 -64.51
N LYS A 284 18.66 64.36 -63.70
CA LYS A 284 20.09 64.56 -63.80
C LYS A 284 20.57 64.26 -65.20
N CYS A 285 19.98 63.30 -65.86
CA CYS A 285 20.41 62.96 -67.21
C CYS A 285 20.22 64.15 -68.12
N ASP A 286 20.78 64.08 -69.32
CA ASP A 286 20.80 65.26 -70.16
C ASP A 286 19.35 65.57 -70.51
N ILE A 287 19.13 66.65 -71.26
CA ILE A 287 17.78 67.14 -71.45
C ILE A 287 16.90 66.06 -72.08
N ASP A 288 17.40 65.41 -73.11
CA ASP A 288 16.55 64.55 -73.93
C ASP A 288 16.96 63.09 -73.89
N ILE A 289 18.01 62.74 -73.15
CA ILE A 289 18.13 61.35 -72.73
C ILE A 289 16.80 60.85 -72.18
N ARG A 290 16.05 61.73 -71.53
CA ARG A 290 14.93 61.28 -70.73
C ARG A 290 14.01 60.35 -71.52
N LYS A 291 13.69 60.70 -72.76
CA LYS A 291 12.93 59.79 -73.60
C LYS A 291 13.69 58.50 -73.81
N ASP A 292 15.02 58.60 -73.93
CA ASP A 292 15.83 57.39 -73.99
C ASP A 292 15.50 56.50 -72.83
N LEU A 293 15.60 57.05 -71.63
CA LEU A 293 15.19 56.35 -70.43
C LEU A 293 13.82 55.71 -70.67
N TYR A 294 12.87 56.55 -71.06
CA TYR A 294 11.49 56.14 -71.15
C TYR A 294 11.46 54.83 -71.91
N ALA A 295 12.03 54.81 -73.08
CA ALA A 295 12.19 53.55 -73.78
C ALA A 295 13.09 52.51 -73.12
N ASN A 296 13.91 52.93 -72.15
CA ASN A 296 15.01 52.13 -71.62
C ASN A 296 14.90 51.99 -70.12
N ASN A 297 13.68 52.14 -69.62
CA ASN A 297 13.44 52.19 -68.18
C ASN A 297 13.60 50.76 -67.68
N VAL A 298 14.80 50.22 -67.83
CA VAL A 298 15.02 48.79 -67.60
C VAL A 298 15.03 48.54 -66.10
N LEU A 299 14.02 47.84 -65.62
CA LEU A 299 14.16 47.25 -64.30
C LEU A 299 15.13 46.09 -64.34
N SER A 300 15.69 45.81 -63.18
CA SER A 300 16.49 44.61 -62.97
C SER A 300 16.36 44.19 -61.52
N GLY A 301 16.31 42.88 -61.30
CA GLY A 301 16.21 42.33 -59.96
C GLY A 301 15.00 41.45 -59.71
N GLY A 302 15.25 40.14 -59.59
CA GLY A 302 14.15 39.20 -59.54
C GLY A 302 13.29 39.34 -58.30
N THR A 303 13.90 39.51 -57.14
CA THR A 303 13.11 39.67 -55.94
C THR A 303 12.00 40.70 -56.15
N THR A 304 12.24 41.68 -57.02
CA THR A 304 11.26 42.66 -57.47
C THR A 304 10.30 42.11 -58.42
N MET A 305 10.32 40.79 -58.55
CA MET A 305 9.51 40.09 -59.53
C MET A 305 8.02 40.29 -59.30
N TYR A 306 7.66 41.07 -58.30
CA TYR A 306 6.29 41.07 -57.83
C TYR A 306 5.35 41.61 -58.89
N PRO A 307 4.06 41.65 -58.60
CA PRO A 307 3.12 42.21 -59.57
C PRO A 307 2.90 43.70 -59.56
N GLY A 308 3.13 44.31 -60.72
CA GLY A 308 2.63 45.63 -61.01
C GLY A 308 3.94 46.38 -61.03
N ILE A 309 5.05 45.66 -60.91
CA ILE A 309 6.31 46.31 -60.64
C ILE A 309 6.45 47.51 -61.55
N ALA A 310 6.47 47.25 -62.85
CA ALA A 310 6.35 48.34 -63.81
C ALA A 310 5.05 49.07 -63.63
N ASP A 311 3.94 48.34 -63.45
CA ASP A 311 2.66 49.03 -63.31
C ASP A 311 2.83 50.33 -62.54
N ARG A 312 3.25 50.26 -61.29
CA ARG A 312 3.66 51.49 -60.65
C ARG A 312 4.73 52.20 -61.44
N MET A 313 5.83 51.52 -61.74
CA MET A 313 6.97 52.22 -62.33
C MET A 313 6.47 53.31 -63.25
N GLN A 314 5.77 52.89 -64.30
CA GLN A 314 5.11 53.81 -65.23
C GLN A 314 4.13 54.74 -64.53
N LYS A 315 3.25 54.24 -63.65
CA LYS A 315 2.19 55.16 -63.27
C LYS A 315 2.79 56.38 -62.59
N GLU A 316 3.68 56.15 -61.62
CA GLU A 316 4.28 57.29 -60.94
C GLU A 316 5.16 58.10 -61.86
N ILE A 317 5.97 57.45 -62.71
CA ILE A 317 6.80 58.27 -63.58
C ILE A 317 5.78 59.20 -64.20
N THR A 318 4.92 58.69 -65.02
CA THR A 318 3.76 59.45 -65.46
C THR A 318 3.45 60.59 -64.49
N ALA A 319 3.07 60.22 -63.26
CA ALA A 319 2.70 61.20 -62.26
C ALA A 319 3.75 62.30 -62.15
N LEU A 320 4.95 62.02 -62.65
CA LEU A 320 6.06 62.93 -62.55
C LEU A 320 6.54 63.33 -63.94
N ALA A 321 6.58 62.36 -64.85
CA ALA A 321 7.09 62.63 -66.19
C ALA A 321 6.11 63.48 -66.98
N PRO A 322 6.62 64.28 -67.91
CA PRO A 322 5.72 64.94 -68.87
C PRO A 322 5.11 63.94 -69.83
N SER A 323 3.77 63.92 -69.88
CA SER A 323 3.09 63.03 -70.81
C SER A 323 3.56 63.27 -72.23
N THR A 324 4.07 64.46 -72.50
CA THR A 324 4.82 64.68 -73.72
C THR A 324 5.63 63.45 -74.07
N MET A 325 6.47 63.01 -73.15
CA MET A 325 7.31 61.87 -73.40
C MET A 325 6.57 60.59 -73.11
N LYS A 326 6.97 59.52 -73.80
CA LYS A 326 6.37 58.22 -73.63
C LYS A 326 7.34 57.31 -72.90
N ILE A 327 6.90 56.74 -71.79
CA ILE A 327 7.76 55.97 -70.90
C ILE A 327 7.71 54.51 -71.31
N LYS A 328 8.74 53.77 -70.97
CA LYS A 328 8.64 52.31 -71.01
C LYS A 328 9.74 51.75 -70.13
N ILE A 329 9.36 51.28 -68.97
CA ILE A 329 10.25 50.48 -68.14
C ILE A 329 10.50 49.14 -68.80
N ILE A 330 11.68 48.59 -68.54
CA ILE A 330 12.13 47.34 -69.14
C ILE A 330 12.63 46.31 -68.14
N ALA A 331 11.85 45.26 -67.93
CA ALA A 331 12.22 44.19 -67.02
C ALA A 331 11.87 42.82 -67.59
N PRO A 332 12.87 42.05 -67.96
CA PRO A 332 12.62 40.67 -68.34
C PRO A 332 12.18 39.89 -67.11
N PRO A 333 11.45 38.80 -67.30
CA PRO A 333 11.23 37.90 -66.17
C PRO A 333 12.53 37.41 -65.59
N GLU A 334 13.54 37.22 -66.41
CA GLU A 334 14.70 36.40 -66.07
C GLU A 334 15.82 37.26 -65.51
N ARG A 335 15.45 38.15 -64.60
CA ARG A 335 16.37 39.23 -64.26
C ARG A 335 17.51 38.72 -63.38
N LYS A 336 17.23 37.70 -62.55
CA LYS A 336 18.32 37.05 -61.84
C LYS A 336 19.44 36.67 -62.80
N TYR A 337 19.09 35.94 -63.84
CA TYR A 337 20.08 35.33 -64.69
C TYR A 337 20.66 36.35 -65.63
N SER A 338 19.83 37.31 -66.00
CA SER A 338 20.25 38.41 -66.86
C SER A 338 21.64 38.86 -66.51
N VAL A 339 21.87 39.23 -65.25
CA VAL A 339 23.21 39.65 -64.87
C VAL A 339 24.20 38.55 -65.19
N TRP A 340 23.89 37.32 -64.77
CA TRP A 340 24.73 36.20 -65.16
C TRP A 340 24.85 36.13 -66.66
N ILE A 341 23.75 36.36 -67.36
CA ILE A 341 23.76 36.16 -68.80
C ILE A 341 24.74 37.11 -69.45
N GLY A 342 24.61 38.40 -69.15
CA GLY A 342 25.48 39.39 -69.73
C GLY A 342 26.92 39.18 -69.32
N GLY A 343 27.16 38.71 -68.11
CA GLY A 343 28.51 38.36 -67.72
C GLY A 343 29.04 37.21 -68.56
N SER A 344 28.24 36.16 -68.72
CA SER A 344 28.59 35.09 -69.61
C SER A 344 29.04 35.81 -70.86
N ILE A 345 28.14 36.59 -71.44
CA ILE A 345 28.48 37.30 -72.67
C ILE A 345 29.85 37.95 -72.68
N LEU A 346 30.00 38.98 -71.87
CA LEU A 346 31.25 39.74 -71.83
C LEU A 346 32.42 38.81 -71.71
N ALA A 347 32.48 38.06 -70.62
CA ALA A 347 33.58 37.12 -70.47
C ALA A 347 33.68 36.26 -71.71
N SER A 348 32.58 35.64 -72.10
CA SER A 348 32.51 34.90 -73.33
C SER A 348 32.83 35.77 -74.54
N LEU A 349 32.90 37.09 -74.37
CA LEU A 349 33.22 37.93 -75.49
C LEU A 349 34.68 37.75 -75.89
N SER A 350 34.90 36.87 -76.85
CA SER A 350 36.25 36.48 -77.25
C SER A 350 37.12 37.59 -77.81
N THR A 351 36.55 38.76 -77.97
CA THR A 351 37.29 39.82 -78.64
C THR A 351 37.81 40.59 -77.42
N PHE A 352 37.66 40.00 -76.23
CA PHE A 352 37.83 40.77 -75.00
C PHE A 352 38.74 40.10 -73.98
N GLN A 353 39.37 38.98 -74.31
CA GLN A 353 40.15 38.30 -73.28
C GLN A 353 41.29 39.16 -72.78
N GLN A 354 41.65 40.20 -73.52
CA GLN A 354 42.72 41.08 -73.05
C GLN A 354 42.49 41.58 -71.64
N MET A 355 41.25 41.75 -71.22
CA MET A 355 40.98 42.36 -69.93
C MET A 355 41.27 41.45 -68.75
N TRP A 356 41.08 40.14 -68.88
CA TRP A 356 41.16 39.29 -67.70
C TRP A 356 42.41 39.51 -66.87
N ILE A 357 42.22 39.35 -65.57
CA ILE A 357 43.21 39.57 -64.53
C ILE A 357 44.21 38.42 -64.63
N SER A 358 45.39 38.70 -65.17
CA SER A 358 46.37 37.65 -65.25
C SER A 358 47.14 37.54 -63.94
N LYS A 359 47.44 36.30 -63.55
CA LYS A 359 48.33 36.09 -62.43
C LYS A 359 49.47 37.09 -62.45
N GLN A 360 50.24 37.08 -63.55
CA GLN A 360 51.42 37.92 -63.63
C GLN A 360 51.08 39.38 -63.37
N GLU A 361 50.21 39.95 -64.21
CA GLU A 361 49.90 41.36 -64.07
C GLU A 361 49.76 41.74 -62.61
N TYR A 362 48.89 41.04 -61.89
CA TYR A 362 48.88 41.17 -60.45
C TYR A 362 50.18 40.95 -59.70
N ASP A 363 51.11 40.23 -60.31
CA ASP A 363 52.27 39.71 -59.62
C ASP A 363 53.19 40.91 -59.63
N GLU A 364 53.41 41.45 -60.81
CA GLU A 364 54.25 42.63 -60.95
C GLU A 364 53.67 43.80 -60.19
N ALA A 365 52.37 44.01 -60.30
CA ALA A 365 51.74 45.15 -59.65
C ALA A 365 50.95 44.74 -58.41
N GLY A 366 51.21 43.56 -57.88
CA GLY A 366 50.44 43.07 -56.77
C GLY A 366 48.97 43.22 -57.09
N PRO A 367 48.15 43.36 -56.05
CA PRO A 367 46.72 43.56 -56.31
C PRO A 367 46.40 44.96 -56.77
N SER A 368 47.03 45.96 -56.14
CA SER A 368 46.79 47.34 -56.50
C SER A 368 46.71 47.53 -58.00
N ILE A 369 47.44 46.72 -58.76
CA ILE A 369 47.30 46.72 -60.20
C ILE A 369 45.85 46.85 -60.59
N VAL A 370 45.00 46.03 -60.00
CA VAL A 370 43.63 45.84 -60.41
C VAL A 370 43.12 47.22 -60.76
N HIS A 371 43.36 48.18 -59.88
CA HIS A 371 42.53 49.37 -59.92
C HIS A 371 42.55 50.22 -61.17
N ARG A 372 43.68 50.85 -61.44
CA ARG A 372 43.74 51.75 -62.58
C ARG A 372 43.68 50.96 -63.87
N LYS A 373 42.93 51.50 -64.83
CA LYS A 373 42.91 50.98 -66.19
C LYS A 373 42.55 49.50 -66.20
N CYS A 374 42.04 49.02 -65.08
CA CYS A 374 41.61 47.63 -65.02
C CYS A 374 40.69 47.48 -63.82
N PHE A 375 39.83 46.46 -63.91
CA PHE A 375 39.05 45.91 -62.80
C PHE A 375 38.55 44.54 -63.26
N ASP B 1 -19.84 59.98 -5.11
CA ASP B 1 -19.97 60.80 -3.91
C ASP B 1 -18.81 61.78 -3.78
N ASP B 2 -18.33 62.27 -4.92
CA ASP B 2 -17.20 63.19 -4.96
C ASP B 2 -17.26 63.97 -6.27
N GLU B 3 -16.15 64.60 -6.63
CA GLU B 3 -16.09 65.40 -7.85
C GLU B 3 -15.95 64.51 -9.08
N GLU B 4 -15.61 65.11 -10.23
CA GLU B 4 -15.80 64.48 -11.52
C GLU B 4 -15.42 63.01 -11.55
N THR B 5 -14.14 62.69 -11.35
CA THR B 5 -13.70 61.30 -11.31
C THR B 5 -12.19 61.26 -11.09
N THR B 6 -11.70 60.06 -10.81
CA THR B 6 -10.29 59.75 -10.90
C THR B 6 -10.12 58.66 -11.93
N ALA B 7 -9.31 58.93 -12.93
CA ALA B 7 -8.98 57.89 -13.86
C ALA B 7 -8.46 56.68 -13.11
N LEU B 8 -8.50 55.55 -13.76
CA LEU B 8 -8.27 54.28 -13.10
C LEU B 8 -6.88 54.08 -13.70
N VAL B 9 -5.91 53.78 -12.84
CA VAL B 9 -4.55 53.63 -13.34
C VAL B 9 -4.41 52.15 -13.00
N CYS B 10 -4.84 51.33 -13.93
CA CYS B 10 -4.86 49.88 -13.78
C CYS B 10 -3.72 49.28 -14.59
N ASP B 11 -2.86 48.51 -13.93
CA ASP B 11 -1.62 48.04 -14.54
C ASP B 11 -1.29 46.56 -14.36
N ASN B 12 -1.74 45.74 -15.30
CA ASN B 12 -1.44 44.33 -15.30
C ASN B 12 0.04 43.96 -15.38
N GLY B 13 0.83 44.41 -14.41
CA GLY B 13 2.25 44.13 -14.44
C GLY B 13 2.48 42.70 -14.90
N SER B 14 3.35 42.54 -15.91
CA SER B 14 3.31 41.33 -16.72
C SER B 14 3.08 40.09 -15.87
N GLY B 15 3.57 40.09 -14.65
CA GLY B 15 3.28 39.01 -13.73
C GLY B 15 2.07 39.28 -12.86
N LEU B 16 1.93 40.50 -12.36
CA LEU B 16 0.82 40.86 -11.51
C LEU B 16 0.05 41.99 -12.17
N VAL B 17 -1.22 42.02 -11.95
CA VAL B 17 -2.01 43.17 -12.33
C VAL B 17 -1.98 44.10 -11.12
N LYS B 18 -1.83 45.39 -11.41
CA LYS B 18 -1.64 46.37 -10.36
C LYS B 18 -2.41 47.62 -10.76
N ALA B 19 -2.48 48.59 -9.84
CA ALA B 19 -3.29 49.75 -10.17
C ALA B 19 -3.46 50.66 -8.97
N GLY B 20 -3.68 51.93 -9.27
CA GLY B 20 -4.13 52.90 -8.31
C GLY B 20 -5.17 53.79 -8.97
N PHE B 21 -4.92 55.08 -8.90
CA PHE B 21 -5.68 56.07 -9.66
C PHE B 21 -4.76 57.06 -10.33
N ALA B 22 -5.35 57.90 -11.17
CA ALA B 22 -4.64 59.08 -11.63
C ALA B 22 -4.18 59.88 -10.42
N GLY B 23 -2.98 60.46 -10.53
CA GLY B 23 -2.41 61.17 -9.41
C GLY B 23 -2.10 60.31 -8.21
N ASP B 24 -2.49 59.04 -8.22
CA ASP B 24 -2.13 58.18 -7.10
C ASP B 24 -0.63 58.08 -6.98
N ASP B 25 -0.19 57.46 -5.91
CA ASP B 25 1.22 57.34 -5.64
C ASP B 25 1.66 55.90 -5.46
N ALA B 26 0.73 54.98 -5.21
CA ALA B 26 1.06 53.59 -5.01
C ALA B 26 -0.06 52.77 -5.63
N PRO B 27 0.25 51.90 -6.55
CA PRO B 27 -0.78 51.04 -7.09
C PRO B 27 -1.39 50.25 -5.96
N ARG B 28 -2.60 50.62 -5.59
CA ARG B 28 -3.28 49.91 -4.53
C ARG B 28 -3.61 48.48 -4.91
N ALA B 29 -3.50 48.13 -6.19
CA ALA B 29 -3.70 46.76 -6.65
C ALA B 29 -2.37 46.17 -7.02
N VAL B 30 -2.06 44.99 -6.49
CA VAL B 30 -0.89 44.23 -6.89
C VAL B 30 -1.14 42.75 -6.60
N PHE B 31 -1.08 41.91 -7.63
CA PHE B 31 -1.26 40.50 -7.31
C PHE B 31 -1.15 39.59 -8.52
N PRO B 32 -1.04 38.28 -8.30
CA PRO B 32 -0.63 37.37 -9.37
C PRO B 32 -1.64 37.32 -10.51
N SER B 33 -1.10 37.09 -11.71
CA SER B 33 -1.90 36.98 -12.93
C SER B 33 -2.21 35.53 -13.27
N ILE B 34 -2.66 34.78 -12.27
CA ILE B 34 -2.86 33.35 -12.41
C ILE B 34 -4.29 32.97 -12.15
N VAL B 35 -4.64 31.78 -12.62
CA VAL B 35 -5.90 31.12 -12.30
C VAL B 35 -5.56 29.76 -11.71
N GLY B 36 -6.45 29.26 -10.86
CA GLY B 36 -6.10 28.11 -10.05
C GLY B 36 -7.16 27.04 -10.02
N ARG B 37 -6.78 25.79 -10.29
CA ARG B 37 -7.71 24.68 -10.28
C ARG B 37 -7.35 23.57 -9.30
N PRO B 38 -8.10 23.41 -8.22
CA PRO B 38 -7.95 22.21 -7.40
C PRO B 38 -8.15 20.95 -8.20
N ARG B 39 -7.74 19.82 -7.65
CA ARG B 39 -7.95 18.57 -8.35
C ARG B 39 -9.05 17.73 -7.72
N HIS B 40 -8.86 17.36 -6.46
CA HIS B 40 -9.46 16.16 -5.93
C HIS B 40 -10.92 16.32 -5.55
N GLN B 41 -11.31 17.42 -4.92
CA GLN B 41 -12.63 17.52 -4.33
C GLN B 41 -12.87 16.40 -3.32
N GLY B 42 -12.14 16.47 -2.23
CA GLY B 42 -12.60 15.81 -1.04
C GLY B 42 -14.01 16.30 -0.90
N VAL B 43 -14.97 15.38 -0.73
CA VAL B 43 -16.35 15.82 -0.54
C VAL B 43 -16.17 16.67 0.70
N MET B 44 -16.73 17.87 0.68
CA MET B 44 -16.47 18.85 1.70
C MET B 44 -17.82 19.46 1.96
N VAL B 45 -18.25 19.41 3.22
CA VAL B 45 -19.49 20.05 3.55
C VAL B 45 -19.44 21.50 3.08
N GLY B 46 -20.61 22.08 2.94
CA GLY B 46 -20.70 23.50 2.67
C GLY B 46 -19.92 23.90 1.45
N MET B 47 -19.68 25.21 1.36
CA MET B 47 -19.12 25.80 0.16
C MET B 47 -18.22 26.96 0.56
N GLY B 48 -17.97 27.87 -0.37
CA GLY B 48 -16.92 28.85 -0.23
C GLY B 48 -15.62 28.41 -0.83
N GLN B 49 -15.61 27.26 -1.49
CA GLN B 49 -14.38 26.70 -2.03
C GLN B 49 -14.34 27.02 -3.53
N LYS B 50 -13.98 28.26 -3.82
CA LYS B 50 -14.03 28.71 -5.19
C LYS B 50 -13.09 27.92 -6.07
N ASP B 51 -13.56 27.65 -7.28
CA ASP B 51 -12.66 27.16 -8.30
C ASP B 51 -11.56 28.16 -8.59
N SER B 52 -11.91 29.44 -8.75
CA SER B 52 -11.04 30.39 -9.42
C SER B 52 -11.03 31.76 -8.75
N TYR B 53 -10.78 31.82 -7.45
CA TYR B 53 -10.52 33.12 -6.82
C TYR B 53 -9.06 33.50 -6.81
N VAL B 54 -8.30 33.14 -7.84
CA VAL B 54 -6.86 33.29 -7.74
C VAL B 54 -6.50 34.68 -7.26
N GLY B 55 -6.77 35.69 -8.09
CA GLY B 55 -6.56 37.05 -7.65
C GLY B 55 -5.32 37.11 -6.78
N ASP B 56 -5.53 37.45 -5.52
CA ASP B 56 -4.47 37.39 -4.53
C ASP B 56 -4.82 36.46 -3.38
N GLU B 57 -5.78 35.56 -3.54
CA GLU B 57 -6.06 34.64 -2.44
C GLU B 57 -5.50 33.30 -2.86
N ALA B 58 -5.69 32.94 -4.13
CA ALA B 58 -5.51 31.56 -4.56
C ALA B 58 -4.12 31.00 -4.30
N GLN B 59 -3.16 31.87 -4.02
CA GLN B 59 -1.85 31.34 -3.74
C GLN B 59 -1.98 30.80 -2.33
N SER B 60 -2.90 31.36 -1.55
CA SER B 60 -3.31 30.66 -0.36
C SER B 60 -3.78 29.27 -0.73
N LYS B 61 -4.48 29.15 -1.84
CA LYS B 61 -4.94 27.85 -2.29
C LYS B 61 -3.90 27.18 -3.17
N ARG B 62 -2.65 27.59 -3.06
CA ARG B 62 -1.69 27.01 -3.97
C ARG B 62 -1.68 25.51 -3.76
N GLY B 63 -1.06 24.80 -4.70
CA GLY B 63 -1.02 23.36 -4.70
C GLY B 63 -2.27 22.75 -5.30
N ILE B 64 -3.35 22.68 -4.54
CA ILE B 64 -4.57 22.13 -5.08
C ILE B 64 -5.12 22.94 -6.23
N LEU B 65 -4.98 24.25 -6.17
CA LEU B 65 -5.38 25.12 -7.24
C LEU B 65 -4.15 25.25 -8.12
N THR B 66 -4.32 25.09 -9.43
CA THR B 66 -3.21 25.22 -10.36
C THR B 66 -3.02 26.68 -10.76
N LEU B 67 -2.28 26.93 -11.84
CA LEU B 67 -1.87 28.27 -12.23
C LEU B 67 -2.32 28.58 -13.64
N LYS B 68 -2.81 29.80 -13.85
CA LYS B 68 -3.16 30.24 -15.19
C LYS B 68 -2.96 31.73 -15.35
N TYR B 69 -1.98 32.12 -16.15
CA TYR B 69 -1.94 33.45 -16.72
C TYR B 69 -2.85 33.47 -17.93
N PRO B 70 -3.63 34.54 -18.18
CA PRO B 70 -4.25 34.68 -19.51
C PRO B 70 -3.22 35.22 -20.47
N ILE B 71 -2.46 36.24 -20.07
CA ILE B 71 -1.51 36.96 -20.91
C ILE B 71 -0.16 36.29 -20.74
N GLU B 72 -0.15 34.99 -20.93
CA GLU B 72 0.81 34.04 -20.40
C GLU B 72 2.15 34.55 -20.90
N HIS B 73 2.23 34.75 -22.21
CA HIS B 73 3.40 35.28 -22.88
C HIS B 73 3.27 36.77 -23.10
N GLY B 74 2.73 37.47 -22.11
CA GLY B 74 2.31 38.82 -22.40
C GLY B 74 1.32 38.66 -23.53
N ILE B 75 0.57 37.57 -23.46
CA ILE B 75 -0.33 37.17 -24.52
C ILE B 75 -1.59 36.65 -23.86
N ILE B 76 -2.66 37.43 -23.89
CA ILE B 76 -3.88 36.97 -23.25
C ILE B 76 -4.47 35.85 -24.08
N THR B 77 -4.24 34.62 -23.63
CA THR B 77 -4.90 33.49 -24.27
C THR B 77 -6.38 33.47 -23.92
N ASN B 78 -6.73 33.91 -22.72
CA ASN B 78 -8.14 33.94 -22.35
C ASN B 78 -8.44 35.19 -21.55
N TRP B 79 -9.72 35.53 -21.50
CA TRP B 79 -10.14 36.85 -21.10
C TRP B 79 -11.25 36.94 -20.06
N ASP B 80 -12.05 35.89 -19.95
CA ASP B 80 -13.09 35.87 -18.93
C ASP B 80 -12.32 35.60 -17.66
N ASP B 81 -11.34 34.72 -17.76
CA ASP B 81 -10.32 34.66 -16.72
C ASP B 81 -9.91 36.07 -16.34
N MET B 82 -9.30 36.78 -17.28
CA MET B 82 -8.86 38.13 -17.01
C MET B 82 -10.02 39.04 -16.72
N GLU B 83 -11.19 38.69 -17.27
CA GLU B 83 -12.39 39.48 -17.03
C GLU B 83 -12.69 39.55 -15.54
N LYS B 84 -13.03 38.41 -14.96
CA LYS B 84 -13.25 38.35 -13.54
C LYS B 84 -12.00 38.76 -12.79
N ILE B 85 -10.84 38.64 -13.42
CA ILE B 85 -9.65 39.22 -12.82
C ILE B 85 -9.89 40.69 -12.55
N TRP B 86 -10.33 41.38 -13.58
CA TRP B 86 -10.65 42.78 -13.42
C TRP B 86 -11.70 42.95 -12.35
N HIS B 87 -12.81 42.23 -12.48
CA HIS B 87 -13.89 42.40 -11.51
C HIS B 87 -13.38 42.21 -10.10
N HIS B 88 -12.70 41.11 -9.84
CA HIS B 88 -11.95 40.98 -8.61
C HIS B 88 -11.30 42.30 -8.26
N THR B 89 -10.56 42.86 -9.21
CA THR B 89 -9.85 44.09 -8.93
C THR B 89 -10.95 45.01 -8.43
N PHE B 90 -11.70 45.54 -9.39
CA PHE B 90 -12.63 46.63 -9.26
C PHE B 90 -13.79 46.44 -8.33
N TYR B 91 -13.70 45.46 -7.45
CA TYR B 91 -14.86 45.03 -6.70
C TYR B 91 -14.42 44.40 -5.40
N ASN B 92 -13.17 44.03 -5.28
CA ASN B 92 -12.61 43.49 -4.05
C ASN B 92 -11.46 44.33 -3.56
N GLU B 93 -10.52 44.62 -4.45
CA GLU B 93 -9.39 45.47 -4.10
C GLU B 93 -9.55 46.84 -4.72
N LEU B 94 -9.99 46.90 -5.98
CA LEU B 94 -10.56 48.16 -6.42
C LEU B 94 -11.94 48.35 -5.84
N ARG B 95 -12.68 47.27 -5.64
CA ARG B 95 -13.99 47.32 -5.00
C ARG B 95 -14.72 48.59 -5.42
N VAL B 96 -14.63 48.90 -6.70
CA VAL B 96 -15.02 50.20 -7.23
C VAL B 96 -15.70 50.01 -8.57
N ALA B 97 -16.68 50.86 -8.84
CA ALA B 97 -17.39 50.78 -10.12
C ALA B 97 -16.50 51.32 -11.23
N PRO B 98 -16.27 50.55 -12.28
CA PRO B 98 -15.59 51.11 -13.45
C PRO B 98 -16.33 52.28 -14.04
N GLU B 99 -17.66 52.22 -14.00
CA GLU B 99 -18.48 53.05 -14.87
C GLU B 99 -18.22 54.52 -14.70
N GLU B 100 -17.69 54.93 -13.55
CA GLU B 100 -17.60 56.33 -13.21
C GLU B 100 -16.17 56.82 -13.07
N HIS B 101 -15.18 55.94 -13.20
CA HIS B 101 -13.79 56.37 -13.14
C HIS B 101 -13.07 56.02 -14.43
N PRO B 102 -12.42 56.98 -15.06
CA PRO B 102 -11.74 56.70 -16.32
C PRO B 102 -10.66 55.67 -16.05
N THR B 103 -9.95 55.30 -17.09
CA THR B 103 -8.80 54.43 -16.90
C THR B 103 -7.97 54.46 -18.17
N LEU B 104 -6.66 54.53 -17.97
CA LEU B 104 -5.70 54.30 -19.05
C LEU B 104 -5.36 52.82 -19.04
N LEU B 105 -4.98 52.31 -20.19
CA LEU B 105 -4.73 50.88 -20.34
C LEU B 105 -3.36 50.38 -20.77
N THR B 106 -2.67 49.78 -19.81
CA THR B 106 -1.30 49.28 -19.98
C THR B 106 -1.14 48.14 -20.98
N GLU B 107 -0.23 48.30 -21.93
CA GLU B 107 -0.01 47.28 -22.93
C GLU B 107 1.37 47.32 -23.54
N ALA B 108 1.97 46.18 -23.66
CA ALA B 108 3.17 46.12 -24.45
C ALA B 108 2.90 46.02 -25.95
N PRO B 109 3.85 46.43 -26.76
CA PRO B 109 3.69 46.27 -28.20
C PRO B 109 3.56 44.79 -28.57
N LEU B 110 3.44 44.55 -29.86
CA LEU B 110 3.40 43.23 -30.44
C LEU B 110 2.03 42.58 -30.33
N ASN B 111 1.02 43.31 -29.88
CA ASN B 111 -0.28 42.70 -29.68
C ASN B 111 -1.01 42.74 -31.02
N PRO B 112 -1.67 41.66 -31.42
CA PRO B 112 -2.62 41.75 -32.52
C PRO B 112 -3.82 42.52 -31.99
N LYS B 113 -4.40 43.33 -32.87
CA LYS B 113 -5.23 44.44 -32.44
C LYS B 113 -6.43 43.96 -31.66
N ALA B 114 -7.07 42.89 -32.14
CA ALA B 114 -8.34 42.48 -31.57
C ALA B 114 -8.23 42.25 -30.08
N ASN B 115 -7.06 41.85 -29.60
CA ASN B 115 -6.87 41.80 -28.17
C ASN B 115 -7.42 43.06 -27.53
N ARG B 116 -6.84 44.20 -27.91
CA ARG B 116 -7.33 45.44 -27.37
C ARG B 116 -8.75 45.73 -27.81
N GLU B 117 -9.08 45.46 -29.07
CA GLU B 117 -10.46 45.67 -29.48
C GLU B 117 -11.41 45.12 -28.43
N LYS B 118 -11.34 43.82 -28.22
CA LYS B 118 -12.22 43.13 -27.29
C LYS B 118 -12.09 43.69 -25.88
N MET B 119 -10.86 43.78 -25.38
CA MET B 119 -10.71 44.30 -24.03
C MET B 119 -11.45 45.61 -23.92
N THR B 120 -11.30 46.47 -24.92
CA THR B 120 -11.92 47.78 -24.90
C THR B 120 -13.42 47.67 -24.80
N GLN B 121 -14.07 47.07 -25.80
CA GLN B 121 -15.53 47.15 -25.75
C GLN B 121 -15.98 46.57 -24.45
N ILE B 122 -15.51 45.37 -24.13
CA ILE B 122 -16.02 44.68 -22.97
C ILE B 122 -15.80 45.53 -21.73
N MET B 123 -14.70 46.28 -21.71
CA MET B 123 -14.50 47.18 -20.59
C MET B 123 -15.48 48.34 -20.58
N PHE B 124 -16.10 48.62 -21.72
CA PHE B 124 -17.18 49.61 -21.69
C PHE B 124 -18.52 48.99 -21.32
N GLU B 125 -18.67 47.68 -21.48
CA GLU B 125 -20.03 47.14 -21.42
C GLU B 125 -20.08 46.57 -20.02
N THR B 126 -19.23 45.59 -19.76
CA THR B 126 -19.11 45.06 -18.42
C THR B 126 -18.78 46.17 -17.44
N PHE B 127 -18.20 47.26 -17.93
CA PHE B 127 -17.58 48.22 -17.04
C PHE B 127 -18.15 49.61 -17.14
N ASN B 128 -18.56 50.04 -18.32
CA ASN B 128 -19.20 51.34 -18.48
C ASN B 128 -18.42 52.44 -17.78
N VAL B 129 -17.12 52.22 -17.61
CA VAL B 129 -16.27 53.25 -17.06
C VAL B 129 -16.64 54.54 -17.78
N PRO B 130 -16.39 55.70 -17.20
CA PRO B 130 -16.72 56.93 -17.92
C PRO B 130 -16.07 56.95 -19.29
N ALA B 131 -14.83 56.48 -19.37
CA ALA B 131 -14.15 56.25 -20.63
C ALA B 131 -12.82 55.61 -20.27
N MET B 132 -12.30 54.82 -21.20
CA MET B 132 -11.03 54.16 -20.99
C MET B 132 -9.92 54.87 -21.73
N TYR B 133 -8.83 54.14 -21.92
CA TYR B 133 -7.76 54.61 -22.78
C TYR B 133 -6.79 53.45 -22.66
N VAL B 134 -5.82 53.36 -23.56
CA VAL B 134 -4.91 52.25 -23.52
C VAL B 134 -3.60 52.99 -23.70
N ALA B 135 -2.51 52.36 -23.29
CA ALA B 135 -1.19 52.93 -23.47
C ALA B 135 -0.15 51.84 -23.33
N ILE B 136 0.83 51.85 -24.22
CA ILE B 136 1.89 50.85 -24.14
C ILE B 136 2.58 50.94 -22.79
N GLN B 137 2.44 49.87 -22.02
CA GLN B 137 3.32 49.64 -20.89
C GLN B 137 4.71 50.19 -21.16
N ALA B 138 5.26 49.88 -22.34
CA ALA B 138 6.57 50.39 -22.66
C ALA B 138 6.57 51.91 -22.58
N VAL B 139 5.68 52.55 -23.34
CA VAL B 139 5.61 54.00 -23.34
C VAL B 139 5.33 54.51 -21.94
N LEU B 140 4.50 53.77 -21.21
CA LEU B 140 4.09 54.21 -19.89
C LEU B 140 5.18 54.17 -18.83
N SER B 141 6.21 53.38 -19.08
CA SER B 141 7.41 53.46 -18.27
C SER B 141 8.17 54.63 -18.88
N LEU B 142 8.09 54.77 -20.19
CA LEU B 142 8.88 55.79 -20.86
C LEU B 142 8.66 57.14 -20.20
N TYR B 143 7.44 57.63 -20.25
CA TYR B 143 7.18 58.84 -19.49
C TYR B 143 7.20 57.72 -18.48
N ALA B 144 7.83 57.96 -17.34
CA ALA B 144 7.71 57.06 -16.22
C ALA B 144 9.22 57.24 -16.14
N SER B 145 9.89 57.32 -17.29
CA SER B 145 11.30 57.70 -17.29
C SER B 145 11.42 59.20 -17.16
N GLY B 146 10.82 59.93 -18.10
CA GLY B 146 10.83 61.38 -18.02
C GLY B 146 12.10 61.86 -18.68
N ARG B 147 13.05 60.97 -18.93
CA ARG B 147 14.17 61.31 -19.79
C ARG B 147 13.73 61.10 -21.22
N THR B 148 12.94 62.05 -21.72
CA THR B 148 12.25 61.88 -22.99
C THR B 148 13.18 61.40 -24.11
N THR B 149 14.48 61.60 -23.95
CA THR B 149 15.45 61.09 -24.90
C THR B 149 16.03 59.81 -24.34
N GLY B 150 16.70 59.05 -25.20
CA GLY B 150 17.27 57.77 -24.81
C GLY B 150 16.39 56.55 -24.82
N ILE B 151 16.99 55.38 -24.96
CA ILE B 151 16.28 54.11 -24.85
C ILE B 151 15.99 53.81 -23.40
N VAL B 152 15.02 52.93 -23.16
CA VAL B 152 14.85 52.31 -21.86
C VAL B 152 14.86 50.80 -22.05
N LEU B 153 15.52 50.10 -21.14
CA LEU B 153 15.53 48.64 -21.16
C LEU B 153 14.50 47.94 -20.30
N ASP B 154 13.29 47.82 -20.82
CA ASP B 154 12.17 47.23 -20.09
C ASP B 154 12.22 45.71 -19.96
N SER B 155 12.85 45.24 -18.90
CA SER B 155 12.83 43.83 -18.54
C SER B 155 12.17 43.77 -17.17
N GLY B 156 10.84 43.74 -17.16
CA GLY B 156 10.13 44.07 -15.95
C GLY B 156 9.44 42.94 -15.24
N ASP B 157 8.13 43.10 -15.05
CA ASP B 157 7.38 42.07 -14.34
C ASP B 157 7.72 40.71 -14.90
N GLY B 158 7.51 40.55 -16.21
CA GLY B 158 8.02 39.40 -16.94
C GLY B 158 8.35 39.75 -18.38
N VAL B 159 8.56 41.03 -18.66
CA VAL B 159 8.59 41.55 -20.02
C VAL B 159 10.02 41.90 -20.40
N THR B 160 10.22 42.27 -21.67
CA THR B 160 11.53 42.72 -22.11
C THR B 160 11.42 43.42 -23.46
N HIS B 161 11.78 44.69 -23.48
CA HIS B 161 11.96 45.43 -24.72
C HIS B 161 13.13 46.37 -24.55
N ASN B 162 13.60 46.90 -25.67
CA ASN B 162 14.43 48.08 -25.70
C ASN B 162 13.59 49.23 -26.20
N VAL B 163 13.71 50.39 -25.57
CA VAL B 163 12.82 51.50 -25.92
C VAL B 163 13.63 52.74 -26.25
N PRO B 164 14.29 52.76 -27.40
CA PRO B 164 15.02 53.97 -27.80
C PRO B 164 14.07 55.14 -27.82
N ILE B 165 14.52 56.26 -27.27
CA ILE B 165 13.64 57.42 -27.14
C ILE B 165 14.53 58.63 -27.38
N TYR B 166 13.93 59.81 -27.31
CA TYR B 166 14.61 61.02 -27.76
C TYR B 166 13.64 62.17 -27.57
N GLU B 167 13.72 62.83 -26.43
CA GLU B 167 12.70 63.80 -26.00
C GLU B 167 11.31 63.31 -26.40
N GLY B 168 10.99 62.11 -25.95
CA GLY B 168 9.76 61.47 -26.35
C GLY B 168 9.85 60.73 -27.65
N TYR B 169 10.96 60.90 -28.37
CA TYR B 169 11.08 60.39 -29.72
C TYR B 169 11.75 59.03 -29.69
N ALA B 170 11.01 58.00 -30.08
CA ALA B 170 11.44 56.62 -30.08
C ALA B 170 11.34 56.04 -31.48
N LEU B 171 12.28 55.16 -31.83
CA LEU B 171 12.22 54.52 -33.13
C LEU B 171 11.69 53.10 -32.98
N PRO B 172 10.46 52.82 -33.37
CA PRO B 172 9.97 51.44 -33.29
C PRO B 172 10.85 50.51 -34.09
N HIS B 173 11.34 50.96 -35.23
CA HIS B 173 12.22 50.14 -36.02
C HIS B 173 13.34 49.58 -35.18
N ALA B 174 14.03 50.45 -34.45
CA ALA B 174 15.09 50.01 -33.56
C ALA B 174 14.55 49.31 -32.31
N ILE B 175 13.25 49.36 -32.06
CA ILE B 175 12.68 48.86 -30.81
C ILE B 175 12.47 47.35 -30.92
N MET B 176 12.63 46.67 -29.79
CA MET B 176 12.68 45.21 -29.76
C MET B 176 12.13 44.65 -28.45
N ARG B 177 11.87 43.35 -28.46
CA ARG B 177 11.51 42.58 -27.28
C ARG B 177 12.53 41.48 -27.06
N LEU B 178 12.71 41.10 -25.80
CA LEU B 178 13.39 39.85 -25.46
C LEU B 178 12.41 38.94 -24.75
N ASP B 179 12.04 37.86 -25.42
CA ASP B 179 11.03 36.98 -24.86
C ASP B 179 11.29 36.64 -23.41
N LEU B 180 12.52 36.82 -22.95
CA LEU B 180 12.86 36.43 -21.59
C LEU B 180 11.85 36.99 -20.60
N ALA B 181 11.49 36.16 -19.64
CA ALA B 181 10.68 36.58 -18.50
C ALA B 181 11.42 36.05 -17.29
N GLY B 182 11.18 36.69 -16.14
CA GLY B 182 11.74 36.18 -14.90
C GLY B 182 11.18 34.79 -14.68
N ARG B 183 9.98 34.56 -15.17
CA ARG B 183 9.48 33.19 -15.35
C ARG B 183 10.48 32.33 -16.10
N ASP B 184 11.07 32.86 -17.15
CA ASP B 184 12.01 32.04 -17.92
C ASP B 184 13.18 31.63 -17.04
N LEU B 185 13.73 32.59 -16.32
CA LEU B 185 14.84 32.31 -15.43
C LEU B 185 14.41 31.28 -14.41
N THR B 186 13.26 31.53 -13.79
CA THR B 186 12.54 30.52 -13.04
C THR B 186 12.74 29.16 -13.66
N ASP B 187 12.46 29.08 -14.95
CA ASP B 187 12.54 27.81 -15.64
C ASP B 187 13.91 27.23 -15.44
N TYR B 188 14.91 27.88 -16.02
CA TYR B 188 16.23 27.27 -15.98
C TYR B 188 16.62 26.91 -14.56
N LEU B 189 16.19 27.72 -13.60
CA LEU B 189 16.40 27.39 -12.21
C LEU B 189 15.83 26.05 -11.87
N MET B 190 14.58 25.83 -12.22
CA MET B 190 13.99 24.53 -11.94
C MET B 190 14.86 23.47 -12.57
N LYS B 191 15.15 23.66 -13.86
CA LYS B 191 16.04 22.75 -14.57
C LYS B 191 17.21 22.36 -13.69
N ILE B 192 17.99 23.35 -13.32
CA ILE B 192 19.25 23.11 -12.65
C ILE B 192 19.02 22.48 -11.29
N LEU B 193 18.36 23.21 -10.39
CA LEU B 193 18.26 22.73 -9.03
C LEU B 193 17.70 21.32 -8.99
N THR B 194 16.63 21.08 -9.72
CA THR B 194 16.01 19.76 -9.75
C THR B 194 17.05 18.74 -10.20
N GLU B 195 17.58 18.87 -11.42
CA GLU B 195 18.57 17.91 -11.88
C GLU B 195 19.71 17.81 -10.90
N ARG B 196 20.06 18.91 -10.26
CA ARG B 196 21.12 18.99 -9.28
C ARG B 196 20.78 18.35 -7.96
N GLY B 197 19.68 17.62 -7.88
CA GLY B 197 19.41 16.93 -6.64
C GLY B 197 18.05 17.31 -6.09
N TYR B 198 17.17 17.79 -6.95
CA TYR B 198 15.94 18.36 -6.44
C TYR B 198 14.80 17.93 -7.34
N SER B 199 13.59 17.95 -6.81
CA SER B 199 12.40 17.49 -7.54
C SER B 199 11.37 18.60 -7.51
N PHE B 200 11.51 19.58 -8.40
CA PHE B 200 10.89 20.88 -8.20
C PHE B 200 10.14 21.28 -9.46
N VAL B 201 8.86 20.96 -9.51
CA VAL B 201 8.09 21.16 -10.72
C VAL B 201 6.78 21.87 -10.44
N THR B 202 6.34 21.82 -9.19
CA THR B 202 4.95 22.11 -8.94
C THR B 202 4.69 23.60 -9.02
N THR B 203 3.44 23.94 -9.34
CA THR B 203 3.09 25.33 -9.61
C THR B 203 3.66 26.24 -8.55
N ALA B 204 3.18 26.09 -7.31
CA ALA B 204 3.74 26.89 -6.24
C ALA B 204 5.19 26.49 -5.98
N GLU B 205 5.61 25.33 -6.47
CA GLU B 205 7.03 25.05 -6.45
C GLU B 205 7.74 26.10 -7.27
N ARG B 206 7.20 26.37 -8.45
CA ARG B 206 7.61 27.53 -9.23
C ARG B 206 7.45 28.80 -8.41
N GLU B 207 6.43 28.85 -7.57
CA GLU B 207 6.26 30.02 -6.73
C GLU B 207 7.49 30.24 -5.86
N ILE B 208 7.87 29.19 -5.15
CA ILE B 208 9.02 29.28 -4.26
C ILE B 208 10.24 29.68 -5.04
N VAL B 209 10.43 29.07 -6.21
CA VAL B 209 11.65 29.33 -6.95
C VAL B 209 11.72 30.78 -7.39
N ARG B 210 10.60 31.31 -7.88
CA ARG B 210 10.59 32.71 -8.26
C ARG B 210 10.87 33.59 -7.06
N ASP B 211 10.29 33.23 -5.93
CA ASP B 211 10.63 33.93 -4.71
C ASP B 211 12.13 33.87 -4.51
N ILE B 212 12.70 32.70 -4.74
CA ILE B 212 14.12 32.48 -4.53
C ILE B 212 14.92 33.46 -5.35
N LYS B 213 14.60 33.54 -6.63
CA LYS B 213 15.31 34.46 -7.49
C LYS B 213 15.17 35.87 -6.95
N GLU B 214 13.94 36.30 -6.71
CA GLU B 214 13.70 37.69 -6.43
C GLU B 214 14.20 38.06 -5.04
N LYS B 215 14.58 37.08 -4.23
CA LYS B 215 15.15 37.40 -2.93
C LYS B 215 16.65 37.19 -2.86
N LEU B 216 17.16 36.20 -3.51
CA LEU B 216 18.56 35.82 -3.33
C LEU B 216 19.32 35.71 -4.63
N CYS B 217 18.70 35.19 -5.68
CA CYS B 217 19.41 34.99 -6.92
C CYS B 217 19.87 36.33 -7.48
N TYR B 218 21.08 36.34 -8.00
CA TYR B 218 21.77 37.56 -8.39
C TYR B 218 22.52 37.27 -9.68
N VAL B 219 23.48 38.14 -9.97
CA VAL B 219 24.54 37.85 -10.94
C VAL B 219 25.80 38.58 -10.54
N ALA B 220 26.94 37.95 -10.80
CA ALA B 220 28.22 38.63 -10.71
C ALA B 220 28.61 39.19 -12.07
N LEU B 221 29.12 40.42 -12.05
CA LEU B 221 29.59 41.07 -13.26
C LEU B 221 30.26 40.09 -14.19
N ASP B 222 31.35 39.50 -13.75
CA ASP B 222 32.10 38.56 -14.56
C ASP B 222 31.53 37.17 -14.41
N PHE B 223 32.00 36.28 -15.27
CA PHE B 223 31.67 34.88 -15.24
C PHE B 223 32.72 33.80 -15.11
N GLU B 224 33.88 34.03 -15.69
CA GLU B 224 34.78 32.91 -15.96
C GLU B 224 35.73 32.93 -14.78
N ASN B 225 36.35 34.06 -14.52
CA ASN B 225 36.98 34.24 -13.21
C ASN B 225 35.92 34.15 -12.12
N GLU B 226 34.77 34.75 -12.37
CA GLU B 226 33.65 34.53 -11.49
C GLU B 226 33.15 33.09 -11.50
N MET B 227 33.66 32.29 -12.44
CA MET B 227 33.34 30.88 -12.46
C MET B 227 34.33 30.22 -11.51
N ALA B 228 35.59 30.59 -11.60
CA ALA B 228 36.56 30.00 -10.69
C ALA B 228 36.18 30.33 -9.26
N THR B 229 35.82 31.59 -9.01
CA THR B 229 35.27 31.97 -7.73
C THR B 229 34.23 30.95 -7.29
N ALA B 230 33.24 30.71 -8.15
CA ALA B 230 32.24 29.70 -7.87
C ALA B 230 32.91 28.36 -7.57
N ALA B 231 34.05 28.10 -8.19
CA ALA B 231 34.67 26.80 -8.08
C ALA B 231 34.86 26.38 -6.63
N SER B 232 35.12 27.34 -5.74
CA SER B 232 35.22 27.02 -4.32
C SER B 232 34.62 28.08 -3.40
N SER B 233 34.13 29.19 -3.93
CA SER B 233 33.75 30.30 -3.08
C SER B 233 32.65 29.84 -2.14
N SER B 234 32.99 29.68 -0.86
CA SER B 234 32.04 29.16 0.11
C SER B 234 30.99 30.17 0.48
N SER B 235 31.29 31.46 0.42
CA SER B 235 30.34 32.48 0.85
C SER B 235 29.01 32.30 0.15
N LEU B 236 29.03 32.24 -1.18
CA LEU B 236 27.83 31.96 -1.93
C LEU B 236 27.23 30.68 -1.37
N GLU B 237 28.05 29.68 -1.13
CA GLU B 237 27.57 28.33 -0.81
C GLU B 237 26.60 28.29 0.37
N LYS B 238 25.44 28.90 0.16
CA LYS B 238 24.47 29.15 1.21
C LYS B 238 23.14 28.48 0.88
N SER B 239 22.64 27.72 1.86
CA SER B 239 21.35 27.06 1.75
C SER B 239 20.27 27.98 2.29
N TYR B 240 19.18 28.09 1.55
CA TYR B 240 18.04 28.85 2.01
C TYR B 240 16.79 28.08 2.33
N GLU B 241 16.33 28.24 3.56
CA GLU B 241 15.11 27.61 4.02
C GLU B 241 14.09 27.44 2.90
N LEU B 242 13.88 26.20 2.51
CA LEU B 242 12.80 25.91 1.61
C LEU B 242 11.49 26.12 2.36
N PRO B 243 10.53 26.84 1.78
CA PRO B 243 9.34 27.21 2.56
C PRO B 243 8.50 26.05 3.01
N ASP B 244 8.79 24.84 2.55
CA ASP B 244 8.31 23.68 3.31
C ASP B 244 8.79 23.96 4.71
N GLY B 245 10.06 24.33 4.85
CA GLY B 245 10.77 24.33 6.11
C GLY B 245 12.16 23.81 5.84
N GLN B 246 12.33 23.03 4.78
CA GLN B 246 13.66 22.72 4.29
C GLN B 246 14.47 24.00 4.27
N VAL B 247 15.76 23.87 4.01
CA VAL B 247 16.62 25.03 3.79
C VAL B 247 17.34 24.70 2.49
N ILE B 248 16.72 25.08 1.38
CA ILE B 248 17.31 24.82 0.08
C ILE B 248 18.69 25.42 -0.14
N THR B 249 19.72 24.58 -0.09
CA THR B 249 21.06 25.07 -0.37
C THR B 249 21.29 25.74 -1.70
N ILE B 250 22.16 26.75 -1.71
CA ILE B 250 22.36 27.54 -2.92
C ILE B 250 23.83 27.82 -3.13
N GLY B 251 24.26 27.72 -4.38
CA GLY B 251 25.56 28.13 -4.81
C GLY B 251 25.51 28.91 -6.11
N ASN B 252 26.21 28.37 -7.11
CA ASN B 252 26.46 29.09 -8.35
C ASN B 252 25.17 29.53 -9.04
N GLU B 253 24.08 28.81 -8.80
CA GLU B 253 22.83 29.16 -9.44
C GLU B 253 22.47 30.63 -9.22
N ARG B 254 22.51 31.08 -7.97
CA ARG B 254 21.90 32.32 -7.52
C ARG B 254 22.09 33.32 -8.66
N PHE B 255 23.28 33.36 -9.17
CA PHE B 255 23.65 34.11 -10.35
C PHE B 255 23.56 33.41 -11.69
N ARG B 256 23.86 32.12 -11.76
CA ARG B 256 23.76 31.46 -13.05
C ARG B 256 22.35 31.33 -13.53
N CYS B 257 21.37 31.78 -12.75
CA CYS B 257 20.03 31.89 -13.32
C CYS B 257 19.94 33.07 -14.26
N PRO B 258 20.01 34.30 -13.82
CA PRO B 258 19.60 35.42 -14.66
C PRO B 258 20.56 35.67 -15.81
N GLU B 259 21.84 35.61 -15.52
CA GLU B 259 22.87 36.09 -16.43
C GLU B 259 22.62 35.65 -17.87
N THR B 260 21.98 34.50 -18.07
CA THR B 260 21.80 34.03 -19.44
C THR B 260 21.01 35.01 -20.28
N LEU B 261 20.30 35.96 -19.67
CA LEU B 261 19.68 37.03 -20.45
C LEU B 261 20.67 37.63 -21.41
N PHE B 262 21.97 37.46 -21.15
CA PHE B 262 22.99 37.89 -22.09
C PHE B 262 23.47 36.74 -22.96
N GLN B 263 23.10 35.53 -22.61
CA GLN B 263 23.50 34.32 -23.34
C GLN B 263 22.45 33.22 -23.36
N PRO B 264 21.35 33.43 -24.10
CA PRO B 264 20.30 32.41 -24.18
C PRO B 264 20.73 31.04 -24.59
N SER B 265 22.03 30.84 -24.77
CA SER B 265 22.58 29.49 -24.89
C SER B 265 22.07 28.69 -23.70
N PHE B 266 22.08 29.31 -22.53
CA PHE B 266 21.63 28.62 -21.34
C PHE B 266 20.15 28.31 -21.43
N ILE B 267 19.38 29.25 -21.97
CA ILE B 267 17.99 28.99 -22.31
C ILE B 267 18.00 28.39 -23.70
N GLY B 268 19.20 28.23 -24.24
CA GLY B 268 19.39 27.74 -25.58
C GLY B 268 18.81 28.65 -26.62
N MET B 269 18.29 29.80 -26.21
CA MET B 269 17.60 30.65 -27.16
C MET B 269 18.56 31.14 -28.23
N GLU B 270 18.07 31.17 -29.48
CA GLU B 270 18.86 31.73 -30.58
C GLU B 270 19.16 33.18 -30.35
N SER B 271 18.46 33.83 -29.44
CA SER B 271 18.53 35.27 -29.29
C SER B 271 19.90 35.67 -28.75
N ALA B 272 20.05 36.96 -28.47
CA ALA B 272 21.28 37.54 -27.94
C ALA B 272 20.98 38.33 -26.67
N GLY B 273 22.02 38.53 -25.88
CA GLY B 273 21.89 39.20 -24.60
C GLY B 273 21.18 40.54 -24.71
N ILE B 274 20.68 40.98 -23.57
CA ILE B 274 19.94 42.24 -23.53
C ILE B 274 20.78 43.48 -23.75
N HIS B 275 22.09 43.32 -23.61
CA HIS B 275 23.01 44.45 -23.69
C HIS B 275 23.19 44.73 -25.18
N GLU B 276 23.51 43.72 -25.97
CA GLU B 276 23.79 44.00 -27.37
C GLU B 276 22.53 44.23 -28.16
N THR B 277 21.39 43.76 -27.67
CA THR B 277 20.14 44.30 -28.16
C THR B 277 20.02 45.79 -27.94
N THR B 278 20.60 46.27 -26.85
CA THR B 278 20.64 47.71 -26.62
C THR B 278 21.57 48.28 -27.66
N TYR B 279 22.70 47.62 -27.88
CA TYR B 279 23.77 48.22 -28.65
C TYR B 279 23.44 48.25 -30.14
N ASN B 280 22.89 47.17 -30.66
CA ASN B 280 22.48 47.19 -32.05
C ASN B 280 21.34 48.16 -32.25
N SER B 281 20.45 48.27 -31.27
CA SER B 281 19.46 49.33 -31.33
C SER B 281 20.12 50.68 -31.49
N ILE B 282 21.05 50.97 -30.59
CA ILE B 282 21.65 52.30 -30.55
C ILE B 282 22.38 52.57 -31.85
N MET B 283 23.17 51.61 -32.30
CA MET B 283 23.80 51.75 -33.61
C MET B 283 22.75 52.04 -34.67
N LYS B 284 21.60 51.38 -34.60
CA LYS B 284 20.50 51.79 -35.46
C LYS B 284 20.14 53.25 -35.23
N CYS B 285 20.27 53.72 -34.00
CA CYS B 285 19.93 55.10 -33.72
C CYS B 285 20.83 56.02 -34.52
N ASP B 286 20.50 57.31 -34.55
CA ASP B 286 21.22 58.19 -35.45
C ASP B 286 22.65 58.24 -34.96
N ILE B 287 23.49 58.99 -35.67
CA ILE B 287 24.93 58.93 -35.40
C ILE B 287 25.23 59.29 -33.96
N ASP B 288 24.63 60.38 -33.48
CA ASP B 288 25.04 60.95 -32.21
C ASP B 288 23.94 60.92 -31.15
N ILE B 289 22.77 60.40 -31.47
CA ILE B 289 21.91 59.94 -30.39
C ILE B 289 22.68 59.11 -29.41
N ARG B 290 23.68 58.36 -29.89
CA ARG B 290 24.27 57.31 -29.07
C ARG B 290 24.71 57.85 -27.72
N LYS B 291 25.35 59.01 -27.68
CA LYS B 291 25.66 59.63 -26.40
C LYS B 291 24.39 59.93 -25.63
N ASP B 292 23.34 60.32 -26.34
CA ASP B 292 22.05 60.49 -25.68
C ASP B 292 21.69 59.23 -24.94
N LEU B 293 21.71 58.11 -25.63
CA LEU B 293 21.52 56.82 -25.00
C LEU B 293 22.39 56.72 -23.76
N TYR B 294 23.68 56.97 -23.96
CA TYR B 294 24.66 56.75 -22.92
C TYR B 294 24.14 57.40 -21.66
N ALA B 295 23.82 58.67 -21.76
CA ALA B 295 23.16 59.31 -20.64
C ALA B 295 21.76 58.81 -20.28
N ASN B 296 21.13 58.04 -21.18
CA ASN B 296 19.72 57.72 -21.11
C ASN B 296 19.51 56.23 -21.16
N ASN B 297 20.55 55.49 -20.77
CA ASN B 297 20.55 54.05 -20.91
C ASN B 297 19.62 53.51 -19.83
N VAL B 298 18.35 53.87 -19.93
CA VAL B 298 17.41 53.62 -18.85
C VAL B 298 17.05 52.14 -18.85
N LEU B 299 17.48 51.42 -17.82
CA LEU B 299 16.85 50.14 -17.59
C LEU B 299 15.45 50.32 -17.05
N SER B 300 14.65 49.28 -17.26
CA SER B 300 13.34 49.19 -16.64
C SER B 300 13.01 47.72 -16.43
N GLY B 301 12.35 47.42 -15.32
CA GLY B 301 11.96 46.07 -15.00
C GLY B 301 12.50 45.52 -13.68
N GLY B 302 11.62 45.39 -12.70
CA GLY B 302 12.06 45.06 -11.36
C GLY B 302 12.67 43.68 -11.25
N THR B 303 12.07 42.68 -11.87
CA THR B 303 12.64 41.35 -11.81
C THR B 303 14.13 41.38 -12.13
N THR B 304 14.55 42.33 -12.94
CA THR B 304 15.95 42.62 -13.26
C THR B 304 16.63 43.32 -12.17
N MET B 305 15.97 43.39 -11.02
CA MET B 305 16.46 44.14 -9.88
C MET B 305 17.78 43.62 -9.36
N TYR B 306 18.33 42.60 -10.01
CA TYR B 306 19.42 41.86 -9.40
C TYR B 306 20.66 42.73 -9.26
N PRO B 307 21.72 42.18 -8.71
CA PRO B 307 22.95 42.96 -8.60
C PRO B 307 23.89 42.99 -9.77
N GLY B 308 24.18 44.19 -10.23
CA GLY B 308 25.31 44.45 -11.09
C GLY B 308 24.60 44.77 -12.36
N ILE B 309 23.26 44.85 -12.30
CA ILE B 309 22.48 44.88 -13.51
C ILE B 309 23.11 45.87 -14.49
N ALA B 310 23.17 47.12 -14.07
CA ALA B 310 23.95 48.10 -14.80
C ALA B 310 25.41 47.69 -14.83
N ASP B 311 25.95 47.26 -13.69
CA ASP B 311 27.36 46.87 -13.69
C ASP B 311 27.76 46.23 -15.01
N ARG B 312 27.17 45.09 -15.33
CA ARG B 312 27.35 44.61 -16.69
C ARG B 312 26.93 45.65 -17.69
N MET B 313 25.69 46.14 -17.60
CA MET B 313 25.17 46.99 -18.66
C MET B 313 26.29 47.84 -19.23
N GLN B 314 26.83 48.69 -18.38
CA GLN B 314 27.99 49.51 -18.70
C GLN B 314 29.19 48.68 -19.13
N LYS B 315 29.55 47.61 -18.40
CA LYS B 315 30.86 47.06 -18.74
C LYS B 315 30.85 46.59 -20.18
N GLU B 316 29.85 45.81 -20.56
CA GLU B 316 29.80 45.33 -21.94
C GLU B 316 29.61 46.47 -22.93
N ILE B 317 28.71 47.42 -22.63
CA ILE B 317 28.56 48.49 -23.62
C ILE B 317 30.00 48.93 -23.83
N THR B 318 30.60 49.53 -22.84
CA THR B 318 32.03 49.74 -22.87
C THR B 318 32.71 48.80 -23.84
N ALA B 319 32.67 47.50 -23.53
CA ALA B 319 33.33 46.50 -24.34
C ALA B 319 32.98 46.67 -25.81
N LEU B 320 31.90 47.39 -26.08
CA LEU B 320 31.39 47.58 -27.42
C LEU B 320 31.40 49.05 -27.78
N ALA B 321 31.01 49.91 -26.84
CA ALA B 321 30.92 51.32 -27.11
C ALA B 321 32.31 51.94 -27.26
N PRO B 322 32.42 53.00 -28.05
CA PRO B 322 33.67 53.79 -28.04
C PRO B 322 33.81 54.54 -26.73
N SER B 323 34.95 54.32 -26.07
CA SER B 323 35.22 55.03 -24.83
C SER B 323 35.17 56.53 -25.04
N THR B 324 35.38 56.96 -26.28
CA THR B 324 35.03 58.32 -26.66
C THR B 324 33.79 58.77 -25.94
N MET B 325 32.70 58.02 -26.11
CA MET B 325 31.45 58.38 -25.49
C MET B 325 31.39 57.88 -24.06
N LYS B 326 30.62 58.58 -23.24
CA LYS B 326 30.44 58.21 -21.85
C LYS B 326 29.04 57.65 -21.66
N ILE B 327 28.96 56.45 -21.11
CA ILE B 327 27.70 55.72 -21.00
C ILE B 327 27.08 56.03 -19.66
N LYS B 328 25.77 55.87 -19.56
CA LYS B 328 25.12 55.81 -18.27
C LYS B 328 23.77 55.15 -18.44
N ILE B 329 23.68 53.91 -18.02
CA ILE B 329 22.39 53.25 -17.89
C ILE B 329 21.60 53.87 -16.76
N ILE B 330 20.29 53.83 -16.90
CA ILE B 330 19.38 54.45 -15.95
C ILE B 330 18.27 53.53 -15.46
N ALA B 331 18.37 53.10 -14.21
CA ALA B 331 17.37 52.22 -13.60
C ALA B 331 17.06 52.63 -12.17
N PRO B 332 15.88 53.18 -11.93
CA PRO B 332 15.45 53.41 -10.57
C PRO B 332 15.24 52.08 -9.87
N PRO B 333 15.34 52.06 -8.54
CA PRO B 333 14.90 50.87 -7.83
C PRO B 333 13.45 50.53 -8.13
N GLU B 334 12.62 51.55 -8.34
CA GLU B 334 11.18 51.41 -8.25
C GLU B 334 10.57 51.13 -9.61
N ARG B 335 11.20 50.22 -10.34
CA ARG B 335 10.92 50.13 -11.76
C ARG B 335 9.55 49.49 -12.00
N LYS B 336 9.16 48.55 -11.12
CA LYS B 336 7.79 48.06 -11.19
C LYS B 336 6.80 49.21 -11.26
N TYR B 337 6.88 50.12 -10.32
CA TYR B 337 5.85 51.11 -10.14
C TYR B 337 6.02 52.20 -11.16
N SER B 338 7.28 52.46 -11.53
CA SER B 338 7.60 53.43 -12.55
C SER B 338 6.59 53.40 -13.67
N VAL B 339 6.40 52.25 -14.29
CA VAL B 339 5.41 52.17 -15.35
C VAL B 339 4.06 52.63 -14.83
N TRP B 340 3.64 52.09 -13.70
CA TRP B 340 2.43 52.59 -13.08
C TRP B 340 2.52 54.07 -12.86
N ILE B 341 3.67 54.55 -12.41
CA ILE B 341 3.79 55.93 -12.02
C ILE B 341 3.54 56.83 -13.23
N GLY B 342 4.25 56.57 -14.32
CA GLY B 342 4.09 57.38 -15.51
C GLY B 342 2.70 57.27 -16.09
N GLY B 343 2.09 56.09 -15.97
CA GLY B 343 0.69 55.99 -16.39
C GLY B 343 -0.21 56.85 -15.54
N SER B 344 -0.03 56.77 -14.22
CA SER B 344 -0.74 57.68 -13.33
C SER B 344 -0.56 59.03 -13.98
N ILE B 345 0.69 59.45 -14.13
CA ILE B 345 0.96 60.75 -14.73
C ILE B 345 0.12 61.09 -15.94
N LEU B 346 0.38 60.38 -17.03
CA LEU B 346 -0.30 60.64 -18.29
C LEU B 346 -1.78 60.72 -18.08
N ALA B 347 -2.37 59.63 -17.62
CA ALA B 347 -3.81 59.66 -17.37
C ALA B 347 -4.15 60.85 -16.50
N SER B 348 -3.46 60.96 -15.37
CA SER B 348 -3.58 62.11 -14.51
C SER B 348 -3.24 63.41 -15.24
N LEU B 349 -2.65 63.32 -16.43
CA LEU B 349 -2.33 64.53 -17.15
C LEU B 349 -3.60 65.21 -17.64
N SER B 350 -4.09 66.16 -16.85
CA SER B 350 -5.37 66.79 -17.10
C SER B 350 -5.47 67.58 -18.40
N THR B 351 -4.36 67.69 -19.11
CA THR B 351 -4.36 68.54 -20.28
C THR B 351 -4.60 67.51 -21.37
N PHE B 352 -4.94 66.28 -20.97
CA PHE B 352 -4.89 65.16 -21.90
C PHE B 352 -6.15 64.31 -21.92
N GLN B 353 -7.20 64.71 -21.21
CA GLN B 353 -8.36 63.82 -21.16
C GLN B 353 -8.98 63.62 -22.53
N GLN B 354 -8.65 64.47 -23.49
CA GLN B 354 -9.19 64.28 -24.84
C GLN B 354 -8.95 62.88 -25.37
N MET B 355 -7.88 62.22 -24.97
CA MET B 355 -7.53 60.94 -25.56
C MET B 355 -8.42 59.80 -25.10
N TRP B 356 -8.89 59.81 -23.86
CA TRP B 356 -9.58 58.64 -23.34
C TRP B 356 -10.66 58.10 -24.26
N ILE B 357 -10.77 56.78 -24.22
CA ILE B 357 -11.67 55.98 -25.04
C ILE B 357 -13.07 56.23 -24.53
N SER B 358 -13.86 57.01 -25.27
CA SER B 358 -15.21 57.24 -24.82
C SER B 358 -16.11 56.11 -25.29
N LYS B 359 -17.05 55.73 -24.43
CA LYS B 359 -18.09 54.81 -24.86
C LYS B 359 -18.54 55.13 -26.26
N GLN B 360 -19.04 56.35 -26.47
CA GLN B 360 -19.61 56.72 -27.75
C GLN B 360 -18.62 56.47 -28.88
N GLU B 361 -17.47 57.14 -28.83
CA GLU B 361 -16.50 57.02 -29.91
C GLU B 361 -16.42 55.58 -30.38
N TYR B 362 -16.15 54.65 -29.47
CA TYR B 362 -16.30 53.26 -29.80
C TYR B 362 -17.63 52.77 -30.35
N ASP B 363 -18.68 53.54 -30.09
CA ASP B 363 -20.03 53.07 -30.31
C ASP B 363 -20.21 53.34 -31.79
N GLU B 364 -19.94 54.57 -32.18
CA GLU B 364 -20.04 54.94 -33.59
C GLU B 364 -19.07 54.13 -34.42
N ALA B 365 -17.84 53.99 -33.95
CA ALA B 365 -16.83 53.28 -34.73
C ALA B 365 -16.56 51.89 -34.18
N GLY B 366 -17.45 51.36 -33.36
CA GLY B 366 -17.21 50.09 -32.74
C GLY B 366 -15.85 50.10 -32.10
N PRO B 367 -15.23 48.93 -31.98
CA PRO B 367 -13.88 48.88 -31.42
C PRO B 367 -12.83 49.35 -32.41
N SER B 368 -12.96 48.92 -33.66
CA SER B 368 -12.00 49.28 -34.68
C SER B 368 -11.61 50.75 -34.58
N ILE B 369 -12.53 51.60 -34.13
CA ILE B 369 -12.18 52.98 -33.84
C ILE B 369 -10.82 53.06 -33.20
N VAL B 370 -10.62 52.27 -32.16
CA VAL B 370 -9.48 52.38 -31.27
C VAL B 370 -8.30 52.69 -32.16
N HIS B 371 -8.15 51.93 -33.24
CA HIS B 371 -6.83 51.85 -33.85
C HIS B 371 -6.23 53.13 -34.41
N ARG B 372 -6.83 53.66 -35.46
CA ARG B 372 -6.25 54.82 -36.08
C ARG B 372 -6.40 56.04 -35.18
N LYS B 373 -5.36 56.84 -35.14
CA LYS B 373 -5.39 58.14 -34.48
C LYS B 373 -5.82 57.99 -33.04
N CYS B 374 -5.80 56.78 -32.53
CA CYS B 374 -6.15 56.55 -31.14
C CYS B 374 -5.63 55.19 -30.74
N PHE B 375 -5.40 55.04 -29.44
CA PHE B 375 -5.20 53.77 -28.74
C PHE B 375 -5.39 54.04 -27.26
N ASP C 1 43.09 -14.07 -20.90
CA ASP C 1 43.44 -15.22 -21.71
C ASP C 1 42.95 -15.05 -23.14
N ASP C 2 42.95 -13.81 -23.63
CA ASP C 2 42.47 -13.50 -24.97
C ASP C 2 43.10 -12.19 -25.41
N GLU C 3 42.54 -11.57 -26.44
CA GLU C 3 43.07 -10.32 -26.97
C GLU C 3 42.70 -9.15 -26.09
N GLU C 4 42.88 -7.92 -26.60
CA GLU C 4 42.93 -6.72 -25.78
C GLU C 4 41.86 -6.69 -24.69
N THR C 5 40.58 -6.64 -25.07
CA THR C 5 39.50 -6.68 -24.09
C THR C 5 38.18 -6.56 -24.82
N THR C 6 37.11 -6.80 -24.07
CA THR C 6 35.77 -6.44 -24.47
C THR C 6 35.22 -5.45 -23.46
N ALA C 7 34.83 -4.29 -23.94
CA ALA C 7 34.16 -3.37 -23.05
C ALA C 7 33.00 -4.07 -22.38
N LEU C 8 32.55 -3.49 -21.29
CA LEU C 8 31.61 -4.16 -20.42
C LEU C 8 30.43 -3.30 -20.81
N VAL C 9 29.32 -3.95 -21.17
CA VAL C 9 28.16 -3.19 -21.62
C VAL C 9 27.25 -3.57 -20.48
N CYS C 10 27.34 -2.79 -19.40
CA CYS C 10 26.60 -3.02 -18.17
C CYS C 10 25.45 -2.02 -18.10
N ASP C 11 24.24 -2.53 -17.95
CA ASP C 11 23.04 -1.70 -18.05
C ASP C 11 21.98 -1.89 -16.97
N ASN C 12 22.10 -1.11 -15.90
CA ASN C 12 21.13 -1.12 -14.83
C ASN C 12 19.70 -0.75 -15.21
N GLY C 13 19.10 -1.50 -16.13
CA GLY C 13 17.75 -1.21 -16.58
C GLY C 13 16.91 -0.77 -15.40
N SER C 14 16.26 0.37 -15.52
CA SER C 14 15.79 1.10 -14.34
C SER C 14 15.23 0.16 -13.29
N GLY C 15 14.63 -0.94 -13.71
CA GLY C 15 14.18 -1.96 -12.78
C GLY C 15 15.22 -3.04 -12.55
N LEU C 16 15.88 -3.49 -13.61
CA LEU C 16 16.87 -4.54 -13.50
C LEU C 16 18.20 -3.99 -14.00
N VAL C 17 19.26 -4.47 -13.44
CA VAL C 17 20.57 -4.20 -14.00
C VAL C 17 20.83 -5.32 -14.99
N LYS C 18 21.39 -4.95 -16.13
CA LYS C 18 21.58 -5.88 -17.23
C LYS C 18 22.92 -5.59 -17.87
N ALA C 19 23.32 -6.45 -18.80
CA ALA C 19 24.66 -6.23 -19.36
C ALA C 19 25.07 -7.38 -20.24
N GLY C 20 25.95 -7.08 -21.18
CA GLY C 20 26.67 -8.06 -21.95
C GLY C 20 28.10 -7.57 -22.11
N PHE C 21 28.54 -7.52 -23.35
CA PHE C 21 29.80 -6.89 -23.72
C PHE C 21 29.61 -5.98 -24.92
N ALA C 22 30.66 -5.25 -25.24
CA ALA C 22 30.75 -4.59 -26.52
C ALA C 22 30.57 -5.63 -27.62
N GLY C 23 29.86 -5.25 -28.68
CA GLY C 23 29.57 -6.18 -29.75
C GLY C 23 28.69 -7.34 -29.33
N ASP C 24 28.37 -7.48 -28.05
CA ASP C 24 27.46 -8.54 -27.65
C ASP C 24 26.12 -8.35 -28.32
N ASP C 25 25.26 -9.33 -28.15
CA ASP C 25 23.96 -9.33 -28.77
C ASP C 25 22.83 -9.48 -27.77
N ALA C 26 23.12 -9.97 -26.56
CA ALA C 26 22.11 -10.16 -25.56
C ALA C 26 22.74 -9.84 -24.23
N PRO C 27 22.18 -8.92 -23.47
CA PRO C 27 22.70 -8.65 -22.16
C PRO C 27 22.64 -9.92 -21.35
N ARG C 28 23.81 -10.51 -21.14
CA ARG C 28 23.86 -11.73 -20.36
C ARG C 28 23.48 -11.50 -18.90
N ALA C 29 23.40 -10.24 -18.46
CA ALA C 29 22.96 -9.90 -17.12
C ALA C 29 21.57 -9.29 -17.21
N VAL C 30 20.63 -9.83 -16.42
CA VAL C 30 19.31 -9.24 -16.27
C VAL C 30 18.73 -9.63 -14.92
N PHE C 31 18.43 -8.67 -14.07
CA PHE C 31 17.82 -9.09 -12.82
C PHE C 31 17.44 -7.93 -11.90
N PRO C 32 16.66 -8.20 -10.86
CA PRO C 32 16.01 -7.11 -10.11
C PRO C 32 17.01 -6.21 -9.42
N SER C 33 16.63 -4.94 -9.29
CA SER C 33 17.44 -3.92 -8.63
C SER C 33 17.02 -3.73 -7.18
N ILE C 34 16.87 -4.83 -6.47
CA ILE C 34 16.33 -4.81 -5.11
C ILE C 34 17.32 -5.39 -4.12
N VAL C 35 17.09 -5.06 -2.87
CA VAL C 35 17.77 -5.67 -1.74
C VAL C 35 16.72 -6.25 -0.82
N GLY C 36 17.08 -7.29 -0.08
CA GLY C 36 16.08 -8.06 0.62
C GLY C 36 16.43 -8.38 2.05
N ARG C 37 15.53 -8.10 2.98
CA ARG C 37 15.74 -8.36 4.38
C ARG C 37 14.73 -9.30 5.02
N PRO C 38 15.12 -10.53 5.36
CA PRO C 38 14.27 -11.36 6.20
C PRO C 38 13.92 -10.67 7.51
N ARG C 39 12.92 -11.19 8.20
CA ARG C 39 12.56 -10.61 9.49
C ARG C 39 12.97 -11.50 10.64
N HIS C 40 12.44 -12.71 10.67
CA HIS C 40 12.26 -13.42 11.93
C HIS C 40 13.52 -14.09 12.44
N GLN C 41 14.31 -14.72 11.59
CA GLN C 41 15.39 -15.57 12.05
C GLN C 41 14.88 -16.67 12.98
N GLY C 42 14.12 -17.58 12.40
CA GLY C 42 13.99 -18.86 13.02
C GLY C 42 15.43 -19.27 13.27
N VAL C 43 15.75 -19.68 14.49
CA VAL C 43 17.11 -20.13 14.75
C VAL C 43 17.20 -21.26 13.75
N MET C 44 18.29 -21.29 13.00
CA MET C 44 18.41 -22.19 11.87
C MET C 44 19.83 -22.69 11.95
N VAL C 45 19.97 -24.00 12.03
CA VAL C 45 21.30 -24.56 12.03
C VAL C 45 22.05 -24.01 10.83
N GLY C 46 23.36 -24.08 10.91
CA GLY C 46 24.19 -23.77 9.78
C GLY C 46 23.93 -22.39 9.23
N MET C 47 24.40 -22.19 8.00
CA MET C 47 24.39 -20.86 7.40
C MET C 47 24.17 -21.01 5.91
N GLY C 48 24.55 -20.00 5.14
CA GLY C 48 24.14 -19.88 3.77
C GLY C 48 22.91 -19.03 3.61
N GLN C 49 22.42 -18.45 4.69
CA GLN C 49 21.17 -17.69 4.66
C GLN C 49 21.53 -16.21 4.58
N LYS C 50 21.89 -15.79 3.38
CA LYS C 50 22.37 -14.44 3.22
C LYS C 50 21.31 -13.41 3.58
N ASP C 51 21.76 -12.34 4.22
CA ASP C 51 20.90 -11.18 4.36
C ASP C 51 20.52 -10.62 3.00
N SER C 52 21.48 -10.48 2.10
CA SER C 52 21.33 -9.59 0.96
C SER C 52 21.91 -10.17 -0.32
N TYR C 53 21.53 -11.39 -0.70
CA TYR C 53 21.87 -11.88 -2.04
C TYR C 53 20.82 -11.56 -3.08
N VAL C 54 20.15 -10.42 -2.97
CA VAL C 54 18.99 -10.20 -3.83
C VAL C 54 19.32 -10.53 -5.27
N GLY C 55 20.18 -9.73 -5.88
CA GLY C 55 20.62 -10.04 -7.22
C GLY C 55 19.47 -10.62 -8.00
N ASP C 56 19.62 -11.88 -8.38
CA ASP C 56 18.55 -12.63 -8.99
C ASP C 56 18.19 -13.88 -8.20
N GLU C 57 18.57 -13.97 -6.93
CA GLU C 57 18.18 -15.15 -6.17
C GLU C 57 17.08 -14.69 -5.22
N ALA C 58 17.26 -13.51 -4.62
CA ALA C 58 16.48 -13.13 -3.46
C ALA C 58 14.99 -13.13 -3.69
N GLN C 59 14.56 -13.14 -4.96
CA GLN C 59 13.13 -13.18 -5.17
C GLN C 59 12.76 -14.61 -4.86
N SER C 60 13.71 -15.52 -5.01
CA SER C 60 13.52 -16.83 -4.39
C SER C 60 13.28 -16.64 -2.90
N LYS C 61 13.97 -15.69 -2.29
CA LYS C 61 13.78 -15.42 -0.89
C LYS C 61 12.70 -14.37 -0.68
N ARG C 62 11.81 -14.21 -1.66
CA ARG C 62 10.85 -13.14 -1.49
C ARG C 62 10.04 -13.44 -0.23
N GLY C 63 9.31 -12.43 0.22
CA GLY C 63 8.54 -12.49 1.44
C GLY C 63 9.39 -12.19 2.66
N ILE C 64 10.15 -13.18 3.14
CA ILE C 64 11.00 -12.93 4.29
C ILE C 64 12.05 -11.87 4.02
N LEU C 65 12.57 -11.84 2.81
CA LEU C 65 13.52 -10.81 2.42
C LEU C 65 12.67 -9.69 1.84
N THR C 66 12.95 -8.46 2.26
CA THR C 66 12.22 -7.32 1.75
C THR C 66 12.85 -6.81 0.46
N LEU C 67 12.51 -5.59 0.05
CA LEU C 67 12.90 -5.06 -1.25
C LEU C 67 13.66 -3.75 -1.08
N LYS C 68 14.72 -3.59 -1.87
CA LYS C 68 15.45 -2.33 -1.87
C LYS C 68 16.06 -2.05 -3.23
N TYR C 69 15.53 -1.05 -3.93
CA TYR C 69 16.27 -0.41 -5.00
C TYR C 69 17.23 0.59 -4.40
N PRO C 70 18.47 0.71 -4.89
CA PRO C 70 19.28 1.90 -4.53
C PRO C 70 18.82 3.08 -5.35
N ILE C 71 18.63 2.91 -6.66
CA ILE C 71 18.31 3.96 -7.61
C ILE C 71 16.81 4.03 -7.72
N GLU C 72 16.17 4.16 -6.57
CA GLU C 72 14.80 3.79 -6.31
C GLU C 72 13.99 4.59 -7.32
N HIS C 73 14.23 5.89 -7.32
CA HIS C 73 13.59 6.81 -8.25
C HIS C 73 14.48 7.07 -9.45
N GLY C 74 15.16 6.04 -9.92
CA GLY C 74 16.24 6.31 -10.85
C GLY C 74 17.17 7.19 -10.05
N ILE C 75 17.26 6.91 -8.77
CA ILE C 75 17.97 7.74 -7.82
C ILE C 75 18.68 6.80 -6.86
N ILE C 76 19.99 6.66 -7.02
CA ILE C 76 20.69 5.75 -6.12
C ILE C 76 20.75 6.38 -4.74
N THR C 77 19.87 5.92 -3.86
CA THR C 77 19.95 6.35 -2.47
C THR C 77 21.14 5.71 -1.79
N ASN C 78 21.50 4.49 -2.18
CA ASN C 78 22.63 3.83 -1.58
C ASN C 78 23.41 3.06 -2.62
N TRP C 79 24.66 2.76 -2.30
CA TRP C 79 25.62 2.35 -3.30
C TRP C 79 26.45 1.11 -2.99
N ASP C 80 26.58 0.77 -1.71
CA ASP C 80 27.29 -0.43 -1.35
C ASP C 80 26.30 -1.53 -1.66
N ASP C 81 25.03 -1.29 -1.38
CA ASP C 81 23.99 -2.08 -1.98
C ASP C 81 24.29 -2.30 -3.45
N MET C 82 24.28 -1.21 -4.22
CA MET C 82 24.55 -1.32 -5.63
C MET C 82 25.96 -1.79 -5.89
N GLU C 83 26.86 -1.51 -4.95
CA GLU C 83 28.23 -1.96 -5.08
C GLU C 83 28.29 -3.46 -5.21
N LYS C 84 27.92 -4.16 -4.15
CA LYS C 84 27.86 -5.61 -4.21
C LYS C 84 26.89 -6.06 -5.28
N ILE C 85 25.94 -5.21 -5.64
CA ILE C 85 25.13 -5.51 -6.80
C ILE C 85 26.04 -5.74 -8.00
N TRP C 86 26.93 -4.80 -8.23
CA TRP C 86 27.88 -4.95 -9.30
C TRP C 86 28.68 -6.21 -9.10
N HIS C 87 29.29 -6.34 -7.93
CA HIS C 87 30.14 -7.50 -7.69
C HIS C 87 29.40 -8.80 -7.99
N HIS C 88 28.22 -8.96 -7.41
CA HIS C 88 27.33 -10.01 -7.84
C HIS C 88 27.40 -10.14 -9.35
N THR C 89 27.19 -9.04 -10.04
CA THR C 89 27.18 -9.10 -11.49
C THR C 89 28.50 -9.77 -11.81
N PHE C 90 29.54 -8.95 -11.77
CA PHE C 90 30.87 -9.21 -12.28
C PHE C 90 31.61 -10.38 -11.70
N TYR C 91 30.90 -11.27 -11.02
CA TYR C 91 31.55 -12.27 -10.20
C TYR C 91 30.67 -13.48 -10.06
N ASN C 92 29.40 -13.36 -10.37
CA ASN C 92 28.47 -14.46 -10.36
C ASN C 92 27.83 -14.66 -11.72
N GLU C 93 27.32 -13.59 -12.30
CA GLU C 93 26.74 -13.65 -13.63
C GLU C 93 27.67 -13.00 -14.64
N LEU C 94 28.25 -11.85 -14.29
CA LEU C 94 29.44 -11.48 -15.02
C LEU C 94 30.63 -12.33 -14.61
N ARG C 95 30.68 -12.74 -13.34
CA ARG C 95 31.72 -13.63 -12.85
C ARG C 95 33.04 -13.30 -13.52
N VAL C 96 33.32 -12.00 -13.65
CA VAL C 96 34.39 -11.50 -14.49
C VAL C 96 35.08 -10.35 -13.80
N ALA C 97 36.38 -10.24 -14.01
CA ALA C 97 37.14 -9.15 -13.41
C ALA C 97 36.83 -7.85 -14.14
N PRO C 98 36.40 -6.82 -13.43
CA PRO C 98 36.29 -5.51 -14.07
C PRO C 98 37.60 -5.02 -14.63
N GLU C 99 38.69 -5.33 -13.95
CA GLU C 99 39.93 -4.61 -14.12
C GLU C 99 40.44 -4.65 -15.55
N GLU C 100 40.01 -5.64 -16.32
CA GLU C 100 40.60 -5.88 -17.63
C GLU C 100 39.60 -5.69 -18.77
N HIS C 101 38.33 -5.40 -18.47
CA HIS C 101 37.37 -5.16 -19.52
C HIS C 101 36.77 -3.76 -19.38
N PRO C 102 36.81 -2.96 -20.43
CA PRO C 102 36.27 -1.61 -20.33
C PRO C 102 34.80 -1.70 -20.01
N THR C 103 34.17 -0.56 -19.88
CA THR C 103 32.72 -0.55 -19.70
C THR C 103 32.24 0.86 -19.96
N LEU C 104 31.13 0.95 -20.68
CA LEU C 104 30.36 2.18 -20.78
C LEU C 104 29.31 2.16 -19.68
N LEU C 105 28.90 3.35 -19.25
CA LEU C 105 28.01 3.47 -18.11
C LEU C 105 26.65 4.14 -18.29
N THR C 106 25.61 3.32 -18.25
CA THR C 106 24.23 3.74 -18.45
C THR C 106 23.67 4.69 -17.41
N GLU C 107 23.12 5.83 -17.85
CA GLU C 107 22.57 6.79 -16.91
C GLU C 107 21.51 7.67 -17.53
N ALA C 108 20.44 7.84 -16.83
CA ALA C 108 19.51 8.87 -17.25
C ALA C 108 19.93 10.26 -16.80
N PRO C 109 19.46 11.29 -17.49
CA PRO C 109 19.72 12.66 -17.05
C PRO C 109 19.14 12.90 -15.68
N LEU C 110 19.33 14.12 -15.21
CA LEU C 110 18.77 14.62 -13.96
C LEU C 110 19.60 14.19 -12.76
N ASN C 111 20.74 13.58 -12.96
CA ASN C 111 21.52 13.09 -11.83
C ASN C 111 22.36 14.24 -11.31
N PRO C 112 22.44 14.43 -10.01
CA PRO C 112 23.46 15.32 -9.47
C PRO C 112 24.79 14.59 -9.62
N LYS C 113 25.82 15.37 -9.91
CA LYS C 113 27.02 14.85 -10.52
C LYS C 113 27.69 13.80 -9.63
N ALA C 114 27.76 14.09 -8.33
CA ALA C 114 28.54 13.24 -7.45
C ALA C 114 28.10 11.80 -7.53
N ASN C 115 26.83 11.55 -7.83
CA ASN C 115 26.43 10.19 -8.09
C ASN C 115 27.43 9.52 -9.01
N ARG C 116 27.58 10.07 -10.20
CA ARG C 116 28.54 9.51 -11.13
C ARG C 116 29.95 9.66 -10.61
N GLU C 117 30.29 10.80 -10.03
CA GLU C 117 31.63 10.94 -9.48
C GLU C 117 32.01 9.68 -8.70
N LYS C 118 31.25 9.41 -7.64
CA LYS C 118 31.50 8.30 -6.76
C LYS C 118 31.47 6.98 -7.52
N MET C 119 30.40 6.75 -8.27
CA MET C 119 30.33 5.49 -8.99
C MET C 119 31.60 5.29 -9.77
N THR C 120 32.05 6.34 -10.44
CA THR C 120 33.23 6.27 -11.27
C THR C 120 34.45 5.85 -10.46
N GLN C 121 34.83 6.66 -9.49
CA GLN C 121 36.10 6.33 -8.85
C GLN C 121 36.01 4.92 -8.32
N ILE C 122 34.95 4.65 -7.57
CA ILE C 122 34.86 3.36 -6.90
C ILE C 122 34.91 2.25 -7.93
N MET C 123 34.36 2.49 -9.11
CA MET C 123 34.46 1.49 -10.15
C MET C 123 35.89 1.34 -10.67
N PHE C 124 36.73 2.33 -10.44
CA PHE C 124 38.13 2.14 -10.78
C PHE C 124 38.90 1.46 -9.64
N GLU C 125 38.39 1.53 -8.42
CA GLU C 125 39.27 1.16 -7.30
C GLU C 125 38.80 -0.26 -7.00
N THR C 126 37.54 -0.39 -6.61
CA THR C 126 36.97 -1.70 -6.41
C THR C 126 37.11 -2.53 -7.67
N PHE C 127 37.24 -1.87 -8.81
CA PHE C 127 37.07 -2.56 -10.08
C PHE C 127 38.27 -2.51 -10.99
N ASN C 128 39.01 -1.41 -10.98
CA ASN C 128 40.23 -1.33 -11.76
C ASN C 128 40.02 -1.79 -13.18
N VAL C 129 38.79 -1.70 -13.66
CA VAL C 129 38.50 -2.00 -15.06
C VAL C 129 39.57 -1.31 -15.86
N PRO C 130 39.86 -1.77 -17.08
CA PRO C 130 40.87 -1.06 -17.87
C PRO C 130 40.55 0.41 -17.99
N ALA C 131 39.27 0.72 -18.18
CA ALA C 131 38.76 2.07 -18.12
C ALA C 131 37.25 1.97 -18.27
N MET C 132 36.56 2.94 -17.70
CA MET C 132 35.12 2.97 -17.79
C MET C 132 34.65 3.96 -18.82
N TYR C 133 33.38 4.33 -18.71
CA TYR C 133 32.84 5.42 -19.49
C TYR C 133 31.41 5.44 -18.99
N VAL C 134 30.68 6.53 -19.24
CA VAL C 134 29.33 6.61 -18.73
C VAL C 134 28.62 7.11 -19.99
N ALA C 135 27.31 6.89 -20.02
CA ALA C 135 26.51 7.37 -21.13
C ALA C 135 25.05 7.39 -20.72
N ILE C 136 24.36 8.47 -21.08
CA ILE C 136 22.95 8.54 -20.74
C ILE C 136 22.20 7.38 -21.35
N GLN C 137 21.66 6.54 -20.47
CA GLN C 137 20.62 5.60 -20.88
C GLN C 137 19.76 6.19 -21.98
N ALA C 138 19.32 7.44 -21.80
CA ALA C 138 18.51 8.06 -22.85
C ALA C 138 19.27 8.06 -24.16
N VAL C 139 20.46 8.64 -24.16
CA VAL C 139 21.25 8.71 -25.38
C VAL C 139 21.54 7.31 -25.89
N LEU C 140 21.76 6.39 -24.97
CA LEU C 140 22.13 5.03 -25.34
C LEU C 140 21.02 4.22 -25.99
N SER C 141 19.79 4.64 -25.77
CA SER C 141 18.69 4.09 -26.55
C SER C 141 18.72 4.91 -27.83
N LEU C 142 19.06 6.19 -27.71
CA LEU C 142 19.01 7.05 -28.87
C LEU C 142 19.77 6.44 -30.03
N TYR C 143 21.07 6.25 -29.86
CA TYR C 143 21.79 5.53 -30.89
C TYR C 143 21.05 4.49 -30.08
N ALA C 144 20.45 3.51 -30.76
CA ALA C 144 19.92 2.35 -30.09
C ALA C 144 18.73 2.60 -31.00
N SER C 145 18.38 3.85 -31.22
CA SER C 145 17.37 4.16 -32.23
C SER C 145 18.01 4.15 -33.61
N GLY C 146 19.03 4.98 -33.81
CA GLY C 146 19.74 4.99 -35.06
C GLY C 146 19.00 5.90 -36.00
N ARG C 147 17.79 6.31 -35.66
CA ARG C 147 17.14 7.40 -36.36
C ARG C 147 17.63 8.70 -35.74
N THR C 148 18.86 9.07 -36.11
CA THR C 148 19.55 10.16 -35.44
C THR C 148 18.69 11.41 -35.31
N THR C 149 17.66 11.55 -36.14
CA THR C 149 16.73 12.65 -36.03
C THR C 149 15.50 12.16 -35.29
N GLY C 150 14.67 13.09 -34.83
CA GLY C 150 13.49 12.76 -34.07
C GLY C 150 13.62 12.52 -32.58
N ILE C 151 12.53 12.72 -31.85
CA ILE C 151 12.48 12.40 -30.43
C ILE C 151 12.35 10.91 -30.24
N VAL C 152 12.69 10.44 -29.06
CA VAL C 152 12.32 9.09 -28.63
C VAL C 152 11.59 9.21 -27.31
N LEU C 153 10.53 8.41 -27.17
CA LEU C 153 9.79 8.35 -25.92
C LEU C 153 10.18 7.25 -24.93
N ASP C 154 11.23 7.51 -24.16
CA ASP C 154 11.76 6.54 -23.21
C ASP C 154 10.94 6.34 -21.96
N SER C 155 10.00 5.41 -22.02
CA SER C 155 9.25 4.97 -20.84
C SER C 155 9.57 3.50 -20.67
N GLY C 156 10.69 3.22 -20.01
CA GLY C 156 11.28 1.90 -20.14
C GLY C 156 11.18 1.01 -18.93
N ASP C 157 12.34 0.56 -18.46
CA ASP C 157 12.36 -0.34 -17.32
C ASP C 157 11.46 0.20 -16.22
N GLY C 158 11.74 1.42 -15.79
CA GLY C 158 10.85 2.19 -14.93
C GLY C 158 10.96 3.68 -15.18
N VAL C 159 11.48 4.06 -16.35
CA VAL C 159 11.92 5.43 -16.60
C VAL C 159 10.94 6.11 -17.54
N THR C 160 11.15 7.41 -17.76
CA THR C 160 10.34 8.14 -18.72
C THR C 160 11.00 9.47 -19.07
N HIS C 161 11.33 9.63 -20.34
CA HIS C 161 11.75 10.92 -20.88
C HIS C 161 11.20 11.04 -22.29
N ASN C 162 11.23 12.27 -22.79
CA ASN C 162 11.14 12.52 -24.22
C ASN C 162 12.52 12.90 -24.72
N VAL C 163 12.90 12.37 -25.87
CA VAL C 163 14.26 12.59 -26.34
C VAL C 163 14.25 13.15 -27.75
N PRO C 164 13.89 14.41 -27.92
CA PRO C 164 13.93 15.01 -29.25
C PRO C 164 15.34 14.90 -29.80
N ILE C 165 15.44 14.51 -31.07
CA ILE C 165 16.75 14.27 -31.66
C ILE C 165 16.64 14.75 -33.10
N TYR C 166 17.75 14.62 -33.83
CA TYR C 166 17.84 15.27 -35.14
C TYR C 166 19.22 14.94 -35.68
N GLU C 167 19.31 13.88 -36.47
CA GLU C 167 20.59 13.29 -36.87
C GLU C 167 21.58 13.37 -35.71
N GLY C 168 21.18 12.81 -34.58
CA GLY C 168 21.97 12.90 -33.38
C GLY C 168 21.73 14.16 -32.60
N TYR C 169 20.98 15.09 -33.16
CA TYR C 169 20.82 16.41 -32.58
C TYR C 169 19.56 16.45 -31.74
N ALA C 170 19.73 16.62 -30.43
CA ALA C 170 18.66 16.64 -29.45
C ALA C 170 18.67 17.96 -28.70
N LEU C 171 17.49 18.45 -28.35
CA LEU C 171 17.41 19.67 -27.57
C LEU C 171 17.11 19.34 -26.12
N PRO C 172 18.08 19.45 -25.22
CA PRO C 172 17.78 19.19 -23.81
C PRO C 172 16.69 20.10 -23.31
N HIS C 173 16.68 21.35 -23.77
CA HIS C 173 15.63 22.26 -23.37
C HIS C 173 14.27 21.64 -23.55
N ALA C 174 14.01 21.12 -24.74
CA ALA C 174 12.76 20.44 -25.01
C ALA C 174 12.67 19.08 -24.35
N ILE C 175 13.75 18.57 -23.78
CA ILE C 175 13.80 17.21 -23.27
C ILE C 175 13.23 17.18 -21.85
N MET C 176 12.58 16.07 -21.51
CA MET C 176 11.79 15.99 -20.28
C MET C 176 11.78 14.56 -19.73
N ARG C 177 11.34 14.45 -18.48
CA ARG C 177 11.08 13.17 -17.81
C ARG C 177 9.61 13.11 -17.40
N LEU C 178 9.08 11.90 -17.34
CA LEU C 178 7.83 11.65 -16.66
C LEU C 178 8.08 10.70 -15.51
N ASP C 179 7.96 11.22 -14.29
CA ASP C 179 8.28 10.42 -13.12
C ASP C 179 7.67 9.04 -13.18
N LEU C 180 6.64 8.85 -13.99
CA LEU C 180 5.95 7.57 -14.03
C LEU C 180 6.94 6.43 -14.18
N ALA C 181 6.68 5.37 -13.42
CA ALA C 181 7.40 4.11 -13.56
C ALA C 181 6.32 3.05 -13.65
N GLY C 182 6.67 1.92 -14.26
CA GLY C 182 5.76 0.79 -14.27
C GLY C 182 5.48 0.40 -12.84
N ARG C 183 6.47 0.60 -11.97
CA ARG C 183 6.22 0.60 -10.54
C ARG C 183 5.07 1.50 -10.16
N ASP C 184 4.98 2.68 -10.76
CA ASP C 184 3.89 3.57 -10.39
C ASP C 184 2.55 2.95 -10.74
N LEU C 185 2.46 2.40 -11.94
CA LEU C 185 1.25 1.76 -12.36
C LEU C 185 0.94 0.61 -11.42
N THR C 186 1.94 -0.22 -11.17
CA THR C 186 1.93 -1.15 -10.06
C THR C 186 1.17 -0.57 -8.89
N ASP C 187 1.56 0.61 -8.50
CA ASP C 187 0.96 1.24 -7.35
C ASP C 187 -0.54 1.30 -7.54
N TYR C 188 -0.97 2.10 -8.50
CA TYR C 188 -2.40 2.31 -8.62
C TYR C 188 -3.13 0.98 -8.71
N LEU C 189 -2.49 0.01 -9.34
CA LEU C 189 -3.07 -1.32 -9.37
C LEU C 189 -3.31 -1.85 -7.98
N MET C 190 -2.30 -1.78 -7.14
CA MET C 190 -2.50 -2.24 -5.78
C MET C 190 -3.68 -1.50 -5.19
N LYS C 191 -3.64 -0.18 -5.31
CA LYS C 191 -4.73 0.66 -4.84
C LYS C 191 -6.06 0.02 -5.21
N ILE C 192 -6.29 -0.13 -6.50
CA ILE C 192 -7.58 -0.54 -7.00
C ILE C 192 -7.90 -1.94 -6.55
N LEU C 193 -7.12 -2.92 -7.00
CA LEU C 193 -7.48 -4.30 -6.73
C LEU C 193 -7.72 -4.52 -5.26
N THR C 194 -6.81 -4.04 -4.41
CA THR C 194 -6.96 -4.21 -2.98
C THR C 194 -8.30 -3.62 -2.54
N GLU C 195 -8.48 -2.31 -2.72
CA GLU C 195 -9.74 -1.70 -2.30
C GLU C 195 -10.92 -2.43 -2.92
N ARG C 196 -10.75 -2.93 -4.14
CA ARG C 196 -11.76 -3.66 -4.87
C ARG C 196 -12.00 -5.05 -4.35
N GLY C 197 -11.45 -5.39 -3.20
CA GLY C 197 -11.75 -6.70 -2.65
C GLY C 197 -10.50 -7.50 -2.41
N TYR C 198 -9.37 -6.81 -2.26
CA TYR C 198 -8.12 -7.54 -2.23
C TYR C 198 -7.23 -6.91 -1.16
N SER C 199 -6.27 -7.69 -0.67
CA SER C 199 -5.38 -7.24 0.40
C SER C 199 -3.95 -7.43 -0.06
N PHE C 200 -3.45 -6.48 -0.84
CA PHE C 200 -2.29 -6.73 -1.69
C PHE C 200 -1.26 -5.63 -1.49
N VAL C 201 -0.32 -5.87 -0.57
CA VAL C 201 0.62 -4.83 -0.18
C VAL C 201 2.05 -5.35 -0.20
N THR C 202 2.20 -6.66 -0.14
CA THR C 202 3.50 -7.18 0.26
C THR C 202 4.48 -7.08 -0.89
N THR C 203 5.76 -7.00 -0.52
CA THR C 203 6.80 -6.74 -1.51
C THR C 203 6.62 -7.62 -2.73
N ALA C 204 6.76 -8.93 -2.56
CA ALA C 204 6.52 -9.82 -3.68
C ALA C 204 5.06 -9.79 -4.08
N GLU C 205 4.19 -9.29 -3.21
CA GLU C 205 2.83 -9.02 -3.67
C GLU C 205 2.88 -8.02 -4.79
N ARG C 206 3.67 -6.97 -4.58
CA ARG C 206 4.01 -6.06 -5.66
C ARG C 206 4.66 -6.82 -6.80
N GLU C 207 5.43 -7.85 -6.48
CA GLU C 207 6.03 -8.65 -7.53
C GLU C 207 4.98 -9.23 -8.44
N ILE C 208 4.01 -9.90 -7.84
CA ILE C 208 2.95 -10.53 -8.59
C ILE C 208 2.24 -9.49 -9.42
N VAL C 209 1.95 -8.34 -8.81
CA VAL C 209 1.15 -7.36 -9.51
C VAL C 209 1.89 -6.83 -10.73
N ARG C 210 3.18 -6.55 -10.58
CA ARG C 210 3.96 -6.11 -11.72
C ARG C 210 3.98 -7.18 -12.78
N ASP C 211 4.12 -8.42 -12.36
CA ASP C 211 3.99 -9.51 -13.32
C ASP C 211 2.66 -9.40 -14.03
N ILE C 212 1.62 -9.11 -13.27
CA ILE C 212 0.27 -9.05 -13.79
C ILE C 212 0.22 -8.02 -14.90
N LYS C 213 0.71 -6.83 -14.62
CA LYS C 213 0.71 -5.80 -15.64
C LYS C 213 1.47 -6.28 -16.87
N GLU C 214 2.69 -6.74 -16.66
CA GLU C 214 3.56 -7.00 -17.79
C GLU C 214 3.11 -8.23 -18.56
N LYS C 215 2.17 -9.00 -18.03
CA LYS C 215 1.64 -10.13 -18.76
C LYS C 215 0.25 -9.90 -19.32
N LEU C 216 -0.58 -9.20 -18.63
CA LEU C 216 -1.98 -9.11 -19.00
C LEU C 216 -2.48 -7.69 -19.09
N CYS C 217 -2.07 -6.83 -18.17
CA CYS C 217 -2.58 -5.47 -18.17
C CYS C 217 -2.21 -4.76 -19.45
N TYR C 218 -3.16 -4.00 -19.97
CA TYR C 218 -3.06 -3.41 -21.30
C TYR C 218 -3.65 -2.02 -21.23
N VAL C 219 -3.99 -1.48 -22.40
CA VAL C 219 -4.87 -0.34 -22.51
C VAL C 219 -5.64 -0.42 -23.83
N ALA C 220 -6.89 0.04 -23.80
CA ALA C 220 -7.65 0.26 -25.01
C ALA C 220 -7.48 1.69 -25.48
N LEU C 221 -7.30 1.84 -26.79
CA LEU C 221 -7.17 3.15 -27.40
C LEU C 221 -8.10 4.16 -26.74
N ASP C 222 -9.39 3.92 -26.83
CA ASP C 222 -10.39 4.82 -26.26
C ASP C 222 -10.63 4.47 -24.81
N PHE C 223 -11.35 5.37 -24.14
CA PHE C 223 -11.76 5.20 -22.77
C PHE C 223 -13.23 5.22 -22.39
N GLU C 224 -14.02 6.05 -23.06
CA GLU C 224 -15.30 6.44 -22.49
C GLU C 224 -16.27 5.47 -23.13
N ASN C 225 -16.27 5.41 -24.46
CA ASN C 225 -16.92 4.28 -25.11
C ASN C 225 -16.24 2.99 -24.70
N GLU C 226 -14.92 3.03 -24.61
CA GLU C 226 -14.20 1.91 -24.00
C GLU C 226 -14.51 1.76 -22.52
N MET C 227 -15.21 2.73 -21.94
CA MET C 227 -15.64 2.62 -20.56
C MET C 227 -16.95 1.86 -20.62
N ALA C 228 -17.83 2.23 -21.54
CA ALA C 228 -19.09 1.50 -21.64
C ALA C 228 -18.82 0.05 -21.94
N THR C 229 -17.92 -0.20 -22.90
CA THR C 229 -17.46 -1.56 -23.14
C THR C 229 -17.16 -2.25 -21.82
N ALA C 230 -16.31 -1.62 -21.02
CA ALA C 230 -16.01 -2.15 -19.70
C ALA C 230 -17.29 -2.39 -18.91
N ALA C 231 -18.30 -1.56 -19.16
CA ALA C 231 -19.50 -1.61 -18.34
C ALA C 231 -20.10 -3.00 -18.31
N SER C 232 -19.97 -3.77 -19.39
CA SER C 232 -20.44 -5.15 -19.38
C SER C 232 -19.53 -6.12 -20.12
N SER C 233 -18.47 -5.65 -20.77
CA SER C 233 -17.71 -6.50 -21.67
C SER C 233 -17.16 -7.67 -20.88
N SER C 234 -17.73 -8.85 -21.10
CA SER C 234 -17.34 -10.02 -20.33
C SER C 234 -15.98 -10.55 -20.74
N SER C 235 -15.58 -10.36 -22.00
CA SER C 235 -14.32 -10.93 -22.47
C SER C 235 -13.17 -10.53 -21.58
N LEU C 236 -13.02 -9.22 -21.33
CA LEU C 236 -12.03 -8.75 -20.39
C LEU C 236 -12.24 -9.49 -19.09
N GLU C 237 -13.49 -9.62 -18.65
CA GLU C 237 -13.81 -10.10 -17.31
C GLU C 237 -13.19 -11.46 -16.99
N LYS C 238 -11.87 -11.45 -16.91
CA LYS C 238 -11.08 -12.67 -16.81
C LYS C 238 -10.25 -12.66 -15.53
N SER C 239 -10.34 -13.75 -14.79
CA SER C 239 -9.57 -13.95 -13.59
C SER C 239 -8.26 -14.65 -13.92
N TYR C 240 -7.17 -14.15 -13.38
CA TYR C 240 -5.90 -14.80 -13.56
C TYR C 240 -5.27 -15.41 -12.33
N GLU C 241 -4.99 -16.71 -12.42
CA GLU C 241 -4.33 -17.44 -11.36
C GLU C 241 -3.40 -16.56 -10.55
N LEU C 242 -3.77 -16.29 -9.33
CA LEU C 242 -2.86 -15.64 -8.41
C LEU C 242 -1.76 -16.65 -8.07
N PRO C 243 -0.49 -16.25 -8.13
CA PRO C 243 0.59 -17.23 -8.00
C PRO C 243 0.64 -17.90 -6.65
N ASP C 244 -0.15 -17.46 -5.68
CA ASP C 244 -0.44 -18.35 -4.57
C ASP C 244 -0.93 -19.62 -5.25
N GLY C 245 -1.84 -19.47 -6.21
CA GLY C 245 -2.63 -20.56 -6.74
C GLY C 245 -4.03 -20.03 -6.94
N GLN C 246 -4.41 -18.99 -6.19
CA GLN C 246 -5.62 -18.27 -6.48
C GLN C 246 -5.66 -18.00 -7.98
N VAL C 247 -6.78 -17.49 -8.46
CA VAL C 247 -6.89 -17.04 -9.84
C VAL C 247 -7.47 -15.64 -9.71
N ILE C 248 -6.58 -14.66 -9.58
CA ILE C 248 -7.01 -13.28 -9.45
C ILE C 248 -7.85 -12.75 -10.60
N THR C 249 -9.15 -12.63 -10.38
CA THR C 249 -10.01 -12.06 -11.41
C THR C 249 -9.65 -10.67 -11.90
N ILE C 250 -9.89 -10.42 -13.18
CA ILE C 250 -9.46 -9.16 -13.79
C ILE C 250 -10.54 -8.64 -14.71
N GLY C 251 -10.76 -7.34 -14.65
CA GLY C 251 -11.60 -6.62 -15.57
C GLY C 251 -10.97 -5.31 -16.01
N ASN C 252 -11.68 -4.22 -15.74
CA ASN C 252 -11.33 -2.93 -16.29
C ASN C 252 -9.92 -2.50 -15.94
N GLU C 253 -9.39 -2.99 -14.83
CA GLU C 253 -8.05 -2.61 -14.43
C GLU C 253 -7.04 -2.82 -15.55
N ARG C 254 -7.04 -4.01 -16.15
CA ARG C 254 -5.96 -4.50 -16.99
C ARG C 254 -5.43 -3.31 -17.77
N PHE C 255 -6.35 -2.56 -18.31
CA PHE C 255 -6.10 -1.28 -18.95
C PHE C 255 -6.17 -0.03 -18.10
N ARG C 256 -7.07 0.03 -17.13
CA ARG C 256 -7.13 1.24 -16.33
C ARG C 256 -5.91 1.40 -15.45
N CYS C 257 -4.98 0.46 -15.48
CA CYS C 257 -3.70 0.74 -14.84
C CYS C 257 -2.88 1.71 -15.67
N PRO C 258 -2.39 1.35 -16.84
CA PRO C 258 -1.34 2.15 -17.48
C PRO C 258 -1.85 3.48 -17.98
N GLU C 259 -3.02 3.46 -18.60
CA GLU C 259 -3.50 4.59 -19.37
C GLU C 259 -3.30 5.92 -18.65
N THR C 260 -3.31 5.93 -17.33
CA THR C 260 -3.18 7.20 -16.63
C THR C 260 -1.88 7.91 -16.97
N LEU C 261 -0.90 7.21 -17.52
CA LEU C 261 0.28 7.90 -18.03
C LEU C 261 -0.10 9.09 -18.89
N PHE C 262 -1.33 9.09 -19.41
CA PHE C 262 -1.84 10.23 -20.13
C PHE C 262 -2.69 11.12 -19.24
N GLN C 263 -3.04 10.64 -18.07
CA GLN C 263 -3.88 11.37 -17.12
C GLN C 263 -3.55 11.13 -15.66
N PRO C 264 -2.40 11.63 -15.19
CA PRO C 264 -1.99 11.44 -13.80
C PRO C 264 -3.01 11.85 -12.76
N SER C 265 -4.18 12.30 -13.20
CA SER C 265 -5.30 12.44 -12.28
C SER C 265 -5.45 11.15 -11.53
N PHE C 266 -5.33 10.03 -12.25
CA PHE C 266 -5.49 8.74 -11.60
C PHE C 266 -4.37 8.50 -10.61
N ILE C 267 -3.16 8.93 -10.95
CA ILE C 267 -2.06 8.95 -10.00
C ILE C 267 -2.16 10.28 -9.29
N GLY C 268 -3.18 11.04 -9.65
CA GLY C 268 -3.39 12.37 -9.12
C GLY C 268 -2.26 13.32 -9.46
N MET C 269 -1.30 12.87 -10.26
CA MET C 269 -0.15 13.70 -10.53
C MET C 269 -0.55 14.97 -11.26
N GLU C 270 0.07 16.09 -10.85
CA GLU C 270 -0.14 17.35 -11.54
C GLU C 270 0.30 17.27 -12.99
N SER C 271 1.09 16.26 -13.34
CA SER C 271 1.72 16.21 -14.64
C SER C 271 0.68 16.00 -15.72
N ALA C 272 1.17 15.82 -16.95
CA ALA C 272 0.34 15.59 -18.12
C ALA C 272 0.79 14.33 -18.86
N GLY C 273 -0.12 13.77 -19.66
CA GLY C 273 0.14 12.53 -20.35
C GLY C 273 1.44 12.57 -21.14
N ILE C 274 1.91 11.37 -21.45
CA ILE C 274 3.17 11.25 -22.18
C ILE C 274 3.12 11.70 -23.63
N HIS C 275 1.91 11.83 -24.15
CA HIS C 275 1.71 12.15 -25.55
C HIS C 275 1.94 13.66 -25.66
N GLU C 276 1.27 14.45 -24.83
CA GLU C 276 1.38 15.88 -24.99
C GLU C 276 2.69 16.41 -24.46
N THR C 277 3.35 15.66 -23.58
CA THR C 277 4.75 15.92 -23.36
C THR C 277 5.58 15.76 -24.62
N THR C 278 5.16 14.83 -25.47
CA THR C 278 5.82 14.70 -26.77
C THR C 278 5.48 15.94 -27.55
N TYR C 279 4.21 16.35 -27.51
CA TYR C 279 3.73 17.37 -28.43
C TYR C 279 4.25 18.75 -28.07
N ASN C 280 4.25 19.08 -26.79
CA ASN C 280 4.82 20.36 -26.40
C ASN C 280 6.31 20.37 -26.66
N SER C 281 6.97 19.23 -26.47
CA SER C 281 8.36 19.14 -26.88
C SER C 281 8.49 19.50 -28.35
N ILE C 282 7.73 18.82 -29.19
CA ILE C 282 7.87 18.98 -30.63
C ILE C 282 7.60 20.42 -31.01
N MET C 283 6.52 20.98 -30.51
CA MET C 283 6.25 22.39 -30.73
C MET C 283 7.45 23.23 -30.32
N LYS C 284 8.08 22.87 -29.20
CA LYS C 284 9.36 23.51 -28.89
C LYS C 284 10.35 23.29 -30.01
N CYS C 285 10.30 22.14 -30.66
CA CYS C 285 11.24 21.87 -31.73
C CYS C 285 11.06 22.90 -32.84
N ASP C 286 12.00 22.91 -33.79
CA ASP C 286 11.98 24.00 -34.75
C ASP C 286 10.70 23.81 -35.58
N ILE C 287 10.48 24.72 -36.52
CA ILE C 287 9.19 24.76 -37.20
C ILE C 287 8.90 23.43 -37.87
N ASP C 288 9.88 22.90 -38.59
CA ASP C 288 9.63 21.76 -39.46
C ASP C 288 10.39 20.51 -39.08
N ILE C 289 11.17 20.55 -38.01
CA ILE C 289 11.50 19.29 -37.34
C ILE C 289 10.26 18.44 -37.16
N ARG C 290 9.12 19.09 -36.93
CA ARG C 290 7.96 18.36 -36.43
C ARG C 290 7.66 17.15 -37.31
N LYS C 291 7.70 17.31 -38.64
CA LYS C 291 7.55 16.15 -39.50
C LYS C 291 8.66 15.15 -39.26
N ASP C 292 9.86 15.64 -38.98
CA ASP C 292 10.94 14.74 -38.60
C ASP C 292 10.49 13.88 -37.45
N LEU C 293 10.02 14.51 -36.39
CA LEU C 293 9.43 13.78 -35.28
C LEU C 293 8.45 12.75 -35.81
N TYR C 294 7.51 13.22 -36.62
CA TYR C 294 6.40 12.40 -37.05
C TYR C 294 6.99 11.09 -37.55
N ALA C 295 7.92 11.18 -38.49
CA ALA C 295 8.63 9.98 -38.88
C ALA C 295 9.51 9.32 -37.83
N ASN C 296 9.79 10.03 -36.73
CA ASN C 296 10.81 9.65 -35.77
C ASN C 296 10.25 9.58 -34.37
N ASN C 297 8.94 9.38 -34.30
CA ASN C 297 8.22 9.44 -33.04
C ASN C 297 8.58 8.16 -32.29
N VAL C 298 9.85 8.02 -31.97
CA VAL C 298 10.36 6.75 -31.45
C VAL C 298 9.92 6.60 -30.01
N LEU C 299 9.04 5.65 -29.75
CA LEU C 299 8.89 5.22 -28.37
C LEU C 299 10.08 4.41 -27.92
N SER C 300 10.26 4.39 -26.61
CA SER C 300 11.24 3.51 -25.99
C SER C 300 10.74 3.17 -24.60
N GLY C 301 10.97 1.92 -24.18
CA GLY C 301 10.58 1.45 -22.88
C GLY C 301 9.65 0.27 -22.86
N GLY C 302 10.18 -0.90 -22.47
CA GLY C 302 9.42 -2.13 -22.60
C GLY C 302 8.19 -2.18 -21.73
N THR C 303 8.31 -1.75 -20.48
CA THR C 303 7.13 -1.77 -19.62
C THR C 303 5.93 -1.15 -20.32
N THR C 304 6.17 -0.21 -21.23
CA THR C 304 5.18 0.40 -22.11
C THR C 304 4.80 -0.49 -23.20
N MET C 305 5.21 -1.75 -23.11
CA MET C 305 5.00 -2.71 -24.17
C MET C 305 3.52 -2.97 -24.44
N TYR C 306 2.65 -2.27 -23.73
CA TYR C 306 1.26 -2.68 -23.72
C TYR C 306 0.63 -2.52 -25.09
N PRO C 307 -0.64 -2.87 -25.22
CA PRO C 307 -1.30 -2.69 -26.51
C PRO C 307 -1.91 -1.33 -26.81
N GLY C 308 -1.47 -0.76 -27.92
CA GLY C 308 -2.18 0.32 -28.56
C GLY C 308 -1.20 1.44 -28.30
N ILE C 309 -0.05 1.10 -27.72
CA ILE C 309 0.82 2.13 -27.19
C ILE C 309 0.93 3.25 -28.20
N ALA C 310 1.46 2.94 -29.37
CA ALA C 310 1.39 3.87 -30.48
C ALA C 310 -0.05 4.17 -30.83
N ASP C 311 -0.91 3.15 -30.89
CA ASP C 311 -2.29 3.42 -31.25
C ASP C 311 -2.75 4.74 -30.69
N ARG C 312 -2.78 4.89 -29.38
CA ARG C 312 -2.97 6.23 -28.85
C ARG C 312 -1.93 7.17 -29.39
N MET C 313 -0.65 6.85 -29.22
CA MET C 313 0.38 7.83 -29.54
C MET C 313 -0.04 8.66 -30.73
N GLN C 314 -0.21 7.99 -31.86
CA GLN C 314 -0.73 8.58 -33.07
C GLN C 314 -2.09 9.21 -32.88
N LYS C 315 -3.06 8.52 -32.25
CA LYS C 315 -4.39 9.09 -32.36
C LYS C 315 -4.41 10.47 -31.73
N GLU C 316 -3.89 10.59 -30.52
CA GLU C 316 -3.88 11.89 -29.88
C GLU C 316 -2.99 12.89 -30.61
N ILE C 317 -1.80 12.46 -31.04
CA ILE C 317 -0.97 13.45 -31.74
C ILE C 317 -1.94 13.98 -32.79
N THR C 318 -2.30 13.17 -33.74
CA THR C 318 -3.40 13.50 -34.62
C THR C 318 -4.31 14.54 -34.00
N ALA C 319 -4.97 14.16 -32.91
CA ALA C 319 -5.92 15.03 -32.24
C ALA C 319 -5.30 16.40 -31.99
N LEU C 320 -3.98 16.48 -32.04
CA LEU C 320 -3.25 17.70 -31.76
C LEU C 320 -2.46 18.13 -32.98
N ALA C 321 -1.85 17.18 -33.67
CA ALA C 321 -1.01 17.50 -34.80
C ALA C 321 -1.85 17.96 -35.99
N PRO C 322 -1.29 18.82 -36.84
CA PRO C 322 -1.95 19.11 -38.12
C PRO C 322 -1.90 17.90 -39.04
N SER C 323 -3.08 17.48 -39.50
CA SER C 323 -3.14 16.35 -40.43
C SER C 323 -2.30 16.64 -41.65
N THR C 324 -2.07 17.92 -41.95
CA THR C 324 -1.03 18.29 -42.90
C THR C 324 0.14 17.33 -42.78
N MET C 325 0.70 17.24 -41.59
CA MET C 325 1.86 16.41 -41.38
C MET C 325 1.44 14.97 -41.14
N LYS C 326 2.32 14.04 -41.48
CA LYS C 326 2.07 12.62 -41.29
C LYS C 326 2.95 12.12 -40.16
N ILE C 327 2.34 11.50 -39.16
CA ILE C 327 3.01 11.10 -37.94
C ILE C 327 3.49 9.68 -38.11
N LYS C 328 4.51 9.30 -37.35
CA LYS C 328 4.83 7.90 -37.18
C LYS C 328 5.66 7.76 -35.92
N ILE C 329 5.05 7.26 -34.87
CA ILE C 329 5.79 6.83 -33.69
C ILE C 329 6.61 5.59 -34.02
N ILE C 330 7.73 5.45 -33.32
CA ILE C 330 8.67 4.37 -33.56
C ILE C 330 9.06 3.61 -32.30
N ALA C 331 8.57 2.39 -32.17
CA ALA C 331 8.88 1.54 -31.02
C ALA C 331 9.13 0.10 -31.44
N PRO C 332 10.38 -0.36 -31.36
CA PRO C 332 10.65 -1.76 -31.56
C PRO C 332 10.05 -2.55 -30.43
N PRO C 333 9.75 -3.83 -30.65
CA PRO C 333 9.41 -4.68 -29.51
C PRO C 333 10.52 -4.72 -28.48
N GLU C 334 11.76 -4.62 -28.92
CA GLU C 334 12.90 -5.02 -28.10
C GLU C 334 13.49 -3.82 -27.38
N ARG C 335 12.61 -3.04 -26.79
CA ARG C 335 13.03 -1.71 -26.36
C ARG C 335 13.90 -1.79 -25.10
N LYS C 336 13.62 -2.78 -24.24
CA LYS C 336 14.55 -3.02 -23.13
C LYS C 336 15.97 -3.09 -23.63
N TYR C 337 16.22 -3.96 -24.60
CA TYR C 337 17.56 -4.29 -24.99
C TYR C 337 18.14 -3.20 -25.86
N SER C 338 17.25 -2.57 -26.63
CA SER C 338 17.62 -1.44 -27.47
C SER C 338 18.64 -0.57 -26.79
N VAL C 339 18.32 -0.07 -25.61
CA VAL C 339 19.27 0.77 -24.90
C VAL C 339 20.58 0.01 -24.72
N TRP C 340 20.48 -1.23 -24.22
CA TRP C 340 21.68 -2.05 -24.14
C TRP C 340 22.32 -2.17 -25.50
N ILE C 341 21.50 -2.35 -26.54
CA ILE C 341 22.06 -2.62 -27.86
C ILE C 341 22.91 -1.46 -28.32
N GLY C 342 22.34 -0.26 -28.28
CA GLY C 342 23.05 0.92 -28.72
C GLY C 342 24.26 1.19 -27.87
N GLY C 343 24.18 0.90 -26.57
CA GLY C 343 25.37 1.00 -25.74
C GLY C 343 26.45 0.03 -26.18
N SER C 344 26.05 -1.22 -26.40
CA SER C 344 26.97 -2.19 -26.96
C SER C 344 27.61 -1.45 -28.11
N ILE C 345 26.79 -1.03 -29.06
CA ILE C 345 27.31 -0.32 -30.21
C ILE C 345 28.37 0.72 -29.92
N LEU C 346 27.95 1.81 -29.28
CA LEU C 346 28.86 2.90 -28.98
C LEU C 346 30.13 2.39 -28.36
N ALA C 347 30.01 1.76 -27.20
CA ALA C 347 31.21 1.23 -26.57
C ALA C 347 31.95 0.37 -27.56
N SER C 348 31.26 -0.59 -28.16
CA SER C 348 31.82 -1.39 -29.22
C SER C 348 32.29 -0.54 -30.39
N LEU C 349 31.93 0.73 -30.43
CA LEU C 349 32.38 1.57 -31.52
C LEU C 349 33.88 1.82 -31.41
N SER C 350 34.65 0.99 -32.12
CA SER C 350 36.10 1.01 -32.00
C SER C 350 36.78 2.30 -32.44
N THR C 351 35.99 3.23 -32.96
CA THR C 351 36.61 4.42 -33.52
C THR C 351 36.45 5.39 -32.35
N PHE C 352 36.07 4.86 -31.18
CA PHE C 352 35.59 5.71 -30.10
C PHE C 352 36.23 5.43 -28.76
N GLN C 353 37.22 4.54 -28.69
CA GLN C 353 37.76 4.20 -27.38
C GLN C 353 38.38 5.40 -26.69
N GLN C 354 38.68 6.45 -27.44
CA GLN C 354 39.25 7.64 -26.83
C GLN C 354 38.43 8.14 -25.65
N MET C 355 37.11 7.94 -25.67
CA MET C 355 36.27 8.51 -24.64
C MET C 355 36.38 7.82 -23.29
N TRP C 356 36.59 6.51 -23.26
CA TRP C 356 36.51 5.80 -21.99
C TRP C 356 37.29 6.45 -20.87
N ILE C 357 36.71 6.32 -19.69
CA ILE C 357 37.18 6.90 -18.44
C ILE C 357 38.43 6.12 -18.05
N SER C 358 39.60 6.71 -18.22
CA SER C 358 40.81 6.01 -17.83
C SER C 358 41.06 6.22 -16.36
N LYS C 359 41.54 5.17 -15.70
CA LYS C 359 42.01 5.31 -14.33
C LYS C 359 42.79 6.61 -14.18
N GLN C 360 43.85 6.77 -14.96
CA GLN C 360 44.72 7.93 -14.81
C GLN C 360 43.93 9.22 -14.91
N GLU C 361 43.28 9.45 -16.05
CA GLU C 361 42.56 10.70 -16.25
C GLU C 361 41.84 11.10 -14.98
N TYR C 362 41.00 10.22 -14.45
CA TYR C 362 40.47 10.43 -13.13
C TYR C 362 41.44 10.67 -11.98
N ASP C 363 42.68 10.23 -12.18
CA ASP C 363 43.63 10.15 -11.08
C ASP C 363 44.14 11.57 -10.99
N GLU C 364 44.59 12.08 -12.13
CA GLU C 364 45.08 13.44 -12.20
C GLU C 364 43.98 14.42 -11.84
N ALA C 365 42.79 14.21 -12.39
CA ALA C 365 41.69 15.13 -12.15
C ALA C 365 40.67 14.59 -11.16
N GLY C 366 41.05 13.57 -10.39
CA GLY C 366 40.09 12.95 -9.51
C GLY C 366 38.85 12.62 -10.29
N PRO C 367 37.71 12.55 -9.59
CA PRO C 367 36.45 12.29 -10.30
C PRO C 367 35.96 13.49 -11.04
N SER C 368 36.04 14.67 -10.43
CA SER C 368 35.56 15.89 -11.06
C SER C 368 35.96 15.95 -12.53
N ILE C 369 37.10 15.35 -12.88
CA ILE C 369 37.46 15.22 -14.29
C ILE C 369 36.25 14.88 -15.12
N VAL C 370 35.51 13.87 -14.69
CA VAL C 370 34.47 13.23 -15.46
C VAL C 370 33.75 14.36 -16.16
N HIS C 371 33.41 15.40 -15.43
CA HIS C 371 32.35 16.27 -15.90
C HIS C 371 32.56 17.02 -17.22
N ARG C 372 33.51 17.95 -17.22
CA ARG C 372 33.69 18.74 -18.42
C ARG C 372 34.30 17.89 -19.52
N LYS C 373 33.81 18.11 -20.74
CA LYS C 373 34.39 17.53 -21.94
C LYS C 373 34.47 16.02 -21.82
N CYS C 374 33.75 15.47 -20.85
CA CYS C 374 33.73 14.02 -20.69
C CYS C 374 32.54 13.67 -19.83
N PHE C 375 32.07 12.44 -20.02
CA PHE C 375 31.15 11.74 -19.12
C PHE C 375 31.21 10.25 -19.48
N ASP D 1 -45.35 10.51 14.67
CA ASP D 1 -46.11 11.32 15.61
C ASP D 1 -45.37 12.62 15.92
N ASP D 2 -44.68 13.15 14.93
CA ASP D 2 -43.91 14.38 15.10
C ASP D 2 -43.73 15.01 13.72
N GLU D 3 -42.77 15.93 13.62
CA GLU D 3 -42.52 16.64 12.37
C GLU D 3 -41.73 15.76 11.40
N GLU D 4 -41.20 16.35 10.33
CA GLU D 4 -40.75 15.63 9.15
C GLU D 4 -39.99 14.34 9.48
N THR D 5 -38.83 14.45 10.11
CA THR D 5 -38.08 13.26 10.52
C THR D 5 -36.78 13.71 11.18
N THR D 6 -36.11 12.75 11.79
CA THR D 6 -34.73 12.88 12.19
C THR D 6 -33.93 11.82 11.46
N ALA D 7 -32.92 12.28 10.72
CA ALA D 7 -32.03 11.32 10.11
C ALA D 7 -31.50 10.39 11.18
N LEU D 8 -31.00 9.26 10.74
CA LEU D 8 -30.67 8.17 11.64
C LEU D 8 -29.17 8.37 11.54
N VAL D 9 -28.50 8.45 12.68
CA VAL D 9 -27.07 8.69 12.67
C VAL D 9 -26.66 7.36 13.26
N CYS D 10 -26.50 6.38 12.38
CA CYS D 10 -26.18 5.01 12.76
C CYS D 10 -24.72 4.75 12.45
N ASP D 11 -23.97 4.32 13.46
CA ASP D 11 -22.51 4.21 13.33
C ASP D 11 -21.87 2.93 13.84
N ASN D 12 -21.74 1.96 12.96
CA ASN D 12 -21.08 0.71 13.27
C ASN D 12 -19.63 0.80 13.71
N GLY D 13 -19.36 1.54 14.79
CA GLY D 13 -17.99 1.71 15.25
C GLY D 13 -17.25 0.40 15.12
N SER D 14 -16.09 0.45 14.47
CA SER D 14 -15.52 -0.76 13.89
C SER D 14 -15.66 -1.96 14.81
N GLY D 15 -15.64 -1.72 16.12
CA GLY D 15 -15.92 -2.78 17.06
C GLY D 15 -17.39 -2.85 17.45
N LEU D 16 -18.02 -1.70 17.69
CA LEU D 16 -19.41 -1.65 18.09
C LEU D 16 -20.18 -0.87 17.05
N VAL D 17 -21.41 -1.22 16.87
CA VAL D 17 -22.29 -0.38 16.08
C VAL D 17 -22.93 0.58 17.06
N LYS D 18 -23.05 1.83 16.64
CA LYS D 18 -23.51 2.89 17.52
C LYS D 18 -24.40 3.81 16.71
N ALA D 19 -25.04 4.77 17.39
CA ALA D 19 -25.97 5.59 16.65
C ALA D 19 -26.78 6.48 17.57
N GLY D 20 -27.21 7.60 17.02
CA GLY D 20 -28.22 8.45 17.62
C GLY D 20 -29.16 8.92 16.55
N PHE D 21 -29.31 10.23 16.46
CA PHE D 21 -30.01 10.88 15.37
C PHE D 21 -29.21 12.06 14.86
N ALA D 22 -29.68 12.62 13.76
CA ALA D 22 -29.21 13.94 13.35
C ALA D 22 -29.42 14.92 14.49
N GLY D 23 -28.48 15.83 14.66
CA GLY D 23 -28.53 16.76 15.77
C GLY D 23 -28.43 16.11 17.13
N ASP D 24 -28.43 14.79 17.22
CA ASP D 24 -28.25 14.14 18.50
C ASP D 24 -26.92 14.53 19.10
N ASP D 25 -26.71 14.15 20.34
CA ASP D 25 -25.50 14.49 21.05
C ASP D 25 -24.78 13.26 21.59
N ALA D 26 -25.45 12.12 21.68
CA ALA D 26 -24.85 10.91 22.19
C ALA D 26 -25.42 9.76 21.41
N PRO D 27 -24.59 8.96 20.78
CA PRO D 27 -25.11 7.79 20.10
C PRO D 27 -25.82 6.93 21.09
N ARG D 28 -27.14 6.93 21.01
CA ARG D 28 -27.92 6.11 21.91
C ARG D 28 -27.69 4.63 21.69
N ALA D 29 -27.07 4.25 20.58
CA ALA D 29 -26.73 2.86 20.30
C ALA D 29 -25.23 2.69 20.46
N VAL D 30 -24.83 1.69 21.26
CA VAL D 30 -23.43 1.31 21.36
C VAL D 30 -23.35 -0.15 21.78
N PHE D 31 -22.72 -1.00 20.97
CA PHE D 31 -22.61 -2.37 21.45
C PHE D 31 -21.84 -3.27 20.50
N PRO D 32 -21.47 -4.47 20.95
CA PRO D 32 -20.49 -5.28 20.22
C PRO D 32 -20.99 -5.70 18.85
N SER D 33 -20.04 -5.84 17.93
CA SER D 33 -20.32 -6.26 16.56
C SER D 33 -20.09 -7.76 16.38
N ILE D 34 -20.63 -8.54 17.29
CA ILE D 34 -20.37 -9.97 17.34
C ILE D 34 -21.65 -10.77 17.21
N VAL D 35 -21.48 -12.03 16.84
CA VAL D 35 -22.54 -13.02 16.87
C VAL D 35 -22.08 -14.17 17.75
N GLY D 36 -23.03 -14.86 18.36
CA GLY D 36 -22.67 -15.80 19.40
C GLY D 36 -23.36 -17.15 19.28
N ARG D 37 -22.58 -18.22 19.35
CA ARG D 37 -23.11 -19.56 19.25
C ARG D 37 -22.82 -20.44 20.46
N PRO D 38 -23.83 -20.76 21.27
CA PRO D 38 -23.66 -21.79 22.28
C PRO D 38 -23.22 -23.11 21.66
N ARG D 39 -22.73 -24.02 22.50
CA ARG D 39 -22.34 -25.31 21.97
C ARG D 39 -23.31 -26.41 22.37
N HIS D 40 -23.48 -26.61 23.67
CA HIS D 40 -23.87 -27.91 24.17
C HIS D 40 -25.35 -28.20 24.06
N GLN D 41 -26.21 -27.23 24.35
CA GLN D 41 -27.63 -27.51 24.49
C GLN D 41 -27.89 -28.58 25.54
N GLY D 42 -27.62 -28.21 26.78
CA GLY D 42 -28.26 -28.92 27.85
C GLY D 42 -29.72 -28.88 27.48
N VAL D 43 -30.39 -30.03 27.48
CA VAL D 43 -31.81 -30.02 27.17
C VAL D 43 -32.31 -29.09 28.26
N MET D 44 -33.13 -28.14 27.86
CA MET D 44 -33.51 -27.05 28.75
C MET D 44 -34.98 -26.87 28.48
N VAL D 45 -35.78 -26.97 29.54
CA VAL D 45 -37.19 -26.73 29.36
C VAL D 45 -37.37 -25.38 28.70
N GLY D 46 -38.53 -25.19 28.11
CA GLY D 46 -38.91 -23.89 27.62
C GLY D 46 -37.90 -23.34 26.63
N MET D 47 -38.01 -22.03 26.41
CA MET D 47 -37.25 -21.38 25.37
C MET D 47 -36.90 -19.97 25.83
N GLY D 48 -36.60 -19.10 24.89
CA GLY D 48 -35.96 -17.83 25.19
C GLY D 48 -34.48 -17.87 25.08
N GLN D 49 -33.92 -19.00 24.66
CA GLN D 49 -32.49 -19.19 24.61
C GLN D 49 -32.02 -18.97 23.18
N LYS D 50 -31.94 -17.70 22.82
CA LYS D 50 -31.64 -17.37 21.43
C LYS D 50 -30.27 -17.89 21.02
N ASP D 51 -30.21 -18.37 19.79
CA ASP D 51 -28.91 -18.62 19.19
C ASP D 51 -28.10 -17.34 19.09
N SER D 52 -28.72 -16.25 18.64
CA SER D 52 -27.95 -15.13 18.12
C SER D 52 -28.54 -13.77 18.52
N TYR D 53 -28.78 -13.56 19.81
CA TYR D 53 -29.11 -12.22 20.27
C TYR D 53 -27.90 -11.39 20.66
N VAL D 54 -26.77 -11.57 19.98
CA VAL D 54 -25.55 -10.96 20.50
C VAL D 54 -25.78 -9.50 20.83
N GLY D 55 -26.01 -8.69 19.82
CA GLY D 55 -26.34 -7.30 20.08
C GLY D 55 -25.53 -6.81 21.24
N ASP D 56 -26.24 -6.47 22.32
CA ASP D 56 -25.60 -6.14 23.57
C ASP D 56 -26.05 -7.06 24.69
N GLU D 57 -26.62 -8.22 24.40
CA GLU D 57 -27.00 -9.10 25.50
C GLU D 57 -25.98 -10.23 25.49
N ALA D 58 -25.62 -10.71 24.31
CA ALA D 58 -24.95 -12.00 24.17
C ALA D 58 -23.64 -12.07 24.93
N GLN D 59 -23.10 -10.94 25.34
CA GLN D 59 -21.87 -11.02 26.10
C GLN D 59 -22.32 -11.48 27.47
N SER D 60 -23.58 -11.18 27.83
CA SER D 60 -24.16 -11.90 28.94
C SER D 60 -24.08 -13.40 28.67
N LYS D 61 -24.30 -13.79 27.43
CA LYS D 61 -24.20 -15.20 27.08
C LYS D 61 -22.79 -15.56 26.68
N ARG D 62 -21.81 -14.79 27.11
CA ARG D 62 -20.48 -15.09 26.63
C ARG D 62 -20.14 -16.51 27.09
N GLY D 63 -19.07 -17.03 26.51
CA GLY D 63 -18.64 -18.40 26.74
C GLY D 63 -19.40 -19.40 25.89
N ILE D 64 -20.61 -19.76 26.31
CA ILE D 64 -21.38 -20.69 25.51
C ILE D 64 -21.70 -20.15 24.13
N LEU D 65 -21.94 -18.87 24.02
CA LEU D 65 -22.17 -18.23 22.74
C LEU D 65 -20.79 -17.78 22.28
N THR D 66 -20.47 -18.06 21.02
CA THR D 66 -19.19 -17.66 20.47
C THR D 66 -19.27 -16.24 19.91
N LEU D 67 -18.31 -15.85 19.09
CA LEU D 67 -18.17 -14.48 18.64
C LEU D 67 -18.19 -14.41 17.12
N LYS D 68 -18.88 -13.41 16.57
CA LYS D 68 -18.85 -13.19 15.13
C LYS D 68 -19.02 -11.72 14.81
N TYR D 69 -17.97 -11.10 14.30
CA TYR D 69 -18.11 -9.86 13.55
C TYR D 69 -18.52 -10.20 12.13
N PRO D 70 -19.42 -9.45 11.51
CA PRO D 70 -19.57 -9.58 10.04
C PRO D 70 -18.45 -8.81 9.36
N ILE D 71 -18.18 -7.58 9.80
CA ILE D 71 -17.23 -6.66 9.18
C ILE D 71 -15.90 -6.87 9.87
N GLU D 72 -15.48 -8.11 9.91
CA GLU D 72 -14.53 -8.67 10.86
C GLU D 72 -13.29 -7.82 10.70
N HIS D 73 -12.83 -7.69 9.47
CA HIS D 73 -11.68 -6.87 9.12
C HIS D 73 -12.13 -5.50 8.64
N GLY D 74 -13.15 -4.94 9.28
CA GLY D 74 -13.79 -3.81 8.67
C GLY D 74 -14.26 -4.33 7.33
N ILE D 75 -14.66 -5.60 7.34
CA ILE D 75 -15.01 -6.32 6.13
C ILE D 75 -16.22 -7.17 6.45
N ILE D 76 -17.39 -6.75 5.97
CA ILE D 76 -18.58 -7.53 6.27
C ILE D 76 -18.52 -8.83 5.49
N THR D 77 -18.13 -9.90 6.18
CA THR D 77 -18.20 -11.21 5.56
C THR D 77 -19.64 -11.67 5.44
N ASN D 78 -20.49 -11.28 6.38
CA ASN D 78 -21.89 -11.67 6.31
C ASN D 78 -22.78 -10.52 6.76
N TRP D 79 -24.05 -10.60 6.35
CA TRP D 79 -24.91 -9.44 6.39
C TRP D 79 -26.29 -9.64 7.00
N ASP D 80 -26.76 -10.88 7.04
CA ASP D 80 -28.04 -11.15 7.67
C ASP D 80 -27.71 -11.10 9.15
N ASP D 81 -26.54 -11.63 9.51
CA ASP D 81 -25.97 -11.31 10.79
C ASP D 81 -26.11 -9.82 11.05
N MET D 82 -25.44 -9.01 10.23
CA MET D 82 -25.49 -7.58 10.42
C MET D 82 -26.89 -7.07 10.17
N GLU D 83 -27.66 -7.78 9.36
CA GLU D 83 -29.03 -7.39 9.09
C GLU D 83 -29.83 -7.33 10.38
N LYS D 84 -30.02 -8.48 11.00
CA LYS D 84 -30.69 -8.51 12.29
C LYS D 84 -29.94 -7.69 13.30
N ILE D 85 -28.65 -7.48 13.09
CA ILE D 85 -27.93 -6.53 13.91
C ILE D 85 -28.64 -5.20 13.86
N TRP D 86 -28.87 -4.73 12.65
CA TRP D 86 -29.59 -3.49 12.47
C TRP D 86 -30.95 -3.59 13.13
N HIS D 87 -31.72 -4.62 12.78
CA HIS D 87 -33.06 -4.74 13.33
C HIS D 87 -33.03 -4.67 14.84
N HIS D 88 -32.21 -5.49 15.47
CA HIS D 88 -31.91 -5.30 16.88
C HIS D 88 -31.81 -3.83 17.18
N THR D 89 -30.98 -3.13 16.44
CA THR D 89 -30.77 -1.73 16.71
C THR D 89 -32.18 -1.16 16.70
N PHE D 90 -32.66 -0.95 15.49
CA PHE D 90 -33.84 -0.18 15.14
C PHE D 90 -35.15 -0.68 15.69
N TYR D 91 -35.11 -1.52 16.70
CA TYR D 91 -36.28 -2.24 17.13
C TYR D 91 -36.16 -2.63 18.58
N ASN D 92 -34.98 -2.58 19.13
CA ASN D 92 -34.75 -2.84 20.54
C ASN D 92 -34.11 -1.66 21.22
N GLU D 93 -33.04 -1.14 20.63
CA GLU D 93 -32.36 0.03 21.16
C GLU D 93 -32.68 1.25 20.30
N LEU D 94 -32.66 1.09 18.98
CA LEU D 94 -33.36 2.08 18.19
C LEU D 94 -34.85 1.87 18.29
N ARG D 95 -35.29 0.63 18.42
CA ARG D 95 -36.70 0.31 18.62
C ARG D 95 -37.56 1.26 17.78
N VAL D 96 -37.13 1.51 16.56
CA VAL D 96 -37.65 2.58 15.73
C VAL D 96 -37.76 2.11 14.30
N ALA D 97 -38.77 2.60 13.60
CA ALA D 97 -38.96 2.22 12.22
C ALA D 97 -37.91 2.93 11.35
N PRO D 98 -37.15 2.20 10.55
CA PRO D 98 -36.28 2.88 9.57
C PRO D 98 -37.07 3.73 8.60
N GLU D 99 -38.27 3.27 8.25
CA GLU D 99 -38.93 3.73 7.04
C GLU D 99 -39.15 5.23 7.05
N GLU D 100 -39.19 5.84 8.22
CA GLU D 100 -39.59 7.22 8.34
C GLU D 100 -38.48 8.14 8.84
N HIS D 101 -37.31 7.61 9.15
CA HIS D 101 -36.20 8.45 9.57
C HIS D 101 -35.01 8.26 8.64
N PRO D 102 -34.48 9.33 8.08
CA PRO D 102 -33.36 9.20 7.16
C PRO D 102 -32.20 8.57 7.91
N THR D 103 -31.10 8.37 7.22
CA THR D 103 -29.90 7.90 7.89
C THR D 103 -28.73 8.12 6.94
N LEU D 104 -27.63 8.60 7.52
CA LEU D 104 -26.34 8.60 6.85
C LEU D 104 -25.64 7.32 7.20
N LEU D 105 -24.76 6.87 6.32
CA LEU D 105 -24.10 5.58 6.48
C LEU D 105 -22.59 5.51 6.59
N THR D 106 -22.12 5.21 7.79
CA THR D 106 -20.71 5.15 8.13
C THR D 106 -19.91 4.06 7.42
N GLU D 107 -18.81 4.44 6.79
CA GLU D 107 -18.00 3.46 6.07
C GLU D 107 -16.55 3.90 5.93
N ALA D 108 -15.67 2.99 6.19
CA ALA D 108 -14.29 3.26 5.82
C ALA D 108 -14.00 2.98 4.36
N PRO D 109 -12.99 3.62 3.80
CA PRO D 109 -12.58 3.31 2.43
C PRO D 109 -12.18 1.86 2.29
N LEU D 110 -11.79 1.51 1.08
CA LEU D 110 -11.26 0.21 0.74
C LEU D 110 -12.36 -0.83 0.53
N ASN D 111 -13.61 -0.42 0.52
CA ASN D 111 -14.70 -1.39 0.40
C ASN D 111 -14.90 -1.66 -1.08
N PRO D 112 -15.07 -2.91 -1.47
CA PRO D 112 -15.58 -3.19 -2.82
C PRO D 112 -17.05 -2.79 -2.81
N LYS D 113 -17.49 -2.27 -3.94
CA LYS D 113 -18.68 -1.44 -3.97
C LYS D 113 -19.90 -2.23 -3.54
N ALA D 114 -20.02 -3.46 -4.01
CA ALA D 114 -21.25 -4.21 -3.79
C ALA D 114 -21.59 -4.30 -2.32
N ASN D 115 -20.59 -4.28 -1.45
CA ASN D 115 -20.90 -4.18 -0.05
C ASN D 115 -21.95 -3.11 0.19
N ARG D 116 -21.61 -1.89 -0.19
CA ARG D 116 -22.57 -0.82 -0.03
C ARG D 116 -23.78 -1.01 -0.92
N GLU D 117 -23.57 -1.45 -2.15
CA GLU D 117 -24.74 -1.71 -3.00
C GLU D 117 -25.80 -2.44 -2.22
N LYS D 118 -25.45 -3.66 -1.79
CA LYS D 118 -26.38 -4.53 -1.07
C LYS D 118 -26.89 -3.86 0.19
N MET D 119 -25.98 -3.36 1.02
CA MET D 119 -26.45 -2.75 2.24
C MET D 119 -27.52 -1.72 1.92
N THR D 120 -27.26 -0.92 0.89
CA THR D 120 -28.18 0.13 0.50
C THR D 120 -29.55 -0.43 0.16
N GLN D 121 -29.62 -1.26 -0.87
CA GLN D 121 -30.96 -1.63 -1.30
C GLN D 121 -31.66 -2.24 -0.12
N ILE D 122 -31.02 -3.22 0.51
CA ILE D 122 -31.69 -3.95 1.57
C ILE D 122 -32.14 -3.00 2.66
N MET D 123 -31.37 -1.95 2.89
CA MET D 123 -31.81 -0.96 3.85
C MET D 123 -33.00 -0.16 3.37
N PHE D 124 -33.26 -0.17 2.08
CA PHE D 124 -34.50 0.44 1.61
C PHE D 124 -35.67 -0.54 1.64
N GLU D 125 -35.39 -1.84 1.66
CA GLU D 125 -36.48 -2.77 1.39
C GLU D 125 -36.85 -3.22 2.78
N THR D 126 -35.91 -3.88 3.45
CA THR D 126 -36.12 -4.27 4.83
C THR D 126 -36.46 -3.05 5.66
N PHE D 127 -36.06 -1.87 5.20
CA PHE D 127 -36.08 -0.70 6.07
C PHE D 127 -36.94 0.44 5.57
N ASN D 128 -37.01 0.64 4.26
CA ASN D 128 -37.89 1.66 3.72
C ASN D 128 -37.72 2.99 4.44
N VAL D 129 -36.55 3.20 5.03
CA VAL D 129 -36.24 4.48 5.64
C VAL D 129 -36.68 5.53 4.64
N PRO D 130 -36.98 6.75 5.08
CA PRO D 130 -37.36 7.77 4.09
C PRO D 130 -36.31 7.90 3.00
N ALA D 131 -35.04 7.83 3.38
CA ALA D 131 -33.94 7.74 2.46
C ALA D 131 -32.69 7.58 3.30
N MET D 132 -31.70 6.92 2.72
CA MET D 132 -30.45 6.72 3.41
C MET D 132 -29.39 7.68 2.93
N TYR D 133 -28.14 7.31 3.22
CA TYR D 133 -27.01 8.03 2.65
C TYR D 133 -25.85 7.24 3.25
N VAL D 134 -24.66 7.40 2.73
CA VAL D 134 -23.54 6.63 3.22
C VAL D 134 -22.51 7.73 3.33
N ALA D 135 -21.49 7.48 4.15
CA ALA D 135 -20.40 8.43 4.30
C ALA D 135 -19.21 7.72 4.93
N ILE D 136 -18.02 7.98 4.39
CA ILE D 136 -16.84 7.37 4.95
C ILE D 136 -16.70 7.74 6.41
N GLN D 137 -16.80 6.74 7.27
CA GLN D 137 -16.33 6.87 8.64
C GLN D 137 -15.14 7.80 8.71
N ALA D 138 -14.16 7.60 7.83
CA ALA D 138 -13.00 8.47 7.84
C ALA D 138 -13.44 9.91 7.67
N VAL D 139 -14.15 10.20 6.59
CA VAL D 139 -14.61 11.56 6.33
C VAL D 139 -15.48 12.04 7.47
N LEU D 140 -16.28 11.13 8.03
CA LEU D 140 -17.22 11.50 9.07
C LEU D 140 -16.59 11.86 10.40
N SER D 141 -15.36 11.42 10.61
CA SER D 141 -14.58 11.92 11.72
C SER D 141 -14.00 13.22 11.20
N LEU D 142 -13.67 13.25 9.92
CA LEU D 142 -13.00 14.42 9.38
C LEU D 142 -13.79 15.67 9.70
N TYR D 143 -15.01 15.76 9.20
CA TYR D 143 -15.82 16.88 9.64
C TYR D 143 -15.85 15.88 10.77
N ALA D 144 -15.73 16.38 12.00
CA ALA D 144 -15.98 15.55 13.16
C ALA D 144 -14.70 16.20 13.66
N SER D 145 -13.72 16.41 12.78
CA SER D 145 -12.56 17.21 13.16
C SER D 145 -12.90 18.68 13.06
N GLY D 146 -13.32 19.12 11.88
CA GLY D 146 -13.73 20.50 11.72
C GLY D 146 -12.49 21.31 11.42
N ARG D 147 -11.31 20.75 11.62
CA ARG D 147 -10.09 21.36 11.11
C ARG D 147 -9.95 20.93 9.65
N THR D 148 -10.75 21.56 8.79
CA THR D 148 -10.89 21.11 7.41
C THR D 148 -9.54 20.88 6.74
N THR D 149 -8.48 21.47 7.24
CA THR D 149 -7.15 21.23 6.73
C THR D 149 -6.47 20.23 7.64
N GLY D 150 -5.36 19.66 7.17
CA GLY D 150 -4.64 18.65 7.91
C GLY D 150 -5.10 17.21 7.83
N ILE D 151 -4.18 16.28 8.08
CA ILE D 151 -4.52 14.87 8.17
C ILE D 151 -5.19 14.58 9.49
N VAL D 152 -5.91 13.47 9.56
CA VAL D 152 -6.34 12.90 10.83
C VAL D 152 -5.86 11.47 10.89
N LEU D 153 -5.39 11.06 12.06
CA LEU D 153 -4.97 9.68 12.29
C LEU D 153 -6.02 8.74 12.89
N ASP D 154 -6.89 8.22 12.05
CA ASP D 154 -7.98 7.37 12.49
C ASP D 154 -7.58 5.95 12.88
N SER D 155 -7.23 5.77 14.14
CA SER D 155 -7.00 4.43 14.70
C SER D 155 -8.04 4.26 15.79
N GLY D 156 -9.23 3.84 15.39
CA GLY D 156 -10.38 4.00 16.25
C GLY D 156 -10.94 2.75 16.89
N ASP D 157 -12.22 2.52 16.66
CA ASP D 157 -12.86 1.36 17.25
C ASP D 157 -12.00 0.12 17.04
N GLY D 158 -11.69 -0.18 15.79
CA GLY D 158 -10.68 -1.15 15.44
C GLY D 158 -9.98 -0.81 14.14
N VAL D 159 -10.05 0.46 13.73
CA VAL D 159 -9.69 0.86 12.37
C VAL D 159 -8.37 1.63 12.40
N THR D 160 -7.85 1.94 11.22
CA THR D 160 -6.65 2.75 11.12
C THR D 160 -6.48 3.30 9.72
N HIS D 161 -6.49 4.62 9.60
CA HIS D 161 -6.10 5.30 8.38
C HIS D 161 -5.37 6.57 8.75
N ASN D 162 -4.70 7.14 7.75
CA ASN D 162 -4.26 8.52 7.79
C ASN D 162 -5.17 9.31 6.87
N VAL D 163 -5.59 10.49 7.31
CA VAL D 163 -6.57 11.25 6.53
C VAL D 163 -6.06 12.66 6.26
N PRO D 164 -5.08 12.81 5.38
CA PRO D 164 -4.62 14.15 5.04
C PRO D 164 -5.77 14.97 4.54
N ILE D 165 -5.87 16.21 5.01
CA ILE D 165 -7.02 17.04 4.67
C ILE D 165 -6.46 18.45 4.53
N TYR D 166 -7.35 19.39 4.21
CA TYR D 166 -6.91 20.72 3.80
C TYR D 166 -8.16 21.53 3.50
N GLU D 167 -8.65 22.26 4.48
CA GLU D 167 -9.97 22.87 4.42
C GLU D 167 -10.95 21.96 3.70
N GLY D 168 -11.07 20.75 4.22
CA GLY D 168 -11.88 19.74 3.57
C GLY D 168 -11.15 18.99 2.50
N TYR D 169 -9.96 19.44 2.13
CA TYR D 169 -9.24 18.90 0.98
C TYR D 169 -8.28 17.82 1.44
N ALA D 170 -8.54 16.60 1.01
CA ALA D 170 -7.77 15.42 1.38
C ALA D 170 -7.23 14.75 0.12
N LEU D 171 -6.04 14.18 0.22
CA LEU D 171 -5.47 13.47 -0.91
C LEU D 171 -5.60 11.97 -0.71
N PRO D 172 -6.51 11.31 -1.40
CA PRO D 172 -6.60 9.86 -1.24
C PRO D 172 -5.30 9.19 -1.58
N HIS D 173 -4.58 9.70 -2.57
CA HIS D 173 -3.29 9.14 -2.92
C HIS D 173 -2.41 9.00 -1.69
N ALA D 174 -2.28 10.09 -0.93
CA ALA D 174 -1.51 10.05 0.30
C ALA D 174 -2.23 9.31 1.42
N ILE D 175 -3.50 8.97 1.24
CA ILE D 175 -4.31 8.39 2.32
C ILE D 175 -4.06 6.90 2.40
N MET D 176 -4.12 6.36 3.62
CA MET D 176 -3.68 5.01 3.90
C MET D 176 -4.46 4.38 5.05
N ARG D 177 -4.35 3.06 5.17
CA ARG D 177 -4.87 2.30 6.30
C ARG D 177 -3.72 1.58 7.00
N LEU D 178 -3.89 1.35 8.29
CA LEU D 178 -3.06 0.40 9.02
C LEU D 178 -3.93 -0.71 9.53
N ASP D 179 -3.75 -1.91 8.97
CA ASP D 179 -4.60 -3.01 9.33
C ASP D 179 -4.78 -3.17 10.82
N LEU D 180 -3.87 -2.59 11.61
CA LEU D 180 -3.93 -2.77 13.04
C LEU D 180 -5.32 -2.48 13.58
N ALA D 181 -5.76 -3.32 14.50
CA ALA D 181 -6.98 -3.10 15.25
C ALA D 181 -6.59 -3.30 16.70
N GLY D 182 -7.37 -2.69 17.60
CA GLY D 182 -7.15 -2.93 19.01
C GLY D 182 -7.34 -4.41 19.27
N ARG D 183 -8.20 -5.03 18.49
CA ARG D 183 -8.21 -6.48 18.39
C ARG D 183 -6.83 -7.05 18.13
N ASP D 184 -6.07 -6.42 17.24
CA ASP D 184 -4.76 -6.95 16.95
C ASP D 184 -3.88 -6.94 18.19
N LEU D 185 -3.90 -5.80 18.88
CA LEU D 185 -3.13 -5.68 20.09
C LEU D 185 -3.58 -6.72 21.09
N THR D 186 -4.90 -6.80 21.28
CA THR D 186 -5.53 -7.94 21.92
C THR D 186 -4.77 -9.21 21.63
N ASP D 187 -4.56 -9.45 20.34
CA ASP D 187 -3.90 -10.66 19.92
C ASP D 187 -2.58 -10.78 20.63
N TYR D 188 -1.66 -9.89 20.29
CA TYR D 188 -0.33 -10.06 20.83
C TYR D 188 -0.36 -10.19 22.33
N LEU D 189 -1.30 -9.50 22.96
CA LEU D 189 -1.48 -9.65 24.39
C LEU D 189 -1.76 -11.08 24.76
N MET D 190 -2.71 -11.70 24.07
CA MET D 190 -2.97 -13.10 24.37
C MET D 190 -1.68 -13.87 24.21
N LYS D 191 -1.04 -13.69 23.07
CA LYS D 191 0.24 -14.31 22.82
C LYS D 191 1.10 -14.27 24.07
N ILE D 192 1.41 -13.07 24.50
CA ILE D 192 2.38 -12.87 25.55
C ILE D 192 1.88 -13.45 26.85
N LEU D 193 0.80 -12.90 27.38
CA LEU D 193 0.36 -13.30 28.70
C LEU D 193 0.22 -14.81 28.79
N THR D 194 -0.43 -15.42 27.82
CA THR D 194 -0.61 -16.87 27.82
C THR D 194 0.76 -17.54 27.89
N GLU D 195 1.60 -17.32 26.88
CA GLU D 195 2.91 -17.96 26.90
C GLU D 195 3.65 -17.64 28.20
N ARG D 196 3.44 -16.45 28.73
CA ARG D 196 4.04 -15.98 29.95
C ARG D 196 3.45 -16.61 31.19
N GLY D 197 2.63 -17.64 31.04
CA GLY D 197 2.14 -18.29 32.23
C GLY D 197 0.65 -18.32 32.27
N TYR D 198 0.01 -18.20 31.12
CA TYR D 198 -1.43 -18.00 31.12
C TYR D 198 -2.02 -18.83 30.00
N SER D 199 -3.31 -19.15 30.12
CA SER D 199 -4.01 -20.00 29.15
C SER D 199 -5.24 -19.25 28.68
N PHE D 200 -5.07 -18.34 27.74
CA PHE D 200 -6.05 -17.29 27.52
C PHE D 200 -6.41 -17.21 26.05
N VAL D 201 -7.45 -17.92 25.65
CA VAL D 201 -7.79 -18.05 24.25
C VAL D 201 -9.26 -17.76 24.00
N THR D 202 -10.07 -17.87 25.04
CA THR D 202 -11.48 -18.01 24.80
C THR D 202 -12.10 -16.67 24.41
N THR D 203 -13.20 -16.77 23.66
CA THR D 203 -13.79 -15.57 23.09
C THR D 203 -13.90 -14.46 24.11
N ALA D 204 -14.71 -14.67 25.14
CA ALA D 204 -14.79 -13.68 26.20
C ALA D 204 -13.47 -13.58 26.95
N GLU D 205 -12.61 -14.59 26.81
CA GLU D 205 -11.26 -14.41 27.30
C GLU D 205 -10.61 -13.25 26.58
N ARG D 206 -10.78 -13.23 25.27
CA ARG D 206 -10.45 -12.06 24.47
C ARG D 206 -11.22 -10.85 24.98
N GLU D 207 -12.44 -11.06 25.46
CA GLU D 207 -13.20 -9.95 26.00
C GLU D 207 -12.45 -9.31 27.16
N ILE D 208 -12.07 -10.14 28.11
CA ILE D 208 -11.36 -9.65 29.28
C ILE D 208 -10.10 -8.94 28.85
N VAL D 209 -9.37 -9.53 27.92
CA VAL D 209 -8.08 -8.96 27.55
C VAL D 209 -8.26 -7.59 26.93
N ARG D 210 -9.25 -7.47 26.03
CA ARG D 210 -9.51 -6.16 25.45
C ARG D 210 -9.90 -5.17 26.52
N ASP D 211 -10.71 -5.61 27.46
CA ASP D 211 -11.01 -4.77 28.60
C ASP D 211 -9.72 -4.35 29.26
N ILE D 212 -8.79 -5.29 29.40
CA ILE D 212 -7.54 -5.05 30.08
C ILE D 212 -6.80 -3.92 29.39
N LYS D 213 -6.68 -4.03 28.08
CA LYS D 213 -5.99 -2.99 27.34
C LYS D 213 -6.69 -1.66 27.58
N GLU D 214 -7.99 -1.62 27.35
CA GLU D 214 -8.68 -0.35 27.32
C GLU D 214 -8.81 0.24 28.71
N LYS D 215 -8.48 -0.52 29.75
CA LYS D 215 -8.49 0.04 31.10
C LYS D 215 -7.11 0.30 31.66
N LEU D 216 -6.15 -0.51 31.35
CA LEU D 216 -4.86 -0.43 32.02
C LEU D 216 -3.70 -0.38 31.05
N CYS D 217 -3.77 -1.14 29.96
CA CYS D 217 -2.64 -1.18 29.05
C CYS D 217 -2.41 0.19 28.44
N TYR D 218 -1.13 0.54 28.32
CA TYR D 218 -0.72 1.88 27.97
C TYR D 218 0.49 1.77 27.04
N VAL D 219 1.22 2.87 26.93
CA VAL D 219 2.57 2.86 26.39
C VAL D 219 3.37 3.98 27.04
N ALA D 220 4.65 3.72 27.24
CA ALA D 220 5.60 4.75 27.59
C ALA D 220 6.25 5.33 26.35
N LEU D 221 6.38 6.65 26.33
CA LEU D 221 7.04 7.34 25.23
C LEU D 221 8.22 6.56 24.71
N ASP D 222 9.22 6.36 25.56
CA ASP D 222 10.43 5.65 25.19
C ASP D 222 10.23 4.16 25.39
N PHE D 223 11.19 3.41 24.86
CA PHE D 223 11.26 1.97 25.00
C PHE D 223 12.45 1.29 25.64
N GLU D 224 13.63 1.82 25.41
CA GLU D 224 14.84 1.02 25.61
C GLU D 224 15.28 1.40 27.01
N ASN D 225 15.45 2.70 27.26
CA ASN D 225 15.52 3.14 28.65
C ASN D 225 14.23 2.80 29.36
N GLU D 226 13.11 3.00 28.68
CA GLU D 226 11.86 2.50 29.20
C GLU D 226 11.80 0.98 29.26
N MET D 227 12.80 0.32 28.67
CA MET D 227 12.90 -1.12 28.78
C MET D 227 13.64 -1.38 30.08
N ALA D 228 14.72 -0.65 30.32
CA ALA D 228 15.43 -0.84 31.57
C ALA D 228 14.51 -0.57 32.75
N THR D 229 13.77 0.53 32.66
CA THR D 229 12.73 0.80 33.64
C THR D 229 11.92 -0.46 33.89
N ALA D 230 11.39 -1.04 32.83
CA ALA D 230 10.67 -2.29 32.94
C ALA D 230 11.52 -3.34 33.64
N ALA D 231 12.83 -3.27 33.46
CA ALA D 231 13.71 -4.32 33.97
C ALA D 231 13.50 -4.55 35.45
N SER D 232 13.17 -3.51 36.21
CA SER D 232 12.86 -3.69 37.62
C SER D 232 11.73 -2.82 38.12
N SER D 233 11.16 -1.95 37.31
CA SER D 233 10.22 -0.95 37.81
C SER D 233 9.04 -1.67 38.43
N SER D 234 8.96 -1.64 39.75
CA SER D 234 7.92 -2.36 40.45
C SER D 234 6.56 -1.71 40.31
N SER D 235 6.51 -0.39 40.14
CA SER D 235 5.23 0.31 40.09
C SER D 235 4.31 -0.32 39.05
N LEU D 236 4.81 -0.45 37.82
CA LEU D 236 4.05 -1.15 36.79
C LEU D 236 3.66 -2.51 37.34
N GLU D 237 4.60 -3.19 37.99
CA GLU D 237 4.42 -4.59 38.35
C GLU D 237 3.16 -4.85 39.17
N LYS D 238 2.03 -4.64 38.51
CA LYS D 238 0.73 -4.65 39.16
C LYS D 238 -0.17 -5.72 38.57
N SER D 239 -0.76 -6.53 39.45
CA SER D 239 -1.70 -7.55 39.06
C SER D 239 -3.10 -6.99 39.07
N TYR D 240 -3.86 -7.27 38.03
CA TYR D 240 -5.25 -6.86 38.00
C TYR D 240 -6.28 -7.97 38.04
N GLU D 241 -7.16 -7.88 39.03
CA GLU D 241 -8.26 -8.82 39.18
C GLU D 241 -8.73 -9.37 37.86
N LEU D 242 -8.45 -10.63 37.61
CA LEU D 242 -9.04 -11.31 36.49
C LEU D 242 -10.53 -11.47 36.75
N PRO D 243 -11.40 -11.11 35.80
CA PRO D 243 -12.83 -11.08 36.11
C PRO D 243 -13.43 -12.42 36.47
N ASP D 244 -12.68 -13.51 36.31
CA ASP D 244 -13.06 -14.70 37.07
C ASP D 244 -13.18 -14.20 38.49
N GLY D 245 -12.18 -13.45 38.95
CA GLY D 245 -11.98 -13.15 40.36
C GLY D 245 -10.49 -13.23 40.61
N GLN D 246 -9.77 -13.98 39.79
CA GLN D 246 -8.32 -13.90 39.79
C GLN D 246 -7.93 -12.44 39.81
N VAL D 247 -6.64 -12.17 39.98
CA VAL D 247 -6.11 -10.82 39.84
C VAL D 247 -4.94 -11.00 38.90
N ILE D 248 -5.20 -10.89 37.61
CA ILE D 248 -4.16 -11.04 36.61
C ILE D 248 -3.00 -10.06 36.74
N THR D 249 -1.87 -10.53 37.22
CA THR D 249 -0.70 -9.67 37.30
C THR D 249 -0.23 -9.04 36.01
N ILE D 250 0.29 -7.82 36.10
CA ILE D 250 0.66 -7.09 34.91
C ILE D 250 1.98 -6.37 35.12
N GLY D 251 2.82 -6.41 34.09
CA GLY D 251 4.04 -5.64 34.02
C GLY D 251 4.22 -5.02 32.66
N ASN D 252 5.34 -5.38 32.03
CA ASN D 252 5.79 -4.69 30.82
C ASN D 252 4.75 -4.72 29.71
N GLU D 253 3.88 -5.72 29.72
CA GLU D 253 2.88 -5.82 28.68
C GLU D 253 2.07 -4.53 28.53
N ARG D 254 1.57 -4.00 29.65
CA ARG D 254 0.53 -2.97 29.67
C ARG D 254 0.81 -2.05 28.50
N PHE D 255 2.06 -1.67 28.39
CA PHE D 255 2.58 -0.92 27.27
C PHE D 255 3.14 -1.70 26.10
N ARG D 256 3.79 -2.83 26.34
CA ARG D 256 4.33 -3.58 25.21
C ARG D 256 3.24 -4.16 24.34
N CYS D 257 1.98 -3.99 24.70
CA CYS D 257 0.93 -4.34 23.73
C CYS D 257 0.86 -3.30 22.63
N PRO D 258 0.44 -2.08 22.88
CA PRO D 258 0.05 -1.20 21.77
C PRO D 258 1.23 -0.74 20.94
N GLU D 259 2.31 -0.38 21.63
CA GLU D 259 3.41 0.33 21.00
C GLU D 259 3.80 -0.25 19.66
N THR D 260 3.60 -1.55 19.44
CA THR D 260 4.04 -2.14 18.20
C THR D 260 3.35 -1.50 17.00
N LEU D 261 2.25 -0.79 17.21
CA LEU D 261 1.67 -0.01 16.12
C LEU D 261 2.73 0.81 15.42
N PHE D 262 3.85 1.06 16.08
CA PHE D 262 4.97 1.72 15.45
C PHE D 262 6.00 0.72 14.96
N GLN D 263 5.88 -0.52 15.37
CA GLN D 263 6.81 -1.59 15.01
C GLN D 263 6.19 -2.96 14.84
N PRO D 264 5.38 -3.15 13.78
CA PRO D 264 4.75 -4.43 13.54
C PRO D 264 5.65 -5.64 13.52
N SER D 265 6.94 -5.43 13.77
CA SER D 265 7.82 -6.55 14.05
C SER D 265 7.18 -7.38 15.13
N PHE D 266 6.62 -6.72 16.14
CA PHE D 266 6.00 -7.45 17.23
C PHE D 266 4.79 -8.20 16.74
N ILE D 267 4.02 -7.58 15.85
CA ILE D 267 2.95 -8.29 15.15
C ILE D 267 3.60 -8.94 13.94
N GLY D 268 4.91 -8.75 13.84
CA GLY D 268 5.67 -9.25 12.71
C GLY D 268 5.25 -8.62 11.41
N MET D 269 4.33 -7.67 11.45
CA MET D 269 3.81 -7.12 10.21
C MET D 269 4.90 -6.44 9.42
N GLU D 270 4.89 -6.64 8.10
CA GLU D 270 5.81 -5.94 7.21
C GLU D 270 5.62 -4.44 7.29
N SER D 271 4.49 -3.99 7.81
CA SER D 271 4.12 -2.59 7.75
C SER D 271 5.06 -1.76 8.60
N ALA D 272 4.75 -0.48 8.70
CA ALA D 272 5.51 0.49 9.49
C ALA D 272 4.61 1.23 10.46
N GLY D 273 5.22 1.79 11.49
CA GLY D 273 4.48 2.47 12.54
C GLY D 273 3.52 3.50 12.00
N ILE D 274 2.56 3.85 12.85
CA ILE D 274 1.54 4.81 12.45
C ILE D 274 2.03 6.24 12.30
N HIS D 275 3.20 6.50 12.86
CA HIS D 275 3.76 7.85 12.89
C HIS D 275 4.35 8.08 11.49
N GLU D 276 5.17 7.18 11.01
CA GLU D 276 5.84 7.43 9.74
C GLU D 276 4.91 7.21 8.58
N THR D 277 3.84 6.44 8.77
CA THR D 277 2.74 6.54 7.83
C THR D 277 2.15 7.93 7.76
N THR D 278 2.16 8.63 8.89
CA THR D 278 1.74 10.02 8.88
C THR D 278 2.78 10.79 8.10
N TYR D 279 4.05 10.50 8.35
CA TYR D 279 5.11 11.36 7.84
C TYR D 279 5.32 11.18 6.35
N ASN D 280 5.29 9.96 5.86
CA ASN D 280 5.39 9.76 4.43
C ASN D 280 4.16 10.32 3.74
N SER D 281 3.01 10.22 4.37
CA SER D 281 1.84 10.90 3.83
C SER D 281 2.14 12.38 3.68
N ILE D 282 2.57 13.01 4.76
CA ILE D 282 2.74 14.45 4.77
C ILE D 282 3.77 14.84 3.72
N MET D 283 4.90 14.16 3.69
CA MET D 283 5.86 14.40 2.64
C MET D 283 5.20 14.28 1.28
N LYS D 284 4.32 13.31 1.10
CA LYS D 284 3.52 13.30 -0.12
C LYS D 284 2.72 14.59 -0.24
N CYS D 285 2.29 15.15 0.87
CA CYS D 285 1.52 16.37 0.81
C CYS D 285 2.36 17.47 0.18
N ASP D 286 1.72 18.59 -0.15
CA ASP D 286 2.43 19.60 -0.92
C ASP D 286 3.54 20.13 -0.02
N ILE D 287 4.34 21.04 -0.56
CA ILE D 287 5.56 21.44 0.14
C ILE D 287 5.23 21.98 1.52
N ASP D 288 4.24 22.85 1.62
CA ASP D 288 4.01 23.59 2.84
C ASP D 288 2.68 23.31 3.49
N ILE D 289 1.87 22.41 2.92
CA ILE D 289 0.85 21.79 3.75
C ILE D 289 1.44 21.30 5.05
N ARG D 290 2.71 20.86 5.02
CA ARG D 290 3.25 20.11 6.13
C ARG D 290 3.03 20.84 7.45
N LYS D 291 3.28 22.14 7.49
CA LYS D 291 2.95 22.91 8.70
C LYS D 291 1.47 22.84 8.98
N ASP D 292 0.65 22.84 7.93
CA ASP D 292 -0.77 22.65 8.12
C ASP D 292 -1.01 21.39 8.92
N LEU D 293 -0.45 20.29 8.45
CA LEU D 293 -0.49 19.04 9.19
C LEU D 293 -0.10 19.31 10.63
N TYR D 294 1.06 19.92 10.80
CA TYR D 294 1.65 20.07 12.12
C TYR D 294 0.57 20.61 13.03
N ALA D 295 -0.02 21.72 12.65
CA ALA D 295 -1.18 22.20 13.38
C ALA D 295 -2.41 21.30 13.37
N ASN D 296 -2.47 20.33 12.46
CA ASN D 296 -3.68 19.59 12.14
C ASN D 296 -3.44 18.10 12.28
N ASN D 297 -2.45 17.75 13.07
CA ASN D 297 -2.00 16.37 13.18
C ASN D 297 -3.06 15.64 14.00
N VAL D 298 -4.27 15.58 13.46
CA VAL D 298 -5.42 15.13 14.23
C VAL D 298 -5.35 13.62 14.35
N LEU D 299 -5.11 13.13 15.55
CA LEU D 299 -5.41 11.73 15.80
C LEU D 299 -6.91 11.50 15.84
N SER D 300 -7.28 10.25 15.57
CA SER D 300 -8.64 9.80 15.76
C SER D 300 -8.61 8.31 16.10
N GLY D 301 -9.50 7.90 16.99
CA GLY D 301 -9.60 6.52 17.39
C GLY D 301 -9.41 6.24 18.87
N GLY D 302 -10.51 5.91 19.55
CA GLY D 302 -10.47 5.82 21.00
C GLY D 302 -9.58 4.71 21.51
N THR D 303 -9.65 3.53 20.90
CA THR D 303 -8.80 2.45 21.35
C THR D 303 -7.35 2.93 21.51
N THR D 304 -6.94 3.90 20.72
CA THR D 304 -5.66 4.59 20.81
C THR D 304 -5.61 5.53 21.92
N MET D 305 -6.62 5.46 22.79
CA MET D 305 -6.76 6.40 23.88
C MET D 305 -5.61 6.34 24.86
N TYR D 306 -4.62 5.51 24.58
CA TYR D 306 -3.64 5.19 25.60
C TYR D 306 -2.82 6.40 25.97
N PRO D 307 -1.89 6.25 26.91
CA PRO D 307 -1.04 7.37 27.27
C PRO D 307 0.20 7.62 26.45
N GLY D 308 0.29 8.82 25.90
CA GLY D 308 1.54 9.35 25.42
C GLY D 308 1.23 9.37 23.94
N ILE D 309 -0.01 9.03 23.59
CA ILE D 309 -0.31 8.74 22.19
C ILE D 309 0.33 9.81 21.32
N ALA D 310 -0.11 11.05 21.52
CA ALA D 310 0.59 12.17 20.92
C ALA D 310 2.02 12.22 21.41
N ASP D 311 2.24 12.05 22.71
CA ASP D 311 3.61 12.12 23.22
C ASP D 311 4.59 11.56 22.20
N ARG D 312 4.48 10.27 21.90
CA ARG D 312 5.24 9.79 20.76
C ARG D 312 4.91 10.58 19.52
N MET D 313 3.64 10.66 19.14
CA MET D 313 3.30 11.24 17.85
C MET D 313 4.27 12.36 17.52
N GLN D 314 4.24 13.40 18.35
CA GLN D 314 5.17 14.50 18.27
C GLN D 314 6.62 14.06 18.37
N LYS D 315 6.99 13.21 19.34
CA LYS D 315 8.42 13.07 19.51
C LYS D 315 9.04 12.53 18.23
N GLU D 316 8.47 11.46 17.70
CA GLU D 316 9.04 10.90 16.47
C GLU D 316 8.89 11.85 15.29
N ILE D 317 7.73 12.50 15.14
CA ILE D 317 7.64 13.40 14.00
C ILE D 317 8.88 14.26 14.17
N THR D 318 8.92 15.07 15.18
CA THR D 318 10.17 15.72 15.56
C THR D 318 11.36 14.97 15.02
N ALA D 319 11.56 13.75 15.50
CA ALA D 319 12.71 12.96 15.10
C ALA D 319 12.85 12.91 13.60
N LEU D 320 11.77 13.23 12.89
CA LEU D 320 11.72 13.18 11.45
C LEU D 320 11.45 14.56 10.88
N ALA D 321 10.56 15.30 11.50
CA ALA D 321 10.19 16.60 10.99
C ALA D 321 11.31 17.61 11.17
N PRO D 322 11.41 18.60 10.29
CA PRO D 322 12.30 19.73 10.56
C PRO D 322 11.78 20.58 11.72
N SER D 323 12.64 20.76 12.71
CA SER D 323 12.27 21.60 13.85
C SER D 323 11.89 22.99 13.38
N THR D 324 12.39 23.39 12.21
CA THR D 324 11.84 24.54 11.53
C THR D 324 10.34 24.63 11.76
N MET D 325 9.64 23.57 11.39
CA MET D 325 8.19 23.57 11.52
C MET D 325 7.80 23.16 12.92
N LYS D 326 6.63 23.63 13.35
CA LYS D 326 6.10 23.32 14.66
C LYS D 326 4.92 22.37 14.50
N ILE D 327 4.98 21.24 15.18
CA ILE D 327 4.02 20.17 15.01
C ILE D 327 2.91 20.35 16.03
N LYS D 328 1.74 19.80 15.74
CA LYS D 328 0.73 19.63 16.78
C LYS D 328 -0.24 18.57 16.30
N ILE D 329 -0.14 17.39 16.87
CA ILE D 329 -1.16 16.37 16.71
C ILE D 329 -2.42 16.79 17.43
N ILE D 330 -3.55 16.33 16.90
CA ILE D 330 -4.87 16.70 17.41
C ILE D 330 -5.77 15.51 17.68
N ALA D 331 -6.00 15.22 18.96
CA ALA D 331 -6.86 14.12 19.36
C ALA D 331 -7.75 14.51 20.54
N PRO D 332 -9.04 14.66 20.31
CA PRO D 332 -9.95 14.85 21.43
C PRO D 332 -10.02 13.57 22.24
N PRO D 333 -10.38 13.65 23.51
CA PRO D 333 -10.69 12.43 24.24
C PRO D 333 -11.80 11.65 23.57
N GLU D 334 -12.75 12.34 22.95
CA GLU D 334 -14.04 11.77 22.62
C GLU D 334 -14.05 11.24 21.20
N ARG D 335 -12.99 10.52 20.85
CA ARG D 335 -12.74 10.25 19.45
C ARG D 335 -13.71 9.20 18.91
N LYS D 336 -14.11 8.25 19.76
CA LYS D 336 -15.18 7.35 19.36
C LYS D 336 -16.36 8.14 18.80
N TYR D 337 -16.86 9.08 19.57
CA TYR D 337 -18.12 9.72 19.26
C TYR D 337 -17.91 10.75 18.18
N SER D 338 -16.72 11.35 18.17
CA SER D 338 -16.34 12.31 17.16
C SER D 338 -16.87 11.90 15.80
N VAL D 339 -16.52 10.70 15.35
CA VAL D 339 -17.02 10.26 14.06
C VAL D 339 -18.54 10.31 14.06
N TRP D 340 -19.16 9.74 15.09
CA TRP D 340 -20.60 9.87 15.21
C TRP D 340 -21.00 11.33 15.20
N ILE D 341 -20.23 12.16 15.91
CA ILE D 341 -20.64 13.54 16.08
C ILE D 341 -20.70 14.24 14.72
N GLY D 342 -19.61 14.15 13.96
CA GLY D 342 -19.56 14.79 12.67
C GLY D 342 -20.59 14.21 11.72
N GLY D 343 -20.87 12.91 11.81
CA GLY D 343 -21.95 12.36 11.02
C GLY D 343 -23.28 12.95 11.41
N SER D 344 -23.56 13.02 12.71
CA SER D 344 -24.74 13.71 13.18
C SER D 344 -24.72 15.01 12.40
N ILE D 345 -23.67 15.79 12.58
CA ILE D 345 -23.58 17.06 11.88
C ILE D 345 -24.00 17.05 10.43
N LEU D 346 -23.20 16.39 9.61
CA LEU D 346 -23.45 16.35 8.18
C LEU D 346 -24.89 15.98 7.90
N ALA D 347 -25.28 14.78 8.33
CA ALA D 347 -26.66 14.39 8.12
C ALA D 347 -27.58 15.46 8.65
N SER D 348 -27.39 15.86 9.90
CA SER D 348 -28.11 16.97 10.47
C SER D 348 -27.89 18.25 9.69
N LEU D 349 -26.94 18.28 8.77
CA LEU D 349 -26.72 19.49 8.00
C LEU D 349 -27.88 19.70 7.03
N SER D 350 -28.85 20.50 7.49
CA SER D 350 -30.09 20.70 6.74
C SER D 350 -29.94 21.33 5.37
N THR D 351 -28.74 21.73 5.03
CA THR D 351 -28.56 22.46 3.78
C THR D 351 -28.12 21.34 2.86
N PHE D 352 -28.24 20.09 3.32
CA PHE D 352 -27.58 18.98 2.66
C PHE D 352 -28.48 17.79 2.38
N GLN D 353 -29.76 17.89 2.66
CA GLN D 353 -30.60 16.70 2.50
C GLN D 353 -30.63 16.23 1.06
N GLN D 354 -30.23 17.07 0.11
CA GLN D 354 -30.21 16.65 -1.27
C GLN D 354 -29.44 15.36 -1.48
N MET D 355 -28.42 15.08 -0.66
CA MET D 355 -27.57 13.93 -0.90
C MET D 355 -28.21 12.60 -0.56
N TRP D 356 -29.07 12.55 0.46
CA TRP D 356 -29.55 11.26 0.92
C TRP D 356 -30.06 10.35 -0.18
N ILE D 357 -29.82 9.07 0.03
CA ILE D 357 -30.12 7.99 -0.88
C ILE D 357 -31.63 7.82 -0.87
N SER D 358 -32.30 8.27 -1.92
CA SER D 358 -33.73 8.10 -1.97
C SER D 358 -34.07 6.72 -2.50
N LYS D 359 -35.11 6.13 -1.92
CA LYS D 359 -35.65 4.89 -2.49
C LYS D 359 -35.67 4.96 -4.00
N GLN D 360 -36.37 5.96 -4.54
CA GLN D 360 -36.55 6.06 -5.98
C GLN D 360 -35.21 6.07 -6.69
N GLU D 361 -34.36 7.05 -6.39
CA GLU D 361 -33.10 7.17 -7.09
C GLU D 361 -32.47 5.80 -7.28
N TYR D 362 -32.29 5.06 -6.20
CA TYR D 362 -31.93 3.67 -6.32
C TYR D 362 -32.81 2.76 -7.16
N ASP D 363 -34.06 3.18 -7.37
CA ASP D 363 -35.07 2.31 -7.91
C ASP D 363 -34.80 2.40 -9.40
N GLU D 364 -34.76 3.63 -9.89
CA GLU D 364 -34.47 3.87 -11.29
C GLU D 364 -33.09 3.35 -11.65
N ALA D 365 -32.10 3.63 -10.81
CA ALA D 365 -30.74 3.21 -11.11
C ALA D 365 -30.31 2.01 -10.30
N GLY D 366 -31.25 1.28 -9.71
CA GLY D 366 -30.90 0.19 -8.85
C GLY D 366 -29.88 0.67 -7.84
N PRO D 367 -29.06 -0.25 -7.34
CA PRO D 367 -28.01 0.17 -6.39
C PRO D 367 -26.86 0.86 -7.08
N SER D 368 -26.44 0.33 -8.22
CA SER D 368 -25.32 0.92 -8.95
C SER D 368 -25.40 2.43 -8.96
N ILE D 369 -26.62 2.98 -8.96
CA ILE D 369 -26.78 4.43 -8.82
C ILE D 369 -25.80 4.97 -7.80
N VAL D 370 -25.74 4.33 -6.63
CA VAL D 370 -25.06 4.85 -5.46
C VAL D 370 -23.78 5.44 -5.99
N HIS D 371 -23.07 4.71 -6.83
CA HIS D 371 -21.65 5.00 -6.99
C HIS D 371 -21.27 6.36 -7.53
N ARG D 372 -21.58 6.61 -8.79
CA ARG D 372 -21.17 7.87 -9.39
C ARG D 372 -21.95 9.02 -8.79
N LYS D 373 -21.23 10.12 -8.55
CA LYS D 373 -21.83 11.38 -8.15
C LYS D 373 -22.68 11.20 -6.92
N CYS D 374 -22.51 10.08 -6.23
CA CYS D 374 -23.24 9.84 -5.01
C CYS D 374 -22.54 8.73 -4.25
N PHE D 375 -22.72 8.76 -2.93
CA PHE D 375 -22.43 7.66 -2.02
C PHE D 375 -23.19 7.94 -0.72
N ASP E 1 36.73 -41.28 31.14
CA ASP E 1 37.64 -42.32 30.67
C ASP E 1 37.62 -42.41 29.15
N ASP E 2 37.45 -41.26 28.50
CA ASP E 2 37.39 -41.20 27.05
C ASP E 2 37.77 -39.78 26.62
N GLU E 3 37.44 -39.43 25.37
CA GLU E 3 37.77 -38.12 24.83
C GLU E 3 36.81 -37.06 25.36
N GLU E 4 36.82 -35.88 24.73
CA GLU E 4 36.25 -34.67 25.33
C GLU E 4 34.91 -34.91 26.02
N THR E 5 33.88 -35.28 25.27
CA THR E 5 32.58 -35.58 25.85
C THR E 5 31.61 -35.93 24.74
N THR E 6 30.45 -36.44 25.16
CA THR E 6 29.29 -36.54 24.31
C THR E 6 28.18 -35.71 24.94
N ALA E 7 27.68 -34.76 24.18
CA ALA E 7 26.53 -34.02 24.65
C ALA E 7 25.44 -35.01 25.03
N LEU E 8 24.51 -34.54 25.83
CA LEU E 8 23.54 -35.41 26.48
C LEU E 8 22.38 -34.99 25.60
N VAL E 9 21.69 -35.96 25.03
CA VAL E 9 20.60 -35.63 24.13
C VAL E 9 19.48 -36.20 24.99
N CYS E 10 18.98 -35.36 25.88
CA CYS E 10 17.96 -35.73 26.86
C CYS E 10 16.63 -35.14 26.42
N ASP E 11 15.62 -35.98 26.26
CA ASP E 11 14.36 -35.58 25.67
C ASP E 11 13.08 -36.01 26.39
N ASN E 12 12.63 -35.17 27.29
CA ASN E 12 11.38 -35.41 28.00
C ASN E 12 10.13 -35.53 27.14
N GLY E 13 10.11 -36.49 26.22
CA GLY E 13 8.96 -36.65 25.35
C GLY E 13 7.69 -36.43 26.12
N SER E 14 6.82 -35.55 25.62
CA SER E 14 5.81 -34.93 26.46
C SER E 14 5.20 -35.93 27.44
N GLY E 15 5.09 -37.18 27.03
CA GLY E 15 4.66 -38.22 27.93
C GLY E 15 5.80 -38.91 28.64
N LEU E 16 6.88 -39.21 27.92
CA LEU E 16 8.02 -39.88 28.49
C LEU E 16 9.24 -38.99 28.35
N VAL E 17 10.13 -39.08 29.28
CA VAL E 17 11.43 -38.45 29.11
C VAL E 17 12.30 -39.49 28.44
N LYS E 18 13.10 -39.05 27.48
CA LYS E 18 13.89 -39.94 26.66
C LYS E 18 15.24 -39.28 26.42
N ALA E 19 16.16 -40.03 25.82
CA ALA E 19 17.48 -39.46 25.67
C ALA E 19 18.47 -40.48 25.15
N GLY E 20 19.50 -39.97 24.49
CA GLY E 20 20.68 -40.72 24.15
C GLY E 20 21.89 -39.84 24.37
N PHE E 21 22.70 -39.74 23.32
CA PHE E 21 23.78 -38.77 23.26
C PHE E 21 23.77 -38.04 21.93
N ALA E 22 24.63 -37.03 21.84
CA ALA E 22 24.97 -36.47 20.55
C ALA E 22 25.46 -37.58 19.64
N GLY E 23 25.09 -37.49 18.36
CA GLY E 23 25.43 -38.54 17.43
C GLY E 23 24.81 -39.89 17.73
N ASP E 24 24.12 -40.04 18.86
CA ASP E 24 23.45 -41.30 19.13
C ASP E 24 22.42 -41.57 18.05
N ASP E 25 21.87 -42.77 18.11
CA ASP E 25 20.91 -43.20 17.12
C ASP E 25 19.59 -43.62 17.74
N ALA E 26 19.57 -43.92 19.04
CA ALA E 26 18.37 -44.36 19.70
C ALA E 26 18.39 -43.78 21.10
N PRO E 27 17.38 -43.04 21.48
CA PRO E 27 17.34 -42.53 22.83
C PRO E 27 17.36 -43.70 23.78
N ARG E 28 18.48 -43.89 24.43
CA ARG E 28 18.61 -44.97 25.38
C ARG E 28 17.69 -44.78 26.58
N ALA E 29 17.14 -43.59 26.77
CA ALA E 29 16.19 -43.33 27.84
C ALA E 29 14.80 -43.18 27.24
N VAL E 30 13.84 -43.92 27.77
CA VAL E 30 12.44 -43.76 27.41
C VAL E 30 11.57 -44.24 28.57
N PHE E 31 10.73 -43.36 29.12
CA PHE E 31 9.87 -43.88 30.17
C PHE E 31 8.91 -42.83 30.72
N PRO E 32 7.92 -43.27 31.51
CA PRO E 32 6.79 -42.39 31.83
C PRO E 32 7.20 -41.17 32.64
N SER E 33 6.48 -40.08 32.44
CA SER E 33 6.70 -38.82 33.15
C SER E 33 5.78 -38.67 34.34
N ILE E 34 5.69 -39.72 35.14
CA ILE E 34 4.76 -39.78 36.25
C ILE E 34 5.46 -39.98 37.57
N VAL E 35 4.73 -39.65 38.63
CA VAL E 35 5.13 -39.94 39.99
C VAL E 35 4.02 -40.76 40.63
N GLY E 36 4.37 -41.60 41.59
CA GLY E 36 3.45 -42.60 42.08
C GLY E 36 3.37 -42.69 43.58
N ARG E 37 2.15 -42.65 44.13
CA ARG E 37 1.94 -42.74 45.55
C ARG E 37 1.07 -43.90 45.98
N PRO E 38 1.64 -44.92 46.63
CA PRO E 38 0.81 -45.92 47.29
C PRO E 38 -0.14 -45.30 48.30
N ARG E 39 -1.13 -46.07 48.71
CA ARG E 39 -2.05 -45.53 49.72
C ARG E 39 -1.83 -46.18 51.08
N HIS E 40 -2.00 -47.49 51.14
CA HIS E 40 -2.39 -48.14 52.38
C HIS E 40 -1.25 -48.36 53.36
N GLN E 41 -0.08 -48.76 52.89
CA GLN E 41 0.97 -49.21 53.81
C GLN E 41 0.48 -50.34 54.70
N GLY E 42 0.25 -51.48 54.06
CA GLY E 42 0.26 -52.70 54.82
C GLY E 42 1.58 -52.63 55.55
N VAL E 43 1.57 -52.84 56.87
CA VAL E 43 2.82 -52.83 57.61
C VAL E 43 3.55 -53.94 56.88
N MET E 44 4.80 -53.68 56.51
CA MET E 44 5.53 -54.57 55.63
C MET E 44 6.92 -54.60 56.23
N VAL E 45 7.38 -55.80 56.55
CA VAL E 45 8.73 -55.91 57.05
C VAL E 45 9.66 -55.23 56.06
N GLY E 46 10.83 -54.89 56.56
CA GLY E 46 11.89 -54.41 55.70
C GLY E 46 11.46 -53.21 54.88
N MET E 47 12.25 -52.95 53.83
CA MET E 47 12.09 -51.74 53.07
C MET E 47 12.43 -52.05 51.62
N GLY E 48 12.76 -51.01 50.86
CA GLY E 48 12.82 -51.11 49.41
C GLY E 48 11.55 -50.70 48.74
N GLN E 49 10.57 -50.22 49.51
CA GLN E 49 9.26 -49.90 48.98
C GLN E 49 9.20 -48.39 48.78
N LYS E 50 9.83 -47.96 47.70
CA LYS E 50 9.95 -46.52 47.47
C LYS E 50 8.60 -45.87 47.32
N ASP E 51 8.49 -44.67 47.89
CA ASP E 51 7.36 -43.82 47.58
C ASP E 51 7.32 -43.49 46.09
N SER E 52 8.47 -43.11 45.52
CA SER E 52 8.47 -42.39 44.25
C SER E 52 9.59 -42.84 43.32
N TYR E 53 9.71 -44.13 43.04
CA TYR E 53 10.60 -44.59 41.98
C TYR E 53 9.92 -44.67 40.63
N VAL E 54 8.98 -43.79 40.33
CA VAL E 54 8.16 -44.00 39.14
C VAL E 54 9.05 -44.30 37.94
N GLY E 55 9.81 -43.32 37.51
CA GLY E 55 10.76 -43.56 36.44
C GLY E 55 10.14 -44.51 35.44
N ASP E 56 10.74 -45.69 35.34
CA ASP E 56 10.18 -46.77 34.56
C ASP E 56 9.93 -48.01 35.39
N GLU E 57 9.86 -47.90 36.72
CA GLU E 57 9.58 -49.09 37.49
C GLU E 57 8.14 -48.93 37.98
N ALA E 58 7.78 -47.72 38.39
CA ALA E 58 6.57 -47.52 39.19
C ALA E 58 5.30 -48.01 38.51
N GLN E 59 5.36 -48.23 37.21
CA GLN E 59 4.15 -48.72 36.57
C GLN E 59 4.11 -50.18 36.97
N SER E 60 5.25 -50.76 37.27
CA SER E 60 5.23 -52.02 38.01
C SER E 60 4.45 -51.81 39.30
N LYS E 61 4.62 -50.66 39.93
CA LYS E 61 3.88 -50.38 41.15
C LYS E 61 2.56 -49.71 40.84
N ARG E 62 2.05 -49.89 39.63
CA ARG E 62 0.84 -49.16 39.32
C ARG E 62 -0.25 -49.61 40.30
N GLY E 63 -1.33 -48.85 40.33
CA GLY E 63 -2.41 -49.07 41.26
C GLY E 63 -2.15 -48.44 42.60
N ILE E 64 -1.36 -49.12 43.44
CA ILE E 64 -1.06 -48.54 44.74
C ILE E 64 -0.30 -47.24 44.65
N LEU E 65 0.57 -47.11 43.67
CA LEU E 65 1.28 -45.88 43.44
C LEU E 65 0.41 -45.12 42.44
N THR E 66 0.18 -43.83 42.71
CA THR E 66 -0.62 -43.00 41.82
C THR E 66 0.26 -42.41 40.73
N LEU E 67 -0.23 -41.38 40.05
CA LEU E 67 0.41 -40.84 38.86
C LEU E 67 0.69 -39.36 39.03
N LYS E 68 1.86 -38.92 38.60
CA LYS E 68 2.17 -37.49 38.61
C LYS E 68 3.11 -37.13 37.48
N TYR E 69 2.61 -36.39 36.51
CA TYR E 69 3.46 -35.62 35.63
C TYR E 69 3.85 -34.34 36.33
N PRO E 70 5.10 -33.86 36.21
CA PRO E 70 5.38 -32.48 36.61
C PRO E 70 4.93 -31.54 35.51
N ILE E 71 5.26 -31.85 34.26
CA ILE E 71 5.01 -31.01 33.09
C ILE E 71 3.67 -31.42 32.52
N GLU E 72 2.67 -31.42 33.38
CA GLU E 72 1.44 -32.18 33.26
C GLU E 72 0.85 -31.73 31.94
N HIS E 73 0.71 -30.43 31.79
CA HIS E 73 0.21 -29.80 30.58
C HIS E 73 1.35 -29.35 29.69
N GLY E 74 2.40 -30.16 29.62
CA GLY E 74 3.61 -29.63 29.04
C GLY E 74 3.94 -28.45 29.92
N ILE E 75 3.66 -28.61 31.20
CA ILE E 75 3.76 -27.54 32.18
C ILE E 75 4.32 -28.15 33.45
N ILE E 76 5.59 -27.90 33.72
CA ILE E 76 6.15 -28.48 34.93
C ILE E 76 5.57 -27.78 36.13
N THR E 77 4.60 -28.42 36.76
CA THR E 77 4.09 -27.91 38.03
C THR E 77 5.10 -28.11 39.14
N ASN E 78 5.88 -29.18 39.08
CA ASN E 78 6.87 -29.42 40.10
C ASN E 78 8.14 -29.98 39.48
N TRP E 79 9.23 -29.85 40.21
CA TRP E 79 10.56 -30.00 39.63
C TRP E 79 11.53 -30.91 40.38
N ASP E 80 11.31 -31.10 41.67
CA ASP E 80 12.14 -32.01 42.43
C ASP E 80 11.67 -33.37 42.01
N ASP E 81 10.36 -33.51 41.85
CA ASP E 81 9.84 -34.64 41.10
C ASP E 81 10.67 -34.83 39.84
N MET E 82 10.62 -33.86 38.95
CA MET E 82 11.38 -33.97 37.71
C MET E 82 12.86 -33.99 37.98
N GLU E 83 13.27 -33.40 39.09
CA GLU E 83 14.67 -33.39 39.47
C GLU E 83 15.19 -34.81 39.60
N LYS E 84 14.68 -35.53 40.60
CA LYS E 84 15.04 -36.92 40.76
C LYS E 84 14.65 -37.71 39.53
N ILE E 85 13.69 -37.22 38.76
CA ILE E 85 13.44 -37.84 37.46
C ILE E 85 14.72 -37.86 36.67
N TRP E 86 15.35 -36.69 36.57
CA TRP E 86 16.61 -36.61 35.88
C TRP E 86 17.60 -37.54 36.52
N HIS E 87 17.79 -37.41 37.83
CA HIS E 87 18.79 -38.23 38.50
C HIS E 87 18.57 -39.70 38.20
N HIS E 88 17.36 -40.18 38.42
CA HIS E 88 16.99 -41.48 37.90
C HIS E 88 17.60 -41.69 36.54
N THR E 89 17.35 -40.74 35.64
CA THR E 89 17.84 -40.90 34.29
C THR E 89 19.33 -41.14 34.49
N PHE E 90 20.04 -40.06 34.73
CA PHE E 90 21.47 -39.92 34.69
C PHE E 90 22.26 -40.76 35.67
N TYR E 91 21.64 -41.78 36.22
CA TYR E 91 22.20 -42.47 37.34
C TYR E 91 21.69 -43.89 37.40
N ASN E 92 20.62 -44.18 36.71
CA ASN E 92 20.08 -45.52 36.61
C ASN E 92 20.03 -45.99 35.17
N GLU E 93 19.47 -45.17 34.29
CA GLU E 93 19.41 -45.48 32.88
C GLU E 93 20.41 -44.65 32.11
N LEU E 94 20.52 -43.37 32.44
CA LEU E 94 21.75 -42.69 32.05
C LEU E 94 22.89 -43.10 32.94
N ARG E 95 22.62 -43.38 34.21
CA ARG E 95 23.62 -43.88 35.14
C ARG E 95 24.96 -43.20 34.85
N VAL E 96 24.91 -41.90 34.61
CA VAL E 96 26.02 -41.14 34.07
C VAL E 96 26.09 -39.79 34.75
N ALA E 97 27.30 -39.30 34.92
CA ALA E 97 27.48 -37.99 35.54
C ALA E 97 27.09 -36.90 34.56
N PRO E 98 26.20 -36.00 34.93
CA PRO E 98 25.95 -34.83 34.07
C PRO E 98 27.20 -34.00 33.87
N GLU E 99 28.03 -33.92 34.91
CA GLU E 99 29.01 -32.86 35.01
C GLU E 99 29.97 -32.84 33.82
N GLU E 100 30.12 -33.95 33.13
CA GLU E 100 31.15 -34.08 32.11
C GLU E 100 30.59 -34.28 30.72
N HIS E 101 29.27 -34.37 30.56
CA HIS E 101 28.69 -34.51 29.24
C HIS E 101 27.73 -33.37 28.96
N PRO E 102 27.90 -32.66 27.86
CA PRO E 102 27.03 -31.54 27.57
C PRO E 102 25.62 -32.07 27.43
N THR E 103 24.69 -31.16 27.18
CA THR E 103 23.33 -31.60 26.89
C THR E 103 22.58 -30.42 26.28
N LEU E 104 21.81 -30.73 25.25
CA LEU E 104 20.83 -29.80 24.72
C LEU E 104 19.51 -30.08 25.43
N LEU E 105 18.68 -29.05 25.53
CA LEU E 105 17.45 -29.14 26.28
C LEU E 105 16.11 -28.93 25.60
N THR E 106 15.38 -30.03 25.46
CA THR E 106 14.10 -30.07 24.77
C THR E 106 12.97 -29.27 25.43
N GLU E 107 12.33 -28.40 24.66
CA GLU E 107 11.25 -27.59 25.21
C GLU E 107 10.27 -27.12 24.16
N ALA E 108 9.01 -27.24 24.47
CA ALA E 108 8.05 -26.59 23.63
C ALA E 108 7.89 -25.10 23.94
N PRO E 109 7.42 -24.33 22.98
CA PRO E 109 7.15 -22.92 23.26
C PRO E 109 6.08 -22.77 24.32
N LEU E 110 5.76 -21.52 24.63
CA LEU E 110 4.70 -21.16 25.55
C LEU E 110 5.15 -21.23 27.00
N ASN E 111 6.42 -21.46 27.25
CA ASN E 111 6.87 -21.62 28.64
C ASN E 111 7.13 -20.23 29.19
N PRO E 112 6.70 -19.94 30.41
CA PRO E 112 7.20 -18.76 31.09
C PRO E 112 8.64 -19.04 31.47
N LYS E 113 9.45 -18.00 31.39
CA LYS E 113 10.90 -18.17 31.27
C LYS E 113 11.47 -18.89 32.47
N ALA E 114 11.01 -18.52 33.66
CA ALA E 114 11.65 -19.03 34.88
C ALA E 114 11.67 -20.54 34.90
N ASN E 115 10.70 -21.19 34.27
CA ASN E 115 10.79 -22.62 34.13
C ASN E 115 12.19 -23.00 33.67
N ARG E 116 12.58 -22.50 32.52
CA ARG E 116 13.91 -22.80 32.02
C ARG E 116 14.96 -22.19 32.93
N GLU E 117 14.76 -20.96 33.38
CA GLU E 117 15.75 -20.39 34.30
C GLU E 117 16.16 -21.42 35.34
N LYS E 118 15.19 -21.83 36.15
CA LYS E 118 15.42 -22.76 37.23
C LYS E 118 16.00 -24.06 36.72
N MET E 119 15.36 -24.67 35.73
CA MET E 119 15.87 -25.93 35.23
C MET E 119 17.35 -25.78 34.91
N THR E 120 17.70 -24.68 34.25
CA THR E 120 19.07 -24.43 33.86
C THR E 120 20.00 -24.41 35.05
N GLN E 121 19.80 -23.45 35.96
CA GLN E 121 20.81 -23.34 37.00
C GLN E 121 20.92 -24.68 37.69
N ILE E 122 19.79 -25.21 38.13
CA ILE E 122 19.82 -26.42 38.92
C ILE E 122 20.52 -27.52 38.15
N MET E 123 20.37 -27.54 36.84
CA MET E 123 21.09 -28.51 36.06
C MET E 123 22.58 -28.25 36.03
N PHE E 124 22.99 -27.04 36.35
CA PHE E 124 24.43 -26.81 36.49
C PHE E 124 24.92 -27.14 37.90
N GLU E 125 24.02 -27.15 38.89
CA GLU E 125 24.53 -27.18 40.26
C GLU E 125 24.38 -28.63 40.63
N THR E 126 23.15 -29.12 40.64
CA THR E 126 22.93 -30.54 40.86
C THR E 126 23.71 -31.35 39.85
N PHE E 127 24.04 -30.77 38.71
CA PHE E 127 24.50 -31.55 37.58
C PHE E 127 25.88 -31.18 37.09
N ASN E 128 26.24 -29.91 37.15
CA ASN E 128 27.58 -29.51 36.77
C ASN E 128 28.01 -30.11 35.44
N VAL E 129 27.03 -30.43 34.60
CA VAL E 129 27.34 -30.89 33.26
C VAL E 129 28.39 -29.95 32.72
N PRO E 130 29.18 -30.37 31.75
CA PRO E 130 30.17 -29.44 31.20
C PRO E 130 29.52 -28.16 30.74
N ALA E 131 28.35 -28.27 30.12
CA ALA E 131 27.50 -27.14 29.80
C ALA E 131 26.23 -27.70 29.21
N MET E 132 25.15 -26.97 29.39
CA MET E 132 23.87 -27.39 28.86
C MET E 132 23.54 -26.65 27.58
N TYR E 133 22.25 -26.70 27.24
CA TYR E 133 21.73 -25.88 26.16
C TYR E 133 20.27 -26.26 26.20
N VAL E 134 19.41 -25.49 25.56
CA VAL E 134 18.00 -25.79 25.60
C VAL E 134 17.66 -25.61 24.14
N ALA E 135 16.55 -26.22 23.72
CA ALA E 135 16.08 -26.10 22.37
C ALA E 135 14.61 -26.50 22.31
N ILE E 136 13.82 -25.71 21.58
CA ILE E 136 12.42 -26.05 21.45
C ILE E 136 12.27 -27.43 20.84
N GLN E 137 11.71 -28.33 21.63
CA GLN E 137 11.18 -29.56 21.08
C GLN E 137 10.62 -29.34 19.69
N ALA E 138 9.82 -28.29 19.52
CA ALA E 138 9.28 -28.01 18.20
C ALA E 138 10.40 -27.87 17.19
N VAL E 139 11.32 -26.95 17.46
CA VAL E 139 12.43 -26.71 16.56
C VAL E 139 13.24 -27.99 16.40
N LEU E 140 13.37 -28.73 17.47
CA LEU E 140 14.19 -29.93 17.46
C LEU E 140 13.65 -31.08 16.64
N SER E 141 12.34 -31.06 16.40
CA SER E 141 11.76 -31.96 15.41
C SER E 141 12.01 -31.25 14.10
N LEU E 142 11.93 -29.93 14.11
CA LEU E 142 12.05 -29.19 12.85
C LEU E 142 13.30 -29.61 12.11
N TYR E 143 14.46 -29.38 12.69
CA TYR E 143 15.65 -29.91 12.07
C TYR E 143 14.99 -31.08 12.77
N ALA E 144 14.96 -32.23 12.09
CA ALA E 144 14.57 -33.45 12.75
C ALA E 144 13.73 -33.65 11.50
N SER E 145 13.14 -32.58 10.98
CA SER E 145 12.50 -32.66 9.68
C SER E 145 13.54 -32.55 8.58
N GLY E 146 14.31 -31.47 8.57
CA GLY E 146 15.38 -31.32 7.61
C GLY E 146 14.79 -30.74 6.37
N ARG E 147 13.47 -30.71 6.24
CA ARG E 147 12.82 -29.91 5.21
C ARG E 147 12.71 -28.50 5.72
N THR E 148 13.84 -27.78 5.70
CA THR E 148 13.93 -26.49 6.36
C THR E 148 12.79 -25.56 6.01
N THR E 149 12.10 -25.81 4.90
CA THR E 149 10.93 -25.04 4.54
C THR E 149 9.70 -25.84 4.94
N GLY E 150 8.55 -25.18 4.96
CA GLY E 150 7.31 -25.81 5.37
C GLY E 150 6.98 -25.91 6.84
N ILE E 151 5.70 -26.01 7.16
CA ILE E 151 5.26 -26.24 8.53
C ILE E 151 5.48 -27.69 8.90
N VAL E 152 5.52 -27.96 10.20
CA VAL E 152 5.39 -29.31 10.71
C VAL E 152 4.26 -29.35 11.70
N LEU E 153 3.47 -30.41 11.64
CA LEU E 153 2.39 -30.63 12.60
C LEU E 153 2.70 -31.48 13.82
N ASP E 154 3.32 -30.86 14.82
CA ASP E 154 3.74 -31.58 16.02
C ASP E 154 2.62 -31.93 16.99
N SER E 155 2.04 -33.11 16.80
CA SER E 155 1.09 -33.68 17.74
C SER E 155 1.72 -34.97 18.23
N GLY E 156 2.58 -34.85 19.24
CA GLY E 156 3.50 -35.92 19.52
C GLY E 156 3.24 -36.72 20.77
N ASP E 157 4.25 -36.76 21.64
CA ASP E 157 4.13 -37.55 22.86
C ASP E 157 2.80 -37.24 23.52
N GLY E 158 2.58 -35.96 23.83
CA GLY E 158 1.27 -35.46 24.22
C GLY E 158 1.05 -34.03 23.78
N VAL E 159 1.80 -33.57 22.78
CA VAL E 159 1.92 -32.16 22.46
C VAL E 159 1.17 -31.88 21.17
N THR E 160 1.09 -30.59 20.81
CA THR E 160 0.49 -30.21 19.55
C THR E 160 0.84 -28.77 19.20
N HIS E 161 1.53 -28.59 18.09
CA HIS E 161 1.74 -27.27 17.51
C HIS E 161 1.70 -27.41 16.00
N ASN E 162 1.56 -26.27 15.33
CA ASN E 162 1.89 -26.15 13.93
C ASN E 162 3.21 -25.39 13.82
N VAL E 163 4.09 -25.85 12.95
CA VAL E 163 5.42 -25.26 12.88
C VAL E 163 5.74 -24.81 11.46
N PRO E 164 5.12 -23.74 11.00
CA PRO E 164 5.46 -23.23 9.66
C PRO E 164 6.93 -22.95 9.59
N ILE E 165 7.56 -23.35 8.50
CA ILE E 165 9.01 -23.22 8.38
C ILE E 165 9.27 -22.89 6.92
N TYR E 166 10.55 -22.72 6.59
CA TYR E 166 10.91 -22.16 5.29
C TYR E 166 12.42 -22.08 5.26
N GLU E 167 13.06 -23.10 4.72
CA GLU E 167 14.51 -23.29 4.84
C GLU E 167 14.98 -22.83 6.21
N GLY E 168 14.40 -23.43 7.24
CA GLY E 168 14.67 -23.01 8.60
C GLY E 168 13.83 -21.85 9.05
N TYR E 169 13.11 -21.23 8.14
CA TYR E 169 12.41 -19.99 8.42
C TYR E 169 10.97 -20.29 8.82
N ALA E 170 10.64 -19.99 10.06
CA ALA E 170 9.34 -20.24 10.65
C ALA E 170 8.73 -18.94 11.15
N LEU E 171 7.41 -18.82 11.04
CA LEU E 171 6.75 -17.64 11.55
C LEU E 171 6.07 -17.95 12.87
N PRO E 172 6.60 -17.49 13.99
CA PRO E 172 5.93 -17.73 15.26
C PRO E 172 4.53 -17.18 15.25
N HIS E 173 4.34 -16.03 14.61
CA HIS E 173 3.01 -15.46 14.53
C HIS E 173 2.02 -16.48 14.03
N ALA E 174 2.33 -17.13 12.92
CA ALA E 174 1.47 -18.18 12.39
C ALA E 174 1.54 -19.46 13.21
N ILE E 175 2.47 -19.57 14.15
CA ILE E 175 2.70 -20.82 14.87
C ILE E 175 1.71 -20.93 16.03
N MET E 176 1.31 -22.16 16.34
CA MET E 176 0.20 -22.41 17.26
C MET E 176 0.38 -23.74 18.00
N ARG E 177 -0.40 -23.90 19.06
CA ARG E 177 -0.52 -25.15 19.80
C ARG E 177 -1.96 -25.63 19.76
N LEU E 178 -2.14 -26.94 19.84
CA LEU E 178 -3.43 -27.52 20.14
C LEU E 178 -3.33 -28.27 21.45
N ASP E 179 -4.00 -27.75 22.47
CA ASP E 179 -3.89 -28.33 23.80
C ASP E 179 -4.04 -29.84 23.78
N LEU E 180 -4.65 -30.38 22.73
CA LEU E 180 -4.91 -31.81 22.70
C LEU E 180 -3.66 -32.60 23.05
N ALA E 181 -3.86 -33.64 23.84
CA ALA E 181 -2.83 -34.62 24.13
C ALA E 181 -3.48 -35.96 23.90
N GLY E 182 -2.65 -36.96 23.62
CA GLY E 182 -3.17 -38.31 23.51
C GLY E 182 -3.79 -38.68 24.84
N ARG E 183 -3.25 -38.13 25.91
CA ARG E 183 -3.97 -38.11 27.19
C ARG E 183 -5.38 -37.59 27.03
N ASP E 184 -5.58 -36.54 26.26
CA ASP E 184 -6.92 -36.01 26.13
C ASP E 184 -7.84 -37.04 25.50
N LEU E 185 -7.36 -37.66 24.42
CA LEU E 185 -8.13 -38.68 23.76
C LEU E 185 -8.43 -39.80 24.73
N THR E 186 -7.38 -40.26 25.41
CA THR E 186 -7.52 -41.08 26.60
C THR E 186 -8.75 -40.70 27.37
N ASP E 187 -8.87 -39.42 27.67
CA ASP E 187 -9.97 -38.94 28.46
C ASP E 187 -11.26 -39.36 27.81
N TYR E 188 -11.54 -38.80 26.65
CA TYR E 188 -12.85 -39.04 26.06
C TYR E 188 -13.11 -40.53 25.97
N LEU E 189 -12.06 -41.30 25.73
CA LEU E 189 -12.20 -42.74 25.74
C LEU E 189 -12.75 -43.24 27.05
N MET E 190 -12.15 -42.80 28.15
CA MET E 190 -12.68 -43.21 29.43
C MET E 190 -14.14 -42.83 29.51
N LYS E 191 -14.42 -41.58 29.20
CA LYS E 191 -15.78 -41.10 29.15
C LYS E 191 -16.68 -42.14 28.52
N ILE E 192 -16.41 -42.42 27.26
CA ILE E 192 -17.28 -43.25 26.46
C ILE E 192 -17.35 -44.65 27.01
N LEU E 193 -16.23 -45.36 26.98
CA LEU E 193 -16.27 -46.77 27.35
C LEU E 193 -16.94 -46.97 28.70
N THR E 194 -16.53 -46.18 29.69
CA THR E 194 -17.12 -46.29 31.01
C THR E 194 -18.63 -46.12 30.92
N GLU E 195 -19.08 -44.93 30.48
CA GLU E 195 -20.52 -44.73 30.39
C GLU E 195 -21.18 -45.82 29.57
N ARG E 196 -20.48 -46.31 28.56
CA ARG E 196 -20.94 -47.37 27.67
C ARG E 196 -20.95 -48.73 28.31
N GLY E 197 -20.75 -48.82 29.62
CA GLY E 197 -20.86 -50.11 30.25
C GLY E 197 -19.60 -50.46 30.99
N TYR E 198 -18.81 -49.46 31.38
CA TYR E 198 -17.50 -49.75 31.91
C TYR E 198 -17.24 -48.82 33.08
N SER E 199 -16.33 -49.22 33.95
CA SER E 199 -16.02 -48.46 35.16
C SER E 199 -14.52 -48.23 35.20
N PHE E 200 -14.06 -47.22 34.47
CA PHE E 200 -12.66 -47.15 34.07
C PHE E 200 -12.09 -45.78 34.40
N VAL E 201 -11.51 -45.66 35.58
CA VAL E 201 -11.07 -44.36 36.07
C VAL E 201 -9.64 -44.41 36.56
N THR E 202 -9.17 -45.59 36.88
CA THR E 202 -8.00 -45.66 37.74
C THR E 202 -6.74 -45.34 36.95
N THR E 203 -5.74 -44.84 37.66
CA THR E 203 -4.54 -44.34 37.01
C THR E 203 -4.04 -45.29 35.95
N ALA E 204 -3.63 -46.49 36.38
CA ALA E 204 -3.21 -47.48 35.40
C ALA E 204 -4.40 -47.93 34.57
N GLU E 205 -5.63 -47.67 35.04
CA GLU E 205 -6.76 -47.87 34.15
C GLU E 205 -6.60 -46.97 32.95
N ARG E 206 -6.25 -45.72 33.21
CA ARG E 206 -5.81 -44.82 32.15
C ARG E 206 -4.63 -45.41 31.41
N GLU E 207 -3.78 -46.13 32.12
CA GLU E 207 -2.65 -46.76 31.45
C GLU E 207 -3.15 -47.70 30.36
N ILE E 208 -4.03 -48.60 30.74
CA ILE E 208 -4.56 -49.57 29.81
C ILE E 208 -5.21 -48.85 28.65
N VAL E 209 -5.98 -47.82 28.94
CA VAL E 209 -6.73 -47.18 27.88
C VAL E 209 -5.79 -46.52 26.89
N ARG E 210 -4.75 -45.85 27.38
CA ARG E 210 -3.79 -45.26 26.47
C ARG E 210 -3.11 -46.34 25.65
N ASP E 211 -2.79 -47.45 26.28
CA ASP E 211 -2.29 -48.58 25.53
C ASP E 211 -3.27 -48.93 24.44
N ILE E 212 -4.55 -48.93 24.79
CA ILE E 212 -5.60 -49.32 23.87
C ILE E 212 -5.55 -48.43 22.64
N LYS E 213 -5.52 -47.13 22.87
CA LYS E 213 -5.45 -46.22 21.75
C LYS E 213 -4.24 -46.52 20.91
N GLU E 214 -3.07 -46.56 21.55
CA GLU E 214 -1.84 -46.61 20.79
C GLU E 214 -1.64 -47.96 20.13
N LYS E 215 -2.47 -48.95 20.47
CA LYS E 215 -2.38 -50.24 19.80
C LYS E 215 -3.50 -50.48 18.81
N LEU E 216 -4.68 -50.03 19.09
CA LEU E 216 -5.83 -50.41 18.30
C LEU E 216 -6.65 -49.22 17.84
N CYS E 217 -6.81 -48.21 18.69
CA CYS E 217 -7.65 -47.09 18.31
C CYS E 217 -7.07 -46.38 17.11
N TYR E 218 -7.95 -45.98 16.20
CA TYR E 218 -7.57 -45.48 14.90
C TYR E 218 -8.50 -44.33 14.55
N VAL E 219 -8.55 -44.00 13.27
CA VAL E 219 -9.61 -43.20 12.70
C VAL E 219 -9.83 -43.60 11.25
N ALA E 220 -11.08 -43.54 10.82
CA ALA E 220 -11.43 -43.65 9.42
C ALA E 220 -11.49 -42.26 8.79
N LEU E 221 -10.93 -42.15 7.60
CA LEU E 221 -10.97 -40.90 6.84
C LEU E 221 -12.30 -40.19 7.02
N ASP E 222 -13.37 -40.83 6.58
CA ASP E 222 -14.69 -40.25 6.67
C ASP E 222 -15.32 -40.55 8.01
N PHE E 223 -16.43 -39.88 8.26
CA PHE E 223 -17.24 -40.09 9.45
C PHE E 223 -18.70 -40.50 9.36
N GLU E 224 -19.40 -40.00 8.36
CA GLU E 224 -20.85 -39.99 8.43
C GLU E 224 -21.25 -41.24 7.68
N ASN E 225 -20.77 -41.39 6.45
CA ASN E 225 -20.83 -42.70 5.83
C ASN E 225 -20.01 -43.69 6.64
N GLU E 226 -18.85 -43.25 7.11
CA GLU E 226 -18.12 -44.03 8.08
C GLU E 226 -18.85 -44.19 9.40
N MET E 227 -19.94 -43.44 9.57
CA MET E 227 -20.78 -43.60 10.75
C MET E 227 -21.73 -44.74 10.42
N ALA E 228 -22.32 -44.71 9.23
CA ALA E 228 -23.21 -45.79 8.87
C ALA E 228 -22.46 -47.11 8.90
N THR E 229 -21.27 -47.13 8.33
CA THR E 229 -20.40 -48.29 8.45
C THR E 229 -20.39 -48.76 9.89
N ALA E 230 -20.07 -47.86 10.81
CA ALA E 230 -20.11 -48.19 12.22
C ALA E 230 -21.47 -48.75 12.60
N ALA E 231 -22.52 -48.29 11.93
CA ALA E 231 -23.86 -48.66 12.33
C ALA E 231 -24.03 -50.17 12.42
N SER E 232 -23.34 -50.93 11.56
CA SER E 232 -23.40 -52.38 11.66
C SER E 232 -22.06 -53.06 11.38
N SER E 233 -21.02 -52.33 11.03
CA SER E 233 -19.80 -52.97 10.56
C SER E 233 -19.24 -53.85 11.65
N SER E 234 -19.37 -55.17 11.47
CA SER E 234 -18.96 -56.10 12.50
C SER E 234 -17.45 -56.22 12.62
N SER E 235 -16.72 -55.99 11.53
CA SER E 235 -15.27 -56.17 11.55
C SER E 235 -14.64 -55.37 12.68
N LEU E 236 -14.94 -54.07 12.75
CA LEU E 236 -14.50 -53.26 13.87
C LEU E 236 -14.94 -53.95 15.15
N GLU E 237 -16.18 -54.43 15.19
CA GLU E 237 -16.79 -54.90 16.42
C GLU E 237 -15.97 -55.97 17.14
N LYS E 238 -14.81 -55.55 17.61
CA LYS E 238 -13.81 -56.45 18.15
C LYS E 238 -13.49 -56.11 19.60
N SER E 239 -13.54 -57.14 20.44
CA SER E 239 -13.20 -57.01 21.84
C SER E 239 -11.73 -57.29 22.03
N TYR E 240 -11.06 -56.44 22.80
CA TYR E 240 -9.68 -56.67 23.13
C TYR E 240 -9.36 -56.99 24.58
N GLU E 241 -8.73 -58.13 24.78
CA GLU E 241 -8.30 -58.56 26.10
C GLU E 241 -7.97 -57.39 27.01
N LEU E 242 -8.80 -57.16 27.99
CA LEU E 242 -8.47 -56.21 29.02
C LEU E 242 -7.33 -56.80 29.85
N PRO E 243 -6.27 -56.03 30.11
CA PRO E 243 -5.08 -56.63 30.73
C PRO E 243 -5.31 -57.16 32.11
N ASP E 244 -6.47 -56.92 32.72
CA ASP E 244 -6.87 -57.79 33.81
C ASP E 244 -6.73 -59.19 33.23
N GLY E 245 -7.26 -59.39 32.03
CA GLY E 245 -7.50 -60.70 31.46
C GLY E 245 -8.84 -60.65 30.77
N GLN E 246 -9.71 -59.72 31.19
CA GLN E 246 -10.90 -59.43 30.42
C GLN E 246 -10.49 -59.29 28.96
N VAL E 247 -11.48 -59.18 28.08
CA VAL E 247 -11.23 -58.86 26.68
C VAL E 247 -12.17 -57.71 26.40
N ILE E 248 -11.69 -56.50 26.63
CA ILE E 248 -12.50 -55.31 26.40
C ILE E 248 -13.01 -55.14 24.98
N THR E 249 -14.28 -55.41 24.77
CA THR E 249 -14.86 -55.20 23.45
C THR E 249 -14.74 -53.80 22.87
N ILE E 250 -14.57 -53.72 21.55
CA ILE E 250 -14.34 -52.45 20.92
C ILE E 250 -15.13 -52.34 19.63
N GLY E 251 -15.70 -51.16 19.41
CA GLY E 251 -16.34 -50.80 18.17
C GLY E 251 -15.97 -49.40 17.74
N ASN E 252 -17.00 -48.56 17.60
CA ASN E 252 -16.85 -47.25 16.98
C ASN E 252 -15.82 -46.39 17.67
N GLU E 253 -15.58 -46.62 18.95
CA GLU E 253 -14.62 -45.82 19.68
C GLU E 253 -13.26 -45.78 18.98
N ARG E 254 -12.75 -46.96 18.61
CA ARG E 254 -11.35 -47.14 18.22
C ARG E 254 -10.93 -45.89 17.47
N PHE E 255 -11.78 -45.49 16.55
CA PHE E 255 -11.68 -44.26 15.81
C PHE E 255 -12.36 -43.03 16.39
N ARG E 256 -13.53 -43.19 17.02
CA ARG E 256 -14.19 -42.01 17.56
C ARG E 256 -13.44 -41.43 18.73
N CYS E 257 -12.33 -42.02 19.14
CA CYS E 257 -11.46 -41.32 20.09
C CYS E 257 -10.71 -40.20 19.40
N PRO E 258 -9.78 -40.47 18.51
CA PRO E 258 -8.83 -39.42 18.10
C PRO E 258 -9.47 -38.35 17.26
N GLU E 259 -10.31 -38.77 16.32
CA GLU E 259 -10.80 -37.89 15.27
C GLU E 259 -11.21 -36.53 15.79
N THR E 260 -11.67 -36.43 17.03
CA THR E 260 -12.14 -35.15 17.52
C THR E 260 -11.06 -34.09 17.48
N LEU E 261 -9.78 -34.49 17.38
CA LEU E 261 -8.74 -33.50 17.15
C LEU E 261 -9.11 -32.55 16.04
N PHE E 262 -10.04 -32.96 15.17
CA PHE E 262 -10.56 -32.07 14.16
C PHE E 262 -11.87 -31.44 14.59
N GLN E 263 -12.46 -31.94 15.65
CA GLN E 263 -13.73 -31.43 16.17
C GLN E 263 -13.87 -31.47 17.68
N PRO E 264 -13.12 -30.62 18.39
CA PRO E 264 -13.19 -30.58 19.85
C PRO E 264 -14.57 -30.44 20.45
N SER E 265 -15.59 -30.41 19.61
CA SER E 265 -16.95 -30.55 20.09
C SER E 265 -16.99 -31.79 20.97
N PHE E 266 -16.34 -32.86 20.51
CA PHE E 266 -16.35 -34.08 21.28
C PHE E 266 -15.62 -33.90 22.59
N ILE E 267 -14.52 -33.15 22.57
CA ILE E 267 -13.87 -32.72 23.80
C ILE E 267 -14.56 -31.45 24.22
N GLY E 268 -15.56 -31.06 23.44
CA GLY E 268 -16.29 -29.84 23.66
C GLY E 268 -15.41 -28.61 23.53
N MET E 269 -14.15 -28.79 23.15
CA MET E 269 -13.24 -27.67 23.12
C MET E 269 -13.71 -26.63 22.11
N GLU E 270 -13.60 -25.36 22.49
CA GLU E 270 -13.88 -24.26 21.57
C GLU E 270 -12.98 -24.29 20.36
N SER E 271 -11.87 -25.02 20.44
CA SER E 271 -10.85 -24.96 19.43
C SER E 271 -11.35 -25.55 18.13
N ALA E 272 -10.45 -25.64 17.15
CA ALA E 272 -10.73 -26.19 15.84
C ALA E 272 -9.73 -27.30 15.49
N GLY E 273 -10.13 -28.16 14.56
CA GLY E 273 -9.32 -29.29 14.18
C GLY E 273 -7.90 -28.91 13.84
N ILE E 274 -7.04 -29.92 13.88
CA ILE E 274 -5.62 -29.69 13.60
C ILE E 274 -5.30 -29.37 12.15
N HIS E 275 -6.25 -29.66 11.28
CA HIS E 275 -6.04 -29.50 9.85
C HIS E 275 -6.22 -28.00 9.56
N GLU E 276 -7.30 -27.41 10.02
CA GLU E 276 -7.54 -26.02 9.67
C GLU E 276 -6.69 -25.09 10.48
N THR E 277 -6.19 -25.53 11.63
CA THR E 277 -5.06 -24.84 12.22
C THR E 277 -3.85 -24.82 11.33
N THR E 278 -3.68 -25.88 10.54
CA THR E 278 -2.62 -25.89 9.55
C THR E 278 -2.99 -24.87 8.51
N TYR E 279 -4.26 -24.86 8.10
CA TYR E 279 -4.64 -24.11 6.92
C TYR E 279 -4.67 -22.61 7.20
N ASN E 280 -5.20 -22.21 8.34
CA ASN E 280 -5.17 -20.81 8.67
C ASN E 280 -3.74 -20.34 8.89
N SER E 281 -2.90 -21.21 9.45
CA SER E 281 -1.49 -20.89 9.50
C SER E 281 -0.96 -20.60 8.11
N ILE E 282 -1.19 -21.54 7.19
CA ILE E 282 -0.61 -21.43 5.87
C ILE E 282 -1.11 -20.17 5.19
N MET E 283 -2.42 -19.95 5.23
CA MET E 283 -2.95 -18.71 4.72
C MET E 283 -2.24 -17.52 5.34
N LYS E 284 -1.97 -17.58 6.64
CA LYS E 284 -1.09 -16.57 7.21
C LYS E 284 0.25 -16.54 6.51
N CYS E 285 0.73 -17.68 6.06
CA CYS E 285 2.02 -17.72 5.39
C CYS E 285 1.96 -16.87 4.14
N ASP E 286 3.11 -16.62 3.53
CA ASP E 286 3.13 -15.66 2.44
C ASP E 286 2.32 -16.28 1.31
N ILE E 287 2.19 -15.55 0.22
CA ILE E 287 1.25 -15.95 -0.83
C ILE E 287 1.59 -17.35 -1.33
N ASP E 288 2.86 -17.59 -1.62
CA ASP E 288 3.23 -18.81 -2.34
C ASP E 288 4.12 -19.73 -1.54
N ILE E 289 4.45 -19.39 -0.30
CA ILE E 289 4.87 -20.44 0.63
C ILE E 289 3.92 -21.61 0.56
N ARG E 290 2.64 -21.34 0.32
CA ARG E 290 1.63 -22.36 0.55
C ARG E 290 1.97 -23.66 -0.17
N LYS E 291 2.41 -23.57 -1.42
CA LYS E 291 2.89 -24.78 -2.11
C LYS E 291 4.08 -25.36 -1.37
N ASP E 292 4.93 -24.51 -0.81
CA ASP E 292 6.02 -25.01 0.01
C ASP E 292 5.46 -25.90 1.09
N LEU E 293 4.51 -25.38 1.84
CA LEU E 293 3.79 -26.18 2.82
C LEU E 293 3.37 -27.49 2.19
N TYR E 294 2.66 -27.39 1.07
CA TYR E 294 2.05 -28.55 0.45
C TYR E 294 3.09 -29.63 0.37
N ALA E 295 4.22 -29.31 -0.23
CA ALA E 295 5.32 -30.26 -0.19
C ALA E 295 5.92 -30.54 1.18
N ASN E 296 5.62 -29.72 2.18
CA ASN E 296 6.32 -29.70 3.46
C ASN E 296 5.35 -29.85 4.61
N ASN E 297 4.20 -30.44 4.31
CA ASN E 297 3.11 -30.52 5.27
C ASN E 297 3.51 -31.59 6.28
N VAL E 298 4.60 -31.31 6.99
CA VAL E 298 5.22 -32.32 7.84
C VAL E 298 4.38 -32.51 9.09
N LEU E 299 3.75 -33.67 9.20
CA LEU E 299 3.26 -34.04 10.52
C LEU E 299 4.41 -34.40 11.44
N SER E 300 4.12 -34.29 12.73
CA SER E 300 5.02 -34.78 13.75
C SER E 300 4.20 -35.17 14.97
N GLY E 301 4.61 -36.26 15.63
CA GLY E 301 3.93 -36.74 16.81
C GLY E 301 3.40 -38.15 16.73
N GLY E 302 4.07 -39.07 17.45
CA GLY E 302 3.77 -40.48 17.29
C GLY E 302 2.38 -40.86 17.74
N THR E 303 1.94 -40.34 18.88
CA THR E 303 0.59 -40.66 19.33
C THR E 303 -0.42 -40.49 18.20
N THR E 304 -0.15 -39.57 17.28
CA THR E 304 -0.90 -39.36 16.04
C THR E 304 -0.64 -40.39 15.04
N MET E 305 0.05 -41.44 15.46
CA MET E 305 0.48 -42.50 14.56
C MET E 305 -0.69 -43.21 13.90
N TYR E 306 -1.90 -42.78 14.17
CA TYR E 306 -3.05 -43.59 13.83
C TYR E 306 -3.19 -43.73 12.33
N PRO E 307 -4.20 -44.45 11.87
CA PRO E 307 -4.41 -44.57 10.43
C PRO E 307 -5.21 -43.49 9.74
N GLY E 308 -4.59 -42.88 8.75
CA GLY E 308 -5.31 -42.12 7.76
C GLY E 308 -4.82 -40.74 8.11
N ILE E 309 -3.89 -40.67 9.06
CA ILE E 309 -3.56 -39.39 9.65
C ILE E 309 -3.43 -38.35 8.56
N ALA E 310 -2.47 -38.56 7.67
CA ALA E 310 -2.39 -37.78 6.46
C ALA E 310 -3.66 -37.95 5.65
N ASP E 311 -4.13 -39.19 5.49
CA ASP E 311 -5.33 -39.39 4.69
C ASP E 311 -6.30 -38.23 4.86
N ARG E 312 -6.81 -38.03 6.06
CA ARG E 312 -7.52 -36.78 6.26
C ARG E 312 -6.66 -35.60 5.94
N MET E 313 -5.47 -35.49 6.54
CA MET E 313 -4.70 -34.27 6.40
C MET E 313 -4.90 -33.68 5.01
N GLN E 314 -4.48 -34.45 4.01
CA GLN E 314 -4.70 -34.12 2.62
C GLN E 314 -6.17 -33.94 2.28
N LYS E 315 -7.06 -34.85 2.70
CA LYS E 315 -8.37 -34.72 2.09
C LYS E 315 -8.98 -33.37 2.45
N GLU E 316 -8.96 -33.02 3.73
CA GLU E 316 -9.53 -31.74 4.12
C GLU E 316 -8.75 -30.58 3.55
N ILE E 317 -7.41 -30.64 3.57
CA ILE E 317 -6.70 -29.48 3.01
C ILE E 317 -7.35 -29.36 1.65
N THR E 318 -7.12 -30.29 0.77
CA THR E 318 -7.91 -30.37 -0.45
C THR E 318 -9.22 -29.62 -0.30
N ALA E 319 -10.09 -30.13 0.57
CA ALA E 319 -11.41 -29.54 0.77
C ALA E 319 -11.31 -28.03 0.97
N LEU E 320 -10.12 -27.56 1.31
CA LEU E 320 -9.89 -26.15 1.60
C LEU E 320 -8.88 -25.57 0.63
N ALA E 321 -7.83 -26.34 0.33
CA ALA E 321 -6.78 -25.85 -0.53
C ALA E 321 -7.26 -25.74 -1.98
N PRO E 322 -6.70 -24.81 -2.75
CA PRO E 322 -6.93 -24.83 -4.19
C PRO E 322 -6.25 -26.01 -4.85
N SER E 323 -7.04 -26.81 -5.56
CA SER E 323 -6.47 -27.95 -6.27
C SER E 323 -5.38 -27.49 -7.22
N THR E 324 -5.41 -26.23 -7.63
CA THR E 324 -4.25 -25.63 -8.26
C THR E 324 -2.98 -26.15 -7.64
N MET E 325 -2.86 -25.99 -6.33
CA MET E 325 -1.65 -26.41 -5.64
C MET E 325 -1.73 -27.89 -5.31
N LYS E 326 -0.57 -28.52 -5.21
CA LYS E 326 -0.47 -29.94 -4.88
C LYS E 326 0.06 -30.06 -3.47
N ILE E 327 -0.66 -30.77 -2.62
CA ILE E 327 -0.36 -30.87 -1.21
C ILE E 327 0.52 -32.10 -0.98
N LYS E 328 1.28 -32.08 0.11
CA LYS E 328 1.88 -33.30 0.59
C LYS E 328 2.25 -33.10 2.05
N ILE E 329 1.48 -33.69 2.92
CA ILE E 329 1.86 -33.80 4.32
C ILE E 329 3.03 -34.75 4.47
N ILE E 330 3.85 -34.49 5.49
CA ILE E 330 5.06 -35.23 5.73
C ILE E 330 5.19 -35.75 7.16
N ALA E 331 5.04 -37.06 7.33
CA ALA E 331 5.16 -37.70 8.64
C ALA E 331 5.92 -39.00 8.56
N PRO E 332 7.13 -39.05 9.08
CA PRO E 332 7.83 -40.31 9.20
C PRO E 332 7.12 -41.19 10.21
N PRO E 333 7.27 -42.50 10.11
CA PRO E 333 6.80 -43.34 11.23
C PRO E 333 7.46 -42.96 12.54
N GLU E 334 8.70 -42.52 12.49
CA GLU E 334 9.56 -42.49 13.67
C GLU E 334 9.52 -41.13 14.33
N ARG E 335 8.30 -40.62 14.49
CA ARG E 335 8.18 -39.20 14.81
C ARG E 335 8.55 -38.93 16.26
N LYS E 336 8.29 -39.90 17.14
CA LYS E 336 8.80 -39.77 18.50
C LYS E 336 10.28 -39.44 18.49
N TYR E 337 11.06 -40.24 17.80
CA TYR E 337 12.49 -40.16 17.90
C TYR E 337 13.01 -39.01 17.08
N SER E 338 12.31 -38.73 15.99
CA SER E 338 12.62 -37.60 15.13
C SER E 338 13.07 -36.41 15.93
N VAL E 339 12.24 -35.96 16.87
CA VAL E 339 12.63 -34.83 17.69
C VAL E 339 13.95 -35.14 18.38
N TRP E 340 14.04 -36.30 19.02
CA TRP E 340 15.31 -36.72 19.59
C TRP E 340 16.38 -36.71 18.52
N ILE E 341 16.04 -37.20 17.33
CA ILE E 341 17.07 -37.37 16.31
C ILE E 341 17.67 -36.03 15.95
N GLY E 342 16.82 -35.07 15.62
CA GLY E 342 17.30 -33.76 15.24
C GLY E 342 18.03 -33.07 16.37
N GLY E 343 17.59 -33.29 17.61
CA GLY E 343 18.35 -32.77 18.72
C GLY E 343 19.72 -33.39 18.80
N SER E 344 19.79 -34.71 18.69
CA SER E 344 21.08 -35.38 18.59
C SER E 344 21.83 -34.55 17.58
N ILE E 345 21.30 -34.46 16.38
CA ILE E 345 21.97 -33.71 15.34
C ILE E 345 22.55 -32.38 15.78
N LEU E 346 21.66 -31.44 16.07
CA LEU E 346 22.08 -30.10 16.45
C LEU E 346 23.14 -30.14 17.51
N ALA E 347 22.82 -30.71 18.67
CA ALA E 347 23.82 -30.81 19.70
C ALA E 347 25.07 -31.46 19.15
N SER E 348 24.91 -32.61 18.52
CA SER E 348 25.99 -33.27 17.83
C SER E 348 26.58 -32.39 16.74
N LEU E 349 25.92 -31.30 16.39
CA LEU E 349 26.47 -30.43 15.36
C LEU E 349 27.71 -29.72 15.89
N SER E 350 28.87 -30.32 15.59
CA SER E 350 30.13 -29.83 16.15
C SER E 350 30.54 -28.44 15.73
N THR E 351 29.77 -27.83 14.85
CA THR E 351 30.18 -26.54 14.33
C THR E 351 29.38 -25.60 15.21
N PHE E 352 28.78 -26.14 16.27
CA PHE E 352 27.76 -25.42 17.01
C PHE E 352 27.96 -25.40 18.51
N GLN E 353 29.06 -25.94 19.01
CA GLN E 353 29.18 -26.01 20.46
C GLN E 353 29.20 -24.64 21.11
N GLN E 354 29.43 -23.59 20.32
CA GLN E 354 29.41 -22.26 20.89
C GLN E 354 28.13 -21.96 21.66
N MET E 355 27.01 -22.56 21.27
CA MET E 355 25.74 -22.20 21.89
C MET E 355 25.58 -22.74 23.29
N TRP E 356 26.11 -23.91 23.60
CA TRP E 356 25.79 -24.54 24.88
C TRP E 356 25.94 -23.62 26.06
N ILE E 357 25.05 -23.84 27.02
CA ILE E 357 24.90 -23.07 28.24
C ILE E 357 26.10 -23.40 29.12
N SER E 358 27.05 -22.49 29.21
CA SER E 358 28.19 -22.75 30.06
C SER E 358 27.86 -22.38 31.49
N LYS E 359 28.36 -23.19 32.43
CA LYS E 359 28.27 -22.81 33.83
C LYS E 359 28.56 -21.33 34.00
N GLN E 360 29.74 -20.90 33.57
CA GLN E 360 30.16 -19.53 33.79
C GLN E 360 29.13 -18.55 33.24
N GLU E 361 28.88 -18.62 31.94
CA GLU E 361 27.97 -17.66 31.33
C GLU E 361 26.77 -17.42 32.23
N TYR E 362 26.08 -18.48 32.61
CA TYR E 362 25.08 -18.36 33.66
C TYR E 362 25.50 -17.76 34.99
N ASP E 363 26.81 -17.81 35.26
CA ASP E 363 27.30 -17.52 36.59
C ASP E 363 27.35 -16.01 36.60
N GLU E 364 28.01 -15.46 35.59
CA GLU E 364 28.10 -14.02 35.45
C GLU E 364 26.72 -13.41 35.29
N ALA E 365 25.89 -14.01 34.45
CA ALA E 365 24.58 -13.46 34.19
C ALA E 365 23.47 -14.23 34.89
N GLY E 366 23.82 -15.04 35.88
CA GLY E 366 22.83 -15.87 36.52
C GLY E 366 22.07 -16.62 35.48
N PRO E 367 20.82 -16.97 35.79
CA PRO E 367 20.00 -17.66 34.78
C PRO E 367 19.48 -16.72 33.73
N SER E 368 19.03 -15.54 34.14
CA SER E 368 18.49 -14.57 33.20
C SER E 368 19.31 -14.49 31.94
N ILE E 369 20.63 -14.72 32.06
CA ILE E 369 21.47 -14.81 30.87
C ILE E 369 20.76 -15.58 29.78
N VAL E 370 20.21 -16.73 30.13
CA VAL E 370 19.72 -17.71 29.17
C VAL E 370 19.00 -16.89 28.12
N HIS E 371 18.16 -15.97 28.53
CA HIS E 371 17.14 -15.50 27.61
C HIS E 371 17.58 -14.82 26.33
N ARG E 372 18.17 -13.65 26.46
CA ARG E 372 18.54 -12.90 25.27
C ARG E 372 19.69 -13.59 24.56
N LYS E 373 19.61 -13.61 23.23
CA LYS E 373 20.69 -14.06 22.38
C LYS E 373 21.13 -15.47 22.76
N CYS E 374 20.32 -16.15 23.54
CA CYS E 374 20.63 -17.51 23.92
C CYS E 374 19.35 -18.16 24.42
N PHE E 375 19.32 -19.49 24.30
CA PHE E 375 18.38 -20.38 24.96
C PHE E 375 18.96 -21.79 24.89
N ASP F 1 -61.68 -43.09 33.41
CA ASP F 1 -62.89 -42.49 33.93
C ASP F 1 -62.69 -41.01 34.24
N ASP F 2 -61.88 -40.35 33.43
CA ASP F 2 -61.57 -38.94 33.63
C ASP F 2 -61.10 -38.37 32.29
N GLU F 3 -60.46 -37.20 32.33
CA GLU F 3 -60.00 -36.54 31.12
C GLU F 3 -58.72 -37.19 30.60
N GLU F 4 -58.04 -36.52 29.67
CA GLU F 4 -57.04 -37.15 28.82
C GLU F 4 -56.13 -38.12 29.56
N THR F 5 -55.32 -37.61 30.50
CA THR F 5 -54.46 -38.48 31.30
C THR F 5 -53.64 -37.62 32.24
N THR F 6 -52.98 -38.29 33.18
CA THR F 6 -51.91 -37.71 33.96
C THR F 6 -50.65 -38.50 33.69
N ALA F 7 -49.62 -37.81 33.23
CA ALA F 7 -48.35 -38.48 33.09
C ALA F 7 -47.98 -39.13 34.41
N LEU F 8 -47.07 -40.07 34.33
CA LEU F 8 -46.80 -40.95 35.45
C LEU F 8 -45.45 -40.31 35.78
N VAL F 9 -45.28 -39.95 37.05
CA VAL F 9 -44.04 -39.28 37.42
C VAL F 9 -43.51 -40.38 38.34
N CYS F 10 -42.80 -41.32 37.72
CA CYS F 10 -42.27 -42.50 38.39
C CYS F 10 -40.78 -42.31 38.59
N ASP F 11 -40.33 -42.41 39.83
CA ASP F 11 -38.95 -42.07 40.18
C ASP F 11 -38.20 -43.07 41.07
N ASN F 12 -37.53 -44.01 40.43
CA ASN F 12 -36.69 -44.96 41.13
C ASN F 12 -35.56 -44.39 41.97
N GLY F 13 -35.88 -43.55 42.94
CA GLY F 13 -34.87 -42.94 43.77
C GLY F 13 -33.79 -43.95 44.08
N SER F 14 -32.53 -43.59 43.83
CA SER F 14 -31.49 -44.60 43.65
C SER F 14 -31.62 -45.72 44.67
N GLY F 15 -32.10 -45.41 45.86
CA GLY F 15 -32.40 -46.44 46.84
C GLY F 15 -33.84 -46.94 46.77
N LEU F 16 -34.78 -46.02 46.61
CA LEU F 16 -36.19 -46.38 46.54
C LEU F 16 -36.74 -45.94 45.20
N VAL F 17 -37.68 -46.66 44.71
CA VAL F 17 -38.45 -46.19 43.57
C VAL F 17 -39.61 -45.41 44.14
N LYS F 18 -39.92 -44.29 43.51
CA LYS F 18 -40.92 -43.37 44.03
C LYS F 18 -41.69 -42.82 42.83
N ALA F 19 -42.76 -42.08 43.12
CA ALA F 19 -43.57 -41.63 42.00
C ALA F 19 -44.85 -40.98 42.48
N GLY F 20 -45.36 -40.08 41.65
CA GLY F 20 -46.69 -39.56 41.77
C GLY F 20 -47.30 -39.46 40.39
N PHE F 21 -47.78 -38.27 40.07
CA PHE F 21 -48.19 -37.94 38.71
C PHE F 21 -47.62 -36.60 38.29
N ALA F 22 -47.83 -36.28 37.02
CA ALA F 22 -47.62 -34.92 36.56
C ALA F 22 -48.47 -33.98 37.41
N GLY F 23 -47.92 -32.81 37.72
CA GLY F 23 -48.59 -31.89 38.60
C GLY F 23 -48.80 -32.38 40.01
N ASP F 24 -48.46 -33.63 40.30
CA ASP F 24 -48.58 -34.11 41.67
C ASP F 24 -47.67 -33.28 42.56
N ASP F 25 -47.82 -33.52 43.86
CA ASP F 25 -47.06 -32.77 44.84
C ASP F 25 -46.25 -33.67 45.76
N ALA F 26 -46.58 -34.96 45.83
CA ALA F 26 -45.89 -35.88 46.68
C ALA F 26 -45.83 -37.22 45.96
N PRO F 27 -44.65 -37.76 45.75
CA PRO F 27 -44.56 -39.05 45.15
C PRO F 27 -45.31 -40.03 46.00
N ARG F 28 -46.47 -40.45 45.52
CA ARG F 28 -47.26 -41.41 46.26
C ARG F 28 -46.58 -42.76 46.35
N ALA F 29 -45.54 -43.00 45.57
CA ALA F 29 -44.76 -44.22 45.64
C ALA F 29 -43.42 -43.92 46.27
N VAL F 30 -43.05 -44.68 47.31
CA VAL F 30 -41.72 -44.61 47.90
C VAL F 30 -41.40 -45.94 48.55
N PHE F 31 -40.33 -46.61 48.13
CA PHE F 31 -40.02 -47.83 48.83
C PHE F 31 -38.77 -48.52 48.32
N PRO F 32 -38.26 -49.52 49.06
CA PRO F 32 -36.91 -50.03 48.80
C PRO F 32 -36.78 -50.66 47.43
N SER F 33 -35.57 -50.57 46.87
CA SER F 33 -35.24 -51.14 45.57
C SER F 33 -34.56 -52.49 45.72
N ILE F 34 -35.15 -53.34 46.54
CA ILE F 34 -34.54 -54.62 46.89
C ILE F 34 -35.44 -55.78 46.51
N VAL F 35 -34.82 -56.95 46.42
CA VAL F 35 -35.51 -58.22 46.28
C VAL F 35 -35.08 -59.11 47.43
N GLY F 36 -35.96 -60.03 47.83
CA GLY F 36 -35.74 -60.74 49.07
C GLY F 36 -35.96 -62.23 48.96
N ARG F 37 -34.99 -63.01 49.44
CA ARG F 37 -35.08 -64.45 49.41
C ARG F 37 -34.99 -65.12 50.77
N PRO F 38 -36.08 -65.68 51.27
CA PRO F 38 -35.98 -66.55 52.44
C PRO F 38 -35.03 -67.70 52.21
N ARG F 39 -34.62 -68.36 53.29
CA ARG F 39 -33.74 -69.50 53.13
C ARG F 39 -34.46 -70.82 53.38
N HIS F 40 -35.00 -70.98 54.57
CA HIS F 40 -35.17 -72.30 55.14
C HIS F 40 -36.39 -73.03 54.63
N GLN F 41 -37.52 -72.36 54.48
CA GLN F 41 -38.78 -73.06 54.22
C GLN F 41 -39.08 -74.09 55.29
N GLY F 42 -39.36 -73.58 56.48
CA GLY F 42 -40.11 -74.38 57.41
C GLY F 42 -41.30 -74.82 56.60
N VAL F 43 -41.59 -76.11 56.59
CA VAL F 43 -42.77 -76.57 55.87
C VAL F 43 -43.84 -75.77 56.58
N MET F 44 -44.71 -75.14 55.80
CA MET F 44 -45.64 -74.18 56.35
C MET F 44 -46.92 -74.48 55.60
N VAL F 45 -47.98 -74.76 56.37
CA VAL F 45 -49.25 -74.97 55.73
C VAL F 45 -49.55 -73.78 54.84
N GLY F 46 -50.45 -74.00 53.90
CA GLY F 46 -50.97 -72.92 53.11
C GLY F 46 -49.88 -72.14 52.41
N MET F 47 -50.25 -70.95 51.95
CA MET F 47 -49.39 -70.16 51.10
C MET F 47 -49.61 -68.69 51.41
N GLY F 48 -49.26 -67.82 50.48
CA GLY F 48 -49.14 -66.41 50.75
C GLY F 48 -47.74 -66.00 51.11
N GLN F 49 -46.80 -66.92 51.07
CA GLN F 49 -45.44 -66.66 51.50
C GLN F 49 -44.60 -66.40 50.26
N LYS F 50 -44.74 -65.19 49.74
CA LYS F 50 -44.08 -64.87 48.49
C LYS F 50 -42.58 -64.96 48.59
N ASP F 51 -41.97 -65.48 47.54
CA ASP F 51 -40.53 -65.35 47.40
C ASP F 51 -40.11 -63.89 47.36
N SER F 52 -40.80 -63.08 46.57
CA SER F 52 -40.25 -61.81 46.13
C SER F 52 -41.27 -60.69 46.12
N TYR F 53 -41.99 -60.47 47.22
CA TYR F 53 -42.81 -59.27 47.32
C TYR F 53 -42.08 -58.09 47.93
N VAL F 54 -40.78 -57.95 47.68
CA VAL F 54 -40.01 -56.97 48.42
C VAL F 54 -40.73 -55.63 48.44
N GLY F 55 -40.82 -54.99 47.28
CA GLY F 55 -41.57 -53.77 47.19
C GLY F 55 -41.38 -52.97 48.45
N ASP F 56 -42.47 -52.81 49.20
CA ASP F 56 -42.43 -52.21 50.51
C ASP F 56 -42.97 -53.15 51.58
N GLU F 57 -43.05 -54.44 51.32
CA GLU F 57 -43.53 -55.33 52.37
C GLU F 57 -42.31 -56.09 52.86
N ALA F 58 -41.45 -56.51 51.94
CA ALA F 58 -40.46 -57.53 52.24
C ALA F 58 -39.51 -57.15 53.36
N GLN F 59 -39.47 -55.88 53.72
CA GLN F 59 -38.60 -55.54 54.83
C GLN F 59 -39.36 -56.01 56.04
N SER F 60 -40.68 -56.10 55.94
CA SER F 60 -41.40 -56.90 56.92
C SER F 60 -40.84 -58.30 56.94
N LYS F 61 -40.49 -58.82 55.77
CA LYS F 61 -39.91 -60.15 55.70
C LYS F 61 -38.39 -60.09 55.81
N ARG F 62 -37.87 -59.02 56.39
CA ARG F 62 -36.42 -58.93 56.41
C ARG F 62 -35.89 -60.14 57.17
N GLY F 63 -34.60 -60.35 57.04
CA GLY F 63 -33.92 -61.49 57.62
C GLY F 63 -34.03 -62.73 56.74
N ILE F 64 -35.17 -63.42 56.82
CA ILE F 64 -35.33 -64.59 55.98
C ILE F 64 -35.30 -64.27 54.51
N LEU F 65 -35.83 -63.13 54.12
CA LEU F 65 -35.77 -62.69 52.75
C LEU F 65 -34.50 -61.86 52.67
N THR F 66 -33.70 -62.10 51.63
CA THR F 66 -32.46 -61.35 51.44
C THR F 66 -32.74 -60.07 50.66
N LEU F 67 -31.70 -59.46 50.12
CA LEU F 67 -31.79 -58.13 49.52
C LEU F 67 -31.30 -58.16 48.08
N LYS F 68 -32.02 -57.47 47.19
CA LYS F 68 -31.56 -57.35 45.81
C LYS F 68 -32.00 -56.02 45.21
N TYR F 69 -31.04 -55.14 44.97
CA TYR F 69 -31.25 -54.06 44.03
C TYR F 69 -31.04 -54.60 42.62
N PRO F 70 -31.84 -54.20 41.62
CA PRO F 70 -31.44 -54.46 40.24
C PRO F 70 -30.41 -53.43 39.81
N ILE F 71 -30.65 -52.15 40.10
CA ILE F 71 -29.84 -51.03 39.68
C ILE F 71 -28.82 -50.76 40.75
N GLU F 72 -28.11 -51.82 41.12
CA GLU F 72 -27.44 -51.99 42.39
C GLU F 72 -26.50 -50.80 42.49
N HIS F 73 -25.70 -50.62 41.45
CA HIS F 73 -24.77 -49.51 41.34
C HIS F 73 -25.38 -48.38 40.53
N GLY F 74 -26.66 -48.13 40.73
CA GLY F 74 -27.33 -47.29 39.78
C GLY F 74 -27.16 -48.01 38.47
N ILE F 75 -27.19 -49.33 38.55
CA ILE F 75 -26.89 -50.21 37.44
C ILE F 75 -27.86 -51.36 37.50
N ILE F 76 -28.86 -51.36 36.62
CA ILE F 76 -29.82 -52.45 36.67
C ILE F 76 -29.15 -53.72 36.17
N THR F 77 -28.75 -54.57 37.10
CA THR F 77 -28.26 -55.88 36.72
C THR F 77 -29.38 -56.76 36.22
N ASN F 78 -30.57 -56.60 36.79
CA ASN F 78 -31.69 -57.40 36.35
C ASN F 78 -32.96 -56.56 36.31
N TRP F 79 -33.93 -57.04 35.56
CA TRP F 79 -35.05 -56.22 35.14
C TRP F 79 -36.43 -56.79 35.33
N ASP F 80 -36.55 -58.11 35.42
CA ASP F 80 -37.83 -58.73 35.67
C ASP F 80 -38.05 -58.47 37.14
N ASP F 81 -36.99 -58.60 37.92
CA ASP F 81 -37.00 -58.04 39.26
C ASP F 81 -37.62 -56.64 39.21
N MET F 82 -36.95 -55.73 38.53
CA MET F 82 -37.45 -54.37 38.44
C MET F 82 -38.76 -54.33 37.70
N GLU F 83 -38.98 -55.30 36.82
CA GLU F 83 -40.23 -55.37 36.09
C GLU F 83 -41.41 -55.47 37.04
N LYS F 84 -41.49 -56.60 37.75
CA LYS F 84 -42.52 -56.74 38.75
C LYS F 84 -42.40 -55.67 39.80
N ILE F 85 -41.22 -55.09 39.97
CA ILE F 85 -41.12 -53.92 40.81
C ILE F 85 -42.09 -52.86 40.32
N TRP F 86 -42.02 -52.58 39.04
CA TRP F 86 -42.95 -51.64 38.44
C TRP F 86 -44.37 -52.11 38.67
N HIS F 87 -44.65 -53.34 38.27
CA HIS F 87 -46.03 -53.83 38.39
C HIS F 87 -46.54 -53.66 39.81
N HIS F 88 -45.79 -54.15 40.78
CA HIS F 88 -46.05 -53.80 42.16
C HIS F 88 -46.45 -52.34 42.25
N THR F 89 -45.63 -51.47 41.68
CA THR F 89 -45.93 -50.06 41.78
C THR F 89 -47.34 -49.95 41.24
N PHE F 90 -47.43 -49.98 39.93
CA PHE F 90 -48.57 -49.65 39.11
C PHE F 90 -49.80 -50.48 39.32
N TYR F 91 -49.88 -51.20 40.41
CA TYR F 91 -50.89 -52.22 40.55
C TYR F 91 -51.18 -52.46 42.02
N ASN F 92 -50.32 -52.01 42.90
CA ASN F 92 -50.50 -52.10 44.32
C ASN F 92 -50.49 -50.74 44.97
N GLU F 93 -49.46 -49.95 44.67
CA GLU F 93 -49.36 -48.60 45.18
C GLU F 93 -49.67 -47.60 44.09
N LEU F 94 -49.16 -47.83 42.88
CA LEU F 94 -49.79 -47.16 41.76
C LEU F 94 -51.12 -47.80 41.42
N ARG F 95 -51.22 -49.12 41.61
CA ARG F 95 -52.47 -49.84 41.41
C ARG F 95 -53.21 -49.25 40.23
N VAL F 96 -52.48 -48.96 39.17
CA VAL F 96 -52.95 -48.16 38.05
C VAL F 96 -52.43 -48.74 36.76
N ALA F 97 -53.24 -48.63 35.71
CA ALA F 97 -52.83 -49.12 34.41
C ALA F 97 -51.80 -48.19 33.80
N PRO F 98 -50.63 -48.68 33.41
CA PRO F 98 -49.71 -47.84 32.65
C PRO F 98 -50.32 -47.34 31.36
N GLU F 99 -51.15 -48.17 30.73
CA GLU F 99 -51.46 -48.01 29.32
C GLU F 99 -52.06 -46.65 29.02
N GLU F 100 -52.65 -46.01 30.02
CA GLU F 100 -53.44 -44.81 29.77
C GLU F 100 -52.85 -43.57 30.42
N HIS F 101 -51.77 -43.70 31.17
CA HIS F 101 -51.13 -42.53 31.77
C HIS F 101 -49.70 -42.40 31.29
N PRO F 102 -49.32 -41.25 30.76
CA PRO F 102 -47.96 -41.09 30.26
C PRO F 102 -47.01 -41.28 31.42
N THR F 103 -45.72 -41.18 31.14
CA THR F 103 -44.75 -41.20 32.21
C THR F 103 -43.43 -40.69 31.65
N LEU F 104 -42.76 -39.87 32.45
CA LEU F 104 -41.38 -39.50 32.21
C LEU F 104 -40.51 -40.49 32.97
N LEU F 105 -39.30 -40.69 32.48
CA LEU F 105 -38.42 -41.70 33.04
C LEU F 105 -37.07 -41.30 33.62
N THR F 106 -36.98 -41.36 34.94
CA THR F 106 -35.80 -40.97 35.70
C THR F 106 -34.55 -41.79 35.47
N GLU F 107 -33.45 -41.13 35.13
CA GLU F 107 -32.21 -41.85 34.88
C GLU F 107 -30.98 -41.00 35.12
N ALA F 108 -30.02 -41.58 35.78
CA ALA F 108 -28.73 -40.91 35.81
C ALA F 108 -27.89 -41.18 34.56
N PRO F 109 -26.96 -40.30 34.26
CA PRO F 109 -26.06 -40.55 33.14
C PRO F 109 -25.24 -41.81 33.38
N LEU F 110 -24.39 -42.10 32.41
CA LEU F 110 -23.44 -43.20 32.47
C LEU F 110 -24.08 -44.53 32.10
N ASN F 111 -25.32 -44.53 31.65
CA ASN F 111 -25.99 -45.80 31.36
C ASN F 111 -25.60 -46.20 29.95
N PRO F 112 -25.28 -47.47 29.73
CA PRO F 112 -25.20 -47.96 28.36
C PRO F 112 -26.64 -48.06 27.85
N LYS F 113 -26.78 -47.75 26.57
CA LYS F 113 -28.07 -47.34 26.04
C LYS F 113 -29.11 -48.44 26.20
N ALA F 114 -28.71 -49.68 25.92
CA ALA F 114 -29.70 -50.75 25.86
C ALA F 114 -30.48 -50.86 27.15
N ASN F 115 -29.88 -50.48 28.27
CA ASN F 115 -30.67 -50.39 29.48
C ASN F 115 -31.98 -49.68 29.21
N ARG F 116 -31.88 -48.44 28.76
CA ARG F 116 -33.09 -47.71 28.45
C ARG F 116 -33.81 -48.33 27.27
N GLU F 117 -33.09 -48.75 26.25
CA GLU F 117 -33.77 -49.41 25.13
C GLU F 117 -34.80 -50.39 25.67
N LYS F 118 -34.32 -51.41 26.37
CA LYS F 118 -35.15 -52.47 26.90
C LYS F 118 -36.22 -51.93 27.82
N MET F 119 -35.83 -51.11 28.80
CA MET F 119 -36.83 -50.60 29.70
C MET F 119 -37.95 -49.97 28.90
N THR F 120 -37.60 -49.20 27.89
CA THR F 120 -38.57 -48.51 27.07
C THR F 120 -39.53 -49.48 26.41
N GLN F 121 -39.02 -50.36 25.56
CA GLN F 121 -39.98 -51.16 24.82
C GLN F 121 -40.86 -51.89 25.80
N ILE F 122 -40.22 -52.57 26.75
CA ILE F 122 -41.00 -53.40 27.66
C ILE F 122 -42.02 -52.57 28.38
N MET F 123 -41.70 -51.32 28.66
CA MET F 123 -42.69 -50.46 29.27
C MET F 123 -43.81 -50.10 28.33
N PHE F 124 -43.59 -50.26 27.03
CA PHE F 124 -44.73 -50.10 26.13
C PHE F 124 -45.53 -51.39 25.95
N GLU F 125 -44.93 -52.53 26.26
CA GLU F 125 -45.57 -53.78 25.82
C GLU F 125 -46.25 -54.23 27.10
N THR F 126 -45.45 -54.53 28.11
CA THR F 126 -46.01 -54.87 29.41
C THR F 126 -46.93 -53.76 29.89
N PHE F 127 -46.73 -52.56 29.38
CA PHE F 127 -47.36 -51.40 30.01
C PHE F 127 -48.27 -50.61 29.09
N ASN F 128 -47.94 -50.52 27.81
CA ASN F 128 -48.82 -49.86 26.87
C ASN F 128 -49.28 -48.51 27.38
N VAL F 129 -48.48 -47.90 28.25
CA VAL F 129 -48.76 -46.56 28.70
C VAL F 129 -49.10 -45.75 27.46
N PRO F 130 -49.84 -44.66 27.59
CA PRO F 130 -50.12 -43.87 26.39
C PRO F 130 -48.86 -43.49 25.66
N ALA F 131 -47.82 -43.14 26.43
CA ALA F 131 -46.48 -42.94 25.91
C ALA F 131 -45.60 -42.67 27.10
N MET F 132 -44.33 -43.01 26.97
CA MET F 132 -43.38 -42.79 28.04
C MET F 132 -42.52 -41.57 27.76
N TYR F 133 -41.41 -41.51 28.47
CA TYR F 133 -40.39 -40.51 28.17
C TYR F 133 -39.35 -40.87 29.21
N VAL F 134 -38.13 -40.39 29.05
CA VAL F 134 -37.09 -40.74 29.99
C VAL F 134 -36.48 -39.37 30.23
N ALA F 135 -35.79 -39.24 31.35
CA ALA F 135 -35.12 -37.99 31.67
C ALA F 135 -34.06 -38.26 32.74
N ILE F 136 -32.88 -37.67 32.55
CA ILE F 136 -31.84 -37.86 33.55
C ILE F 136 -32.32 -37.36 34.90
N GLN F 137 -32.43 -38.30 35.84
CA GLN F 137 -32.50 -37.94 37.23
C GLN F 137 -31.70 -36.68 37.52
N ALA F 138 -30.47 -36.63 37.03
CA ALA F 138 -29.67 -35.43 37.26
C ALA F 138 -30.40 -34.21 36.73
N VAL F 139 -30.75 -34.24 35.45
CA VAL F 139 -31.44 -33.10 34.84
C VAL F 139 -32.74 -32.84 35.57
N LEU F 140 -33.41 -33.91 35.99
CA LEU F 140 -34.71 -33.80 36.62
C LEU F 140 -34.69 -33.16 38.00
N SER F 141 -33.53 -33.20 38.66
CA SER F 141 -33.35 -32.41 39.86
C SER F 141 -33.01 -31.04 39.33
N LEU F 142 -32.27 -30.98 38.22
CA LEU F 142 -31.80 -29.71 37.72
C LEU F 142 -32.96 -28.74 37.59
N TYR F 143 -33.92 -29.06 36.74
CA TYR F 143 -35.10 -28.22 36.71
C TYR F 143 -35.24 -29.11 37.93
N ALA F 144 -35.70 -28.52 39.04
CA ALA F 144 -36.08 -29.31 40.19
C ALA F 144 -35.28 -28.27 40.94
N SER F 145 -34.16 -27.82 40.39
CA SER F 145 -33.45 -26.69 40.97
C SER F 145 -34.12 -25.40 40.52
N GLY F 146 -34.22 -25.17 39.22
CA GLY F 146 -34.91 -24.00 38.73
C GLY F 146 -33.92 -22.88 38.69
N ARG F 147 -32.76 -23.03 39.33
CA ARG F 147 -31.66 -22.10 39.12
C ARG F 147 -30.92 -22.56 37.87
N THR F 148 -31.51 -22.26 36.71
CA THR F 148 -31.05 -22.82 35.45
C THR F 148 -29.55 -22.67 35.27
N THR F 149 -28.92 -21.74 35.97
CA THR F 149 -27.48 -21.59 35.93
C THR F 149 -26.90 -22.28 37.16
N GLY F 150 -25.59 -22.50 37.15
CA GLY F 150 -24.93 -23.19 38.23
C GLY F 150 -24.92 -24.72 38.25
N ILE F 151 -23.93 -25.29 38.92
CA ILE F 151 -23.88 -26.73 39.12
C ILE F 151 -24.86 -27.12 40.21
N VAL F 152 -25.22 -28.40 40.23
CA VAL F 152 -25.89 -28.99 41.38
C VAL F 152 -25.09 -30.20 41.81
N LEU F 153 -24.96 -30.37 43.13
CA LEU F 153 -24.29 -31.53 43.69
C LEU F 153 -25.17 -32.70 44.09
N ASP F 154 -25.54 -33.51 43.12
CA ASP F 154 -26.44 -34.65 43.33
C ASP F 154 -25.82 -35.84 44.05
N SER F 155 -25.89 -35.84 45.37
CA SER F 155 -25.51 -36.99 46.18
C SER F 155 -26.78 -37.41 46.91
N GLY F 156 -27.60 -38.20 46.24
CA GLY F 156 -28.97 -38.34 46.67
C GLY F 156 -29.35 -39.66 47.30
N ASP F 157 -30.36 -40.30 46.72
CA ASP F 157 -30.83 -41.55 47.27
C ASP F 157 -29.65 -42.47 47.54
N GLY F 158 -28.85 -42.74 46.51
CA GLY F 158 -27.56 -43.37 46.65
C GLY F 158 -26.58 -42.91 45.60
N VAL F 159 -26.85 -41.76 44.98
CA VAL F 159 -26.18 -41.34 43.75
C VAL F 159 -25.20 -40.22 44.07
N THR F 160 -24.42 -39.83 43.06
CA THR F 160 -23.53 -38.69 43.21
C THR F 160 -23.04 -38.21 41.85
N HIS F 161 -23.37 -36.96 41.53
CA HIS F 161 -22.79 -36.28 40.38
C HIS F 161 -22.59 -34.83 40.75
N ASN F 162 -21.80 -34.14 39.93
CA ASN F 162 -21.81 -32.69 39.88
C ASN F 162 -22.52 -32.28 38.60
N VAL F 163 -23.37 -31.26 38.70
CA VAL F 163 -24.18 -30.90 37.55
C VAL F 163 -24.02 -29.42 37.22
N PRO F 164 -22.88 -29.03 36.67
CA PRO F 164 -22.71 -27.63 36.28
C PRO F 164 -23.81 -27.25 35.32
N ILE F 165 -24.39 -26.07 35.53
CA ILE F 165 -25.52 -25.65 34.73
C ILE F 165 -25.35 -24.16 34.53
N TYR F 166 -26.29 -23.56 33.81
CA TYR F 166 -26.12 -22.19 33.35
C TYR F 166 -27.36 -21.82 32.55
N GLU F 167 -28.35 -21.22 33.21
CA GLU F 167 -29.68 -21.05 32.64
C GLU F 167 -30.07 -22.27 31.81
N GLY F 168 -30.03 -23.42 32.45
CA GLY F 168 -30.26 -24.67 31.77
C GLY F 168 -29.03 -25.23 31.10
N TYR F 169 -27.95 -24.46 31.06
CA TYR F 169 -26.77 -24.81 30.29
C TYR F 169 -25.77 -25.51 31.18
N ALA F 170 -25.53 -26.78 30.90
CA ALA F 170 -24.64 -27.64 31.67
C ALA F 170 -23.54 -28.18 30.76
N LEU F 171 -22.35 -28.34 31.31
CA LEU F 171 -21.26 -28.91 30.54
C LEU F 171 -21.05 -30.37 30.94
N PRO F 172 -21.44 -31.32 30.12
CA PRO F 172 -21.18 -32.72 30.47
C PRO F 172 -19.72 -32.98 30.67
N HIS F 173 -18.87 -32.33 29.87
CA HIS F 173 -17.44 -32.49 30.04
C HIS F 173 -17.04 -32.25 31.48
N ALA F 174 -17.47 -31.14 32.04
CA ALA F 174 -17.18 -30.86 33.44
C ALA F 174 -18.01 -31.72 34.39
N ILE F 175 -19.00 -32.44 33.90
CA ILE F 175 -19.94 -33.17 34.75
C ILE F 175 -19.34 -34.51 35.15
N MET F 176 -19.66 -34.96 36.36
CA MET F 176 -19.00 -36.11 36.98
C MET F 176 -19.93 -36.85 37.92
N ARG F 177 -19.51 -38.06 38.28
CA ARG F 177 -20.15 -38.88 39.30
C ARG F 177 -19.16 -39.17 40.42
N LEU F 178 -19.69 -39.35 41.62
CA LEU F 178 -18.93 -39.94 42.72
C LEU F 178 -19.60 -41.24 43.12
N ASP F 179 -18.92 -42.35 42.84
CA ASP F 179 -19.51 -43.65 43.08
C ASP F 179 -20.14 -43.75 44.46
N LEU F 180 -19.74 -42.87 45.38
CA LEU F 180 -20.24 -42.97 46.73
C LEU F 180 -21.75 -43.10 46.76
N ALA F 181 -22.23 -43.97 47.63
CA ALA F 181 -23.64 -44.09 47.92
C ALA F 181 -23.73 -44.07 49.43
N GLY F 182 -24.91 -43.67 49.94
CA GLY F 182 -25.12 -43.75 51.37
C GLY F 182 -24.99 -45.19 51.80
N ARG F 183 -25.33 -46.10 50.91
CA ARG F 183 -24.91 -47.49 51.04
C ARG F 183 -23.43 -47.61 51.31
N ASP F 184 -22.60 -46.84 50.61
CA ASP F 184 -21.17 -46.96 50.82
C ASP F 184 -20.82 -46.59 52.25
N LEU F 185 -21.38 -45.48 52.70
CA LEU F 185 -21.14 -45.04 54.06
C LEU F 185 -21.59 -46.11 55.02
N THR F 186 -22.82 -46.58 54.82
CA THR F 186 -23.30 -47.81 55.41
C THR F 186 -22.18 -48.80 55.57
N ASP F 187 -21.47 -49.04 54.47
CA ASP F 187 -20.42 -50.02 54.47
C ASP F 187 -19.43 -49.68 55.56
N TYR F 188 -18.74 -48.57 55.38
CA TYR F 188 -17.67 -48.29 56.33
C TYR F 188 -18.18 -48.32 57.75
N LEU F 189 -19.43 -47.92 57.94
CA LEU F 189 -20.04 -48.03 59.24
C LEU F 189 -20.02 -49.46 59.74
N MET F 190 -20.48 -50.37 58.91
CA MET F 190 -20.44 -51.77 59.33
C MET F 190 -19.02 -52.11 59.70
N LYS F 191 -18.10 -51.81 58.80
CA LYS F 191 -16.69 -52.03 59.06
C LYS F 191 -16.34 -51.64 60.48
N ILE F 192 -16.54 -50.38 60.79
CA ILE F 192 -16.09 -49.82 62.04
C ILE F 192 -16.82 -50.44 63.20
N LEU F 193 -18.13 -50.22 63.27
CA LEU F 193 -18.87 -50.66 64.45
C LEU F 193 -18.60 -52.12 64.74
N THR F 194 -18.69 -52.97 63.72
CA THR F 194 -18.46 -54.39 63.89
C THR F 194 -17.08 -54.61 64.49
N GLU F 195 -16.03 -54.20 63.77
CA GLU F 195 -14.69 -54.40 64.30
C GLU F 195 -14.56 -53.79 65.68
N ARG F 196 -15.24 -52.68 65.91
CA ARG F 196 -15.25 -51.98 67.18
C ARG F 196 -16.02 -52.68 68.26
N GLY F 197 -16.44 -53.92 68.04
CA GLY F 197 -17.10 -54.62 69.11
C GLY F 197 -18.46 -55.11 68.69
N TYR F 198 -18.67 -55.27 67.39
CA TYR F 198 -20.02 -55.52 66.93
C TYR F 198 -19.95 -56.56 65.82
N SER F 199 -21.06 -57.25 65.60
CA SER F 199 -21.12 -58.32 64.61
C SER F 199 -22.29 -58.04 63.67
N PHE F 200 -22.05 -57.18 62.69
CA PHE F 200 -23.15 -56.50 62.02
C PHE F 200 -22.98 -56.62 60.51
N VAL F 201 -23.60 -57.65 59.94
CA VAL F 201 -23.39 -57.97 58.54
C VAL F 201 -24.71 -58.17 57.81
N THR F 202 -25.77 -58.44 58.56
CA THR F 202 -26.91 -59.03 57.92
C THR F 202 -27.70 -57.98 57.14
N THR F 203 -28.41 -58.45 56.13
CA THR F 203 -29.07 -57.53 55.21
C THR F 203 -29.82 -56.46 55.95
N ALA F 204 -30.84 -56.84 56.71
CA ALA F 204 -31.54 -55.86 57.51
C ALA F 204 -30.63 -55.31 58.60
N GLU F 205 -29.54 -56.01 58.90
CA GLU F 205 -28.54 -55.38 59.75
C GLU F 205 -28.03 -54.14 59.08
N ARG F 206 -27.73 -54.25 57.79
CA ARG F 206 -27.49 -53.09 56.96
C ARG F 206 -28.68 -52.14 57.01
N GLU F 207 -29.88 -52.70 57.11
CA GLU F 207 -31.05 -51.83 57.22
C GLU F 207 -30.93 -50.93 58.42
N ILE F 208 -30.70 -51.54 59.57
CA ILE F 208 -30.60 -50.78 60.80
C ILE F 208 -29.51 -49.75 60.67
N VAL F 209 -28.37 -50.14 60.12
CA VAL F 209 -27.24 -49.22 60.08
C VAL F 209 -27.56 -48.02 59.21
N ARG F 210 -28.18 -48.25 58.05
CA ARG F 210 -28.57 -47.14 57.21
C ARG F 210 -29.56 -46.25 57.94
N ASP F 211 -30.49 -46.86 58.64
CA ASP F 211 -31.37 -46.08 59.48
C ASP F 211 -30.55 -45.24 60.43
N ILE F 212 -29.51 -45.84 60.99
CA ILE F 212 -28.68 -45.18 61.98
C ILE F 212 -28.09 -43.93 61.38
N LYS F 213 -27.49 -44.07 60.20
CA LYS F 213 -26.91 -42.92 59.55
C LYS F 213 -27.97 -41.86 59.35
N GLU F 214 -29.07 -42.24 58.72
CA GLU F 214 -30.04 -41.25 58.28
C GLU F 214 -30.79 -40.64 59.45
N LYS F 215 -30.64 -41.20 60.65
CA LYS F 215 -31.26 -40.59 61.81
C LYS F 215 -30.27 -39.87 62.72
N LEU F 216 -29.10 -40.37 62.86
CA LEU F 216 -28.18 -39.85 63.87
C LEU F 216 -26.82 -39.51 63.31
N CYS F 217 -26.30 -40.32 62.39
CA CYS F 217 -24.96 -40.07 61.88
C CYS F 217 -24.91 -38.72 61.17
N TYR F 218 -23.83 -38.00 61.39
CA TYR F 218 -23.69 -36.63 60.97
C TYR F 218 -22.26 -36.42 60.49
N VAL F 219 -21.87 -35.16 60.42
CA VAL F 219 -20.46 -34.78 60.33
C VAL F 219 -20.26 -33.43 61.00
N ALA F 220 -19.10 -33.27 61.62
CA ALA F 220 -18.65 -31.97 62.09
C ALA F 220 -17.80 -31.30 61.02
N LEU F 221 -18.04 -30.01 60.84
CA LEU F 221 -17.26 -29.22 59.89
C LEU F 221 -15.80 -29.63 59.90
N ASP F 222 -15.14 -29.46 61.03
CA ASP F 222 -13.73 -29.79 61.16
C ASP F 222 -13.56 -31.24 61.52
N PHE F 223 -12.32 -31.68 61.45
CA PHE F 223 -11.93 -33.02 61.85
C PHE F 223 -10.88 -33.26 62.91
N GLU F 224 -9.88 -32.40 62.98
CA GLU F 224 -8.66 -32.77 63.66
C GLU F 224 -8.84 -32.19 65.04
N ASN F 225 -9.12 -30.89 65.13
CA ASN F 225 -9.64 -30.37 66.37
C ASN F 225 -10.96 -31.04 66.71
N GLU F 226 -11.79 -31.24 65.70
CA GLU F 226 -12.96 -32.08 65.88
C GLU F 226 -12.61 -33.53 66.17
N MET F 227 -11.34 -33.88 66.02
CA MET F 227 -10.90 -35.22 66.39
C MET F 227 -10.60 -35.15 67.88
N ALA F 228 -9.91 -34.11 68.32
CA ALA F 228 -9.65 -33.99 69.74
C ALA F 228 -10.95 -33.94 70.51
N THR F 229 -11.89 -33.13 70.03
CA THR F 229 -13.23 -33.14 70.58
C THR F 229 -13.70 -34.57 70.78
N ALA F 230 -13.66 -35.35 69.71
CA ALA F 230 -14.00 -36.76 69.80
C ALA F 230 -13.19 -37.44 70.88
N ALA F 231 -11.97 -36.99 71.11
CA ALA F 231 -11.07 -37.66 72.01
C ALA F 231 -11.71 -37.86 73.38
N SER F 232 -12.54 -36.92 73.82
CA SER F 232 -13.25 -37.10 75.08
C SER F 232 -14.68 -36.60 75.07
N SER F 233 -15.14 -36.00 73.98
CA SER F 233 -16.43 -35.31 74.00
C SER F 233 -17.52 -36.32 74.34
N SER F 234 -18.04 -36.24 75.55
CA SER F 234 -19.03 -37.20 76.01
C SER F 234 -20.38 -37.01 75.36
N SER F 235 -20.71 -35.78 74.97
CA SER F 235 -22.04 -35.52 74.42
C SER F 235 -22.35 -36.46 73.26
N LEU F 236 -21.44 -36.51 72.28
CA LEU F 236 -21.58 -37.47 71.19
C LEU F 236 -21.76 -38.84 71.81
N GLU F 237 -20.95 -39.17 72.82
CA GLU F 237 -20.86 -40.53 73.33
C GLU F 237 -22.20 -41.12 73.75
N LYS F 238 -23.05 -41.31 72.76
CA LYS F 238 -24.44 -41.68 72.97
C LYS F 238 -24.76 -43.01 72.30
N SER F 239 -25.37 -43.89 73.08
CA SER F 239 -25.80 -45.19 72.59
C SER F 239 -27.23 -45.09 72.09
N TYR F 240 -27.47 -45.64 70.92
CA TYR F 240 -28.83 -45.70 70.40
C TYR F 240 -29.47 -47.06 70.30
N GLU F 241 -30.61 -47.19 70.95
CA GLU F 241 -31.39 -48.41 70.91
C GLU F 241 -31.22 -49.17 69.61
N LEU F 242 -30.55 -50.29 69.67
CA LEU F 242 -30.52 -51.18 68.54
C LEU F 242 -31.91 -51.77 68.36
N PRO F 243 -32.46 -51.77 67.15
CA PRO F 243 -33.86 -52.16 66.99
C PRO F 243 -34.16 -53.59 67.36
N ASP F 244 -33.14 -54.41 67.62
CA ASP F 244 -33.41 -55.61 68.41
C ASP F 244 -34.15 -55.08 69.62
N GLY F 245 -33.60 -54.03 70.24
CA GLY F 245 -33.98 -53.59 71.57
C GLY F 245 -32.70 -53.19 72.28
N GLN F 246 -31.58 -53.73 71.85
CA GLN F 246 -30.29 -53.21 72.28
C GLN F 246 -30.34 -51.70 72.18
N VAL F 247 -29.31 -51.04 72.69
CA VAL F 247 -29.15 -49.60 72.51
C VAL F 247 -27.72 -49.46 72.01
N ILE F 248 -27.56 -49.53 70.70
CA ILE F 248 -26.24 -49.40 70.11
C ILE F 248 -25.51 -48.11 70.43
N THR F 249 -24.52 -48.18 71.31
CA THR F 249 -23.73 -47.00 71.60
C THR F 249 -23.03 -46.34 70.43
N ILE F 250 -22.93 -45.01 70.48
CA ILE F 250 -22.39 -44.28 69.36
C ILE F 250 -21.46 -43.18 69.84
N GLY F 251 -20.35 -43.02 69.14
CA GLY F 251 -19.44 -41.92 69.33
C GLY F 251 -18.98 -41.36 68.00
N ASN F 252 -17.66 -41.39 67.80
CA ASN F 252 -17.03 -40.67 66.70
C ASN F 252 -17.57 -41.09 65.35
N GLU F 253 -18.09 -42.30 65.25
CA GLU F 253 -18.61 -42.77 63.97
C GLU F 253 -19.63 -41.81 63.40
N ARG F 254 -20.61 -41.40 64.20
CA ARG F 254 -21.83 -40.74 63.74
C ARG F 254 -21.43 -39.85 62.57
N PHE F 255 -20.37 -39.11 62.79
CA PHE F 255 -19.72 -38.31 61.78
C PHE F 255 -18.60 -38.95 60.98
N ARG F 256 -17.80 -39.81 61.58
CA ARG F 256 -16.73 -40.41 60.80
C ARG F 256 -17.25 -41.36 59.75
N CYS F 257 -18.55 -41.57 59.68
CA CYS F 257 -19.08 -42.29 58.51
C CYS F 257 -19.05 -41.39 57.28
N PRO F 258 -19.84 -40.35 57.18
CA PRO F 258 -20.05 -39.70 55.89
C PRO F 258 -18.83 -38.96 55.40
N GLU F 259 -18.19 -38.24 56.32
CA GLU F 259 -17.17 -37.26 55.95
C GLU F 259 -16.21 -37.78 54.90
N THR F 260 -15.96 -39.08 54.86
CA THR F 260 -14.99 -39.59 53.91
C THR F 260 -15.37 -39.27 52.47
N LEU F 261 -16.64 -38.92 52.22
CA LEU F 261 -16.99 -38.44 50.89
C LEU F 261 -16.02 -37.37 50.42
N PHE F 262 -15.31 -36.74 51.34
CA PHE F 262 -14.26 -35.81 50.99
C PHE F 262 -12.90 -36.47 51.02
N GLN F 263 -12.81 -37.66 51.56
CA GLN F 263 -11.55 -38.40 51.68
C GLN F 263 -11.68 -39.91 51.55
N PRO F 264 -12.00 -40.41 50.35
CA PRO F 264 -12.14 -41.84 50.13
C PRO F 264 -11.00 -42.70 50.59
N SER F 265 -9.99 -42.09 51.18
CA SER F 265 -8.98 -42.86 51.90
C SER F 265 -9.70 -43.79 52.85
N PHE F 266 -10.72 -43.26 53.52
CA PHE F 266 -11.45 -44.09 54.47
C PHE F 266 -12.18 -45.20 53.76
N ILE F 267 -12.74 -44.91 52.59
CA ILE F 267 -13.26 -45.95 51.72
C ILE F 267 -12.09 -46.44 50.90
N GLY F 268 -10.93 -45.87 51.16
CA GLY F 268 -9.72 -46.18 50.42
C GLY F 268 -9.82 -45.79 48.97
N MET F 269 -10.93 -45.17 48.57
CA MET F 269 -11.12 -44.90 47.16
C MET F 269 -10.05 -43.95 46.63
N GLU F 270 -9.57 -44.23 45.43
CA GLU F 270 -8.62 -43.34 44.77
C GLU F 270 -9.22 -41.97 44.54
N SER F 271 -10.54 -41.86 44.61
CA SER F 271 -11.23 -40.65 44.21
C SER F 271 -10.89 -39.51 45.16
N ALA F 272 -11.56 -38.39 44.95
CA ALA F 272 -11.40 -37.18 45.77
C ALA F 272 -12.76 -36.70 46.28
N GLY F 273 -12.70 -35.91 47.35
CA GLY F 273 -13.91 -35.43 47.99
C GLY F 273 -14.88 -34.78 47.02
N ILE F 274 -16.12 -34.70 47.47
CA ILE F 274 -17.16 -34.12 46.63
C ILE F 274 -17.05 -32.62 46.41
N HIS F 275 -16.26 -31.97 47.24
CA HIS F 275 -16.13 -30.53 47.22
C HIS F 275 -15.20 -30.21 46.06
N GLU F 276 -14.04 -30.85 46.01
CA GLU F 276 -13.09 -30.48 44.99
C GLU F 276 -13.46 -31.05 43.64
N THR F 277 -14.28 -32.09 43.62
CA THR F 277 -14.98 -32.40 42.38
C THR F 277 -15.86 -31.27 41.91
N THR F 278 -16.42 -30.54 42.86
CA THR F 278 -17.18 -29.35 42.49
C THR F 278 -16.18 -28.35 41.96
N TYR F 279 -15.05 -28.21 42.62
CA TYR F 279 -14.14 -27.10 42.34
C TYR F 279 -13.41 -27.30 41.03
N ASN F 280 -12.93 -28.50 40.76
CA ASN F 280 -12.30 -28.74 39.49
C ASN F 280 -13.32 -28.63 38.38
N SER F 281 -14.55 -29.05 38.62
CA SER F 281 -15.59 -28.80 37.65
C SER F 281 -15.68 -27.31 37.36
N ILE F 282 -15.83 -26.51 38.41
CA ILE F 282 -16.06 -25.10 38.23
C ILE F 282 -14.90 -24.46 37.50
N MET F 283 -13.68 -24.77 37.92
CA MET F 283 -12.52 -24.31 37.20
C MET F 283 -12.62 -24.71 35.74
N LYS F 284 -13.08 -25.92 35.46
CA LYS F 284 -13.40 -26.25 34.07
C LYS F 284 -14.41 -25.28 33.50
N CYS F 285 -15.34 -24.81 34.33
CA CYS F 285 -16.34 -23.89 33.83
C CYS F 285 -15.67 -22.63 33.32
N ASP F 286 -16.44 -21.79 32.63
CA ASP F 286 -15.80 -20.66 31.96
C ASP F 286 -15.25 -19.76 33.06
N ILE F 287 -14.60 -18.67 32.66
CA ILE F 287 -13.85 -17.88 33.61
C ILE F 287 -14.76 -17.39 34.73
N ASP F 288 -15.92 -16.86 34.37
CA ASP F 288 -16.74 -16.14 35.33
C ASP F 288 -18.08 -16.78 35.58
N ILE F 289 -18.38 -17.92 34.94
CA ILE F 289 -19.41 -18.78 35.50
C ILE F 289 -19.18 -18.98 36.98
N ARG F 290 -17.92 -19.00 37.41
CA ARG F 290 -17.62 -19.48 38.75
C ARG F 290 -18.45 -18.77 39.80
N LYS F 291 -18.59 -17.45 39.70
CA LYS F 291 -19.50 -16.76 40.60
C LYS F 291 -20.93 -17.25 40.43
N ASP F 292 -21.31 -17.58 39.19
CA ASP F 292 -22.60 -18.19 38.96
C ASP F 292 -22.74 -19.40 39.85
N LEU F 293 -21.78 -20.31 39.75
CA LEU F 293 -21.73 -21.45 40.65
C LEU F 293 -21.95 -20.99 42.06
N TYR F 294 -21.12 -20.04 42.49
CA TYR F 294 -21.08 -19.63 43.88
C TYR F 294 -22.52 -19.39 44.32
N ALA F 295 -23.22 -18.55 43.59
CA ALA F 295 -24.64 -18.41 43.85
C ALA F 295 -25.50 -19.64 43.60
N ASN F 296 -24.98 -20.64 42.89
CA ASN F 296 -25.76 -21.74 42.34
C ASN F 296 -25.18 -23.07 42.78
N ASN F 297 -24.47 -23.04 43.90
CA ASN F 297 -23.74 -24.21 44.35
C ASN F 297 -24.76 -25.17 44.91
N VAL F 298 -25.66 -25.64 44.05
CA VAL F 298 -26.82 -26.38 44.48
C VAL F 298 -26.39 -27.78 44.87
N LEU F 299 -26.46 -28.09 46.15
CA LEU F 299 -26.43 -29.50 46.51
C LEU F 299 -27.73 -30.18 46.13
N SER F 300 -27.63 -31.49 45.97
CA SER F 300 -28.80 -32.33 45.81
C SER F 300 -28.49 -33.71 46.37
N GLY F 301 -29.48 -34.32 47.00
CA GLY F 301 -29.34 -35.64 47.57
C GLY F 301 -29.59 -35.75 49.06
N GLY F 302 -30.73 -36.36 49.41
CA GLY F 302 -31.16 -36.35 50.81
C GLY F 302 -30.24 -37.09 51.74
N THR F 303 -29.77 -38.27 51.33
CA THR F 303 -28.86 -39.00 52.19
C THR F 303 -27.75 -38.09 52.71
N THR F 304 -27.37 -37.09 51.93
CA THR F 304 -26.43 -36.04 52.29
C THR F 304 -27.03 -35.05 53.21
N MET F 305 -28.21 -35.38 53.71
CA MET F 305 -28.97 -34.47 54.55
C MET F 305 -28.24 -34.10 55.83
N TYR F 306 -27.03 -34.60 56.01
CA TYR F 306 -26.42 -34.55 57.31
C TYR F 306 -26.14 -33.11 57.72
N PRO F 307 -25.57 -32.92 58.90
CA PRO F 307 -25.23 -31.56 59.33
C PRO F 307 -23.90 -31.00 58.89
N GLY F 308 -23.97 -29.86 58.22
CA GLY F 308 -22.81 -29.01 58.05
C GLY F 308 -22.59 -29.17 56.57
N ILE F 309 -23.49 -29.91 55.91
CA ILE F 309 -23.21 -30.36 54.56
C ILE F 309 -22.64 -29.20 53.77
N ALA F 310 -23.42 -28.15 53.62
CA ALA F 310 -22.90 -26.91 53.08
C ALA F 310 -21.79 -26.39 53.97
N ASP F 311 -21.99 -26.40 55.29
CA ASP F 311 -20.95 -25.87 56.16
C ASP F 311 -19.57 -26.17 55.61
N ARG F 312 -19.22 -27.44 55.50
CA ARG F 312 -18.02 -27.73 54.74
C ARG F 312 -18.10 -27.16 53.36
N MET F 313 -19.14 -27.51 52.60
CA MET F 313 -19.16 -27.14 51.19
C MET F 313 -18.47 -25.79 50.99
N GLN F 314 -19.07 -24.77 51.60
CA GLN F 314 -18.51 -23.44 51.63
C GLN F 314 -17.11 -23.41 52.24
N LYS F 315 -16.89 -24.04 53.40
CA LYS F 315 -15.61 -23.71 54.02
C LYS F 315 -14.47 -24.12 53.10
N GLU F 316 -14.51 -25.34 52.59
CA GLU F 316 -13.43 -25.78 51.70
C GLU F 316 -13.42 -25.00 50.41
N ILE F 317 -14.59 -24.74 49.81
CA ILE F 317 -14.52 -23.99 48.56
C ILE F 317 -13.70 -22.78 48.96
N THR F 318 -14.23 -21.93 49.79
CA THR F 318 -13.41 -20.91 50.42
C THR F 318 -11.94 -21.28 50.40
N ALA F 319 -11.60 -22.34 51.12
CA ALA F 319 -10.21 -22.77 51.22
C ALA F 319 -9.57 -22.87 49.86
N LEU F 320 -10.39 -22.94 48.82
CA LEU F 320 -9.92 -23.11 47.45
C LEU F 320 -10.33 -21.92 46.60
N ALA F 321 -11.56 -21.44 46.80
CA ALA F 321 -12.07 -20.35 45.99
C ALA F 321 -11.40 -19.04 46.35
N PRO F 322 -11.29 -18.12 45.39
CA PRO F 322 -10.86 -16.76 45.73
C PRO F 322 -11.95 -16.04 46.52
N SER F 323 -11.58 -15.55 47.70
CA SER F 323 -12.52 -14.79 48.51
C SER F 323 -13.09 -13.62 47.73
N THR F 324 -12.35 -13.16 46.72
CA THR F 324 -12.92 -12.27 45.73
C THR F 324 -14.37 -12.65 45.47
N MET F 325 -14.60 -13.89 45.08
CA MET F 325 -15.93 -14.33 44.75
C MET F 325 -16.66 -14.75 46.01
N LYS F 326 -17.99 -14.64 45.97
CA LYS F 326 -18.83 -15.01 47.09
C LYS F 326 -19.57 -16.29 46.74
N ILE F 327 -19.44 -17.30 47.58
CA ILE F 327 -19.97 -18.63 47.30
C ILE F 327 -21.36 -18.73 47.89
N LYS F 328 -22.16 -19.63 47.34
CA LYS F 328 -23.38 -20.05 48.03
C LYS F 328 -23.81 -21.38 47.46
N ILE F 329 -23.59 -22.43 48.22
CA ILE F 329 -24.17 -23.73 47.92
C ILE F 329 -25.68 -23.67 48.14
N ILE F 330 -26.39 -24.49 47.37
CA ILE F 330 -27.84 -24.51 47.38
C ILE F 330 -28.42 -25.90 47.55
N ALA F 331 -28.99 -26.17 48.73
CA ALA F 331 -29.61 -27.45 49.02
C ALA F 331 -30.90 -27.29 49.80
N PRO F 332 -32.04 -27.56 49.17
CA PRO F 332 -33.28 -27.59 49.90
C PRO F 332 -33.27 -28.78 50.84
N PRO F 333 -34.05 -28.73 51.91
CA PRO F 333 -34.25 -29.94 52.69
C PRO F 333 -34.81 -31.06 51.86
N GLU F 334 -35.64 -30.74 50.89
CA GLU F 334 -36.54 -31.71 50.26
C GLU F 334 -35.92 -32.30 49.01
N ARG F 335 -34.65 -32.68 49.14
CA ARG F 335 -33.88 -32.94 47.92
C ARG F 335 -34.28 -34.26 47.30
N LYS F 336 -34.68 -35.24 48.13
CA LYS F 336 -35.26 -36.45 47.57
C LYS F 336 -36.34 -36.11 46.55
N TYR F 337 -37.31 -35.32 46.97
CA TYR F 337 -38.50 -35.12 46.19
C TYR F 337 -38.23 -34.14 45.08
N SER F 338 -37.32 -33.21 45.34
CA SER F 338 -36.89 -32.25 44.34
C SER F 338 -36.79 -32.88 42.98
N VAL F 339 -36.01 -33.94 42.85
CA VAL F 339 -35.89 -34.59 41.56
C VAL F 339 -37.27 -35.01 41.09
N TRP F 340 -38.03 -35.69 41.96
CA TRP F 340 -39.41 -35.99 41.61
C TRP F 340 -40.15 -34.74 41.25
N ILE F 341 -39.93 -33.67 42.01
CA ILE F 341 -40.73 -32.47 41.81
C ILE F 341 -40.51 -31.93 40.42
N GLY F 342 -39.25 -31.72 40.05
CA GLY F 342 -38.93 -31.18 38.74
C GLY F 342 -39.38 -32.09 37.63
N GLY F 343 -39.31 -33.41 37.85
CA GLY F 343 -39.86 -34.32 36.86
C GLY F 343 -41.36 -34.14 36.71
N SER F 344 -42.06 -34.08 37.84
CA SER F 344 -43.48 -33.76 37.82
C SER F 344 -43.55 -32.58 36.88
N ILE F 345 -42.87 -31.50 37.25
CA ILE F 345 -42.89 -30.31 36.42
C ILE F 345 -42.78 -30.54 34.93
N LEU F 346 -41.60 -30.96 34.50
CA LEU F 346 -41.32 -31.18 33.09
C LEU F 346 -42.42 -32.00 32.46
N ALA F 347 -42.60 -33.22 32.93
CA ALA F 347 -43.66 -34.04 32.37
C ALA F 347 -44.97 -33.27 32.40
N SER F 348 -45.32 -32.76 33.58
CA SER F 348 -46.46 -31.89 33.72
C SER F 348 -46.35 -30.65 32.84
N LEU F 349 -45.19 -30.38 32.27
CA LEU F 349 -45.06 -29.22 31.42
C LEU F 349 -45.83 -29.44 30.12
N SER F 350 -47.08 -28.95 30.10
CA SER F 350 -47.99 -29.20 29.00
C SER F 350 -47.57 -28.63 27.67
N THR F 351 -46.47 -27.90 27.64
CA THR F 351 -46.09 -27.23 26.41
C THR F 351 -45.07 -28.22 25.86
N PHE F 352 -44.99 -29.42 26.46
CA PHE F 352 -43.88 -30.30 26.22
C PHE F 352 -44.26 -31.72 25.88
N GLN F 353 -45.55 -32.02 25.73
CA GLN F 353 -45.91 -33.41 25.52
C GLN F 353 -45.32 -33.97 24.23
N GLN F 354 -44.88 -33.10 23.33
CA GLN F 354 -44.27 -33.58 22.11
C GLN F 354 -43.15 -34.58 22.37
N MET F 355 -42.45 -34.46 23.48
CA MET F 355 -41.28 -35.31 23.69
C MET F 355 -41.62 -36.76 24.04
N TRP F 356 -42.73 -37.01 24.74
CA TRP F 356 -42.96 -38.34 25.25
C TRP F 356 -42.80 -39.42 24.20
N ILE F 357 -42.30 -40.56 24.68
CA ILE F 357 -41.97 -41.74 23.91
C ILE F 357 -43.30 -42.37 23.47
N SER F 358 -43.65 -42.22 22.21
CA SER F 358 -44.88 -42.82 21.76
C SER F 358 -44.64 -44.27 21.38
N LYS F 359 -45.61 -45.11 21.70
CA LYS F 359 -45.57 -46.49 21.21
C LYS F 359 -45.09 -46.53 19.77
N GLN F 360 -45.81 -45.84 18.88
CA GLN F 360 -45.50 -45.89 17.46
C GLN F 360 -44.05 -45.51 17.21
N GLU F 361 -43.66 -44.30 17.58
CA GLU F 361 -42.31 -43.83 17.29
C GLU F 361 -41.31 -44.95 17.53
N TYR F 362 -41.33 -45.52 18.73
CA TYR F 362 -40.57 -46.75 18.95
C TYR F 362 -40.84 -47.92 18.03
N ASP F 363 -42.01 -47.93 17.40
CA ASP F 363 -42.49 -49.11 16.72
C ASP F 363 -41.77 -49.02 15.39
N GLU F 364 -41.90 -47.88 14.74
CA GLU F 364 -41.22 -47.65 13.48
C GLU F 364 -39.72 -47.74 13.65
N ALA F 365 -39.19 -47.12 14.69
CA ALA F 365 -37.76 -47.11 14.90
C ALA F 365 -37.32 -48.06 15.99
N GLY F 366 -38.17 -49.01 16.36
CA GLY F 366 -37.85 -49.89 17.46
C GLY F 366 -37.41 -49.05 18.64
N PRO F 367 -36.59 -49.64 19.52
CA PRO F 367 -36.08 -48.86 20.65
C PRO F 367 -35.01 -47.89 20.25
N SER F 368 -34.08 -48.33 19.39
CA SER F 368 -33.00 -47.47 18.96
C SER F 368 -33.46 -46.06 18.67
N ILE F 369 -34.72 -45.92 18.22
CA ILE F 369 -35.30 -44.59 18.07
C ILE F 369 -34.91 -43.71 19.24
N VAL F 370 -35.08 -44.21 20.44
CA VAL F 370 -35.01 -43.44 21.66
C VAL F 370 -33.83 -42.51 21.47
N HIS F 371 -32.71 -43.05 21.01
CA HIS F 371 -31.46 -42.35 21.25
C HIS F 371 -31.30 -40.96 20.64
N ARG F 372 -31.22 -40.91 19.32
CA ARG F 372 -30.98 -39.63 18.69
C ARG F 372 -32.20 -38.72 18.82
N LYS F 373 -31.94 -37.45 19.09
CA LYS F 373 -32.95 -36.41 19.07
C LYS F 373 -34.09 -36.77 20.01
N CYS F 374 -33.86 -37.73 20.88
CA CYS F 374 -34.87 -38.11 21.84
C CYS F 374 -34.20 -38.90 22.95
N PHE F 375 -34.82 -38.86 24.12
CA PHE F 375 -34.58 -39.76 25.25
C PHE F 375 -35.78 -39.63 26.19
N GLU G 169 13.16 38.97 -90.23
CA GLU G 169 14.01 39.92 -89.52
C GLU G 169 15.19 40.33 -90.38
N ASP G 170 15.91 39.31 -90.85
CA ASP G 170 17.15 39.48 -91.60
C ASP G 170 18.28 39.84 -90.64
N VAL G 171 17.93 40.11 -89.39
CA VAL G 171 18.94 40.40 -88.39
C VAL G 171 19.95 39.29 -88.35
N TRP G 172 19.50 38.07 -88.57
CA TRP G 172 20.43 36.94 -88.69
C TRP G 172 21.42 37.20 -89.79
N GLU G 173 20.92 37.33 -91.03
CA GLU G 173 21.81 37.49 -92.17
C GLU G 173 22.52 38.83 -92.11
N ILE G 174 21.84 39.86 -91.63
CA ILE G 174 22.45 41.18 -91.58
C ILE G 174 23.50 41.34 -90.50
N LEU G 175 23.52 40.41 -89.55
CA LEU G 175 24.46 40.50 -88.45
C LEU G 175 25.60 39.60 -88.86
N ARG G 176 25.29 38.44 -89.45
CA ARG G 176 26.33 37.63 -90.04
C ARG G 176 27.09 38.42 -91.08
N GLN G 177 26.39 39.29 -91.81
CA GLN G 177 26.98 40.20 -92.77
C GLN G 177 27.12 41.61 -92.22
N ALA G 178 26.75 41.80 -90.96
CA ALA G 178 27.04 43.06 -90.32
C ALA G 178 28.55 43.26 -90.26
N PRO G 179 28.98 44.51 -90.20
CA PRO G 179 30.38 44.77 -89.93
C PRO G 179 30.79 44.12 -88.62
N PRO G 180 32.01 43.62 -88.57
CA PRO G 180 32.35 42.57 -87.60
C PRO G 180 31.97 42.89 -86.17
N SER G 181 32.30 44.08 -85.70
CA SER G 181 31.99 44.47 -84.33
C SER G 181 30.69 45.26 -84.24
N GLU G 182 30.26 45.86 -85.34
CA GLU G 182 29.19 46.81 -85.26
C GLU G 182 27.90 46.00 -85.32
N TYR G 183 28.03 44.67 -85.22
CA TYR G 183 26.87 43.86 -84.89
C TYR G 183 26.21 44.58 -83.72
N GLU G 184 27.01 45.28 -82.93
CA GLU G 184 26.50 46.26 -82.00
C GLU G 184 25.39 47.09 -82.62
N ARG G 185 25.73 47.86 -83.63
CA ARG G 185 24.75 48.78 -84.20
C ARG G 185 23.58 48.01 -84.79
N ILE G 186 23.86 46.91 -85.48
CA ILE G 186 22.80 46.24 -86.22
C ILE G 186 21.85 45.53 -85.27
N ALA G 187 22.39 44.74 -84.34
CA ALA G 187 21.56 44.05 -83.36
C ALA G 187 20.73 45.04 -82.56
N PHE G 188 21.40 46.02 -81.96
CA PHE G 188 20.65 46.96 -81.14
C PHE G 188 19.79 47.88 -81.98
N GLN G 189 20.04 47.95 -83.29
CA GLN G 189 19.15 48.70 -84.18
C GLN G 189 17.88 47.93 -84.43
N TYR G 190 18.00 46.63 -84.69
CA TYR G 190 16.86 45.78 -84.98
C TYR G 190 16.26 45.21 -83.72
N GLY G 191 16.47 45.89 -82.59
CA GLY G 191 15.85 45.51 -81.34
C GLY G 191 16.62 44.50 -80.53
N VAL G 192 17.78 44.06 -81.00
CA VAL G 192 18.47 42.92 -80.41
C VAL G 192 19.39 43.48 -79.32
N THR G 193 18.81 43.86 -78.16
CA THR G 193 19.61 44.21 -77.00
C THR G 193 20.49 43.05 -76.62
N ASP G 194 20.07 41.87 -77.04
CA ASP G 194 20.87 40.67 -76.93
C ASP G 194 21.53 40.67 -78.30
N LEU G 195 22.43 41.62 -78.52
CA LEU G 195 23.53 41.32 -79.41
C LEU G 195 24.37 40.45 -78.51
N ARG G 196 24.33 40.79 -77.23
CA ARG G 196 24.79 39.91 -76.17
C ARG G 196 24.39 38.49 -76.50
N GLY G 197 23.09 38.27 -76.65
CA GLY G 197 22.60 36.93 -76.92
C GLY G 197 22.89 36.49 -78.34
N MET G 198 22.87 37.42 -79.28
CA MET G 198 23.13 37.03 -80.65
C MET G 198 24.51 36.41 -80.74
N LEU G 199 25.47 37.04 -80.11
CA LEU G 199 26.82 36.52 -80.08
C LEU G 199 26.92 35.34 -79.15
N LYS G 200 26.14 35.28 -78.09
CA LYS G 200 26.33 34.18 -77.16
C LYS G 200 25.82 32.88 -77.77
N ARG G 201 24.77 32.95 -78.58
CA ARG G 201 24.38 31.78 -79.37
C ARG G 201 25.39 31.54 -80.47
N LEU G 202 25.83 32.62 -81.12
CA LEU G 202 26.87 32.49 -82.12
C LEU G 202 28.14 31.92 -81.50
N LYS G 203 28.23 31.97 -80.16
CA LYS G 203 29.40 31.52 -79.44
C LYS G 203 29.23 30.08 -78.97
N GLY G 204 28.11 29.75 -78.33
CA GLY G 204 27.75 28.36 -78.23
C GLY G 204 27.98 27.65 -79.54
N MET G 205 27.91 28.38 -80.66
CA MET G 205 28.37 27.89 -81.95
C MET G 205 29.88 28.05 -82.12
N ARG G 206 30.45 29.15 -81.64
CA ARG G 206 31.85 29.50 -81.84
C ARG G 206 32.61 29.55 -80.52
N ARG G 207 32.36 28.60 -79.63
CA ARG G 207 32.98 28.62 -78.31
C ARG G 207 34.25 27.78 -78.34
N GLU H 169 17.48 74.83 -6.09
CA GLU H 169 17.14 74.35 -7.42
C GLU H 169 16.47 75.45 -8.23
N ASP H 170 15.41 76.01 -7.63
CA ASP H 170 14.56 77.00 -8.26
C ASP H 170 13.64 76.33 -9.26
N VAL H 171 13.88 75.04 -9.51
CA VAL H 171 13.02 74.30 -10.41
C VAL H 171 11.59 74.42 -9.95
N TRP H 172 11.39 74.46 -8.65
CA TRP H 172 10.06 74.71 -8.11
C TRP H 172 9.50 76.02 -8.65
N GLU H 173 10.18 77.12 -8.33
CA GLU H 173 9.70 78.43 -8.73
C GLU H 173 9.75 78.59 -10.23
N ILE H 174 10.78 78.04 -10.87
CA ILE H 174 10.92 78.19 -12.30
C ILE H 174 9.95 77.35 -13.12
N LEU H 175 9.31 76.38 -12.46
CA LEU H 175 8.39 75.50 -13.16
C LEU H 175 7.03 76.10 -12.88
N ARG H 176 6.81 76.54 -11.65
CA ARG H 176 5.60 77.30 -11.37
C ARG H 176 5.51 78.52 -12.26
N GLN H 177 6.65 79.12 -12.55
CA GLN H 177 6.76 80.24 -13.49
C GLN H 177 7.27 79.80 -14.84
N ALA H 178 7.48 78.50 -15.03
CA ALA H 178 7.78 77.99 -16.34
C ALA H 178 6.59 78.26 -17.26
N PRO H 179 6.84 78.36 -18.55
CA PRO H 179 5.75 78.41 -19.50
C PRO H 179 4.87 77.17 -19.34
N PRO H 180 3.57 77.35 -19.50
CA PRO H 180 2.60 76.42 -18.91
C PRO H 180 2.88 74.95 -19.20
N SER H 181 3.12 74.64 -20.47
CA SER H 181 3.38 73.26 -20.86
C SER H 181 4.86 72.94 -20.92
N GLU H 182 5.69 73.95 -21.06
CA GLU H 182 7.08 73.72 -21.37
C GLU H 182 7.77 73.44 -20.05
N TYR H 183 6.98 73.32 -18.97
CA TYR H 183 7.50 72.70 -17.76
C TYR H 183 8.24 71.47 -18.23
N GLU H 184 7.79 70.89 -19.34
CA GLU H 184 8.59 69.92 -20.08
C GLU H 184 10.04 70.35 -20.15
N ARG H 185 10.29 71.46 -20.84
CA ARG H 185 11.68 71.85 -21.07
C ARG H 185 12.36 72.15 -19.75
N ILE H 186 11.68 72.83 -18.84
CA ILE H 186 12.36 73.29 -17.64
C ILE H 186 12.66 72.12 -16.70
N ALA H 187 11.66 71.28 -16.43
CA ALA H 187 11.88 70.12 -15.57
C ALA H 187 12.94 69.22 -16.15
N PHE H 188 12.79 68.83 -17.41
CA PHE H 188 13.77 67.92 -17.98
C PHE H 188 15.10 68.61 -18.22
N GLN H 189 15.12 69.95 -18.21
CA GLN H 189 16.39 70.67 -18.28
C GLN H 189 17.12 70.61 -16.96
N TYR H 190 16.40 70.82 -15.86
CA TYR H 190 16.98 70.82 -14.54
C TYR H 190 17.01 69.42 -13.94
N GLY H 191 17.00 68.40 -14.80
CA GLY H 191 17.15 67.04 -14.36
C GLY H 191 15.86 66.35 -13.98
N VAL H 192 14.72 67.04 -14.10
CA VAL H 192 13.47 66.54 -13.55
C VAL H 192 12.81 65.70 -14.64
N THR H 193 13.32 64.47 -14.85
CA THR H 193 12.63 63.51 -15.72
C THR H 193 11.24 63.27 -15.21
N ASP H 194 11.06 63.52 -13.92
CA ASP H 194 9.76 63.52 -13.30
C ASP H 194 9.42 64.99 -13.41
N LEU H 195 9.16 65.44 -14.63
CA LEU H 195 8.21 66.52 -14.77
C LEU H 195 6.93 65.77 -14.56
N ARG H 196 6.93 64.53 -15.03
CA ARG H 196 5.93 63.55 -14.66
C ARG H 196 5.60 63.71 -13.19
N GLY H 197 6.63 63.58 -12.34
CA GLY H 197 6.41 63.67 -10.91
C GLY H 197 6.14 65.10 -10.46
N MET H 198 6.79 66.06 -11.11
CA MET H 198 6.58 67.43 -10.70
C MET H 198 5.10 67.77 -10.81
N LEU H 199 4.51 67.39 -11.93
CA LEU H 199 3.09 67.61 -12.13
C LEU H 199 2.26 66.66 -11.31
N LYS H 200 2.74 65.46 -11.03
CA LYS H 200 1.87 64.53 -10.31
C LYS H 200 1.75 64.95 -8.86
N ARG H 201 2.80 65.54 -8.29
CA ARG H 201 2.67 66.16 -6.98
C ARG H 201 1.86 67.43 -7.09
N LEU H 202 2.12 68.22 -8.14
CA LEU H 202 1.33 69.40 -8.39
C LEU H 202 -0.13 69.03 -8.61
N LYS H 203 -0.39 67.75 -8.89
CA LYS H 203 -1.73 67.26 -9.17
C LYS H 203 -2.39 66.68 -7.94
N GLY H 204 -1.70 65.81 -7.20
CA GLY H 204 -2.10 65.57 -5.84
C GLY H 204 -2.46 66.86 -5.14
N MET H 205 -1.86 67.97 -5.56
CA MET H 205 -2.30 69.30 -5.18
C MET H 205 -3.47 69.79 -6.02
N ARG H 206 -3.47 69.50 -7.31
CA ARG H 206 -4.46 70.01 -8.27
C ARG H 206 -5.27 68.88 -8.88
N ARG H 207 -5.68 67.89 -8.08
CA ARG H 207 -6.40 66.74 -8.59
C ARG H 207 -7.90 66.98 -8.48
N GLU I 169 19.07 -4.57 -51.66
CA GLU I 169 19.32 -3.36 -50.89
C GLU I 169 20.57 -2.68 -51.38
N ASP I 170 21.65 -3.44 -51.45
CA ASP I 170 22.98 -2.95 -51.80
C ASP I 170 23.57 -2.20 -50.62
N VAL I 171 22.76 -1.98 -49.58
CA VAL I 171 23.25 -1.32 -48.40
C VAL I 171 24.45 -2.05 -47.87
N TRP I 172 24.46 -3.37 -48.00
CA TRP I 172 25.62 -4.16 -47.66
C TRP I 172 26.83 -3.67 -48.43
N GLU I 173 26.76 -3.79 -49.76
CA GLU I 173 27.90 -3.43 -50.59
C GLU I 173 28.17 -1.94 -50.53
N ILE I 174 27.11 -1.14 -50.46
CA ILE I 174 27.29 0.30 -50.44
C ILE I 174 27.82 0.85 -49.12
N LEU I 175 27.76 0.03 -48.08
CA LEU I 175 28.22 0.48 -46.77
C LEU I 175 29.63 -0.05 -46.66
N ARG I 176 29.85 -1.28 -47.12
CA ARG I 176 31.22 -1.77 -47.23
C ARG I 176 32.04 -0.85 -48.10
N GLN I 177 31.43 -0.29 -49.14
CA GLN I 177 32.04 0.70 -50.01
C GLN I 177 31.59 2.11 -49.67
N ALA I 178 30.78 2.27 -48.63
CA ALA I 178 30.48 3.58 -48.14
C ALA I 178 31.76 4.25 -47.67
N PRO I 179 31.80 5.57 -47.68
CA PRO I 179 32.89 6.27 -47.04
C PRO I 179 32.99 5.87 -45.57
N PRO I 180 34.20 5.77 -45.08
CA PRO I 180 34.48 4.93 -43.89
C PRO I 180 33.54 5.21 -42.72
N SER I 181 33.36 6.48 -42.37
CA SER I 181 32.50 6.83 -41.25
C SER I 181 31.10 7.19 -41.69
N GLU I 182 30.93 7.54 -42.95
CA GLU I 182 29.67 8.13 -43.36
C GLU I 182 28.75 6.96 -43.67
N TYR I 183 29.20 5.74 -43.33
CA TYR I 183 28.26 4.64 -43.24
C TYR I 183 27.07 5.19 -42.47
N GLU I 184 27.33 6.14 -41.59
CA GLU I 184 26.28 6.98 -41.03
C GLU I 184 25.27 7.38 -42.09
N ARG I 185 25.72 8.16 -43.06
CA ARG I 185 24.78 8.69 -44.03
C ARG I 185 24.15 7.57 -44.83
N ILE I 186 24.93 6.57 -45.21
CA ILE I 186 24.40 5.56 -46.12
C ILE I 186 23.41 4.63 -45.40
N ALA I 187 23.80 4.13 -44.24
CA ALA I 187 22.91 3.27 -43.47
C ALA I 187 21.62 4.00 -43.13
N PHE I 188 21.75 5.19 -42.51
CA PHE I 188 20.54 5.90 -42.13
C PHE I 188 19.80 6.45 -43.33
N GLN I 189 20.45 6.51 -44.49
CA GLN I 189 19.76 6.89 -45.72
C GLN I 189 18.90 5.74 -46.23
N TYR I 190 19.46 4.53 -46.22
CA TYR I 190 18.75 3.36 -46.71
C TYR I 190 17.94 2.70 -45.60
N GLY I 191 17.55 3.49 -44.60
CA GLY I 191 16.68 3.02 -43.56
C GLY I 191 17.37 2.34 -42.40
N VAL I 192 18.70 2.26 -42.41
CA VAL I 192 19.42 1.43 -41.45
C VAL I 192 19.73 2.32 -40.25
N THR I 193 18.71 2.57 -39.41
CA THR I 193 18.94 3.22 -38.12
C THR I 193 19.92 2.41 -37.31
N ASP I 194 20.00 1.14 -37.63
CA ASP I 194 21.02 0.26 -37.09
C ASP I 194 22.06 0.37 -38.18
N LEU I 195 22.70 1.54 -38.26
CA LEU I 195 24.07 1.54 -38.70
C LEU I 195 24.76 1.02 -37.47
N ARG I 196 24.20 1.41 -36.33
CA ARG I 196 24.48 0.80 -35.05
C ARG I 196 24.62 -0.70 -35.26
N GLY I 197 23.55 -1.32 -35.76
CA GLY I 197 23.58 -2.76 -35.95
C GLY I 197 24.44 -3.17 -37.12
N MET I 198 24.49 -2.36 -38.16
CA MET I 198 25.29 -2.73 -39.30
C MET I 198 26.73 -2.90 -38.87
N LEU I 199 27.22 -1.96 -38.08
CA LEU I 199 28.56 -2.04 -37.55
C LEU I 199 28.66 -3.07 -36.45
N LYS I 200 27.60 -3.30 -35.69
CA LYS I 200 27.76 -4.23 -34.59
C LYS I 200 27.86 -5.66 -35.11
N ARG I 201 27.17 -5.97 -36.20
CA ARG I 201 27.40 -7.25 -36.87
C ARG I 201 28.75 -7.23 -37.56
N LEU I 202 29.08 -6.11 -38.20
CA LEU I 202 30.39 -5.97 -38.79
C LEU I 202 31.48 -6.08 -37.73
N LYS I 203 31.10 -5.94 -36.46
CA LYS I 203 32.02 -5.96 -35.35
C LYS I 203 32.10 -7.33 -34.72
N GLY I 204 30.97 -7.95 -34.42
CA GLY I 204 30.98 -9.38 -34.21
C GLY I 204 31.82 -10.07 -35.25
N MET I 205 31.94 -9.47 -36.44
CA MET I 205 32.94 -9.87 -37.43
C MET I 205 34.31 -9.27 -37.16
N ARG I 206 34.35 -8.01 -36.71
CA ARG I 206 35.60 -7.26 -36.53
C ARG I 206 35.81 -6.89 -35.06
N ARG I 207 35.53 -7.80 -34.15
CA ARG I 207 35.64 -7.52 -32.72
C ARG I 207 37.02 -7.92 -32.22
N GLU J 169 -15.45 36.07 22.77
CA GLU J 169 -15.17 35.44 21.49
C GLU J 169 -15.81 36.23 20.36
N ASP J 170 -17.11 36.46 20.50
CA ASP J 170 -17.93 37.10 19.49
C ASP J 170 -18.23 36.11 18.37
N VAL J 171 -17.59 34.95 18.43
CA VAL J 171 -17.85 33.92 17.44
C VAL J 171 -19.32 33.62 17.42
N TRP J 172 -19.97 33.69 18.57
CA TRP J 172 -21.41 33.54 18.63
C TRP J 172 -22.08 34.58 17.74
N GLU J 173 -21.87 35.85 18.06
CA GLU J 173 -22.54 36.92 17.33
C GLU J 173 -22.01 37.00 15.91
N ILE J 174 -20.72 36.74 15.71
CA ILE J 174 -20.15 36.84 14.39
C ILE J 174 -20.52 35.70 13.46
N LEU J 175 -21.05 34.62 14.03
CA LEU J 175 -21.41 33.46 13.25
C LEU J 175 -22.89 33.61 12.99
N ARG J 176 -23.63 34.05 14.01
CA ARG J 176 -25.02 34.41 13.78
C ARG J 176 -25.12 35.49 12.73
N GLN J 177 -24.16 36.39 12.69
CA GLN J 177 -24.05 37.43 11.67
C GLN J 177 -23.00 37.08 10.62
N ALA J 178 -22.39 35.91 10.73
CA ALA J 178 -21.55 35.43 9.67
C ALA J 178 -22.38 35.27 8.41
N PRO J 179 -21.74 35.35 7.25
CA PRO J 179 -22.40 35.00 6.02
C PRO J 179 -22.92 33.58 6.10
N PRO J 180 -24.08 33.32 5.53
CA PRO J 180 -24.91 32.18 5.92
C PRO J 180 -24.16 30.86 5.97
N SER J 181 -23.42 30.55 4.91
CA SER J 181 -22.69 29.29 4.86
C SER J 181 -21.24 29.45 5.30
N GLU J 182 -20.72 30.66 5.27
CA GLU J 182 -19.30 30.83 5.44
C GLU J 182 -19.06 30.89 6.93
N TYR J 183 -20.10 30.59 7.71
CA TYR J 183 -19.88 30.23 9.11
C TYR J 183 -18.71 29.26 9.10
N GLU J 184 -18.59 28.52 8.01
CA GLU J 184 -17.35 27.80 7.72
C GLU J 184 -16.14 28.64 8.03
N ARG J 185 -15.98 29.72 7.28
CA ARG J 185 -14.76 30.50 7.43
C ARG J 185 -14.67 31.09 8.82
N ILE J 186 -15.78 31.57 9.36
CA ILE J 186 -15.70 32.31 10.63
C ILE J 186 -15.44 31.35 11.79
N ALA J 187 -16.20 30.26 11.87
CA ALA J 187 -15.99 29.28 12.93
C ALA J 187 -14.59 28.72 12.86
N PHE J 188 -14.19 28.22 11.69
CA PHE J 188 -12.87 27.62 11.60
C PHE J 188 -11.78 28.67 11.67
N GLN J 189 -12.11 29.95 11.48
CA GLN J 189 -11.15 31.02 11.67
C GLN J 189 -10.92 31.27 13.15
N TYR J 190 -12.00 31.32 13.92
CA TYR J 190 -11.93 31.59 15.35
C TYR J 190 -11.74 30.30 16.14
N GLY J 191 -11.18 29.29 15.50
CA GLY J 191 -10.82 28.06 16.18
C GLY J 191 -11.92 27.04 16.25
N VAL J 192 -13.09 27.33 15.68
CA VAL J 192 -14.27 26.50 15.89
C VAL J 192 -14.27 25.42 14.81
N THR J 193 -13.41 24.41 14.96
CA THR J 193 -13.47 23.23 14.08
C THR J 193 -14.83 22.60 14.18
N ASP J 194 -15.51 22.86 15.30
CA ASP J 194 -16.88 22.50 15.48
C ASP J 194 -17.55 23.79 15.03
N LEU J 195 -17.49 24.06 13.73
CA LEU J 195 -18.59 24.78 13.13
C LEU J 195 -19.62 23.68 13.06
N ARG J 196 -19.12 22.48 12.82
CA ARG J 196 -19.87 21.26 13.02
C ARG J 196 -20.71 21.41 14.28
N GLY J 197 -20.05 21.65 15.41
CA GLY J 197 -20.76 21.76 16.66
C GLY J 197 -21.53 23.06 16.78
N MET J 198 -20.99 24.13 16.20
CA MET J 198 -21.69 25.39 16.30
C MET J 198 -23.07 25.25 15.69
N LEU J 199 -23.12 24.64 14.52
CA LEU J 199 -24.38 24.40 13.87
C LEU J 199 -25.16 23.30 14.54
N LYS J 200 -24.50 22.31 15.13
CA LYS J 200 -25.27 21.22 15.70
C LYS J 200 -26.00 21.66 16.95
N ARG J 201 -25.40 22.57 17.72
CA ARG J 201 -26.14 23.20 18.81
C ARG J 201 -27.17 24.16 18.24
N LEU J 202 -26.79 24.92 17.21
CA LEU J 202 -27.74 25.78 16.54
C LEU J 202 -28.87 24.96 15.95
N LYS J 203 -28.67 23.65 15.82
CA LYS J 203 -29.64 22.75 15.22
C LYS J 203 -30.50 22.08 16.28
N GLY J 204 -29.90 21.52 17.31
CA GLY J 204 -30.65 21.24 18.51
C GLY J 204 -31.57 22.40 18.84
N MET J 205 -31.18 23.62 18.45
CA MET J 205 -32.07 24.77 18.46
C MET J 205 -32.98 24.82 17.23
N ARG J 206 -32.45 24.46 16.06
CA ARG J 206 -33.16 24.58 14.79
C ARG J 206 -33.38 23.22 14.14
N ARG J 207 -33.75 22.21 14.93
CA ARG J 207 -33.90 20.85 14.42
C ARG J 207 -35.36 20.63 14.02
N GLU K 169 23.02 -41.65 -6.61
CA GLU K 169 22.66 -40.37 -6.01
C GLU K 169 23.77 -39.35 -6.20
N ASP K 170 24.98 -39.76 -5.80
CA ASP K 170 26.15 -38.90 -5.80
C ASP K 170 26.08 -37.93 -4.64
N VAL K 171 24.93 -37.91 -3.95
CA VAL K 171 24.79 -37.06 -2.79
C VAL K 171 25.90 -37.35 -1.81
N TRP K 172 26.30 -38.61 -1.73
CA TRP K 172 27.44 -38.97 -0.91
C TRP K 172 28.67 -38.19 -1.35
N GLU K 173 29.08 -38.40 -2.60
CA GLU K 173 30.30 -37.76 -3.09
C GLU K 173 30.11 -36.25 -3.19
N ILE K 174 28.91 -35.82 -3.57
CA ILE K 174 28.68 -34.40 -3.73
C ILE K 174 28.56 -33.63 -2.43
N LEU K 175 28.39 -34.35 -1.33
CA LEU K 175 28.22 -33.71 -0.03
C LEU K 175 29.59 -33.77 0.59
N ARG K 176 30.29 -34.89 0.41
CA ARG K 176 31.68 -34.95 0.81
C ARG K 176 32.48 -33.87 0.10
N GLN K 177 32.12 -33.59 -1.15
CA GLN K 177 32.70 -32.52 -1.93
C GLN K 177 31.80 -31.30 -1.99
N ALA K 178 30.68 -31.33 -1.29
CA ALA K 178 29.88 -30.15 -1.14
C ALA K 178 30.70 -29.09 -0.40
N PRO K 179 30.37 -27.83 -0.62
CA PRO K 179 30.95 -26.79 0.21
C PRO K 179 30.65 -27.05 1.66
N PRO K 180 31.60 -26.74 2.53
CA PRO K 180 31.66 -27.37 3.85
C PRO K 180 30.35 -27.32 4.63
N SER K 181 29.72 -26.15 4.69
CA SER K 181 28.48 -26.01 5.43
C SER K 181 27.26 -26.14 4.53
N GLU K 182 27.44 -25.93 3.24
CA GLU K 182 26.30 -25.78 2.37
C GLU K 182 25.89 -27.20 1.97
N TYR K 183 26.50 -28.20 2.63
CA TYR K 183 25.93 -29.53 2.62
C TYR K 183 24.44 -29.33 2.88
N GLU K 184 24.13 -28.28 3.63
CA GLU K 184 22.76 -27.78 3.70
C GLU K 184 22.11 -27.78 2.33
N ARG K 185 22.63 -26.97 1.43
CA ARG K 185 21.96 -26.81 0.14
C ARG K 185 21.98 -28.12 -0.62
N ILE K 186 23.09 -28.86 -0.56
CA ILE K 186 23.19 -30.04 -1.43
C ILE K 186 22.30 -31.16 -0.90
N ALA K 187 22.39 -31.46 0.39
CA ALA K 187 21.56 -32.50 0.98
C ALA K 187 20.08 -32.18 0.79
N PHE K 188 19.67 -30.98 1.20
CA PHE K 188 18.26 -30.65 1.09
C PHE K 188 17.85 -30.44 -0.36
N GLN K 189 18.83 -30.25 -1.26
CA GLN K 189 18.52 -30.19 -2.69
C GLN K 189 18.22 -31.57 -3.24
N TYR K 190 19.06 -32.54 -2.87
CA TYR K 190 18.90 -33.90 -3.35
C TYR K 190 17.97 -34.71 -2.46
N GLY K 191 17.07 -34.02 -1.76
CA GLY K 191 16.05 -34.67 -0.98
C GLY K 191 16.46 -35.02 0.43
N VAL K 192 17.68 -34.69 0.84
CA VAL K 192 18.23 -35.19 2.10
C VAL K 192 17.85 -34.18 3.18
N THR K 193 16.59 -34.21 3.62
CA THR K 193 16.17 -33.43 4.79
C THR K 193 16.99 -33.85 5.98
N ASP K 194 17.53 -35.05 5.91
CA ASP K 194 18.50 -35.54 6.86
C ASP K 194 19.78 -35.17 6.15
N LEU K 195 20.06 -33.87 6.09
CA LEU K 195 21.45 -33.48 6.08
C LEU K 195 21.78 -33.68 7.53
N ARG K 196 20.79 -33.41 8.37
CA ARG K 196 20.78 -33.82 9.75
C ARG K 196 21.37 -35.22 9.84
N GLY K 197 20.76 -36.17 9.15
CA GLY K 197 21.23 -37.54 9.21
C GLY K 197 22.52 -37.74 8.45
N MET K 198 22.69 -37.01 7.35
CA MET K 198 23.92 -37.19 6.58
C MET K 198 25.11 -36.88 7.47
N LEU K 199 25.02 -35.78 8.20
CA LEU K 199 26.07 -35.42 9.12
C LEU K 199 26.06 -36.29 10.34
N LYS K 200 24.92 -36.80 10.77
CA LYS K 200 24.93 -37.56 12.01
C LYS K 200 25.59 -38.92 11.79
N ARG K 201 25.42 -39.49 10.61
CA ARG K 201 26.20 -40.67 10.25
C ARG K 201 27.65 -40.28 10.02
N LEU K 202 27.86 -39.17 9.33
CA LEU K 202 29.21 -38.66 9.15
C LEU K 202 29.85 -38.36 10.50
N LYS K 203 29.03 -38.25 11.55
CA LYS K 203 29.50 -37.92 12.89
C LYS K 203 29.72 -39.17 13.72
N GLY K 204 28.77 -40.08 13.75
CA GLY K 204 29.09 -41.42 14.18
C GLY K 204 30.40 -41.88 13.58
N MET K 205 30.75 -41.36 12.40
CA MET K 205 32.08 -41.49 11.84
C MET K 205 33.07 -40.47 12.42
N ARG K 206 32.62 -39.24 12.64
CA ARG K 206 33.47 -38.13 13.08
C ARG K 206 33.06 -37.61 14.46
N ARG K 207 32.74 -38.52 15.39
CA ARG K 207 32.28 -38.12 16.72
C ARG K 207 33.46 -38.04 17.66
N GLU L 169 -44.44 -9.07 46.03
CA GLU L 169 -43.59 -9.67 45.02
C GLU L 169 -43.98 -9.19 43.64
N ASP L 170 -45.27 -9.35 43.33
CA ASP L 170 -45.84 -9.06 42.03
C ASP L 170 -45.46 -10.16 41.05
N VAL L 171 -44.58 -11.06 41.49
CA VAL L 171 -44.20 -12.18 40.64
C VAL L 171 -45.44 -12.93 40.21
N TRP L 172 -46.43 -13.00 41.10
CA TRP L 172 -47.71 -13.57 40.72
C TRP L 172 -48.29 -12.85 39.52
N GLU L 173 -48.57 -11.56 39.69
CA GLU L 173 -49.19 -10.80 38.62
C GLU L 173 -48.26 -10.65 37.44
N ILE L 174 -46.97 -10.50 37.70
CA ILE L 174 -46.02 -10.32 36.60
C ILE L 174 -45.74 -11.58 35.81
N LEU L 175 -46.11 -12.73 36.36
CA LEU L 175 -45.84 -13.99 35.69
C LEU L 175 -47.14 -14.32 34.98
N ARG L 176 -48.27 -14.07 35.64
CA ARG L 176 -49.55 -14.17 34.94
C ARG L 176 -49.57 -13.24 33.74
N GLN L 177 -48.93 -12.09 33.85
CA GLN L 177 -48.76 -11.13 32.77
C GLN L 177 -47.37 -11.21 32.17
N ALA L 178 -46.54 -12.13 32.64
CA ALA L 178 -45.29 -12.38 31.98
C ALA L 178 -45.56 -12.87 30.56
N PRO L 179 -44.61 -12.66 29.66
CA PRO L 179 -44.71 -13.30 28.36
C PRO L 179 -44.81 -14.80 28.51
N PRO L 180 -45.59 -15.42 27.66
CA PRO L 180 -46.15 -16.75 27.97
C PRO L 180 -45.15 -17.77 28.46
N SER L 181 -44.03 -17.90 27.74
CA SER L 181 -43.01 -18.86 28.11
C SER L 181 -41.90 -18.25 28.95
N GLU L 182 -41.76 -16.93 28.87
CA GLU L 182 -40.58 -16.32 29.44
C GLU L 182 -40.88 -16.10 30.91
N TYR L 183 -42.01 -16.67 31.37
CA TYR L 183 -42.20 -16.83 32.80
C TYR L 183 -40.87 -17.40 33.31
N GLU L 184 -40.19 -18.14 32.45
CA GLU L 184 -38.79 -18.46 32.68
C GLU L 184 -38.02 -17.26 33.20
N ARG L 185 -37.92 -16.22 32.37
CA ARG L 185 -37.08 -15.10 32.76
C ARG L 185 -37.64 -14.42 34.00
N ILE L 186 -38.95 -14.28 34.08
CA ILE L 186 -39.51 -13.49 35.17
C ILE L 186 -39.40 -14.25 36.50
N ALA L 187 -39.83 -15.51 36.52
CA ALA L 187 -39.73 -16.30 37.73
C ALA L 187 -38.29 -16.40 38.19
N PHE L 188 -37.40 -16.83 37.31
CA PHE L 188 -36.02 -16.99 37.73
C PHE L 188 -35.34 -15.65 37.95
N GLN L 189 -35.93 -14.56 37.45
CA GLN L 189 -35.42 -13.23 37.75
C GLN L 189 -35.79 -12.83 39.17
N TYR L 190 -37.04 -13.07 39.55
CA TYR L 190 -37.53 -12.70 40.87
C TYR L 190 -37.28 -13.80 41.89
N GLY L 191 -36.28 -14.65 41.63
CA GLY L 191 -35.85 -15.66 42.57
C GLY L 191 -36.60 -16.97 42.46
N VAL L 192 -37.53 -17.09 41.52
CA VAL L 192 -38.44 -18.23 41.49
C VAL L 192 -37.78 -19.32 40.65
N THR L 193 -36.77 -20.00 41.23
CA THR L 193 -36.22 -21.19 40.58
C THR L 193 -37.31 -22.20 40.36
N ASP L 194 -38.37 -22.09 41.15
CA ASP L 194 -39.57 -22.85 40.96
C ASP L 194 -40.37 -21.86 40.12
N LEU L 195 -39.94 -21.68 38.88
CA LEU L 195 -40.92 -21.36 37.86
C LEU L 195 -41.52 -22.72 37.66
N ARG L 196 -40.67 -23.72 37.78
CA ARG L 196 -41.08 -25.10 37.94
C ARG L 196 -42.31 -25.15 38.83
N GLY L 197 -42.16 -24.64 40.05
CA GLY L 197 -43.26 -24.68 41.00
C GLY L 197 -44.35 -23.68 40.66
N MET L 198 -43.96 -22.53 40.12
CA MET L 198 -44.97 -21.54 39.79
C MET L 198 -45.96 -22.13 38.81
N LEU L 199 -45.44 -22.81 37.80
CA LEU L 199 -46.29 -23.48 36.83
C LEU L 199 -46.92 -24.72 37.40
N LYS L 200 -46.26 -25.41 38.33
CA LYS L 200 -46.84 -26.64 38.80
C LYS L 200 -48.06 -26.36 39.68
N ARG L 201 -48.02 -25.27 40.43
CA ARG L 201 -49.23 -24.83 41.12
C ARG L 201 -50.22 -24.27 40.12
N LEU L 202 -49.73 -23.51 39.15
CA LEU L 202 -50.59 -23.02 38.10
C LEU L 202 -51.20 -24.19 37.33
N LYS L 203 -50.61 -25.38 37.48
CA LYS L 203 -51.04 -26.57 36.76
C LYS L 203 -51.99 -27.40 37.60
N GLY L 204 -51.64 -27.69 38.85
CA GLY L 204 -52.66 -28.11 39.78
C GLY L 204 -53.91 -27.27 39.63
N MET L 205 -53.76 -26.02 39.18
CA MET L 205 -54.88 -25.21 38.73
C MET L 205 -55.29 -25.51 37.29
N ARG L 206 -54.31 -25.76 36.41
CA ARG L 206 -54.54 -25.95 34.99
C ARG L 206 -54.15 -27.36 34.53
N ARG L 207 -54.48 -28.38 35.32
CA ARG L 207 -54.08 -29.74 35.00
C ARG L 207 -55.19 -30.43 34.22
N ASP M 1 69.70 37.84 -26.59
CA ASP M 1 69.60 36.78 -27.59
C ASP M 1 69.91 37.31 -28.99
N ASP M 2 68.87 37.43 -29.81
CA ASP M 2 69.02 37.92 -31.16
C ASP M 2 69.30 39.43 -31.15
N PRO M 3 69.87 39.96 -32.22
CA PRO M 3 70.11 41.42 -32.28
C PRO M 3 68.81 42.20 -32.27
N ILE M 4 68.88 43.42 -31.73
CA ILE M 4 67.73 44.29 -31.53
C ILE M 4 67.87 45.50 -32.45
N GLY M 5 66.82 45.81 -33.18
CA GLY M 5 66.75 47.08 -33.86
C GLY M 5 66.12 48.03 -32.86
N LEU M 6 64.87 48.42 -33.09
CA LEU M 6 64.05 48.78 -31.96
C LEU M 6 63.90 47.61 -31.03
N PHE M 7 64.01 46.41 -31.57
CA PHE M 7 63.20 45.30 -31.13
C PHE M 7 63.60 44.86 -29.74
N VAL M 8 63.36 45.73 -28.77
CA VAL M 8 63.57 45.38 -27.38
C VAL M 8 62.90 44.06 -27.08
N MET M 9 61.76 43.81 -27.73
CA MET M 9 61.30 42.46 -27.99
C MET M 9 61.15 42.31 -29.50
N ARG M 10 61.34 41.08 -29.97
CA ARG M 10 61.28 40.81 -31.40
C ARG M 10 60.23 39.75 -31.67
N PRO M 11 59.28 40.04 -32.57
CA PRO M 11 58.46 38.98 -33.13
C PRO M 11 59.34 37.84 -33.56
N GLN M 12 59.13 36.71 -32.96
CA GLN M 12 60.15 35.68 -32.91
C GLN M 12 60.24 34.99 -34.26
N ASP M 13 61.08 33.97 -34.35
CA ASP M 13 61.13 33.12 -35.55
C ASP M 13 60.35 31.84 -35.28
N GLY M 14 59.03 31.98 -35.34
CA GLY M 14 58.13 30.95 -34.87
C GLY M 14 58.25 29.60 -35.52
N GLU M 15 58.83 28.65 -34.77
CA GLU M 15 58.80 27.24 -35.15
C GLU M 15 57.68 26.54 -34.37
N VAL M 16 56.49 27.08 -34.54
CA VAL M 16 55.36 26.70 -33.69
C VAL M 16 54.89 25.32 -34.13
N THR M 17 53.89 24.82 -33.44
CA THR M 17 53.21 23.64 -33.92
C THR M 17 51.94 24.19 -34.52
N VAL M 18 51.20 23.29 -35.17
CA VAL M 18 49.80 23.56 -35.43
C VAL M 18 49.09 23.79 -34.11
N GLY M 19 48.31 24.86 -34.05
CA GLY M 19 47.59 25.21 -32.85
C GLY M 19 48.40 26.00 -31.85
N GLY M 20 49.72 26.08 -32.00
CA GLY M 20 50.51 26.88 -31.09
C GLY M 20 50.13 28.33 -31.25
N SER M 21 49.39 28.87 -30.30
CA SER M 21 49.04 30.28 -30.30
C SER M 21 50.29 31.07 -29.94
N ILE M 22 50.92 31.66 -30.94
CA ILE M 22 52.28 32.17 -30.76
C ILE M 22 52.27 33.69 -30.87
N THR M 23 52.95 34.35 -29.94
CA THR M 23 52.95 35.80 -29.80
C THR M 23 54.26 36.38 -30.29
N PHE M 24 54.24 36.85 -31.52
CA PHE M 24 55.37 37.56 -32.09
C PHE M 24 55.32 38.98 -31.57
N SER M 25 56.34 39.36 -30.81
CA SER M 25 56.23 40.55 -29.98
C SER M 25 57.39 41.50 -30.20
N ALA M 26 57.08 42.74 -30.52
CA ALA M 26 58.03 43.84 -30.42
C ALA M 26 57.55 44.67 -29.24
N ARG M 27 57.97 44.25 -28.06
CA ARG M 27 57.82 45.04 -26.85
C ARG M 27 59.08 45.90 -26.82
N VAL M 28 58.91 47.15 -27.18
CA VAL M 28 60.03 48.03 -27.51
C VAL M 28 59.80 49.38 -26.86
N ALA M 29 60.84 49.94 -26.26
CA ALA M 29 60.70 51.25 -25.62
C ALA M 29 60.43 52.34 -26.64
N GLY M 30 59.20 52.84 -26.66
CA GLY M 30 58.80 53.80 -27.69
C GLY M 30 58.92 55.26 -27.28
N LYS M 35 57.71 60.11 -32.91
CA LYS M 35 56.45 59.39 -32.81
C LYS M 35 56.69 57.89 -32.66
N PRO M 36 55.83 57.20 -31.92
CA PRO M 36 55.93 55.76 -31.85
C PRO M 36 55.84 55.13 -33.23
N PRO M 37 56.71 54.16 -33.52
CA PRO M 37 56.79 53.59 -34.87
C PRO M 37 55.51 52.85 -35.24
N VAL M 38 55.07 53.04 -36.48
CA VAL M 38 53.99 52.24 -37.02
C VAL M 38 54.55 50.90 -37.45
N VAL M 39 53.76 49.84 -37.25
CA VAL M 39 54.13 48.47 -37.58
C VAL M 39 53.54 48.07 -38.91
N LYS M 40 54.29 47.30 -39.68
CA LYS M 40 53.86 46.86 -41.00
C LYS M 40 54.05 45.35 -41.07
N TRP M 41 52.92 44.67 -40.94
CA TRP M 41 52.79 43.22 -41.04
C TRP M 41 52.92 42.77 -42.48
N PHE M 42 53.93 41.96 -42.76
CA PHE M 42 54.03 41.45 -44.12
C PHE M 42 54.46 40.00 -44.22
N LYS M 43 53.64 39.25 -44.95
CA LYS M 43 54.03 38.06 -45.67
C LYS M 43 53.87 38.38 -47.14
N GLY M 44 54.93 38.16 -47.91
CA GLY M 44 54.83 38.62 -49.29
C GLY M 44 55.11 40.11 -49.43
N LYS M 45 55.12 40.56 -50.68
CA LYS M 45 55.51 41.94 -50.96
C LYS M 45 54.33 42.77 -51.48
N TRP M 46 53.61 42.30 -52.49
CA TRP M 46 52.34 42.92 -52.81
C TRP M 46 51.32 42.70 -51.69
N VAL M 47 51.62 41.83 -50.72
CA VAL M 47 50.63 41.14 -49.89
C VAL M 47 50.67 41.65 -48.44
N ASP M 48 49.56 42.22 -47.99
CA ASP M 48 49.43 42.65 -46.61
C ASP M 48 49.25 41.45 -45.68
N LEU M 49 49.16 41.75 -44.37
CA LEU M 49 48.65 40.81 -43.40
C LEU M 49 47.40 41.31 -42.69
N SER M 50 47.13 42.60 -42.74
CA SER M 50 45.96 43.14 -42.05
C SER M 50 44.69 42.54 -42.61
N SER M 51 44.62 42.39 -43.94
CA SER M 51 43.51 41.65 -44.54
C SER M 51 43.42 40.23 -44.00
N LYS M 52 44.45 39.78 -43.29
CA LYS M 52 44.43 38.48 -42.63
C LYS M 52 44.50 38.56 -41.11
N VAL M 53 44.55 39.76 -40.53
CA VAL M 53 44.54 39.89 -39.09
C VAL M 53 43.18 39.46 -38.58
N GLY M 54 43.12 38.27 -38.01
CA GLY M 54 41.85 37.70 -37.57
C GLY M 54 42.12 36.98 -36.30
N GLN M 55 41.12 36.24 -35.82
CA GLN M 55 41.23 35.62 -34.50
C GLN M 55 42.49 34.77 -34.41
N HIS M 56 42.96 34.29 -35.55
CA HIS M 56 44.21 33.56 -35.61
C HIS M 56 45.39 34.47 -35.84
N LEU M 57 45.14 35.76 -36.10
CA LEU M 57 46.21 36.72 -36.33
C LEU M 57 45.84 37.97 -35.53
N GLN M 58 46.23 38.00 -34.26
CA GLN M 58 45.67 38.98 -33.34
C GLN M 58 46.75 39.74 -32.60
N LEU M 59 46.40 40.93 -32.14
CA LEU M 59 47.40 41.93 -31.77
C LEU M 59 47.03 42.59 -30.44
N HIS M 60 48.04 42.81 -29.60
CA HIS M 60 47.93 43.77 -28.50
C HIS M 60 49.04 44.79 -28.57
N ASP M 61 48.65 46.05 -28.54
CA ASP M 61 49.50 47.12 -29.03
C ASP M 61 49.20 48.35 -28.16
N SER M 62 50.15 48.72 -27.30
CA SER M 62 49.86 49.71 -26.28
C SER M 62 51.15 50.21 -25.63
N TYR M 63 51.19 51.52 -25.37
CA TYR M 63 52.39 52.20 -24.88
C TYR M 63 52.41 52.25 -23.36
N ASP M 64 53.61 52.45 -22.81
CA ASP M 64 53.84 52.61 -21.37
C ASP M 64 54.52 53.94 -21.11
N ARG M 65 53.96 54.72 -20.18
CA ARG M 65 54.67 55.93 -19.76
C ARG M 65 55.79 55.59 -18.78
N ALA M 66 55.56 54.61 -17.91
CA ALA M 66 56.52 54.36 -16.84
C ALA M 66 57.87 53.98 -17.42
N SER M 67 57.84 53.13 -18.45
CA SER M 67 59.04 52.66 -19.10
C SER M 67 59.19 53.20 -20.52
N LYS M 68 58.31 54.09 -20.95
CA LYS M 68 58.34 54.60 -22.32
C LYS M 68 58.23 53.46 -23.34
N VAL M 69 57.57 52.38 -22.96
CA VAL M 69 57.60 51.13 -23.70
C VAL M 69 56.24 50.91 -24.36
N TYR M 70 56.26 50.46 -25.60
CA TYR M 70 55.03 50.10 -26.29
C TYR M 70 55.11 48.63 -26.73
N LEU M 71 53.97 47.98 -26.66
CA LEU M 71 53.81 46.59 -27.04
C LEU M 71 53.13 46.48 -28.38
N PHE M 72 53.87 46.04 -29.39
CA PHE M 72 53.28 45.32 -30.48
C PHE M 72 53.36 43.84 -30.10
N GLU M 73 52.24 43.16 -30.15
CA GLU M 73 52.30 41.72 -29.95
C GLU M 73 51.27 41.07 -30.84
N LEU M 74 51.57 39.84 -31.25
CA LEU M 74 50.75 39.08 -32.18
C LEU M 74 50.56 37.69 -31.63
N HIS M 75 49.44 37.46 -30.95
CA HIS M 75 49.03 36.10 -30.62
C HIS M 75 48.45 35.46 -31.86
N ILE M 76 48.86 34.22 -32.11
CA ILE M 76 48.39 33.46 -33.26
C ILE M 76 47.66 32.26 -32.72
N THR M 77 46.33 32.31 -32.80
CA THR M 77 45.49 31.22 -32.37
C THR M 77 45.24 30.30 -33.56
N ASP M 78 44.97 29.03 -33.29
CA ASP M 78 44.72 28.04 -34.34
C ASP M 78 45.81 28.13 -35.41
N ALA M 79 47.04 27.87 -34.99
CA ALA M 79 48.17 27.98 -35.89
C ALA M 79 48.06 26.95 -37.02
N GLN M 80 48.23 27.42 -38.26
CA GLN M 80 48.06 26.59 -39.45
C GLN M 80 49.25 26.72 -40.38
N PRO M 81 49.64 25.61 -41.03
CA PRO M 81 50.74 25.68 -42.01
C PRO M 81 50.45 26.59 -43.18
N ALA M 82 49.18 26.83 -43.51
CA ALA M 82 48.88 27.86 -44.48
C ALA M 82 49.49 29.19 -44.08
N PHE M 83 49.59 29.44 -42.78
CA PHE M 83 50.23 30.65 -42.32
C PHE M 83 51.62 30.41 -41.80
N THR M 84 52.10 29.16 -41.82
CA THR M 84 53.53 28.97 -41.84
C THR M 84 54.11 29.89 -42.90
N GLY M 85 55.01 30.77 -42.50
CA GLY M 85 55.75 31.53 -43.47
C GLY M 85 56.39 32.75 -42.85
N SER M 86 56.77 33.67 -43.73
CA SER M 86 57.47 34.88 -43.34
C SER M 86 56.49 35.97 -42.93
N TYR M 87 56.92 36.79 -41.98
CA TYR M 87 56.06 37.87 -41.53
C TYR M 87 56.96 39.01 -41.09
N ARG M 88 56.40 40.21 -41.06
CA ARG M 88 57.24 41.38 -40.89
C ARG M 88 56.51 42.40 -40.05
N CYS M 89 57.26 43.10 -39.20
CA CYS M 89 56.79 44.29 -38.50
C CYS M 89 57.69 45.46 -38.89
N GLU M 90 57.45 46.03 -40.05
CA GLU M 90 58.26 47.20 -40.41
C GLU M 90 57.73 48.40 -39.63
N VAL M 91 58.53 48.92 -38.71
CA VAL M 91 58.12 49.94 -37.76
C VAL M 91 58.90 51.22 -38.03
N SER M 92 58.20 52.34 -37.99
CA SER M 92 58.82 53.62 -38.32
C SER M 92 58.38 54.67 -37.33
N THR M 93 59.33 55.44 -36.80
CA THR M 93 58.92 56.58 -36.01
C THR M 93 58.41 57.64 -36.97
N LYS M 94 58.22 58.86 -36.46
CA LYS M 94 58.11 59.99 -37.36
C LYS M 94 59.37 60.20 -38.15
N ASP M 95 60.49 59.61 -37.73
CA ASP M 95 61.77 59.81 -38.39
C ASP M 95 62.43 58.53 -38.87
N LYS M 96 62.43 57.46 -38.08
CA LYS M 96 63.20 56.29 -38.42
C LYS M 96 62.32 55.27 -39.13
N PHE M 97 62.96 54.13 -39.42
CA PHE M 97 62.31 52.94 -39.94
C PHE M 97 63.05 51.72 -39.41
N ASP M 98 62.34 50.60 -39.27
CA ASP M 98 62.98 49.35 -38.88
C ASP M 98 62.43 48.20 -39.71
N CYS M 99 63.32 47.55 -40.47
CA CYS M 99 63.00 46.44 -41.34
C CYS M 99 63.85 45.24 -40.99
N SER M 100 63.20 44.20 -40.48
CA SER M 100 63.82 42.90 -40.29
C SER M 100 62.65 41.94 -40.17
N ASN M 101 62.73 40.83 -40.87
CA ASN M 101 61.62 39.91 -40.98
C ASN M 101 61.77 38.83 -39.92
N PHE M 102 60.70 38.09 -39.70
CA PHE M 102 60.70 37.03 -38.72
C PHE M 102 59.84 35.89 -39.25
N ASN M 103 59.91 34.75 -38.56
CA ASN M 103 59.44 33.49 -39.10
C ASN M 103 58.19 33.02 -38.38
N LEU M 104 57.24 32.51 -39.15
CA LEU M 104 56.22 31.61 -38.66
C LEU M 104 56.30 30.28 -39.40
N THR M 105 56.81 29.28 -38.70
CA THR M 105 56.70 27.91 -39.19
C THR M 105 55.76 27.13 -38.29
N VAL M 106 54.50 27.02 -38.71
CA VAL M 106 53.49 26.30 -37.95
C VAL M 106 53.76 24.82 -38.21
N HIS M 107 54.50 24.20 -37.30
CA HIS M 107 54.87 22.81 -37.50
C HIS M 107 53.67 21.92 -37.26
N GLU M 108 53.83 20.65 -37.62
CA GLU M 108 52.78 19.65 -37.63
C GLU M 108 51.78 19.95 -38.74
N ASP N 1 -40.84 24.32 -42.11
CA ASP N 1 -41.13 25.22 -41.00
C ASP N 1 -40.91 26.67 -41.40
N ASP N 2 -39.85 27.27 -40.86
CA ASP N 2 -39.52 28.65 -41.17
C ASP N 2 -38.99 28.78 -42.60
N PRO N 3 -39.05 29.97 -43.18
CA PRO N 3 -38.51 30.16 -44.53
C PRO N 3 -37.00 29.92 -44.58
N ILE N 4 -36.54 29.47 -45.74
CA ILE N 4 -35.14 29.09 -45.97
C ILE N 4 -34.52 30.06 -46.94
N GLY N 5 -33.34 30.58 -46.58
CA GLY N 5 -32.55 31.30 -47.55
C GLY N 5 -31.69 30.25 -48.20
N LEU N 6 -30.39 30.23 -47.89
CA LEU N 6 -29.68 28.98 -47.98
C LEU N 6 -30.30 27.97 -47.04
N PHE N 7 -30.91 28.46 -45.98
CA PHE N 7 -30.85 27.80 -44.70
C PHE N 7 -31.63 26.50 -44.72
N VAL N 8 -31.12 25.56 -45.50
CA VAL N 8 -31.69 24.21 -45.50
C VAL N 8 -31.84 23.73 -44.07
N MET N 9 -30.90 24.10 -43.22
CA MET N 9 -31.15 24.18 -41.79
C MET N 9 -30.88 25.63 -41.36
N ARG N 10 -31.58 26.07 -40.33
CA ARG N 10 -31.44 27.43 -39.86
C ARG N 10 -31.04 27.43 -38.39
N PRO N 11 -29.96 28.12 -38.05
CA PRO N 11 -29.71 28.44 -36.65
C PRO N 11 -30.97 28.99 -36.04
N GLN N 12 -31.46 28.30 -35.04
CA GLN N 12 -32.85 28.40 -34.66
C GLN N 12 -33.07 29.71 -33.91
N ASP N 13 -34.29 29.92 -33.43
CA ASP N 13 -34.57 31.04 -32.54
C ASP N 13 -34.60 30.55 -31.10
N GLY N 14 -33.39 30.35 -30.57
CA GLY N 14 -33.22 29.66 -29.31
C GLY N 14 -33.92 30.23 -28.10
N GLU N 15 -35.00 29.57 -27.68
CA GLU N 15 -35.62 29.85 -26.40
C GLU N 15 -35.15 28.83 -25.38
N VAL N 16 -33.84 28.78 -25.23
CA VAL N 16 -33.20 27.70 -24.49
C VAL N 16 -33.44 27.95 -23.01
N THR N 17 -32.95 27.04 -22.18
CA THR N 17 -32.89 27.31 -20.78
C THR N 17 -31.45 27.67 -20.54
N VAL N 18 -31.16 28.10 -19.31
CA VAL N 18 -29.80 28.08 -18.82
C VAL N 18 -29.29 26.66 -18.87
N GLY N 19 -28.10 26.49 -19.41
CA GLY N 19 -27.50 25.19 -19.55
C GLY N 19 -27.93 24.42 -20.77
N GLY N 20 -28.98 24.84 -21.46
CA GLY N 20 -29.39 24.17 -22.67
C GLY N 20 -28.32 24.32 -23.72
N SER N 21 -27.55 23.26 -23.96
CA SER N 21 -26.54 23.26 -25.01
C SER N 21 -27.26 23.21 -26.35
N ILE N 22 -27.35 24.36 -27.01
CA ILE N 22 -28.26 24.48 -28.14
C ILE N 22 -27.48 24.68 -29.42
N THR N 23 -27.86 23.93 -30.47
CA THR N 23 -27.15 23.87 -31.73
C THR N 23 -27.89 24.66 -32.80
N PHE N 24 -27.45 25.89 -33.00
CA PHE N 24 -27.97 26.71 -34.08
C PHE N 24 -27.29 26.27 -35.36
N SER N 25 -28.07 25.76 -36.30
CA SER N 25 -27.51 24.98 -37.39
C SER N 25 -27.99 25.49 -38.74
N ALA N 26 -27.04 25.80 -39.61
CA ALA N 26 -27.30 25.96 -41.04
C ALA N 26 -26.67 24.75 -41.68
N ARG N 27 -27.41 23.66 -41.71
CA ARG N 27 -27.07 22.49 -42.50
C ARG N 27 -27.70 22.77 -43.85
N VAL N 28 -26.88 23.16 -44.80
CA VAL N 28 -27.34 23.75 -46.05
C VAL N 28 -26.55 23.15 -47.19
N ALA N 29 -27.25 22.80 -48.28
CA ALA N 29 -26.57 22.21 -49.42
C ALA N 29 -25.62 23.21 -50.08
N GLY N 30 -24.32 23.01 -49.92
CA GLY N 30 -23.35 23.98 -50.40
C GLY N 30 -22.78 23.68 -51.76
N LYS N 35 -18.43 29.18 -54.51
CA LYS N 35 -17.73 28.79 -53.30
C LYS N 35 -18.72 28.62 -52.15
N PRO N 36 -18.45 27.68 -51.25
CA PRO N 36 -19.29 27.55 -50.05
C PRO N 36 -19.31 28.85 -49.27
N PRO N 37 -20.49 29.25 -48.82
CA PRO N 37 -20.64 30.56 -48.16
C PRO N 37 -19.87 30.62 -46.84
N VAL N 38 -19.21 31.75 -46.61
CA VAL N 38 -18.62 32.02 -45.31
C VAL N 38 -19.70 32.48 -44.36
N VAL N 39 -19.60 32.07 -43.09
CA VAL N 39 -20.56 32.38 -42.05
C VAL N 39 -20.05 33.55 -41.23
N LYS N 40 -20.96 34.42 -40.81
CA LYS N 40 -20.62 35.59 -40.02
C LYS N 40 -21.53 35.62 -38.80
N TRP N 41 -20.95 35.22 -37.69
CA TRP N 41 -21.54 35.22 -36.37
C TRP N 41 -21.66 36.63 -35.83
N PHE N 42 -22.88 37.07 -35.58
CA PHE N 42 -23.02 38.40 -34.98
C PHE N 42 -24.10 38.50 -33.93
N LYS N 43 -23.68 39.00 -32.78
CA LYS N 43 -24.50 39.72 -31.83
C LYS N 43 -23.97 41.14 -31.80
N GLY N 44 -24.86 42.10 -32.01
CA GLY N 44 -24.35 43.46 -32.17
C GLY N 44 -23.81 43.72 -33.57
N LYS N 45 -23.40 44.98 -33.77
CA LYS N 45 -22.97 45.40 -35.10
C LYS N 45 -21.47 45.71 -35.16
N TRP N 46 -20.96 46.53 -34.25
CA TRP N 46 -19.52 46.61 -34.13
C TRP N 46 -18.93 45.29 -33.61
N VAL N 47 -19.77 44.36 -33.15
CA VAL N 47 -19.41 43.30 -32.19
C VAL N 47 -19.40 41.93 -32.87
N ASP N 48 -18.25 41.29 -32.89
CA ASP N 48 -18.13 39.92 -33.41
C ASP N 48 -18.71 38.92 -32.43
N LEU N 49 -18.69 37.65 -32.84
CA LEU N 49 -18.90 36.54 -31.91
C LEU N 49 -17.69 35.61 -31.85
N SER N 50 -16.79 35.67 -32.84
CA SER N 50 -15.63 34.78 -32.83
C SER N 50 -14.76 35.03 -31.60
N SER N 51 -14.59 36.31 -31.24
CA SER N 51 -13.92 36.62 -29.98
C SER N 51 -14.65 36.01 -28.81
N LYS N 52 -15.86 35.50 -29.01
CA LYS N 52 -16.60 34.78 -27.98
C LYS N 52 -16.85 33.31 -28.31
N VAL N 53 -16.37 32.83 -29.46
CA VAL N 53 -16.52 31.42 -29.78
C VAL N 53 -15.67 30.62 -28.82
N GLY N 54 -16.30 29.99 -27.86
CA GLY N 54 -15.59 29.27 -26.82
C GLY N 54 -16.37 28.04 -26.51
N GLN N 55 -15.97 27.33 -25.46
CA GLN N 55 -16.58 26.03 -25.19
C GLN N 55 -18.08 26.16 -25.07
N HIS N 56 -18.56 27.35 -24.72
CA HIS N 56 -19.98 27.62 -24.69
C HIS N 56 -20.48 28.14 -26.02
N LEU N 57 -19.58 28.41 -26.96
CA LEU N 57 -19.96 28.90 -28.28
C LEU N 57 -19.14 28.12 -29.29
N GLN N 58 -19.65 26.96 -29.69
CA GLN N 58 -18.82 25.99 -30.40
C GLN N 58 -19.47 25.53 -31.70
N LEU N 59 -18.64 25.08 -32.63
CA LEU N 59 -19.04 24.97 -34.02
C LEU N 59 -18.60 23.63 -34.61
N HIS N 60 -19.47 23.03 -35.41
CA HIS N 60 -19.05 22.00 -36.35
C HIS N 60 -19.48 22.35 -37.75
N ASP N 61 -18.52 22.29 -38.66
CA ASP N 61 -18.61 23.00 -39.93
C ASP N 61 -17.89 22.17 -40.96
N SER N 62 -18.62 21.54 -41.87
CA SER N 62 -18.04 20.52 -42.73
C SER N 62 -18.97 20.19 -43.90
N TYR N 63 -18.39 20.03 -45.08
CA TYR N 63 -19.14 19.82 -46.31
C TYR N 63 -19.37 18.34 -46.60
N ASP N 64 -20.37 18.06 -47.44
CA ASP N 64 -20.70 16.71 -47.90
C ASP N 64 -20.64 16.66 -49.42
N ARG N 65 -19.92 15.69 -49.96
CA ARG N 65 -19.97 15.48 -51.41
C ARG N 65 -21.23 14.75 -51.81
N ALA N 66 -21.68 13.80 -50.98
CA ALA N 66 -22.78 12.94 -51.39
C ALA N 66 -24.02 13.77 -51.63
N SER N 67 -24.28 14.71 -50.72
CA SER N 67 -25.43 15.58 -50.81
C SER N 67 -25.08 17.02 -51.14
N LYS N 68 -23.80 17.31 -51.41
CA LYS N 68 -23.37 18.68 -51.66
C LYS N 68 -23.70 19.60 -50.49
N VAL N 69 -23.74 19.03 -49.28
CA VAL N 69 -24.28 19.70 -48.11
C VAL N 69 -23.13 20.04 -47.16
N TYR N 70 -23.19 21.23 -46.58
CA TYR N 70 -22.23 21.64 -45.58
C TYR N 70 -22.98 22.00 -44.30
N LEU N 71 -22.35 21.66 -43.18
CA LEU N 71 -22.85 21.93 -41.85
C LEU N 71 -22.11 23.09 -41.23
N PHE N 72 -22.82 24.20 -41.07
CA PHE N 72 -22.53 25.11 -39.99
C PHE N 72 -23.39 24.68 -38.82
N GLU N 73 -22.78 24.46 -37.67
CA GLU N 73 -23.58 24.20 -36.49
C GLU N 73 -22.90 24.83 -35.30
N LEU N 74 -23.71 25.22 -34.33
CA LEU N 74 -23.26 25.92 -33.14
C LEU N 74 -23.89 25.27 -31.93
N HIS N 75 -23.16 24.37 -31.29
CA HIS N 75 -23.55 23.87 -29.97
C HIS N 75 -23.19 24.94 -28.94
N ILE N 76 -24.13 25.20 -28.04
CA ILE N 76 -23.94 26.18 -26.99
C ILE N 76 -23.99 25.45 -25.67
N THR N 77 -22.84 25.26 -25.06
CA THR N 77 -22.74 24.60 -23.77
C THR N 77 -22.81 25.66 -22.69
N ASP N 78 -23.26 25.28 -21.50
CA ASP N 78 -23.39 26.20 -20.38
C ASP N 78 -24.10 27.48 -20.82
N ALA N 79 -25.35 27.30 -21.26
CA ALA N 79 -26.12 28.43 -21.77
C ALA N 79 -26.37 29.45 -20.66
N GLN N 80 -26.09 30.72 -20.96
CA GLN N 80 -26.17 31.80 -19.99
C GLN N 80 -27.00 32.96 -20.53
N PRO N 81 -27.78 33.62 -19.67
CA PRO N 81 -28.52 34.81 -20.12
C PRO N 81 -27.64 35.94 -20.59
N ALA N 82 -26.39 36.01 -20.12
CA ALA N 82 -25.46 36.96 -20.72
C ALA N 82 -25.38 36.76 -22.22
N PHE N 83 -25.53 35.53 -22.68
CA PHE N 83 -25.53 35.27 -24.10
C PHE N 83 -26.92 35.03 -24.64
N THR N 84 -27.94 35.09 -23.79
CA THR N 84 -29.26 35.40 -24.33
C THR N 84 -29.11 36.60 -25.24
N GLY N 85 -29.51 36.44 -26.50
CA GLY N 85 -29.60 37.59 -27.37
C GLY N 85 -29.61 37.17 -28.82
N SER N 86 -29.35 38.16 -29.67
CA SER N 86 -29.39 37.99 -31.11
C SER N 86 -28.07 37.45 -31.63
N TYR N 87 -28.15 36.65 -32.69
CA TYR N 87 -26.95 36.08 -33.27
C TYR N 87 -27.21 35.90 -34.76
N ARG N 88 -26.12 35.83 -35.52
CA ARG N 88 -26.27 35.90 -36.96
C ARG N 88 -25.26 34.98 -37.61
N CYS N 89 -25.68 34.33 -38.71
CA CYS N 89 -24.79 33.62 -39.61
C CYS N 89 -24.91 34.25 -40.99
N GLU N 90 -24.24 35.36 -41.20
CA GLU N 90 -24.27 35.94 -42.54
C GLU N 90 -23.34 35.13 -43.43
N VAL N 91 -23.90 34.43 -44.41
CA VAL N 91 -23.18 33.47 -45.22
C VAL N 91 -23.15 33.96 -46.67
N SER N 92 -21.99 33.84 -47.30
CA SER N 92 -21.82 34.35 -48.65
C SER N 92 -21.07 33.35 -49.50
N THR N 93 -21.57 33.08 -50.69
CA THR N 93 -20.76 32.28 -51.59
C THR N 93 -19.65 33.17 -52.12
N LYS N 94 -18.95 32.70 -53.15
CA LYS N 94 -18.13 33.61 -53.94
C LYS N 94 -19.00 34.66 -54.62
N ASP N 95 -20.30 34.44 -54.72
CA ASP N 95 -21.19 35.37 -55.40
C ASP N 95 -22.32 35.90 -54.55
N LYS N 96 -22.98 35.07 -53.75
CA LYS N 96 -24.18 35.52 -53.07
C LYS N 96 -23.84 35.96 -51.65
N PHE N 97 -24.91 36.33 -50.94
CA PHE N 97 -24.88 36.63 -49.52
C PHE N 97 -26.21 36.20 -48.90
N ASP N 98 -26.20 35.85 -47.62
CA ASP N 98 -27.44 35.54 -46.92
C ASP N 98 -27.42 36.18 -45.53
N CYS N 99 -28.39 37.06 -45.30
CA CYS N 99 -28.54 37.80 -44.05
C CYS N 99 -29.93 37.57 -43.47
N SER N 100 -29.97 36.88 -42.34
CA SER N 100 -31.19 36.76 -41.56
C SER N 100 -30.70 36.33 -40.19
N ASN N 101 -31.22 36.98 -39.16
CA ASN N 101 -30.72 36.82 -37.81
C ASN N 101 -31.56 35.75 -37.13
N PHE N 102 -31.06 35.28 -35.99
CA PHE N 102 -31.75 34.26 -35.21
C PHE N 102 -31.52 34.54 -33.74
N ASN N 103 -32.26 33.83 -32.90
CA ASN N 103 -32.40 34.19 -31.50
C ASN N 103 -31.70 33.20 -30.60
N LEU N 104 -31.03 33.72 -29.59
CA LEU N 104 -30.69 32.98 -28.39
C LEU N 104 -31.32 33.66 -27.17
N THR N 105 -32.36 33.03 -26.66
CA THR N 105 -32.89 33.41 -25.36
C THR N 105 -32.62 32.30 -24.36
N VAL N 106 -31.54 32.44 -23.60
CA VAL N 106 -31.17 31.46 -22.59
C VAL N 106 -32.11 31.68 -21.42
N HIS N 107 -33.19 30.92 -21.37
CA HIS N 107 -34.17 31.11 -20.32
C HIS N 107 -33.64 30.58 -19.01
N GLU N 108 -34.36 30.90 -17.95
CA GLU N 108 -33.97 30.64 -16.57
C GLU N 108 -32.81 31.53 -16.18
N ASP O 1 48.56 15.84 25.55
CA ASP O 1 49.10 14.74 24.75
C ASP O 1 49.71 15.25 23.45
N ASP O 2 49.03 14.98 22.34
CA ASP O 2 49.49 15.42 21.04
C ASP O 2 49.33 16.93 20.89
N PRO O 3 50.07 17.56 19.97
CA PRO O 3 49.91 19.00 19.75
C PRO O 3 48.51 19.34 19.24
N ILE O 4 48.07 20.55 19.57
CA ILE O 4 46.73 21.04 19.26
C ILE O 4 46.84 22.18 18.25
N GLY O 5 46.05 22.09 17.19
CA GLY O 5 45.89 23.25 16.33
C GLY O 5 44.72 24.00 16.92
N LEU O 6 43.57 23.97 16.25
CA LEU O 6 42.34 24.13 17.01
C LEU O 6 42.21 23.03 18.02
N PHE O 7 42.81 21.90 17.75
CA PHE O 7 42.23 20.62 18.09
C PHE O 7 42.24 20.41 19.58
N VAL O 8 41.45 21.23 20.28
CA VAL O 8 41.27 21.04 21.71
C VAL O 8 40.93 19.60 21.99
N MET O 9 40.18 18.97 21.09
CA MET O 9 40.23 17.54 20.91
C MET O 9 40.66 17.25 19.48
N ARG O 10 41.32 16.12 19.29
CA ARG O 10 41.82 15.75 17.97
C ARG O 10 41.25 14.40 17.56
N PRO O 11 40.62 14.33 16.39
CA PRO O 11 40.36 13.03 15.78
C PRO O 11 41.62 12.20 15.83
N GLN O 12 41.54 11.09 16.53
CA GLN O 12 42.71 10.44 17.04
C GLN O 12 43.44 9.73 15.92
N ASP O 13 44.51 9.01 16.26
CA ASP O 13 45.18 8.14 15.29
C ASP O 13 44.73 6.71 15.51
N GLY O 14 43.53 6.43 15.02
CA GLY O 14 42.84 5.20 15.35
C GLY O 14 43.54 3.91 15.00
N GLU O 15 44.05 3.24 16.03
CA GLU O 15 44.54 1.87 15.90
C GLU O 15 43.46 0.91 16.40
N VAL O 16 42.30 1.04 15.79
CA VAL O 16 41.09 0.39 16.29
C VAL O 16 41.19 -1.09 15.97
N THR O 17 40.20 -1.83 16.39
CA THR O 17 40.06 -3.20 15.93
C THR O 17 38.98 -3.10 14.87
N VAL O 18 38.78 -4.23 14.19
CA VAL O 18 37.53 -4.43 13.47
C VAL O 18 36.39 -4.35 14.45
N GLY O 19 35.37 -3.56 14.09
CA GLY O 19 34.22 -3.38 14.95
C GLY O 19 34.39 -2.32 16.00
N GLY O 20 35.60 -1.84 16.24
CA GLY O 20 35.79 -0.78 17.22
C GLY O 20 35.11 0.48 16.72
N SER O 21 33.97 0.82 17.29
CA SER O 21 33.28 2.05 16.96
C SER O 21 34.06 3.21 17.55
N ILE O 22 34.82 3.90 16.71
CA ILE O 22 35.83 4.81 17.21
C ILE O 22 35.46 6.25 16.86
N THR O 23 35.58 7.14 17.84
CA THR O 23 35.13 8.52 17.73
C THR O 23 36.33 9.45 17.58
N PHE O 24 36.59 9.81 16.34
CA PHE O 24 37.61 10.79 16.04
C PHE O 24 37.02 12.16 16.28
N SER O 25 37.57 12.89 17.24
CA SER O 25 36.87 14.03 17.80
C SER O 25 37.72 15.28 17.79
N ALA O 26 37.22 16.34 17.20
CA ALA O 26 37.74 17.68 17.40
C ALA O 26 36.68 18.39 18.23
N ARG O 27 36.77 18.20 19.54
CA ARG O 27 36.01 18.98 20.49
C ARG O 27 36.90 20.19 20.77
N VAL O 28 36.54 21.31 20.18
CA VAL O 28 37.42 22.46 20.08
C VAL O 28 36.62 23.72 20.38
N ALA O 29 37.21 24.61 21.18
CA ALA O 29 36.51 25.84 21.53
C ALA O 29 36.31 26.73 20.31
N GLY O 30 35.08 26.82 19.83
CA GLY O 30 34.81 27.54 18.60
C GLY O 30 34.39 28.99 18.77
N LYS O 35 33.90 32.86 12.34
CA LYS O 35 32.92 31.80 12.16
C LYS O 35 33.50 30.46 12.61
N PRO O 36 32.66 29.59 13.15
CA PRO O 36 33.11 28.25 13.48
C PRO O 36 33.67 27.54 12.27
N PRO O 37 34.81 26.87 12.42
CA PRO O 37 35.50 26.27 11.27
C PRO O 37 34.68 25.15 10.65
N VAL O 38 34.65 25.12 9.32
CA VAL O 38 34.08 23.99 8.61
C VAL O 38 35.10 22.86 8.59
N VAL O 39 34.60 21.63 8.71
CA VAL O 39 35.41 20.41 8.76
C VAL O 39 35.45 19.77 7.37
N LYS O 40 36.59 19.22 7.00
CA LYS O 40 36.78 18.58 5.71
C LYS O 40 37.38 17.21 5.94
N TRP O 41 36.50 16.22 5.84
CA TRP O 41 36.82 14.81 5.94
C TRP O 41 37.54 14.33 4.70
N PHE O 42 38.76 13.85 4.88
CA PHE O 42 39.46 13.32 3.71
C PHE O 42 40.27 12.07 3.98
N LYS O 43 39.99 11.06 3.18
CA LYS O 43 40.90 10.00 2.82
C LYS O 43 41.17 10.16 1.33
N GLY O 44 42.44 10.23 0.97
CA GLY O 44 42.71 10.55 -0.42
C GLY O 44 42.62 12.05 -0.71
N LYS O 45 42.92 12.40 -1.96
CA LYS O 45 42.98 13.81 -2.33
C LYS O 45 41.88 14.20 -3.31
N TRP O 46 41.72 13.46 -4.40
CA TRP O 46 40.51 13.64 -5.18
C TRP O 46 39.27 13.19 -4.42
N VAL O 47 39.43 12.52 -3.28
CA VAL O 47 38.46 11.60 -2.68
C VAL O 47 37.86 12.19 -1.41
N ASP O 48 36.55 12.41 -1.41
CA ASP O 48 35.84 12.88 -0.23
C ASP O 48 35.68 11.75 0.79
N LEU O 49 35.08 12.08 1.93
CA LEU O 49 34.55 11.08 2.85
C LEU O 49 33.04 11.22 3.05
N SER O 50 32.46 12.37 2.71
CA SER O 50 31.03 12.54 2.91
C SER O 50 30.24 11.55 2.08
N SER O 51 30.67 11.30 0.84
CA SER O 51 30.08 10.23 0.07
C SER O 51 30.20 8.89 0.77
N LYS O 52 31.00 8.81 1.82
CA LYS O 52 31.11 7.62 2.65
C LYS O 52 30.63 7.81 4.08
N VAL O 53 30.17 9.01 4.45
CA VAL O 53 29.62 9.22 5.78
C VAL O 53 28.34 8.41 5.91
N GLY O 54 28.42 7.31 6.61
CA GLY O 54 27.28 6.40 6.74
C GLY O 54 27.28 5.88 8.13
N GLN O 55 26.41 4.90 8.39
CA GLN O 55 26.24 4.44 9.76
C GLN O 55 27.56 4.02 10.36
N HIS O 56 28.52 3.64 9.52
CA HIS O 56 29.86 3.33 9.97
C HIS O 56 30.75 4.55 9.97
N LEU O 57 30.27 5.66 9.44
CA LEU O 57 31.04 6.91 9.39
C LEU O 57 30.11 8.02 9.82
N GLN O 58 30.01 8.25 11.13
CA GLN O 58 28.91 9.05 11.66
C GLN O 58 29.44 10.16 12.57
N LEU O 59 28.65 11.22 12.70
CA LEU O 59 29.14 12.49 13.20
C LEU O 59 28.18 13.10 14.21
N HIS O 60 28.74 13.67 15.28
CA HIS O 60 28.01 14.61 16.11
C HIS O 60 28.77 15.92 16.23
N ASP O 61 28.06 17.00 15.94
CA ASP O 61 28.69 18.24 15.57
C ASP O 61 27.80 19.37 16.09
N SER O 62 28.26 20.07 17.12
CA SER O 62 27.38 20.99 17.83
C SER O 62 28.18 21.90 18.75
N TYR O 63 27.78 23.17 18.79
CA TYR O 63 28.51 24.21 19.52
C TYR O 63 28.00 24.37 20.94
N ASP O 64 28.83 24.97 21.79
CA ASP O 64 28.50 25.28 23.19
C ASP O 64 28.66 26.77 23.43
N ARG O 65 27.64 27.40 24.00
CA ARG O 65 27.80 28.79 24.42
C ARG O 65 28.57 28.87 25.72
N ALA O 66 28.33 27.93 26.64
CA ALA O 66 28.90 28.05 27.97
C ALA O 66 30.41 28.06 27.89
N SER O 67 30.97 27.18 27.08
CA SER O 67 32.41 27.07 26.89
C SER O 67 32.87 27.55 25.53
N LYS O 68 31.98 28.09 24.71
CA LYS O 68 32.34 28.49 23.36
C LYS O 68 32.91 27.32 22.55
N VAL O 69 32.47 26.11 22.87
CA VAL O 69 33.08 24.89 22.39
C VAL O 69 32.14 24.23 21.40
N TYR O 70 32.71 23.71 20.30
CA TYR O 70 31.94 22.96 19.34
C TYR O 70 32.56 21.56 19.19
N LEU O 71 31.69 20.58 19.02
CA LEU O 71 32.05 19.20 18.84
C LEU O 71 31.92 18.80 17.39
N PHE O 72 33.04 18.56 16.74
CA PHE O 72 33.08 17.60 15.66
C PHE O 72 33.43 16.26 16.28
N GLU O 73 32.62 15.26 15.99
CA GLU O 73 32.99 13.93 16.43
C GLU O 73 32.55 12.94 15.38
N LEU O 74 33.30 11.84 15.30
CA LEU O 74 33.08 10.81 14.30
C LEU O 74 33.10 9.46 14.98
N HIS O 75 31.93 8.94 15.31
CA HIS O 75 31.80 7.55 15.72
C HIS O 75 31.88 6.68 14.48
N ILE O 76 32.67 5.61 14.57
CA ILE O 76 32.85 4.68 13.48
C ILE O 76 32.32 3.33 13.95
N THR O 77 31.15 2.97 13.46
CA THR O 77 30.54 1.69 13.78
C THR O 77 30.97 0.69 12.73
N ASP O 78 30.97 -0.59 13.11
CA ASP O 78 31.38 -1.67 12.21
C ASP O 78 32.69 -1.31 11.52
N ALA O 79 33.73 -1.16 12.33
CA ALA O 79 35.03 -0.76 11.82
C ALA O 79 35.59 -1.84 10.90
N GLN O 80 36.03 -1.42 9.71
CA GLN O 80 36.51 -2.34 8.68
C GLN O 80 37.88 -1.91 8.16
N PRO O 81 38.74 -2.87 7.84
CA PRO O 81 40.04 -2.54 7.24
C PRO O 81 39.95 -1.83 5.92
N ALA O 82 38.85 -2.02 5.18
CA ALA O 82 38.62 -1.19 4.00
C ALA O 82 38.68 0.28 4.36
N PHE O 83 38.26 0.63 5.56
CA PHE O 83 38.35 2.00 5.99
C PHE O 83 39.50 2.23 6.95
N THR O 84 40.26 1.19 7.27
CA THR O 84 41.61 1.46 7.73
C THR O 84 42.24 2.44 6.76
N GLY O 85 42.68 3.57 7.27
CA GLY O 85 43.47 4.47 6.46
C GLY O 85 43.50 5.87 7.04
N SER O 86 43.90 6.80 6.19
CA SER O 86 44.07 8.20 6.56
C SER O 86 42.76 8.95 6.47
N TYR O 87 42.59 9.92 7.36
CA TYR O 87 41.37 10.71 7.35
C TYR O 87 41.72 12.11 7.85
N ARG O 88 40.88 13.06 7.51
CA ARG O 88 41.26 14.45 7.73
C ARG O 88 40.04 15.25 8.14
N CYS O 89 40.24 16.19 9.05
CA CYS O 89 39.26 17.22 9.37
C CYS O 89 39.89 18.58 9.09
N GLU O 90 39.92 18.98 7.85
CA GLU O 90 40.44 20.31 7.56
C GLU O 90 39.38 21.34 7.93
N VAL O 91 39.65 22.13 8.96
CA VAL O 91 38.67 23.04 9.56
C VAL O 91 39.12 24.47 9.33
N SER O 92 38.18 25.32 8.98
CA SER O 92 38.50 26.71 8.66
C SER O 92 37.48 27.64 9.28
N THR O 93 37.95 28.69 9.94
CA THR O 93 36.99 29.69 10.36
C THR O 93 36.58 30.48 9.14
N LYS O 94 35.90 31.60 9.36
CA LYS O 94 35.79 32.60 8.30
C LYS O 94 37.16 33.14 7.92
N ASP O 95 38.17 32.96 8.75
CA ASP O 95 39.50 33.49 8.49
C ASP O 95 40.60 32.44 8.45
N LYS O 96 40.62 31.48 9.37
CA LYS O 96 41.76 30.59 9.47
C LYS O 96 41.48 29.30 8.70
N PHE O 97 42.46 28.40 8.80
CA PHE O 97 42.37 27.03 8.30
C PHE O 97 43.19 26.14 9.23
N ASP O 98 42.81 24.87 9.33
CA ASP O 98 43.59 23.91 10.10
C ASP O 98 43.69 22.59 9.34
N CYS O 99 44.92 22.22 9.01
CA CYS O 99 45.23 21.00 8.26
C CYS O 99 46.20 20.14 9.04
N SER O 100 45.72 18.99 9.50
CA SER O 100 46.57 17.96 10.07
C SER O 100 45.74 16.70 9.99
N ASN O 101 46.35 15.62 9.53
CA ASN O 101 45.63 14.40 9.23
C ASN O 101 45.70 13.50 10.45
N PHE O 102 44.87 12.47 10.46
CA PHE O 102 44.82 11.52 11.54
C PHE O 102 44.54 10.14 10.97
N ASN O 103 44.68 9.13 11.82
CA ASN O 103 44.77 7.75 11.37
C ASN O 103 43.54 6.96 11.75
N LEU O 104 43.08 6.13 10.81
CA LEU O 104 42.23 5.00 11.11
C LEU O 104 42.91 3.71 10.65
N THR O 105 43.40 2.96 11.62
CA THR O 105 43.84 1.61 11.35
C THR O 105 42.90 0.63 12.03
N VAL O 106 41.94 0.11 11.27
CA VAL O 106 40.98 -0.84 11.79
C VAL O 106 41.71 -2.17 11.87
N HIS O 107 42.23 -2.48 13.05
CA HIS O 107 43.00 -3.69 13.20
C HIS O 107 42.08 -4.90 13.22
N GLU O 108 42.70 -6.07 13.12
CA GLU O 108 42.02 -7.35 12.96
C GLU O 108 41.43 -7.44 11.56
N ASP P 1 -41.99 -32.16 -20.69
CA ASP P 1 -42.88 -31.32 -19.90
C ASP P 1 -42.94 -29.89 -20.44
N ASP P 2 -42.32 -28.97 -19.71
CA ASP P 2 -42.29 -27.58 -20.11
C ASP P 2 -41.37 -27.38 -21.31
N PRO P 3 -41.55 -26.31 -22.07
CA PRO P 3 -40.65 -26.04 -23.20
C PRO P 3 -39.21 -25.82 -22.74
N ILE P 4 -38.27 -26.17 -23.62
CA ILE P 4 -36.84 -26.12 -23.34
C ILE P 4 -36.21 -25.05 -24.22
N GLY P 5 -35.42 -24.17 -23.62
CA GLY P 5 -34.56 -23.31 -24.39
C GLY P 5 -33.27 -24.08 -24.57
N LEU P 6 -32.22 -23.68 -23.88
CA LEU P 6 -31.21 -24.65 -23.54
C LEU P 6 -31.80 -25.74 -22.68
N PHE P 7 -32.85 -25.40 -21.95
CA PHE P 7 -33.06 -25.92 -20.63
C PHE P 7 -33.40 -27.39 -20.67
N VAL P 8 -32.42 -28.19 -21.10
CA VAL P 8 -32.57 -29.64 -21.06
C VAL P 8 -33.06 -30.06 -19.69
N MET P 9 -32.61 -29.36 -18.66
CA MET P 9 -33.34 -29.26 -17.41
C MET P 9 -33.63 -27.79 -17.16
N ARG P 10 -34.73 -27.52 -16.48
CA ARG P 10 -35.14 -26.16 -16.21
C ARG P 10 -35.28 -25.94 -14.71
N PRO P 11 -34.61 -24.93 -14.17
CA PRO P 11 -34.95 -24.47 -12.84
C PRO P 11 -36.44 -24.29 -12.74
N GLN P 12 -37.03 -25.04 -11.85
CA GLN P 12 -38.44 -25.35 -11.93
C GLN P 12 -39.25 -24.13 -11.50
N ASP P 13 -40.57 -24.27 -11.46
CA ASP P 13 -41.43 -23.23 -10.90
C ASP P 13 -41.81 -23.62 -9.47
N GLY P 14 -40.86 -23.40 -8.57
CA GLY P 14 -40.94 -23.94 -7.23
C GLY P 14 -42.14 -23.52 -6.40
N GLU P 15 -43.07 -24.46 -6.24
CA GLU P 15 -44.16 -24.30 -5.27
C GLU P 15 -43.80 -25.06 -3.99
N VAL P 16 -42.65 -24.70 -3.45
CA VAL P 16 -42.04 -25.48 -2.38
C VAL P 16 -42.82 -25.22 -1.10
N THR P 17 -42.42 -25.88 -0.04
CA THR P 17 -42.92 -25.52 1.26
C THR P 17 -41.79 -24.71 1.87
N VAL P 18 -42.09 -24.14 3.03
CA VAL P 18 -41.01 -23.71 3.93
C VAL P 18 -40.15 -24.90 4.26
N GLY P 19 -38.84 -24.72 4.14
CA GLY P 19 -37.90 -25.78 4.41
C GLY P 19 -37.67 -26.72 3.26
N GLY P 20 -38.49 -26.69 2.22
CA GLY P 20 -38.27 -27.54 1.07
C GLY P 20 -36.98 -27.13 0.39
N SER P 21 -35.93 -27.91 0.58
CA SER P 21 -34.67 -27.67 -0.11
C SER P 21 -34.84 -28.02 -1.57
N ILE P 22 -35.00 -26.99 -2.41
CA ILE P 22 -35.47 -27.23 -3.77
C ILE P 22 -34.39 -26.89 -4.77
N THR P 23 -34.18 -27.78 -5.74
CA THR P 23 -33.08 -27.69 -6.70
C THR P 23 -33.60 -27.25 -8.06
N PHE P 24 -33.47 -25.96 -8.31
CA PHE P 24 -33.79 -25.40 -9.61
C PHE P 24 -32.62 -25.69 -10.53
N SER P 25 -32.87 -26.48 -11.57
CA SER P 25 -31.79 -27.10 -12.30
C SER P 25 -31.89 -26.86 -13.78
N ALA P 26 -30.83 -26.32 -14.37
CA ALA P 26 -30.61 -26.34 -15.81
C ALA P 26 -29.49 -27.34 -16.03
N ARG P 27 -29.86 -28.61 -16.10
CA ARG P 27 -28.97 -29.65 -16.56
C ARG P 27 -29.15 -29.67 -18.05
N VAL P 28 -28.19 -29.11 -18.77
CA VAL P 28 -28.35 -28.77 -20.16
C VAL P 28 -27.08 -29.17 -20.89
N ALA P 29 -27.24 -29.78 -22.07
CA ALA P 29 -26.09 -30.20 -22.84
C ALA P 29 -25.28 -29.00 -23.33
N GLY P 30 -24.11 -28.78 -22.75
CA GLY P 30 -23.32 -27.60 -23.06
C GLY P 30 -22.26 -27.78 -24.12
N LYS P 35 -18.91 -21.40 -26.25
CA LYS P 35 -18.59 -21.48 -24.84
C LYS P 35 -19.82 -21.86 -24.03
N PRO P 36 -19.63 -22.62 -22.96
CA PRO P 36 -20.75 -22.92 -22.07
C PRO P 36 -21.40 -21.65 -21.55
N PRO P 37 -22.73 -21.60 -21.56
CA PRO P 37 -23.43 -20.36 -21.19
C PRO P 37 -23.21 -19.98 -19.74
N VAL P 38 -23.00 -18.69 -19.50
CA VAL P 38 -22.98 -18.18 -18.14
C VAL P 38 -24.41 -18.02 -17.66
N VAL P 39 -24.63 -18.29 -16.37
CA VAL P 39 -25.94 -18.23 -15.73
C VAL P 39 -26.08 -16.91 -14.99
N LYS P 40 -27.27 -16.35 -15.02
CA LYS P 40 -27.56 -15.08 -14.37
C LYS P 40 -28.80 -15.25 -13.51
N TRP P 41 -28.55 -15.38 -12.22
CA TRP P 41 -29.54 -15.48 -11.16
C TRP P 41 -30.20 -14.16 -10.93
N PHE P 42 -31.51 -14.09 -11.13
CA PHE P 42 -32.18 -12.84 -10.83
C PHE P 42 -33.56 -13.00 -10.19
N LYS P 43 -33.70 -12.33 -9.06
CA LYS P 43 -34.96 -11.85 -8.55
C LYS P 43 -34.88 -10.33 -8.59
N GLY P 44 -35.86 -9.70 -9.21
CA GLY P 44 -35.71 -8.27 -9.41
C GLY P 44 -34.83 -7.94 -10.61
N LYS P 45 -34.73 -6.64 -10.88
CA LYS P 45 -34.01 -6.19 -12.07
C LYS P 45 -32.72 -5.44 -11.72
N TRP P 46 -32.79 -4.45 -10.84
CA TRP P 46 -31.56 -3.92 -10.29
C TRP P 46 -30.85 -4.95 -9.41
N VAL P 47 -31.51 -6.06 -9.08
CA VAL P 47 -31.23 -6.89 -7.91
C VAL P 47 -30.62 -8.24 -8.32
N ASP P 48 -29.39 -8.49 -7.88
CA ASP P 48 -28.74 -9.77 -8.11
C ASP P 48 -29.33 -10.85 -7.21
N LEU P 49 -28.83 -12.08 -7.37
CA LEU P 49 -29.02 -13.13 -6.40
C LEU P 49 -27.71 -13.64 -5.81
N SER P 50 -26.58 -13.36 -6.47
CA SER P 50 -25.30 -13.85 -5.96
C SER P 50 -25.00 -13.26 -4.59
N SER P 51 -25.31 -11.97 -4.41
CA SER P 51 -25.23 -11.39 -3.08
C SER P 51 -26.11 -12.12 -2.08
N LYS P 52 -27.00 -12.99 -2.56
CA LYS P 52 -27.82 -13.84 -1.72
C LYS P 52 -27.53 -15.33 -1.86
N VAL P 53 -26.59 -15.72 -2.72
CA VAL P 53 -26.22 -17.12 -2.83
C VAL P 53 -25.56 -17.55 -1.54
N GLY P 54 -26.29 -18.29 -0.73
CA GLY P 54 -25.81 -18.69 0.58
C GLY P 54 -26.29 -20.08 0.83
N GLN P 55 -26.08 -20.56 2.06
CA GLN P 55 -26.38 -21.96 2.33
C GLN P 55 -27.82 -22.29 1.96
N HIS P 56 -28.68 -21.30 1.96
CA HIS P 56 -30.04 -21.48 1.50
C HIS P 56 -30.19 -21.22 0.01
N LEU P 57 -29.13 -20.75 -0.64
CA LEU P 57 -29.16 -20.47 -2.08
C LEU P 57 -27.86 -21.03 -2.63
N GLN P 58 -27.86 -22.32 -2.99
CA GLN P 58 -26.61 -23.02 -3.24
C GLN P 58 -26.63 -23.74 -4.57
N LEU P 59 -25.45 -23.97 -5.12
CA LEU P 59 -25.31 -24.29 -6.53
C LEU P 59 -24.34 -25.46 -6.75
N HIS P 60 -24.69 -26.36 -7.66
CA HIS P 60 -23.71 -27.26 -8.24
C HIS P 60 -23.71 -27.14 -9.75
N ASP P 61 -22.52 -26.96 -10.30
CA ASP P 61 -22.37 -26.40 -11.62
C ASP P 61 -21.13 -27.03 -12.24
N SER P 62 -21.32 -27.91 -13.21
CA SER P 62 -20.23 -28.74 -13.68
C SER P 62 -20.57 -29.42 -15.00
N TYR P 63 -19.60 -29.48 -15.91
CA TYR P 63 -19.81 -29.98 -17.27
C TYR P 63 -19.50 -31.47 -17.37
N ASP P 64 -20.04 -32.09 -18.41
CA ASP P 64 -19.82 -33.51 -18.73
C ASP P 64 -19.24 -33.63 -20.12
N ARG P 65 -18.14 -34.36 -20.25
CA ARG P 65 -17.64 -34.67 -21.59
C ARG P 65 -18.44 -35.79 -22.23
N ALA P 66 -18.87 -36.78 -21.44
CA ALA P 66 -19.49 -37.95 -22.02
C ALA P 66 -20.75 -37.57 -22.76
N SER P 67 -21.54 -36.70 -22.16
CA SER P 67 -22.79 -36.23 -22.72
C SER P 67 -22.74 -34.77 -23.15
N LYS P 68 -21.58 -34.13 -23.07
CA LYS P 68 -21.48 -32.70 -23.39
C LYS P 68 -22.42 -31.86 -22.54
N VAL P 69 -22.72 -32.34 -21.32
CA VAL P 69 -23.79 -31.80 -20.50
C VAL P 69 -23.17 -31.06 -19.32
N TYR P 70 -23.74 -29.90 -18.99
CA TYR P 70 -23.33 -29.16 -17.82
C TYR P 70 -24.54 -28.97 -16.90
N LEU P 71 -24.25 -29.02 -15.61
CA LEU P 71 -25.23 -28.85 -14.55
C LEU P 71 -25.10 -27.47 -13.95
N PHE P 72 -26.09 -26.63 -14.18
CA PHE P 72 -26.44 -25.61 -13.22
C PHE P 72 -27.50 -26.21 -12.32
N GLU P 73 -27.28 -26.16 -11.02
CA GLU P 73 -28.33 -26.57 -10.12
C GLU P 73 -28.30 -25.69 -8.89
N LEU P 74 -29.47 -25.51 -8.29
CA LEU P 74 -29.66 -24.64 -7.16
C LEU P 74 -30.47 -25.37 -6.11
N HIS P 75 -29.78 -25.96 -5.13
CA HIS P 75 -30.44 -26.47 -3.94
C HIS P 75 -30.76 -25.28 -3.05
N ILE P 76 -31.98 -25.26 -2.52
CA ILE P 76 -32.43 -24.21 -1.64
C ILE P 76 -32.74 -24.85 -0.30
N THR P 77 -31.85 -24.63 0.66
CA THR P 77 -32.03 -25.14 2.00
C THR P 77 -32.75 -24.08 2.82
N ASP P 78 -33.45 -24.52 3.87
CA ASP P 78 -34.20 -23.61 4.73
C ASP P 78 -35.03 -22.65 3.89
N ALA P 79 -35.97 -23.22 3.12
CA ALA P 79 -36.79 -22.43 2.23
C ALA P 79 -37.67 -21.47 3.02
N GLN P 80 -37.66 -20.19 2.62
CA GLN P 80 -38.37 -19.13 3.34
C GLN P 80 -39.22 -18.32 2.38
N PRO P 81 -40.40 -17.88 2.85
CA PRO P 81 -41.25 -17.00 2.01
C PRO P 81 -40.59 -15.69 1.65
N ALA P 82 -39.64 -15.21 2.45
CA ALA P 82 -38.86 -14.06 2.03
C ALA P 82 -38.22 -14.32 0.68
N PHE P 83 -37.87 -15.56 0.40
CA PHE P 83 -37.31 -15.90 -0.89
C PHE P 83 -38.32 -16.58 -1.79
N THR P 84 -39.55 -16.79 -1.31
CA THR P 84 -40.62 -16.94 -2.27
C THR P 84 -40.52 -15.82 -3.28
N GLY P 85 -40.39 -16.16 -4.54
CA GLY P 85 -40.49 -15.16 -5.58
C GLY P 85 -39.90 -15.65 -6.88
N SER P 86 -39.64 -14.68 -7.75
CA SER P 86 -39.13 -14.94 -9.09
C SER P 86 -37.62 -15.09 -9.08
N TYR P 87 -37.12 -15.94 -9.98
CA TYR P 87 -35.70 -16.15 -10.06
C TYR P 87 -35.36 -16.48 -11.51
N ARG P 88 -34.10 -16.27 -11.88
CA ARG P 88 -33.77 -16.34 -13.28
C ARG P 88 -32.39 -16.95 -13.44
N CYS P 89 -32.22 -17.75 -14.49
CA CYS P 89 -30.92 -18.21 -14.94
C CYS P 89 -30.71 -17.74 -16.38
N GLU P 90 -30.34 -16.49 -16.55
CA GLU P 90 -30.07 -16.03 -17.91
C GLU P 90 -28.72 -16.56 -18.34
N VAL P 91 -28.70 -17.46 -19.30
CA VAL P 91 -27.50 -18.21 -19.69
C VAL P 91 -27.13 -17.82 -21.11
N SER P 92 -25.84 -17.62 -21.34
CA SER P 92 -25.35 -17.17 -22.63
C SER P 92 -24.12 -17.94 -23.04
N THR P 93 -24.09 -18.43 -24.26
CA THR P 93 -22.84 -18.99 -24.73
C THR P 93 -21.90 -17.83 -25.03
N LYS P 94 -20.78 -18.13 -25.70
CA LYS P 94 -20.04 -17.07 -26.34
C LYS P 94 -20.86 -16.38 -27.41
N ASP P 95 -21.95 -17.00 -27.87
CA ASP P 95 -22.76 -16.44 -28.94
C ASP P 95 -24.22 -16.22 -28.57
N LYS P 96 -24.85 -17.16 -27.89
CA LYS P 96 -26.29 -17.08 -27.68
C LYS P 96 -26.60 -16.45 -26.33
N PHE P 97 -27.89 -16.39 -26.05
CA PHE P 97 -28.43 -16.00 -24.75
C PHE P 97 -29.71 -16.78 -24.51
N ASP P 98 -30.06 -17.03 -23.24
CA ASP P 98 -31.32 -17.66 -22.91
C ASP P 98 -31.96 -16.97 -21.72
N CYS P 99 -33.14 -16.41 -21.94
CA CYS P 99 -33.91 -15.69 -20.93
C CYS P 99 -35.29 -16.29 -20.78
N SER P 100 -35.53 -16.89 -19.63
CA SER P 100 -36.86 -17.33 -19.24
C SER P 100 -36.78 -17.50 -17.74
N ASN P 101 -37.77 -16.98 -17.03
CA ASN P 101 -37.74 -16.89 -15.59
C ASN P 101 -38.43 -18.13 -15.04
N PHE P 102 -38.24 -18.35 -13.74
CA PHE P 102 -38.85 -19.48 -13.06
C PHE P 102 -39.22 -19.05 -11.65
N ASN P 103 -39.97 -19.90 -10.98
CA ASN P 103 -40.69 -19.52 -9.77
C ASN P 103 -40.09 -20.18 -8.54
N LEU P 104 -39.98 -19.41 -7.47
CA LEU P 104 -39.88 -19.93 -6.12
C LEU P 104 -41.04 -19.41 -5.28
N THR P 105 -41.98 -20.30 -5.02
CA THR P 105 -43.01 -20.01 -4.02
C THR P 105 -42.80 -20.93 -2.82
N VAL P 106 -42.13 -20.41 -1.80
CA VAL P 106 -41.87 -21.17 -0.58
C VAL P 106 -43.18 -21.17 0.20
N HIS P 107 -43.96 -22.23 0.02
CA HIS P 107 -45.25 -22.27 0.68
C HIS P 107 -45.08 -22.54 2.16
N GLU P 108 -46.18 -22.38 2.88
CA GLU P 108 -46.23 -22.44 4.33
C GLU P 108 -45.56 -21.19 4.92
N ASP Q 1 17.72 -8.29 71.54
CA ASP Q 1 18.78 -9.22 71.13
C ASP Q 1 19.62 -8.62 70.02
N ASP Q 2 19.45 -9.16 68.82
CA ASP Q 2 20.20 -8.69 67.66
C ASP Q 2 19.70 -7.31 67.23
N PRO Q 3 20.51 -6.54 66.50
CA PRO Q 3 20.05 -5.25 66.00
C PRO Q 3 18.88 -5.38 65.04
N ILE Q 4 18.04 -4.35 65.02
CA ILE Q 4 16.80 -4.32 64.24
C ILE Q 4 16.94 -3.28 63.14
N GLY Q 5 16.62 -3.67 61.91
CA GLY Q 5 16.44 -2.68 60.87
C GLY Q 5 14.98 -2.28 60.94
N LEU Q 6 14.19 -2.71 59.97
CA LEU Q 6 12.78 -2.89 60.27
C LEU Q 6 12.62 -3.90 61.37
N PHE Q 7 13.57 -4.82 61.47
CA PHE Q 7 13.27 -6.18 61.83
C PHE Q 7 12.83 -6.29 63.26
N VAL Q 8 11.65 -5.71 63.54
CA VAL Q 8 11.05 -5.85 64.85
C VAL Q 8 11.04 -7.31 65.25
N MET Q 9 10.85 -8.19 64.29
CA MET Q 9 11.34 -9.56 64.36
C MET Q 9 12.29 -9.77 63.20
N ARG Q 10 13.25 -10.67 63.39
CA ARG Q 10 14.25 -10.94 62.38
C ARG Q 10 14.25 -12.42 62.04
N PRO Q 11 14.11 -12.75 60.76
CA PRO Q 11 14.42 -14.11 60.33
C PRO Q 11 15.77 -14.51 60.89
N GLN Q 12 15.75 -15.54 61.69
CA GLN Q 12 16.81 -15.77 62.65
C GLN Q 12 18.04 -16.28 61.92
N ASP Q 13 19.08 -16.61 62.68
CA ASP Q 13 20.25 -17.28 62.13
C ASP Q 13 20.17 -18.77 62.43
N GLY Q 14 19.33 -19.45 61.64
CA GLY Q 14 18.92 -20.80 61.94
C GLY Q 14 20.01 -21.84 62.04
N GLU Q 15 20.31 -22.24 63.27
CA GLU Q 15 21.16 -23.40 63.52
C GLU Q 15 20.29 -24.62 63.81
N VAL Q 16 19.41 -24.89 62.86
CA VAL Q 16 18.33 -25.84 63.08
C VAL Q 16 18.93 -27.24 63.04
N THR Q 17 18.09 -28.23 63.26
CA THR Q 17 18.51 -29.58 63.00
C THR Q 17 17.86 -29.90 61.66
N VAL Q 18 18.21 -31.07 61.14
CA VAL Q 18 17.40 -31.69 60.11
C VAL Q 18 16.00 -31.92 60.67
N GLY Q 19 15.00 -31.51 59.90
CA GLY Q 19 13.62 -31.63 60.31
C GLY Q 19 13.13 -30.50 61.18
N GLY Q 20 14.01 -29.67 61.71
CA GLY Q 20 13.56 -28.54 62.50
C GLY Q 20 12.78 -27.58 61.63
N SER Q 21 11.46 -27.58 61.75
CA SER Q 21 10.62 -26.65 61.04
C SER Q 21 10.81 -25.27 61.64
N ILE Q 22 11.59 -24.44 60.97
CA ILE Q 22 12.09 -23.22 61.61
C ILE Q 22 11.48 -22.00 60.93
N THR Q 23 11.01 -21.06 61.75
CA THR Q 23 10.26 -19.89 61.28
C THR Q 23 11.15 -18.65 61.35
N PHE Q 24 11.72 -18.30 60.22
CA PHE Q 24 12.47 -17.06 60.08
C PHE Q 24 11.47 -15.93 59.90
N SER Q 25 11.44 -15.02 60.85
CA SER Q 25 10.32 -14.11 60.98
C SER Q 25 10.76 -12.67 61.04
N ALA Q 26 10.22 -11.86 60.15
CA ALA Q 26 10.25 -10.40 60.29
C ALA Q 26 8.82 -10.00 60.62
N ARG Q 27 8.52 -10.08 61.90
CA ARG Q 27 7.29 -9.51 62.44
C ARG Q 27 7.67 -8.08 62.77
N VAL Q 28 7.24 -7.16 61.93
CA VAL Q 28 7.76 -5.80 61.92
C VAL Q 28 6.60 -4.85 61.76
N ALA Q 29 6.61 -3.76 62.54
CA ALA Q 29 5.52 -2.79 62.46
C ALA Q 29 5.53 -2.09 61.11
N GLY Q 30 4.55 -2.40 60.26
CA GLY Q 30 4.54 -1.88 58.90
C GLY Q 30 3.70 -0.63 58.70
N LYS Q 35 4.41 2.49 51.90
CA LYS Q 35 3.88 1.17 51.60
C LYS Q 35 4.61 0.11 52.41
N PRO Q 36 3.90 -0.95 52.80
CA PRO Q 36 4.56 -2.06 53.48
C PRO Q 36 5.67 -2.63 52.62
N PRO Q 37 6.83 -2.90 53.23
CA PRO Q 37 8.00 -3.34 52.45
C PRO Q 37 7.78 -4.69 51.79
N VAL Q 38 8.22 -4.81 50.55
CA VAL Q 38 8.25 -6.11 49.89
C VAL Q 38 9.47 -6.87 50.38
N VAL Q 39 9.32 -8.18 50.52
CA VAL Q 39 10.37 -9.08 51.01
C VAL Q 39 11.03 -9.77 49.83
N LYS Q 40 12.35 -9.95 49.93
CA LYS Q 40 13.13 -10.58 48.87
C LYS Q 40 13.96 -11.69 49.51
N TRP Q 41 13.48 -12.90 49.29
CA TRP Q 41 14.11 -14.15 49.71
C TRP Q 41 15.31 -14.45 48.85
N PHE Q 42 16.48 -14.51 49.47
CA PHE Q 42 17.65 -14.88 48.67
C PHE Q 42 18.63 -15.79 49.38
N LYS Q 43 18.92 -16.89 48.70
CA LYS Q 43 20.15 -17.63 48.82
C LYS Q 43 20.86 -17.49 47.48
N GLY Q 44 22.11 -17.06 47.52
CA GLY Q 44 22.73 -16.75 46.24
C GLY Q 44 22.34 -15.38 45.70
N LYS Q 45 22.95 -15.03 44.57
CA LYS Q 45 22.74 -13.69 44.01
C LYS Q 45 21.98 -13.73 42.70
N TRP Q 46 22.40 -14.55 41.74
CA TRP Q 46 21.54 -14.81 40.60
C TRP Q 46 20.29 -15.57 41.01
N VAL Q 47 20.23 -16.09 42.25
CA VAL Q 47 19.39 -17.21 42.65
C VAL Q 47 18.26 -16.76 43.57
N ASP Q 48 17.02 -16.95 43.12
CA ASP Q 48 15.85 -16.67 43.95
C ASP Q 48 15.67 -17.72 45.03
N LEU Q 49 14.66 -17.52 45.86
CA LEU Q 49 14.12 -18.57 46.72
C LEU Q 49 12.67 -18.90 46.43
N SER Q 50 11.95 -18.00 45.75
CA SER Q 50 10.54 -18.26 45.46
C SER Q 50 10.38 -19.51 44.61
N SER Q 51 11.26 -19.69 43.62
CA SER Q 51 11.28 -20.94 42.89
C SER Q 51 11.52 -22.13 43.80
N LYS Q 52 11.90 -21.88 45.05
CA LYS Q 52 12.04 -22.93 46.05
C LYS Q 52 11.07 -22.81 47.22
N VAL Q 53 10.20 -21.80 47.21
CA VAL Q 53 9.20 -21.68 48.27
C VAL Q 53 8.23 -22.83 48.12
N GLY Q 54 8.35 -23.81 48.99
CA GLY Q 54 7.53 -25.01 48.90
C GLY Q 54 7.20 -25.42 50.30
N GLN Q 55 6.60 -26.61 50.43
CA GLN Q 55 6.10 -27.01 51.74
C GLN Q 55 7.19 -26.97 52.78
N HIS Q 56 8.44 -27.08 52.34
CA HIS Q 56 9.57 -26.93 53.22
C HIS Q 56 10.05 -25.50 53.29
N LEU Q 57 9.49 -24.61 52.47
CA LEU Q 57 9.88 -23.21 52.46
C LEU Q 57 8.58 -22.42 52.41
N GLN Q 58 7.98 -22.15 53.56
CA GLN Q 58 6.61 -21.68 53.59
C GLN Q 58 6.46 -20.41 54.43
N LEU Q 59 5.42 -19.65 54.13
CA LEU Q 59 5.35 -18.25 54.54
C LEU Q 59 3.98 -17.91 55.11
N HIS Q 60 3.97 -17.14 56.19
CA HIS Q 60 2.77 -16.40 56.59
C HIS Q 60 3.05 -14.93 56.71
N ASP Q 61 2.22 -14.14 56.06
CA ASP Q 61 2.58 -12.78 55.70
C ASP Q 61 1.30 -11.96 55.73
N SER Q 62 1.17 -11.10 56.73
CA SER Q 62 -0.12 -10.45 56.98
C SER Q 62 0.04 -9.26 57.94
N TYR Q 63 -0.67 -8.18 57.64
CA TYR Q 63 -0.54 -6.93 58.38
C TYR Q 63 -1.54 -6.85 59.53
N ASP Q 64 -1.23 -5.97 60.49
CA ASP Q 64 -2.09 -5.69 61.64
C ASP Q 64 -2.43 -4.21 61.68
N ARG Q 65 -3.72 -3.90 61.80
CA ARG Q 65 -4.09 -2.50 62.01
C ARG Q 65 -3.88 -2.11 63.46
N ALA Q 66 -4.13 -3.01 64.40
CA ALA Q 66 -4.12 -2.64 65.81
C ALA Q 66 -2.74 -2.15 66.19
N SER Q 67 -1.72 -2.87 65.74
CA SER Q 67 -0.33 -2.55 66.03
C SER Q 67 0.43 -2.04 64.82
N LYS Q 68 -0.24 -1.86 63.69
CA LYS Q 68 0.43 -1.44 62.46
C LYS Q 68 1.53 -2.43 62.06
N VAL Q 69 1.35 -3.69 62.44
CA VAL Q 69 2.41 -4.69 62.37
C VAL Q 69 2.09 -5.68 61.25
N TYR Q 70 3.10 -6.06 60.49
CA TYR Q 70 2.94 -7.08 59.47
C TYR Q 70 3.92 -8.21 59.75
N LEU Q 71 3.46 -9.42 59.47
CA LEU Q 71 4.23 -10.65 59.64
C LEU Q 71 4.71 -11.14 58.30
N PHE Q 72 6.01 -11.08 58.09
CA PHE Q 72 6.68 -12.03 57.24
C PHE Q 72 7.14 -13.16 58.14
N GLU Q 73 6.78 -14.38 57.79
CA GLU Q 73 7.33 -15.50 58.52
C GLU Q 73 7.55 -16.64 57.56
N LEU Q 74 8.55 -17.46 57.89
CA LEU Q 74 8.97 -18.56 57.05
C LEU Q 74 9.12 -19.80 57.93
N HIS Q 75 8.10 -20.64 57.96
CA HIS Q 75 8.22 -21.96 58.52
C HIS Q 75 8.96 -22.84 57.53
N ILE Q 76 9.92 -23.60 58.03
CA ILE Q 76 10.71 -24.50 57.20
C ILE Q 76 10.44 -25.92 57.70
N THR Q 77 9.64 -26.65 56.94
CA THR Q 77 9.33 -28.03 57.27
C THR Q 77 10.35 -28.92 56.59
N ASP Q 78 10.57 -30.11 57.14
CA ASP Q 78 11.53 -31.06 56.59
C ASP Q 78 12.86 -30.36 56.30
N ALA Q 79 13.47 -29.84 57.36
CA ALA Q 79 14.72 -29.09 57.21
C ALA Q 79 15.82 -30.00 56.69
N GLN Q 80 16.52 -29.54 55.64
CA GLN Q 80 17.54 -30.33 54.97
C GLN Q 80 18.83 -29.53 54.83
N PRO Q 81 19.98 -30.21 54.96
CA PRO Q 81 21.27 -29.51 54.74
C PRO Q 81 21.44 -28.97 53.34
N ALA Q 82 20.75 -29.52 52.35
CA ALA Q 82 20.73 -28.88 51.04
C ALA Q 82 20.26 -27.45 51.16
N PHE Q 83 19.38 -27.17 52.09
CA PHE Q 83 18.94 -25.81 52.31
C PHE Q 83 19.58 -25.18 53.52
N THR Q 84 20.44 -25.91 54.22
CA THR Q 84 21.43 -25.22 55.02
C THR Q 84 22.06 -24.15 54.15
N GLY Q 85 21.98 -22.90 54.59
CA GLY Q 85 22.72 -21.86 53.92
C GLY Q 85 22.17 -20.48 54.25
N SER Q 86 22.57 -19.53 53.42
CA SER Q 86 22.21 -18.13 53.60
C SER Q 86 20.86 -17.83 52.98
N TYR Q 87 20.14 -16.90 53.61
CA TYR Q 87 18.83 -16.53 53.10
C TYR Q 87 18.60 -15.07 53.45
N ARG Q 88 17.70 -14.44 52.72
CA ARG Q 88 17.59 -12.99 52.82
C ARG Q 88 16.15 -12.59 52.69
N CYS Q 89 15.75 -11.57 53.46
CA CYS Q 89 14.49 -10.88 53.29
C CYS Q 89 14.77 -9.42 53.01
N GLU Q 90 15.12 -9.10 51.77
CA GLU Q 90 15.32 -7.69 51.45
C GLU Q 90 13.97 -7.03 51.32
N VAL Q 91 13.65 -6.12 52.23
CA VAL Q 91 12.32 -5.54 52.35
C VAL Q 91 12.41 -4.05 52.04
N SER Q 92 11.45 -3.55 51.28
CA SER Q 92 11.47 -2.16 50.85
C SER Q 92 10.08 -1.55 50.97
N THR Q 93 10.00 -0.37 51.56
CA THR Q 93 8.72 0.32 51.50
C THR Q 93 8.56 0.86 50.10
N LYS Q 94 7.57 1.73 49.92
CA LYS Q 94 7.57 2.57 48.73
C LYS Q 94 8.78 3.49 48.70
N ASP Q 95 9.46 3.67 49.83
CA ASP Q 95 10.59 4.58 49.90
C ASP Q 95 11.88 3.92 50.37
N LYS Q 96 11.85 3.07 51.39
CA LYS Q 96 13.08 2.59 51.98
C LYS Q 96 13.45 1.23 51.38
N PHE Q 97 14.53 0.68 51.92
CA PHE Q 97 15.00 -0.67 51.65
C PHE Q 97 15.66 -1.21 52.92
N ASP Q 98 15.62 -2.52 53.10
CA ASP Q 98 16.32 -3.15 54.22
C ASP Q 98 17.03 -4.41 53.74
N CYS Q 99 18.36 -4.41 53.87
CA CYS Q 99 19.22 -5.51 53.47
C CYS Q 99 20.06 -5.98 54.64
N SER Q 100 19.79 -7.19 55.10
CA SER Q 100 20.62 -7.87 56.07
C SER Q 100 20.25 -9.33 55.95
N ASN Q 101 21.24 -10.20 55.88
CA ASN Q 101 21.03 -11.60 55.57
C ASN Q 101 20.92 -12.35 56.88
N PHE Q 102 20.45 -13.59 56.79
CA PHE Q 102 20.29 -14.43 57.96
C PHE Q 102 20.61 -15.86 57.55
N ASN Q 103 20.71 -16.73 58.56
CA ASN Q 103 21.33 -18.03 58.39
C ASN Q 103 20.31 -19.14 58.49
N LEU Q 104 20.42 -20.12 57.61
CA LEU Q 104 19.88 -21.45 57.81
C LEU Q 104 20.99 -22.48 57.80
N THR Q 105 21.31 -22.98 58.99
CA THR Q 105 22.17 -24.15 59.08
C THR Q 105 21.35 -25.32 59.59
N VAL Q 106 20.88 -26.15 58.67
CA VAL Q 106 20.10 -27.33 59.02
C VAL Q 106 21.09 -28.36 59.53
N HIS Q 107 21.24 -28.42 60.84
CA HIS Q 107 22.22 -29.32 61.42
C HIS Q 107 21.70 -30.75 61.35
N GLU Q 108 22.61 -31.68 61.64
CA GLU Q 108 22.40 -33.12 61.48
C GLU Q 108 22.37 -33.47 60.01
N ASP R 1 -35.03 -84.75 8.18
CA ASP R 1 -36.33 -84.18 8.53
C ASP R 1 -36.59 -82.88 7.77
N ASP R 2 -36.53 -81.77 8.50
CA ASP R 2 -36.75 -80.47 7.90
C ASP R 2 -35.56 -80.07 7.02
N PRO R 3 -35.75 -79.15 6.09
CA PRO R 3 -34.63 -78.69 5.25
C PRO R 3 -33.54 -78.01 6.10
N ILE R 4 -32.31 -78.11 5.61
CA ILE R 4 -31.13 -77.60 6.30
C ILE R 4 -30.55 -76.45 5.50
N GLY R 5 -30.28 -75.34 6.17
CA GLY R 5 -29.48 -74.30 5.56
C GLY R 5 -28.05 -74.64 5.91
N LEU R 6 -27.44 -73.89 6.82
CA LEU R 6 -26.39 -74.49 7.61
C LEU R 6 -26.93 -75.65 8.41
N PHE R 7 -28.21 -75.59 8.72
CA PHE R 7 -28.70 -76.07 9.98
C PHE R 7 -28.60 -77.57 10.07
N VAL R 8 -27.35 -78.06 10.10
CA VAL R 8 -27.11 -79.47 10.33
C VAL R 8 -27.91 -79.94 11.53
N MET R 9 -28.03 -79.08 12.52
CA MET R 9 -29.15 -79.13 13.45
C MET R 9 -29.89 -77.81 13.36
N ARG R 10 -31.19 -77.84 13.62
CA ARG R 10 -32.02 -76.66 13.52
C ARG R 10 -32.72 -76.41 14.85
N PRO R 11 -32.57 -75.21 15.40
CA PRO R 11 -33.46 -74.78 16.47
C PRO R 11 -34.88 -75.07 16.08
N GLN R 12 -35.52 -75.92 16.85
CA GLN R 12 -36.67 -76.65 16.39
C GLN R 12 -37.87 -75.71 16.35
N ASP R 13 -39.04 -76.25 16.01
CA ASP R 13 -40.29 -75.50 16.11
C ASP R 13 -41.02 -75.90 17.39
N GLY R 14 -40.52 -75.34 18.49
CA GLY R 14 -40.91 -75.78 19.81
C GLY R 14 -42.38 -75.71 20.15
N GLU R 15 -43.02 -76.87 20.18
CA GLU R 15 -44.37 -77.00 20.73
C GLU R 15 -44.28 -77.53 22.15
N VAL R 16 -43.53 -76.79 22.96
CA VAL R 16 -43.13 -77.28 24.27
C VAL R 16 -44.33 -77.19 25.19
N THR R 17 -44.16 -77.63 26.41
CA THR R 17 -45.16 -77.36 27.42
C THR R 17 -44.56 -76.21 28.21
N VAL R 18 -45.38 -75.68 29.12
CA VAL R 18 -44.84 -74.89 30.21
C VAL R 18 -43.85 -75.73 30.98
N GLY R 19 -42.68 -75.16 31.24
CA GLY R 19 -41.64 -75.86 31.95
C GLY R 19 -40.78 -76.75 31.10
N GLY R 20 -41.18 -77.04 29.86
CA GLY R 20 -40.36 -77.85 29.00
C GLY R 20 -39.08 -77.11 28.68
N SER R 21 -37.97 -77.51 29.30
CA SER R 21 -36.68 -76.92 29.02
C SER R 21 -36.24 -77.40 27.64
N ILE R 22 -36.38 -76.54 26.64
CA ILE R 22 -36.27 -77.00 25.26
C ILE R 22 -35.05 -76.40 24.61
N THR R 23 -34.29 -77.24 23.90
CA THR R 23 -32.99 -76.88 23.32
C THR R 23 -33.12 -76.70 21.82
N PHE R 24 -33.26 -75.46 21.42
CA PHE R 24 -33.26 -75.11 20.01
C PHE R 24 -31.82 -75.08 19.55
N SER R 25 -31.47 -75.97 18.63
CA SER R 25 -30.07 -76.28 18.38
C SER R 25 -29.73 -76.16 16.91
N ALA R 26 -28.72 -75.36 16.61
CA ALA R 26 -28.03 -75.41 15.32
C ALA R 26 -26.68 -76.02 15.61
N ARG R 27 -26.64 -77.34 15.63
CA ARG R 27 -25.39 -78.09 15.66
C ARG R 27 -25.05 -78.27 14.20
N VAL R 28 -24.10 -77.47 13.74
CA VAL R 28 -23.85 -77.29 12.32
C VAL R 28 -22.35 -77.32 12.08
N ALA R 29 -21.93 -78.02 11.03
CA ALA R 29 -20.51 -78.12 10.72
C ALA R 29 -19.94 -76.76 10.32
N GLY R 30 -19.15 -76.14 11.20
CA GLY R 30 -18.66 -74.80 10.96
C GLY R 30 -17.29 -74.72 10.32
N LYS R 35 -15.28 -67.75 8.31
CA LYS R 35 -15.44 -67.65 9.75
C LYS R 35 -16.73 -68.34 10.18
N PRO R 36 -16.72 -68.92 11.38
CA PRO R 36 -17.95 -69.51 11.91
C PRO R 36 -19.04 -68.47 11.99
N PRO R 37 -20.26 -68.83 11.58
CA PRO R 37 -21.35 -67.86 11.49
C PRO R 37 -21.75 -67.34 12.87
N VAL R 38 -21.99 -66.03 12.95
CA VAL R 38 -22.58 -65.45 14.14
C VAL R 38 -24.07 -65.71 14.13
N VAL R 39 -24.63 -65.96 15.32
CA VAL R 39 -26.05 -66.26 15.50
C VAL R 39 -26.78 -65.00 15.95
N LYS R 40 -28.01 -64.84 15.46
CA LYS R 40 -28.82 -63.68 15.77
C LYS R 40 -30.18 -64.18 16.23
N TRP R 41 -30.36 -64.14 17.55
CA TRP R 41 -31.59 -64.48 18.25
C TRP R 41 -32.63 -63.41 18.05
N PHE R 42 -33.75 -63.77 17.45
CA PHE R 42 -34.80 -62.77 17.32
C PHE R 42 -36.21 -63.31 17.52
N LYS R 43 -36.90 -62.64 18.43
CA LYS R 43 -38.35 -62.54 18.45
C LYS R 43 -38.67 -61.08 18.19
N GLY R 44 -39.51 -60.83 17.20
CA GLY R 44 -39.70 -59.44 16.82
C GLY R 44 -38.59 -58.93 15.92
N LYS R 45 -38.76 -57.67 15.49
CA LYS R 45 -37.83 -57.10 14.52
C LYS R 45 -36.99 -55.97 15.12
N TRP R 46 -37.61 -55.00 15.76
CA TRP R 46 -36.84 -54.07 16.57
C TRP R 46 -36.22 -54.78 17.78
N VAL R 47 -36.62 -56.02 18.07
CA VAL R 47 -36.54 -56.65 19.38
C VAL R 47 -35.50 -57.77 19.41
N ASP R 48 -34.47 -57.59 20.24
CA ASP R 48 -33.46 -58.63 20.43
C ASP R 48 -34.01 -59.78 21.27
N LEU R 49 -33.17 -60.79 21.47
CA LEU R 49 -33.38 -61.79 22.49
C LEU R 49 -32.26 -61.83 23.53
N SER R 50 -31.10 -61.27 23.21
CA SER R 50 -29.99 -61.28 24.16
C SER R 50 -30.35 -60.55 25.44
N SER R 51 -31.04 -59.42 25.31
CA SER R 51 -31.58 -58.76 26.50
C SER R 51 -32.51 -59.67 27.27
N LYS R 52 -32.91 -60.79 26.68
CA LYS R 52 -33.71 -61.80 27.37
C LYS R 52 -33.00 -63.13 27.56
N VAL R 53 -31.76 -63.25 27.11
CA VAL R 53 -30.99 -64.49 27.33
C VAL R 53 -30.73 -64.61 28.83
N GLY R 54 -31.47 -65.48 29.48
CA GLY R 54 -31.37 -65.63 30.92
C GLY R 54 -31.51 -67.08 31.23
N GLN R 55 -31.62 -67.40 32.52
CA GLN R 55 -31.59 -68.81 32.92
C GLN R 55 -32.67 -69.58 32.19
N HIS R 56 -33.72 -68.91 31.75
CA HIS R 56 -34.73 -69.53 30.94
C HIS R 56 -34.43 -69.42 29.46
N LEU R 57 -33.38 -68.69 29.09
CA LEU R 57 -32.99 -68.52 27.70
C LEU R 57 -31.49 -68.69 27.65
N GLN R 58 -31.02 -69.93 27.54
CA GLN R 58 -29.62 -70.23 27.80
C GLN R 58 -28.99 -71.01 26.65
N LEU R 59 -27.67 -70.89 26.55
CA LEU R 59 -26.97 -71.23 25.31
C LEU R 59 -25.71 -72.05 25.60
N HIS R 60 -25.48 -73.07 24.78
CA HIS R 60 -24.16 -73.67 24.68
C HIS R 60 -23.67 -73.66 23.24
N ASP R 61 -22.46 -73.14 23.07
CA ASP R 61 -22.03 -72.65 21.78
C ASP R 61 -20.53 -72.91 21.69
N SER R 62 -20.13 -73.86 20.86
CA SER R 62 -18.75 -74.34 20.89
C SER R 62 -18.43 -75.17 19.65
N TYR R 63 -17.24 -74.98 19.10
CA TYR R 63 -16.82 -75.61 17.86
C TYR R 63 -16.11 -76.94 18.09
N ASP R 64 -16.07 -77.77 17.05
CA ASP R 64 -15.39 -79.05 17.05
C ASP R 64 -14.35 -79.08 15.94
N ARG R 65 -13.11 -79.45 16.27
CA ARG R 65 -12.13 -79.66 15.22
C ARG R 65 -12.34 -81.01 14.56
N ALA R 66 -12.71 -82.02 15.33
CA ALA R 66 -12.76 -83.38 14.79
C ALA R 66 -13.74 -83.44 13.64
N SER R 67 -14.90 -82.83 13.82
CA SER R 67 -15.96 -82.81 12.84
C SER R 67 -16.16 -81.44 12.21
N LYS R 68 -15.32 -80.46 12.54
CA LYS R 68 -15.51 -79.10 12.04
C LYS R 68 -16.87 -78.54 12.41
N VAL R 69 -17.42 -79.00 13.54
CA VAL R 69 -18.81 -78.77 13.90
C VAL R 69 -18.86 -77.80 15.07
N TYR R 70 -19.79 -76.86 15.02
CA TYR R 70 -20.02 -75.96 16.12
C TYR R 70 -21.47 -76.09 16.58
N LEU R 71 -21.65 -75.98 17.89
CA LEU R 71 -22.95 -76.05 18.54
C LEU R 71 -23.40 -74.66 18.94
N PHE R 72 -24.44 -74.18 18.29
CA PHE R 72 -25.36 -73.26 18.91
C PHE R 72 -26.46 -74.11 19.52
N GLU R 73 -26.72 -73.90 20.80
CA GLU R 73 -27.86 -74.57 21.39
C GLU R 73 -28.49 -73.65 22.41
N LEU R 74 -29.79 -73.80 22.57
CA LEU R 74 -30.59 -72.96 23.45
C LEU R 74 -31.47 -73.84 24.31
N HIS R 75 -31.02 -74.13 25.52
CA HIS R 75 -31.89 -74.73 26.53
C HIS R 75 -32.81 -73.64 27.07
N ILE R 76 -34.08 -73.97 27.19
CA ILE R 76 -35.08 -73.06 27.70
C ILE R 76 -35.64 -73.68 28.97
N THR R 77 -35.22 -73.14 30.11
CA THR R 77 -35.71 -73.58 31.39
C THR R 77 -36.92 -72.75 31.77
N ASP R 78 -37.79 -73.32 32.60
CA ASP R 78 -39.01 -72.64 33.04
C ASP R 78 -39.73 -72.04 31.84
N ALA R 79 -40.16 -72.91 30.93
CA ALA R 79 -40.80 -72.47 29.71
C ALA R 79 -42.12 -71.77 30.03
N GLN R 80 -42.32 -70.59 29.44
CA GLN R 80 -43.49 -69.76 29.73
C GLN R 80 -44.16 -69.31 28.44
N PRO R 81 -45.50 -69.23 28.44
CA PRO R 81 -46.20 -68.72 27.25
C PRO R 81 -45.86 -67.29 26.91
N ALA R 82 -45.40 -66.49 27.87
CA ALA R 82 -44.87 -65.18 27.53
C ALA R 82 -43.76 -65.32 26.51
N PHE R 83 -43.01 -66.40 26.54
CA PHE R 83 -41.98 -66.64 25.56
C PHE R 83 -42.39 -67.65 24.52
N THR R 84 -43.60 -68.20 24.63
CA THR R 84 -44.20 -68.74 23.43
C THR R 84 -44.07 -67.69 22.33
N GLY R 85 -43.43 -68.07 21.23
CA GLY R 85 -43.44 -67.21 20.07
C GLY R 85 -42.33 -67.58 19.12
N SER R 86 -42.06 -66.63 18.22
CA SER R 86 -41.09 -66.81 17.16
C SER R 86 -39.68 -66.48 17.65
N TYR R 87 -38.70 -67.18 17.11
CA TYR R 87 -37.32 -66.94 17.50
C TYR R 87 -36.44 -67.25 16.30
N ARG R 88 -35.25 -66.68 16.30
CA ARG R 88 -34.44 -66.74 15.10
C ARG R 88 -32.98 -66.88 15.47
N CYS R 89 -32.26 -67.67 14.68
CA CYS R 89 -30.80 -67.73 14.72
C CYS R 89 -30.26 -67.32 13.35
N GLU R 90 -30.21 -66.02 13.10
CA GLU R 90 -29.62 -65.59 11.84
C GLU R 90 -28.11 -65.70 11.95
N VAL R 91 -27.52 -66.62 11.19
CA VAL R 91 -26.12 -66.97 11.31
C VAL R 91 -25.39 -66.58 10.03
N SER R 92 -24.21 -66.01 10.18
CA SER R 92 -23.46 -65.51 9.03
C SER R 92 -22.00 -65.88 9.17
N THR R 93 -21.42 -66.41 8.10
CA THR R 93 -19.97 -66.59 8.14
C THR R 93 -19.35 -65.22 7.96
N LYS R 94 -18.04 -65.21 7.72
CA LYS R 94 -17.43 -64.01 7.18
C LYS R 94 -17.99 -63.67 5.80
N ASP R 95 -18.64 -64.63 5.14
CA ASP R 95 -19.17 -64.41 3.81
C ASP R 95 -20.66 -64.64 3.67
N LYS R 96 -21.23 -65.68 4.27
CA LYS R 96 -22.60 -66.02 4.00
C LYS R 96 -23.50 -65.44 5.08
N PHE R 97 -24.79 -65.77 4.93
CA PHE R 97 -25.82 -65.49 5.92
C PHE R 97 -26.84 -66.62 5.87
N ASP R 98 -27.52 -66.86 7.00
CA ASP R 98 -28.60 -67.85 7.02
C ASP R 98 -29.77 -67.30 7.84
N CYS R 99 -30.91 -67.15 7.18
CA CYS R 99 -32.13 -66.64 7.77
C CYS R 99 -33.27 -67.63 7.59
N SER R 100 -33.72 -68.20 8.70
CA SER R 100 -34.92 -69.01 8.73
C SER R 100 -35.32 -69.05 10.19
N ASN R 101 -36.59 -68.82 10.46
CA ASN R 101 -37.08 -68.63 11.81
C ASN R 101 -37.57 -69.98 12.32
N PHE R 102 -37.77 -70.05 13.63
CA PHE R 102 -38.24 -71.27 14.25
C PHE R 102 -39.17 -70.88 15.39
N ASN R 103 -39.86 -71.89 15.94
CA ASN R 103 -41.01 -71.67 16.79
C ASN R 103 -40.71 -72.04 18.23
N LEU R 104 -41.18 -71.20 19.15
CA LEU R 104 -41.41 -71.58 20.53
C LEU R 104 -42.88 -71.40 20.87
N THR R 105 -43.58 -72.51 20.97
CA THR R 105 -44.92 -72.49 21.55
C THR R 105 -44.90 -73.23 22.88
N VAL R 106 -44.78 -72.46 23.97
CA VAL R 106 -44.76 -73.03 25.30
C VAL R 106 -46.21 -73.38 25.64
N HIS R 107 -46.57 -74.63 25.40
CA HIS R 107 -47.93 -75.04 25.64
C HIS R 107 -48.21 -75.15 27.11
N GLU R 108 -49.49 -75.29 27.43
CA GLU R 108 -50.01 -75.27 28.79
C GLU R 108 -49.94 -73.84 29.34
CA UNK S 1 -52.66 -67.64 91.36
C UNK S 1 -52.78 -66.18 91.81
N UNK S 2 -53.07 -65.99 93.10
CA UNK S 2 -53.20 -64.65 93.66
C UNK S 2 -51.82 -64.05 93.89
N UNK S 3 -50.83 -64.91 94.06
CA UNK S 3 -49.46 -64.47 94.30
C UNK S 3 -48.84 -63.92 93.01
N UNK S 4 -49.19 -64.53 91.89
CA UNK S 4 -48.68 -64.10 90.59
C UNK S 4 -49.32 -62.78 90.19
N UNK S 5 -50.61 -62.63 90.50
CA UNK S 5 -51.34 -61.42 90.21
C UNK S 5 -50.89 -60.29 91.13
N UNK S 6 -50.50 -60.65 92.35
CA UNK S 6 -50.04 -59.67 93.32
C UNK S 6 -48.64 -59.18 92.99
N UNK S 7 -47.77 -60.11 92.56
CA UNK S 7 -46.41 -59.76 92.18
C UNK S 7 -46.40 -58.98 90.86
N UNK S 8 -47.31 -59.35 89.96
CA UNK S 8 -47.47 -58.64 88.69
C UNK S 8 -48.07 -57.26 88.94
N UNK S 9 -48.89 -57.16 89.99
CA UNK S 9 -49.47 -55.89 90.40
C UNK S 9 -48.41 -54.98 91.00
N UNK S 10 -47.49 -55.57 91.76
CA UNK S 10 -46.42 -54.83 92.41
C UNK S 10 -45.41 -54.31 91.39
N UNK S 11 -44.97 -55.18 90.50
CA UNK S 11 -44.02 -54.81 89.45
C UNK S 11 -44.66 -53.86 88.45
N UNK S 12 -45.97 -54.02 88.25
CA UNK S 12 -46.74 -53.13 87.40
C UNK S 12 -46.82 -51.73 88.01
N UNK S 13 -46.98 -51.68 89.34
CA UNK S 13 -47.12 -50.40 90.05
C UNK S 13 -45.80 -49.64 90.09
N UNK S 14 -44.73 -50.35 90.46
CA UNK S 14 -43.40 -49.75 90.51
C UNK S 14 -42.90 -49.37 89.12
N UNK S 15 -43.29 -50.17 88.13
CA UNK S 15 -42.98 -49.89 86.73
C UNK S 15 -43.72 -48.65 86.28
N UNK S 16 -44.95 -48.48 86.74
CA UNK S 16 -45.78 -47.34 86.38
C UNK S 16 -45.23 -46.06 86.99
N UNK S 17 -44.72 -46.18 88.21
CA UNK S 17 -44.08 -45.05 88.87
C UNK S 17 -42.78 -44.69 88.15
N UNK S 18 -42.09 -45.71 87.64
CA UNK S 18 -40.86 -45.50 86.88
C UNK S 18 -41.13 -44.80 85.55
N UNK S 19 -42.23 -45.15 84.89
CA UNK S 19 -42.59 -44.57 83.60
C UNK S 19 -43.17 -43.16 83.72
N UNK S 20 -43.93 -42.91 84.78
CA UNK S 20 -44.47 -41.58 85.02
C UNK S 20 -43.36 -40.63 85.48
N UNK S 21 -42.47 -41.14 86.34
CA UNK S 21 -41.34 -40.37 86.84
C UNK S 21 -40.36 -40.06 85.70
N UNK S 22 -40.16 -41.05 84.84
CA UNK S 22 -39.31 -40.91 83.67
C UNK S 22 -39.93 -39.93 82.68
N UNK S 23 -41.26 -39.92 82.64
CA UNK S 23 -42.02 -39.01 81.77
C UNK S 23 -41.82 -37.55 82.20
N UNK S 24 -42.01 -37.31 83.49
CA UNK S 24 -41.85 -35.96 84.05
C UNK S 24 -40.39 -35.50 83.95
N UNK S 25 -39.47 -36.44 84.10
CA UNK S 25 -38.04 -36.15 83.95
C UNK S 25 -37.70 -35.73 82.52
N UNK S 26 -38.24 -36.49 81.56
CA UNK S 26 -37.98 -36.26 80.14
C UNK S 26 -38.58 -34.93 79.67
N UNK S 27 -39.79 -34.62 80.12
CA UNK S 27 -40.42 -33.35 79.78
C UNK S 27 -39.67 -32.19 80.45
N UNK S 28 -39.18 -32.46 81.65
CA UNK S 28 -38.39 -31.49 82.41
C UNK S 28 -37.07 -31.17 81.71
N UNK S 29 -36.52 -32.14 80.98
CA UNK S 29 -35.34 -31.87 80.16
C UNK S 29 -35.73 -31.13 78.88
N UNK S 30 -36.90 -31.49 78.35
CA UNK S 30 -37.41 -30.97 77.08
C UNK S 30 -37.64 -29.46 77.10
N UNK S 31 -38.26 -28.97 78.17
CA UNK S 31 -38.50 -27.54 78.32
C UNK S 31 -37.18 -26.76 78.45
N UNK S 32 -36.26 -27.33 79.24
CA UNK S 32 -34.97 -26.74 79.52
C UNK S 32 -34.09 -26.65 78.27
N UNK S 33 -34.26 -27.58 77.35
CA UNK S 33 -33.56 -27.48 76.08
C UNK S 33 -34.24 -26.48 75.15
N UNK S 34 -35.58 -26.53 75.12
CA UNK S 34 -36.38 -25.71 74.20
C UNK S 34 -36.25 -24.21 74.43
N UNK S 35 -36.11 -23.81 75.69
CA UNK S 35 -35.91 -22.39 76.02
C UNK S 35 -34.57 -21.86 75.49
N UNK S 36 -33.52 -22.66 75.66
CA UNK S 36 -32.18 -22.29 75.21
C UNK S 36 -32.12 -22.23 73.69
N UNK S 37 -32.81 -23.17 73.05
CA UNK S 37 -32.92 -23.19 71.59
C UNK S 37 -33.68 -21.97 71.09
N UNK S 38 -34.65 -21.51 71.87
CA UNK S 38 -35.38 -20.29 71.54
C UNK S 38 -34.47 -19.05 71.64
N UNK S 39 -33.68 -19.00 72.71
CA UNK S 39 -32.77 -17.87 72.96
C UNK S 39 -31.70 -17.74 71.89
N UNK S 40 -31.03 -18.85 71.58
CA UNK S 40 -30.02 -18.87 70.53
C UNK S 40 -30.66 -18.65 69.16
N UNK S 41 -31.90 -19.10 69.03
CA UNK S 41 -32.68 -18.93 67.81
C UNK S 41 -32.95 -17.44 67.54
N UNK S 42 -33.06 -16.65 68.60
CA UNK S 42 -33.17 -15.21 68.44
C UNK S 42 -31.81 -14.57 68.17
N UNK S 43 -30.83 -14.92 69.00
CA UNK S 43 -29.53 -14.25 69.00
C UNK S 43 -28.71 -14.46 67.74
N UNK S 44 -28.86 -15.64 67.11
CA UNK S 44 -28.14 -15.93 65.88
C UNK S 44 -28.66 -15.07 64.73
N UNK S 45 -29.98 -14.89 64.69
CA UNK S 45 -30.63 -14.08 63.67
C UNK S 45 -30.27 -12.62 63.85
N UNK S 46 -30.20 -12.18 65.10
CA UNK S 46 -29.80 -10.80 65.40
C UNK S 46 -28.34 -10.52 65.02
N UNK S 47 -27.47 -11.47 65.36
CA UNK S 47 -26.03 -11.35 65.08
C UNK S 47 -25.76 -11.36 63.58
N UNK S 48 -26.50 -12.19 62.86
CA UNK S 48 -26.38 -12.23 61.41
C UNK S 48 -26.98 -10.96 60.80
N UNK S 49 -27.97 -10.39 61.50
CA UNK S 49 -28.59 -9.15 61.05
C UNK S 49 -27.60 -7.99 61.19
N UNK S 50 -26.69 -8.09 62.15
CA UNK S 50 -25.59 -7.14 62.20
C UNK S 50 -24.54 -7.46 61.15
N UNK S 51 -24.40 -8.76 60.85
CA UNK S 51 -23.38 -9.23 59.92
C UNK S 51 -23.62 -8.80 58.47
N UNK S 52 -24.90 -8.76 58.07
CA UNK S 52 -25.26 -8.33 56.72
C UNK S 52 -24.91 -6.85 56.53
N UNK S 53 -25.13 -6.07 57.59
CA UNK S 53 -24.80 -4.66 57.58
C UNK S 53 -23.29 -4.46 57.60
N UNK S 54 -22.59 -5.41 58.21
CA UNK S 54 -21.12 -5.37 58.21
C UNK S 54 -20.58 -5.62 56.80
N UNK S 55 -21.18 -6.59 56.11
CA UNK S 55 -20.78 -6.92 54.75
C UNK S 55 -21.10 -5.79 53.77
N UNK S 56 -22.27 -5.18 53.96
CA UNK S 56 -22.67 -4.05 53.12
C UNK S 56 -21.79 -2.83 53.40
N UNK S 57 -21.35 -2.72 54.65
CA UNK S 57 -20.44 -1.66 55.05
C UNK S 57 -19.09 -1.80 54.37
N UNK S 58 -18.58 -3.03 54.36
CA UNK S 58 -17.31 -3.34 53.69
C UNK S 58 -17.42 -3.15 52.17
N UNK S 59 -18.59 -3.46 51.63
CA UNK S 59 -18.84 -3.33 50.20
C UNK S 59 -18.89 -1.85 49.78
N UNK S 60 -19.54 -1.04 50.62
CA UNK S 60 -19.61 0.40 50.41
C UNK S 60 -18.23 1.04 50.51
N UNK S 61 -17.45 0.57 51.48
CA UNK S 61 -16.07 1.03 51.68
C UNK S 61 -15.19 0.63 50.49
N UNK S 62 -15.51 -0.51 49.89
CA UNK S 62 -14.81 -0.98 48.71
C UNK S 62 -15.14 -0.12 47.51
N UNK S 63 -16.40 0.30 47.42
CA UNK S 63 -16.86 1.16 46.34
C UNK S 63 -16.21 2.53 46.39
N UNK S 64 -16.25 3.13 47.58
CA UNK S 64 -15.66 4.46 47.79
C UNK S 64 -14.14 4.42 47.65
N UNK S 65 -13.54 3.32 48.09
CA UNK S 65 -12.10 3.11 47.96
C UNK S 65 -11.70 2.97 46.48
N UNK S 66 -12.59 2.36 45.71
CA UNK S 66 -12.37 2.19 44.28
C UNK S 66 -12.48 3.52 43.55
N UNK S 67 -13.46 4.33 43.94
CA UNK S 67 -13.65 5.64 43.34
C UNK S 67 -12.50 6.59 43.64
N UNK S 68 -12.06 6.58 44.91
CA UNK S 68 -10.93 7.38 45.35
C UNK S 68 -9.63 6.94 44.68
N UNK S 69 -9.52 5.62 44.48
CA UNK S 69 -8.39 5.04 43.78
C UNK S 69 -8.34 5.48 42.32
N UNK S 70 -9.53 5.55 41.70
CA UNK S 70 -9.64 5.94 40.30
C UNK S 70 -9.32 7.43 40.13
N UNK S 71 -9.74 8.23 41.10
CA UNK S 71 -9.41 9.65 41.11
C UNK S 71 -7.91 9.86 41.31
N UNK S 72 -7.32 8.98 42.12
CA UNK S 72 -5.87 8.98 42.34
C UNK S 72 -5.12 8.60 41.08
N UNK S 73 -5.69 7.69 40.31
CA UNK S 73 -5.11 7.26 39.04
C UNK S 73 -5.19 8.37 38.00
N UNK S 74 -6.32 9.08 37.99
CA UNK S 74 -6.52 10.20 37.08
C UNK S 74 -5.56 11.35 37.38
N UNK S 75 -5.41 11.65 38.67
CA UNK S 75 -4.48 12.69 39.11
C UNK S 75 -3.03 12.26 38.87
N UNK S 76 -2.79 10.95 38.92
CA UNK S 76 -1.47 10.39 38.62
C UNK S 76 -1.14 10.60 37.16
N UNK S 77 -2.16 10.41 36.31
CA UNK S 77 -2.01 10.60 34.88
C UNK S 77 -1.76 12.06 34.55
N UNK S 78 -2.46 12.95 35.27
CA UNK S 78 -2.29 14.39 35.12
C UNK S 78 -0.87 14.82 35.53
N UNK S 79 -0.37 14.19 36.60
CA UNK S 79 0.98 14.45 37.09
C UNK S 79 2.01 13.99 36.07
N UNK S 80 1.72 12.87 35.41
CA UNK S 80 2.59 12.35 34.36
C UNK S 80 2.68 13.30 33.17
N UNK S 81 1.50 13.74 32.70
CA UNK S 81 1.41 14.63 31.54
C UNK S 81 2.05 16.00 31.80
N UNK S 82 1.75 16.59 32.95
CA UNK S 82 2.33 17.87 33.34
C UNK S 82 3.84 17.76 33.58
N UNK S 83 4.25 16.60 34.07
CA UNK S 83 5.67 16.31 34.32
C UNK S 83 6.49 16.29 33.03
N UNK S 84 6.05 15.45 32.09
CA UNK S 84 6.72 15.33 30.79
C UNK S 84 6.66 16.66 30.02
N UNK S 85 5.54 17.33 30.16
CA UNK S 85 5.33 18.64 29.54
C UNK S 85 6.32 19.70 30.02
N UNK S 86 6.41 19.86 31.33
CA UNK S 86 7.28 20.86 31.94
C UNK S 86 8.77 20.56 31.70
N UNK S 87 9.10 19.26 31.69
CA UNK S 87 10.45 18.82 31.37
C UNK S 87 10.84 19.22 29.94
N UNK S 88 9.96 18.88 29.00
CA UNK S 88 10.18 19.17 27.58
C UNK S 88 10.26 20.67 27.27
N UNK S 89 9.32 21.43 27.83
CA UNK S 89 9.27 22.87 27.61
C UNK S 89 10.45 23.58 28.26
N UNK S 90 10.89 23.06 29.39
CA UNK S 90 12.08 23.57 30.07
C UNK S 90 13.33 23.38 29.23
N UNK S 91 13.50 22.16 28.70
CA UNK S 91 14.65 21.83 27.85
C UNK S 91 14.67 22.64 26.56
N UNK S 92 13.49 22.77 25.94
CA UNK S 92 13.35 23.52 24.70
C UNK S 92 13.61 25.01 24.90
N UNK S 93 13.09 25.55 26.00
CA UNK S 93 13.24 26.96 26.32
C UNK S 93 14.69 27.30 26.63
N UNK S 94 15.37 26.40 27.32
CA UNK S 94 16.80 26.57 27.60
C UNK S 94 17.61 26.47 26.30
N UNK S 95 17.16 25.63 25.38
CA UNK S 95 17.81 25.48 24.08
C UNK S 95 17.72 26.74 23.23
N UNK S 96 16.50 27.28 23.09
CA UNK S 96 16.27 28.48 22.30
C UNK S 96 16.91 29.71 22.94
N UNK S 97 16.91 29.75 24.27
CA UNK S 97 17.57 30.81 25.02
C UNK S 97 19.08 30.73 24.83
N UNK S 98 19.59 29.50 24.67
CA UNK S 98 21.01 29.31 24.40
C UNK S 98 21.38 29.78 22.99
N UNK S 99 20.54 29.46 22.02
CA UNK S 99 20.80 29.86 20.63
C UNK S 99 20.61 31.37 20.40
N UNK S 100 19.79 32.00 21.25
CA UNK S 100 19.45 33.41 21.11
C UNK S 100 20.64 34.33 21.30
N UNK S 101 21.53 33.96 22.22
CA UNK S 101 22.71 34.77 22.54
C UNK S 101 23.72 34.75 21.40
N UNK S 102 23.89 33.58 20.78
CA UNK S 102 24.78 33.45 19.63
C UNK S 102 24.17 34.17 18.43
N UNK S 103 22.84 34.15 18.35
CA UNK S 103 22.13 34.84 17.28
C UNK S 103 22.30 36.36 17.36
N UNK S 104 22.16 36.89 18.57
CA UNK S 104 22.35 38.31 18.79
C UNK S 104 23.82 38.69 18.67
N UNK S 105 24.70 37.75 19.00
CA UNK S 105 26.14 37.97 18.91
C UNK S 105 26.59 38.13 17.46
N UNK S 106 26.15 37.20 16.62
CA UNK S 106 26.44 37.24 15.19
C UNK S 106 25.72 38.42 14.54
N UNK S 107 24.58 38.82 15.12
CA UNK S 107 23.86 40.02 14.68
C UNK S 107 24.68 41.28 14.93
N UNK S 108 25.32 41.34 16.10
CA UNK S 108 26.13 42.49 16.46
C UNK S 108 27.43 42.55 15.65
N UNK S 109 28.04 41.39 15.44
CA UNK S 109 29.27 41.29 14.64
C UNK S 109 29.00 41.67 13.19
N UNK S 110 27.85 41.23 12.69
CA UNK S 110 27.42 41.57 11.34
C UNK S 110 27.08 43.06 11.24
N UNK S 111 26.59 43.63 12.35
CA UNK S 111 26.23 45.05 12.38
C UNK S 111 27.47 45.93 12.31
N UNK S 112 28.48 45.61 13.12
CA UNK S 112 29.73 46.35 13.14
C UNK S 112 30.50 46.16 11.83
N UNK S 113 30.38 44.96 11.25
CA UNK S 113 30.97 44.68 9.94
C UNK S 113 30.28 45.51 8.87
N UNK S 114 28.98 45.69 9.04
CA UNK S 114 28.17 46.47 8.10
C UNK S 114 28.52 47.95 8.18
N UNK S 115 28.74 48.45 9.38
CA UNK S 115 29.10 49.85 9.56
C UNK S 115 30.52 50.10 9.05
N UNK S 116 31.38 49.10 9.21
CA UNK S 116 32.76 49.19 8.72
C UNK S 116 32.79 49.24 7.19
N UNK S 117 31.96 48.40 6.57
CA UNK S 117 31.82 48.39 5.12
C UNK S 117 31.15 49.66 4.63
N UNK S 118 30.31 50.25 5.47
CA UNK S 118 29.65 51.52 5.15
C UNK S 118 30.65 52.66 5.14
N UNK S 119 31.56 52.64 6.11
CA UNK S 119 32.62 53.63 6.22
C UNK S 119 33.58 53.51 5.04
N UNK S 120 33.91 52.27 4.69
CA UNK S 120 34.76 51.99 3.54
C UNK S 120 34.10 52.42 2.24
N UNK S 121 32.78 52.28 2.19
CA UNK S 121 32.00 52.68 1.03
C UNK S 121 31.95 54.20 0.88
N UNK S 122 31.86 54.91 2.01
CA UNK S 122 31.84 56.37 1.98
C UNK S 122 33.21 56.91 1.58
N UNK S 123 34.24 56.23 2.07
CA UNK S 123 35.62 56.56 1.72
C UNK S 123 35.90 56.35 0.23
N UNK S 124 35.44 55.21 -0.28
CA UNK S 124 35.61 54.87 -1.69
C UNK S 124 34.77 55.78 -2.58
N UNK S 125 33.67 56.26 -2.03
CA UNK S 125 32.81 57.24 -2.70
C UNK S 125 33.56 58.57 -2.86
N UNK S 126 34.20 58.99 -1.77
CA UNK S 126 35.01 60.20 -1.76
C UNK S 126 36.18 60.10 -2.73
N UNK S 127 36.82 58.93 -2.75
CA UNK S 127 37.94 58.68 -3.66
C UNK S 127 37.50 58.65 -5.11
N UNK S 128 36.27 58.20 -5.35
CA UNK S 128 35.69 58.18 -6.69
C UNK S 128 35.47 59.61 -7.18
N UNK S 129 34.93 60.44 -6.29
CA UNK S 129 34.68 61.85 -6.63
C UNK S 129 35.98 62.61 -6.90
N UNK S 130 36.98 62.36 -6.05
CA UNK S 130 38.28 63.02 -6.17
C UNK S 130 39.02 62.58 -7.42
N UNK S 131 38.95 61.28 -7.72
CA UNK S 131 39.64 60.72 -8.88
C UNK S 131 38.98 61.18 -10.18
N UNK S 132 37.66 61.27 -10.16
CA UNK S 132 36.91 61.76 -11.32
C UNK S 132 37.20 63.24 -11.55
N UNK S 133 37.35 63.98 -10.45
CA UNK S 133 37.70 65.40 -10.52
C UNK S 133 39.12 65.59 -11.04
N UNK S 134 40.00 64.66 -10.72
CA UNK S 134 41.41 64.80 -11.05
C UNK S 134 41.73 64.52 -12.52
N UNK S 135 40.80 63.89 -13.23
CA UNK S 135 41.02 63.56 -14.63
C UNK S 135 40.88 64.79 -15.52
N UNK T 1 -60.72 -62.63 96.76
CA UNK T 1 -59.66 -61.65 96.88
C UNK T 1 -58.83 -61.59 95.60
N UNK T 2 -58.93 -62.63 94.78
CA UNK T 2 -58.15 -62.71 93.54
C UNK T 2 -58.77 -61.87 92.43
N UNK T 3 -60.09 -61.72 92.46
CA UNK T 3 -60.82 -60.98 91.43
C UNK T 3 -60.54 -59.48 91.51
N UNK T 4 -60.49 -58.96 92.72
CA UNK T 4 -60.19 -57.55 92.96
C UNK T 4 -58.74 -57.24 92.60
N UNK T 5 -57.86 -58.21 92.83
CA UNK T 5 -56.46 -58.10 92.46
C UNK T 5 -56.30 -58.13 90.94
N UNK T 6 -57.15 -58.90 90.28
CA UNK T 6 -57.14 -58.99 88.81
C UNK T 6 -57.62 -57.69 88.17
N UNK T 7 -58.69 -57.13 88.71
CA UNK T 7 -59.24 -55.88 88.19
C UNK T 7 -58.31 -54.70 88.47
N UNK T 8 -57.74 -54.67 89.68
CA UNK T 8 -56.84 -53.60 90.08
C UNK T 8 -55.52 -53.66 89.28
N UNK T 9 -55.06 -54.88 89.04
CA UNK T 9 -53.88 -55.10 88.21
C UNK T 9 -54.16 -54.74 86.76
N UNK T 10 -55.42 -54.91 86.35
CA UNK T 10 -55.84 -54.56 84.99
C UNK T 10 -55.82 -53.05 84.78
N UNK T 11 -56.43 -52.32 85.72
CA UNK T 11 -56.49 -50.87 85.65
C UNK T 11 -55.10 -50.24 85.80
N UNK T 12 -54.30 -50.82 86.68
CA UNK T 12 -52.92 -50.39 86.88
C UNK T 12 -52.07 -50.68 85.64
N UNK T 13 -52.42 -51.77 84.96
CA UNK T 13 -51.73 -52.16 83.73
C UNK T 13 -52.00 -51.16 82.62
N UNK T 14 -53.27 -50.78 82.48
CA UNK T 14 -53.69 -49.79 81.49
C UNK T 14 -53.07 -48.42 81.76
N UNK T 15 -53.04 -48.05 83.04
CA UNK T 15 -52.43 -46.79 83.46
C UNK T 15 -50.92 -46.80 83.20
N UNK T 16 -50.32 -47.97 83.36
CA UNK T 16 -48.89 -48.17 83.10
C UNK T 16 -48.58 -48.01 81.62
N UNK T 17 -49.46 -48.55 80.78
CA UNK T 17 -49.29 -48.47 79.33
C UNK T 17 -49.43 -47.03 78.82
N UNK T 18 -50.47 -46.35 79.28
CA UNK T 18 -50.70 -44.95 78.89
C UNK T 18 -49.58 -44.03 79.37
N UNK T 19 -49.10 -44.32 80.59
CA UNK T 19 -47.97 -43.60 81.17
C UNK T 19 -46.70 -43.83 80.34
N UNK T 20 -46.56 -45.06 79.83
CA UNK T 20 -45.41 -45.43 79.01
C UNK T 20 -45.40 -44.69 77.69
N UNK T 21 -46.59 -44.58 77.07
CA UNK T 21 -46.74 -43.83 75.82
C UNK T 21 -46.43 -42.35 76.03
N UNK T 22 -46.87 -41.84 77.18
CA UNK T 22 -46.58 -40.46 77.57
C UNK T 22 -45.08 -40.20 77.70
N UNK T 23 -44.39 -41.13 78.35
CA UNK T 23 -42.95 -41.05 78.56
C UNK T 23 -42.17 -41.11 77.24
N UNK T 24 -42.61 -41.99 76.35
CA UNK T 24 -41.97 -42.16 75.04
C UNK T 24 -42.12 -40.90 74.18
N UNK T 25 -43.33 -40.31 74.22
CA UNK T 25 -43.60 -39.09 73.48
C UNK T 25 -42.76 -37.92 74.01
N UNK T 26 -42.62 -37.89 75.34
CA UNK T 26 -41.80 -36.89 76.02
C UNK T 26 -40.32 -36.97 75.60
N UNK T 27 -39.80 -38.19 75.60
CA UNK T 27 -38.40 -38.43 75.24
C UNK T 27 -38.12 -38.13 73.76
N UNK T 28 -39.04 -38.51 72.89
CA UNK T 28 -38.89 -38.27 71.45
C UNK T 28 -38.90 -36.78 71.12
N UNK T 29 -39.84 -36.05 71.73
CA UNK T 29 -39.92 -34.62 71.56
C UNK T 29 -38.67 -33.91 72.11
N UNK T 30 -38.21 -34.38 73.27
CA UNK T 30 -37.02 -33.84 73.92
C UNK T 30 -35.75 -33.99 73.08
N UNK T 31 -35.54 -35.20 72.57
CA UNK T 31 -34.38 -35.49 71.74
C UNK T 31 -34.45 -34.74 70.41
N UNK T 32 -35.68 -34.53 69.91
CA UNK T 32 -35.89 -33.73 68.71
C UNK T 32 -35.41 -32.29 68.93
N UNK T 33 -35.81 -31.75 70.09
CA UNK T 33 -35.43 -30.39 70.47
C UNK T 33 -33.94 -30.25 70.71
N UNK T 34 -33.32 -31.31 71.25
CA UNK T 34 -31.87 -31.29 71.51
C UNK T 34 -31.07 -31.37 70.22
N UNK T 35 -31.56 -32.16 69.27
CA UNK T 35 -30.93 -32.27 67.96
C UNK T 35 -31.00 -30.94 67.19
N UNK T 36 -32.20 -30.38 67.13
CA UNK T 36 -32.42 -29.11 66.43
C UNK T 36 -31.67 -27.96 67.11
N UNK T 37 -31.56 -28.05 68.43
CA UNK T 37 -30.83 -27.07 69.22
C UNK T 37 -29.33 -27.17 68.95
N UNK T 38 -28.85 -28.39 68.75
CA UNK T 38 -27.45 -28.63 68.44
C UNK T 38 -27.10 -28.09 67.06
N UNK T 39 -28.02 -28.30 66.12
CA UNK T 39 -27.85 -27.78 64.77
C UNK T 39 -27.87 -26.25 64.76
N UNK T 40 -28.75 -25.67 65.59
CA UNK T 40 -28.87 -24.23 65.73
C UNK T 40 -27.60 -23.61 66.31
N UNK T 41 -27.04 -24.28 67.32
CA UNK T 41 -25.80 -23.82 67.94
C UNK T 41 -24.64 -23.95 66.95
N UNK T 42 -24.71 -24.98 66.12
CA UNK T 42 -23.70 -25.21 65.09
C UNK T 42 -23.71 -24.11 64.03
N UNK T 43 -24.90 -23.70 63.62
CA UNK T 43 -25.03 -22.64 62.63
C UNK T 43 -24.69 -21.27 63.23
N UNK T 44 -25.01 -21.10 64.52
CA UNK T 44 -24.71 -19.85 65.22
C UNK T 44 -23.21 -19.65 65.38
N UNK T 45 -22.53 -20.69 65.85
CA UNK T 45 -21.07 -20.68 66.00
C UNK T 45 -20.39 -20.65 64.63
N UNK T 46 -21.08 -21.17 63.62
CA UNK T 46 -20.62 -21.08 62.24
C UNK T 46 -20.64 -19.65 61.72
N UNK T 47 -21.72 -18.93 62.00
CA UNK T 47 -21.90 -17.58 61.49
C UNK T 47 -21.19 -16.51 62.32
N UNK T 48 -20.78 -16.87 63.54
CA UNK T 48 -20.10 -15.94 64.44
C UNK T 48 -18.74 -15.45 63.89
N UNK T 49 -17.97 -16.38 63.36
CA UNK T 49 -16.68 -16.08 62.75
C UNK T 49 -16.85 -15.36 61.43
N UNK T 50 -17.99 -15.57 60.79
CA UNK T 50 -18.34 -14.85 59.57
C UNK T 50 -18.62 -13.39 59.90
N UNK T 51 -19.29 -13.17 61.04
CA UNK T 51 -19.59 -11.83 61.51
C UNK T 51 -18.32 -11.07 61.89
N UNK T 52 -17.45 -11.74 62.65
CA UNK T 52 -16.17 -11.16 63.07
C UNK T 52 -15.24 -10.88 61.88
N UNK T 53 -15.19 -11.83 60.95
CA UNK T 53 -14.36 -11.70 59.75
C UNK T 53 -14.87 -10.58 58.84
N UNK T 54 -16.19 -10.45 58.77
CA UNK T 54 -16.82 -9.38 58.00
C UNK T 54 -16.50 -8.02 58.62
N UNK T 55 -16.48 -7.99 59.95
CA UNK T 55 -16.13 -6.77 60.68
C UNK T 55 -14.67 -6.37 60.42
N UNK T 56 -13.79 -7.38 60.41
CA UNK T 56 -12.36 -7.16 60.17
C UNK T 56 -12.09 -6.70 58.75
N UNK T 57 -12.82 -7.26 57.80
CA UNK T 57 -12.72 -6.84 56.40
C UNK T 57 -13.23 -5.43 56.22
N UNK T 58 -14.27 -5.08 56.99
CA UNK T 58 -14.84 -3.73 56.95
C UNK T 58 -13.87 -2.66 57.46
N UNK T 59 -13.29 -2.91 58.63
CA UNK T 59 -12.33 -2.00 59.24
C UNK T 59 -11.06 -1.89 58.40
N UNK T 60 -10.64 -3.03 57.85
CA UNK T 60 -9.47 -3.09 56.97
C UNK T 60 -9.69 -2.27 55.70
N UNK T 61 -10.91 -2.33 55.18
CA UNK T 61 -11.28 -1.57 54.00
C UNK T 61 -11.31 -0.07 54.30
N UNK T 62 -11.76 0.26 55.50
CA UNK T 62 -11.77 1.66 55.96
C UNK T 62 -10.36 2.23 56.05
N UNK T 63 -9.43 1.42 56.55
CA UNK T 63 -8.03 1.82 56.61
C UNK T 63 -7.42 1.98 55.21
N UNK T 64 -7.77 1.05 54.33
CA UNK T 64 -7.30 1.05 52.95
C UNK T 64 -7.77 2.27 52.17
N UNK T 65 -8.98 2.72 52.46
CA UNK T 65 -9.49 3.97 51.86
C UNK T 65 -8.75 5.16 52.47
N UNK T 66 -8.54 5.06 53.78
CA UNK T 66 -7.93 6.13 54.57
C UNK T 66 -6.48 6.41 54.20
N UNK T 67 -5.80 5.45 53.57
CA UNK T 67 -4.47 5.73 53.02
C UNK T 67 -4.54 6.41 51.65
N UNK T 68 -5.48 5.95 50.83
CA UNK T 68 -5.58 6.36 49.42
C UNK T 68 -6.06 7.80 49.27
N UNK T 69 -6.94 8.24 50.17
CA UNK T 69 -7.41 9.62 50.17
C UNK T 69 -6.25 10.58 50.46
N UNK T 70 -5.38 10.16 51.36
CA UNK T 70 -4.19 10.93 51.71
C UNK T 70 -3.18 10.94 50.55
N UNK T 71 -3.10 9.82 49.84
CA UNK T 71 -2.20 9.73 48.68
C UNK T 71 -2.62 10.66 47.54
N UNK T 72 -3.92 10.69 47.23
CA UNK T 72 -4.47 11.59 46.21
C UNK T 72 -4.32 13.04 46.66
N UNK T 73 -4.50 13.26 47.96
CA UNK T 73 -4.29 14.56 48.58
C UNK T 73 -2.82 14.98 48.58
N UNK T 74 -1.92 14.02 48.38
CA UNK T 74 -0.49 14.32 48.22
C UNK T 74 -0.13 14.57 46.75
N UNK T 75 -0.84 13.94 45.82
CA UNK T 75 -0.60 14.16 44.39
C UNK T 75 -1.12 15.53 43.94
N UNK T 76 -2.18 15.96 44.63
CA UNK T 76 -2.81 17.26 44.39
C UNK T 76 -1.85 18.43 44.59
N UNK T 77 -0.88 18.27 45.49
CA UNK T 77 0.18 19.25 45.63
C UNK T 77 1.17 19.16 44.46
N UNK T 78 1.37 17.94 43.97
CA UNK T 78 2.41 17.68 42.97
C UNK T 78 2.04 18.15 41.57
N UNK T 79 0.76 18.38 41.31
CA UNK T 79 0.36 18.84 39.96
C UNK T 79 0.74 20.29 39.58
N UNK T 80 0.38 21.22 40.46
CA UNK T 80 0.39 22.64 40.14
C UNK T 80 1.77 23.28 39.97
N UNK T 81 2.80 22.68 40.58
CA UNK T 81 4.16 23.20 40.50
C UNK T 81 4.69 23.07 39.07
N UNK T 82 4.50 21.88 38.52
CA UNK T 82 4.88 21.60 37.14
C UNK T 82 3.98 22.39 36.20
N UNK T 83 2.71 22.55 36.59
CA UNK T 83 1.77 23.35 35.80
C UNK T 83 2.23 24.81 35.60
N UNK T 84 2.53 25.48 36.70
CA UNK T 84 3.00 26.87 36.65
C UNK T 84 4.41 26.98 36.07
N UNK T 85 5.22 25.95 36.25
CA UNK T 85 6.58 25.90 35.70
C UNK T 85 6.57 25.91 34.17
N UNK T 86 5.80 24.99 33.59
CA UNK T 86 5.62 24.93 32.14
C UNK T 86 4.91 26.18 31.64
N UNK T 87 4.01 26.71 32.46
CA UNK T 87 3.29 27.94 32.17
C UNK T 87 4.22 29.15 32.09
N UNK T 88 5.35 29.10 32.79
CA UNK T 88 6.32 30.19 32.73
C UNK T 88 7.29 30.01 31.56
N UNK T 89 7.78 28.77 31.40
CA UNK T 89 8.76 28.47 30.36
C UNK T 89 8.18 28.62 28.95
N UNK T 90 6.87 28.43 28.84
CA UNK T 90 6.18 28.67 27.57
C UNK T 90 6.18 30.16 27.22
N UNK T 91 6.06 30.99 28.24
CA UNK T 91 6.03 32.44 28.05
C UNK T 91 7.40 32.96 27.65
N UNK T 92 8.43 32.51 28.36
CA UNK T 92 9.80 32.91 28.03
C UNK T 92 10.23 32.33 26.67
N UNK T 93 9.67 31.17 26.34
CA UNK T 93 9.90 30.55 25.04
C UNK T 93 9.27 31.37 23.91
N UNK T 94 8.09 31.92 24.19
CA UNK T 94 7.39 32.75 23.22
C UNK T 94 8.13 34.07 22.99
N UNK T 95 8.55 34.70 24.08
CA UNK T 95 9.27 35.97 24.00
C UNK T 95 10.65 35.82 23.35
N UNK T 96 11.35 34.75 23.71
CA UNK T 96 12.66 34.46 23.15
C UNK T 96 12.53 34.08 21.67
N UNK T 97 11.41 33.46 21.32
CA UNK T 97 11.10 33.13 19.93
C UNK T 97 10.87 34.39 19.11
N UNK T 98 10.15 35.33 19.70
CA UNK T 98 9.85 36.61 19.04
C UNK T 98 11.12 37.43 18.82
N UNK T 99 11.95 37.51 19.86
CA UNK T 99 13.19 38.27 19.79
C UNK T 99 14.20 37.60 18.86
N UNK T 100 14.12 36.27 18.79
CA UNK T 100 14.94 35.50 17.86
C UNK T 100 14.53 35.80 16.42
N UNK T 101 13.22 35.94 16.21
CA UNK T 101 12.68 36.26 14.90
C UNK T 101 13.08 37.66 14.44
N UNK T 102 12.94 38.63 15.33
CA UNK T 102 13.29 40.02 15.03
C UNK T 102 14.79 40.17 14.78
N UNK T 103 15.59 39.49 15.60
CA UNK T 103 17.05 39.49 15.47
C UNK T 103 17.47 38.83 14.15
N UNK T 104 16.71 37.82 13.74
CA UNK T 104 16.94 37.14 12.48
C UNK T 104 16.65 38.08 11.31
N UNK T 105 15.57 38.84 11.42
CA UNK T 105 15.15 39.77 10.37
C UNK T 105 16.16 40.90 10.19
N UNK T 106 16.56 41.49 11.32
CA UNK T 106 17.54 42.57 11.29
C UNK T 106 18.92 42.08 10.84
N UNK T 107 19.25 40.85 11.21
CA UNK T 107 20.50 40.23 10.82
C UNK T 107 20.56 40.01 9.31
N UNK T 108 19.45 39.53 8.75
CA UNK T 108 19.34 39.31 7.31
C UNK T 108 19.38 40.63 6.56
N UNK T 109 18.80 41.66 7.17
CA UNK T 109 18.82 43.01 6.61
C UNK T 109 20.25 43.55 6.55
N UNK T 110 21.00 43.32 7.61
CA UNK T 110 22.39 43.77 7.70
C UNK T 110 23.28 43.00 6.75
N UNK T 111 22.97 41.72 6.53
CA UNK T 111 23.72 40.89 5.60
C UNK T 111 23.49 41.35 4.16
N UNK T 112 22.24 41.70 3.86
CA UNK T 112 21.87 42.23 2.55
C UNK T 112 22.57 43.56 2.29
N UNK T 113 22.56 44.43 3.30
CA UNK T 113 23.19 45.74 3.21
C UNK T 113 24.70 45.63 3.04
N UNK T 114 25.32 44.70 3.76
CA UNK T 114 26.76 44.51 3.70
C UNK T 114 27.17 43.89 2.36
N UNK T 115 26.28 43.06 1.81
CA UNK T 115 26.50 42.50 0.48
C UNK T 115 26.45 43.62 -0.57
N UNK T 116 25.52 44.54 -0.38
CA UNK T 116 25.39 45.70 -1.26
C UNK T 116 26.61 46.62 -1.17
N UNK T 117 27.16 46.75 0.04
CA UNK T 117 28.36 47.53 0.27
C UNK T 117 29.58 46.86 -0.36
N UNK T 118 29.55 45.52 -0.39
CA UNK T 118 30.60 44.75 -1.03
C UNK T 118 30.58 44.97 -2.54
N UNK T 119 29.38 44.98 -3.11
CA UNK T 119 29.20 45.20 -4.55
C UNK T 119 29.60 46.62 -4.98
N UNK T 120 29.10 47.62 -4.25
CA UNK T 120 29.39 49.02 -4.54
C UNK T 120 30.88 49.34 -4.30
N UNK T 121 31.47 48.68 -3.31
CA UNK T 121 32.89 48.81 -3.04
C UNK T 121 33.71 48.20 -4.18
N UNK T 122 33.21 47.09 -4.73
CA UNK T 122 33.87 46.41 -5.85
C UNK T 122 33.87 47.28 -7.10
N UNK T 123 32.71 47.82 -7.44
CA UNK T 123 32.57 48.71 -8.59
C UNK T 123 33.37 49.99 -8.43
N UNK T 124 33.44 50.47 -7.18
CA UNK T 124 34.24 51.65 -6.85
C UNK T 124 35.73 51.37 -7.03
N UNK T 125 36.15 50.14 -6.73
CA UNK T 125 37.54 49.73 -6.93
C UNK T 125 37.87 49.67 -8.41
N UNK T 126 36.92 49.14 -9.19
CA UNK T 126 37.07 49.04 -10.64
C UNK T 126 37.18 50.40 -11.33
N UNK T 127 36.27 51.31 -10.97
CA UNK T 127 36.27 52.66 -11.53
C UNK T 127 37.48 53.46 -11.02
N UNK T 128 37.95 53.12 -9.83
CA UNK T 128 39.16 53.72 -9.28
C UNK T 128 40.37 53.36 -10.13
N UNK T 129 40.47 52.09 -10.50
CA UNK T 129 41.57 51.64 -11.36
C UNK T 129 41.47 52.25 -12.77
N UNK T 130 40.25 52.24 -13.31
CA UNK T 130 39.99 52.75 -14.66
C UNK T 130 40.26 54.24 -14.79
N UNK T 131 39.94 54.99 -13.74
CA UNK T 131 40.23 56.42 -13.70
C UNK T 131 41.71 56.64 -13.42
N UNK T 132 42.32 55.69 -12.73
CA UNK T 132 43.74 55.79 -12.39
C UNK T 132 44.63 55.57 -13.62
N UNK T 133 44.10 54.86 -14.61
CA UNK T 133 44.89 54.57 -15.81
C UNK T 133 45.06 55.77 -16.75
N UNK T 134 44.01 56.57 -16.90
CA UNK T 134 44.02 57.63 -17.91
C UNK T 134 44.59 58.95 -17.39
N UNK T 135 44.77 59.06 -16.08
CA UNK T 135 45.28 60.29 -15.47
C UNK T 135 46.78 60.45 -15.71
N UNK U 1 -5.13 -88.81 45.79
CA UNK U 1 -4.08 -88.02 45.17
C UNK U 1 -3.92 -88.39 43.70
N UNK U 2 -4.24 -89.63 43.37
CA UNK U 2 -4.13 -90.11 41.99
C UNK U 2 -5.30 -89.57 41.16
N UNK U 3 -6.40 -89.26 41.82
CA UNK U 3 -7.58 -88.75 41.15
C UNK U 3 -7.36 -87.31 40.71
N UNK U 4 -6.65 -86.55 41.52
CA UNK U 4 -6.35 -85.15 41.22
C UNK U 4 -5.34 -85.06 40.09
N UNK U 5 -4.38 -85.98 40.10
CA UNK U 5 -3.36 -86.04 39.06
C UNK U 5 -3.97 -86.54 37.76
N UNK U 6 -4.97 -87.41 37.87
CA UNK U 6 -5.64 -87.96 36.70
C UNK U 6 -6.57 -86.94 36.06
N UNK U 7 -7.28 -86.18 36.89
CA UNK U 7 -8.18 -85.14 36.41
C UNK U 7 -7.38 -83.96 35.83
N UNK U 8 -6.25 -83.66 36.47
CA UNK U 8 -5.34 -82.63 35.99
C UNK U 8 -4.67 -83.06 34.70
N UNK U 9 -4.47 -84.37 34.56
CA UNK U 9 -3.91 -84.96 33.35
C UNK U 9 -4.92 -84.90 32.21
N UNK U 10 -6.19 -85.12 32.54
CA UNK U 10 -7.26 -85.08 31.56
C UNK U 10 -7.51 -83.67 31.04
N UNK U 11 -7.63 -82.73 31.97
CA UNK U 11 -7.85 -81.32 31.62
C UNK U 11 -6.63 -80.74 30.93
N UNK U 12 -5.45 -81.24 31.32
CA UNK U 12 -4.20 -80.84 30.68
C UNK U 12 -4.15 -81.34 29.24
N UNK U 13 -4.64 -82.57 29.02
CA UNK U 13 -4.61 -83.17 27.69
C UNK U 13 -5.60 -82.50 26.74
N UNK U 14 -6.83 -82.32 27.21
CA UNK U 14 -7.87 -81.65 26.42
C UNK U 14 -7.52 -80.19 26.18
N UNK U 15 -6.88 -79.58 27.17
CA UNK U 15 -6.40 -78.21 27.05
C UNK U 15 -5.29 -78.12 26.01
N UNK U 16 -4.44 -79.14 25.98
CA UNK U 16 -3.33 -79.19 25.03
C UNK U 16 -3.83 -79.37 23.61
N UNK U 17 -4.89 -80.17 23.46
CA UNK U 17 -5.52 -80.34 22.16
C UNK U 17 -6.20 -79.05 21.72
N UNK U 18 -6.74 -78.31 22.69
CA UNK U 18 -7.37 -77.01 22.43
C UNK U 18 -6.35 -75.98 21.97
N UNK U 19 -5.17 -75.99 22.58
CA UNK U 19 -4.12 -75.03 22.27
C UNK U 19 -3.39 -75.36 20.96
N UNK U 20 -3.21 -76.63 20.67
CA UNK U 20 -2.60 -77.05 19.41
C UNK U 20 -3.57 -76.82 18.24
N UNK U 21 -4.84 -77.14 18.48
CA UNK U 21 -5.89 -76.95 17.48
C UNK U 21 -6.11 -75.48 17.20
N UNK U 22 -6.05 -74.68 18.26
CA UNK U 22 -6.18 -73.24 18.17
C UNK U 22 -4.97 -72.65 17.45
N UNK U 23 -3.81 -73.29 17.65
CA UNK U 23 -2.57 -72.87 17.00
C UNK U 23 -2.64 -73.07 15.49
N UNK U 24 -3.06 -74.27 15.09
CA UNK U 24 -3.20 -74.59 13.66
C UNK U 24 -4.29 -73.75 13.01
N UNK U 25 -5.34 -73.45 13.77
CA UNK U 25 -6.42 -72.58 13.28
C UNK U 25 -5.91 -71.16 13.04
N UNK U 26 -5.15 -70.65 14.01
CA UNK U 26 -4.63 -69.29 13.95
C UNK U 26 -3.63 -69.11 12.81
N UNK U 27 -2.75 -70.10 12.63
CA UNK U 27 -1.79 -70.05 11.54
C UNK U 27 -2.51 -70.19 10.19
N UNK U 28 -3.58 -70.98 10.20
CA UNK U 28 -4.42 -71.19 9.02
C UNK U 28 -5.13 -69.90 8.61
N UNK U 29 -5.43 -69.05 9.58
CA UNK U 29 -5.98 -67.73 9.27
C UNK U 29 -4.87 -66.79 8.79
N UNK U 30 -3.70 -66.95 9.40
CA UNK U 30 -2.54 -66.08 9.14
C UNK U 30 -2.04 -66.14 7.71
N UNK U 31 -1.94 -67.35 7.17
CA UNK U 31 -1.52 -67.53 5.77
C UNK U 31 -2.54 -66.93 4.80
N UNK U 32 -3.81 -67.16 5.10
CA UNK U 32 -4.93 -66.72 4.28
C UNK U 32 -5.05 -65.20 4.24
N UNK U 33 -4.65 -64.54 5.32
CA UNK U 33 -4.60 -63.09 5.31
C UNK U 33 -3.36 -62.59 4.57
N UNK U 34 -2.22 -63.24 4.82
CA UNK U 34 -0.93 -62.81 4.29
C UNK U 34 -0.84 -62.86 2.76
N UNK U 35 -1.49 -63.86 2.16
CA UNK U 35 -1.54 -63.97 0.70
C UNK U 35 -2.30 -62.81 0.04
N UNK U 36 -3.44 -62.46 0.64
CA UNK U 36 -4.28 -61.36 0.16
C UNK U 36 -3.58 -60.03 0.31
N UNK U 37 -2.88 -59.88 1.43
CA UNK U 37 -2.07 -58.68 1.68
C UNK U 37 -0.93 -58.57 0.68
N UNK U 38 -0.40 -59.71 0.26
CA UNK U 38 0.63 -59.73 -0.78
C UNK U 38 0.06 -59.28 -2.13
N UNK U 39 -1.12 -59.81 -2.47
CA UNK U 39 -1.78 -59.50 -3.74
C UNK U 39 -2.14 -58.02 -3.87
N UNK U 40 -2.78 -57.49 -2.84
CA UNK U 40 -3.13 -56.07 -2.82
C UNK U 40 -1.88 -55.20 -2.73
N UNK U 41 -0.85 -55.75 -2.09
CA UNK U 41 0.45 -55.08 -1.96
C UNK U 41 1.11 -54.91 -3.33
N UNK U 42 0.84 -55.84 -4.24
CA UNK U 42 1.31 -55.68 -5.62
C UNK U 42 0.42 -54.72 -6.40
N UNK U 43 -0.88 -54.96 -6.33
CA UNK U 43 -1.86 -54.27 -7.18
C UNK U 43 -1.98 -52.77 -6.91
N UNK U 44 -1.79 -52.38 -5.66
CA UNK U 44 -1.85 -50.96 -5.29
C UNK U 44 -0.67 -50.19 -5.88
N UNK U 45 0.50 -50.82 -5.84
CA UNK U 45 1.72 -50.23 -6.39
C UNK U 45 1.62 -50.12 -7.90
N UNK U 46 1.05 -51.14 -8.53
CA UNK U 46 0.85 -51.12 -9.98
C UNK U 46 -0.16 -50.04 -10.42
N UNK U 47 -1.26 -49.94 -9.67
CA UNK U 47 -2.32 -48.96 -9.96
C UNK U 47 -1.81 -47.54 -9.77
N UNK U 48 -1.00 -47.33 -8.74
CA UNK U 48 -0.41 -46.03 -8.50
C UNK U 48 0.66 -45.74 -9.56
N UNK U 49 1.28 -46.81 -10.08
CA UNK U 49 2.27 -46.68 -11.13
C UNK U 49 1.61 -46.24 -12.43
N UNK U 50 0.35 -46.61 -12.61
CA UNK U 50 -0.43 -46.06 -13.72
C UNK U 50 -0.86 -44.62 -13.40
N UNK U 51 -1.10 -44.36 -12.12
CA UNK U 51 -1.62 -43.07 -11.67
C UNK U 51 -0.61 -41.93 -11.84
N UNK U 52 0.67 -42.22 -11.63
CA UNK U 52 1.73 -41.23 -11.79
C UNK U 52 1.83 -40.80 -13.25
N UNK U 53 1.67 -41.78 -14.14
CA UNK U 53 1.68 -41.54 -15.57
C UNK U 53 0.43 -40.78 -16.00
N UNK U 54 -0.67 -41.00 -15.27
CA UNK U 54 -1.90 -40.25 -15.52
C UNK U 54 -1.73 -38.78 -15.16
N UNK U 55 -1.09 -38.54 -14.02
CA UNK U 55 -0.82 -37.18 -13.55
C UNK U 55 0.15 -36.44 -14.47
N UNK U 56 1.18 -37.16 -14.91
CA UNK U 56 2.17 -36.60 -15.83
C UNK U 56 1.54 -36.33 -17.19
N UNK U 57 0.57 -37.17 -17.56
CA UNK U 57 -0.18 -37.00 -18.81
C UNK U 57 -1.03 -35.73 -18.75
N UNK U 58 -1.70 -35.53 -17.63
CA UNK U 58 -2.51 -34.33 -17.43
C UNK U 58 -1.64 -33.07 -17.37
N UNK U 59 -0.45 -33.21 -16.80
CA UNK U 59 0.50 -32.09 -16.69
C UNK U 59 1.03 -31.69 -18.06
N UNK U 60 1.34 -32.69 -18.87
CA UNK U 60 1.81 -32.47 -20.24
C UNK U 60 0.72 -31.82 -21.09
N UNK U 61 -0.52 -32.29 -20.89
CA UNK U 61 -1.68 -31.73 -21.57
C UNK U 61 -1.94 -30.29 -21.15
N UNK U 62 -1.61 -30.00 -19.89
CA UNK U 62 -1.73 -28.64 -19.36
C UNK U 62 -0.68 -27.73 -19.98
N UNK U 63 0.52 -28.28 -20.18
CA UNK U 63 1.62 -27.53 -20.79
C UNK U 63 1.31 -27.19 -22.24
N UNK U 64 0.90 -28.19 -23.00
CA UNK U 64 0.56 -28.01 -24.41
C UNK U 64 -0.66 -27.11 -24.59
N UNK U 65 -1.62 -27.24 -23.66
CA UNK U 65 -2.82 -26.42 -23.67
C UNK U 65 -2.47 -24.96 -23.37
N UNK U 66 -1.47 -24.77 -22.52
CA UNK U 66 -0.98 -23.44 -22.17
C UNK U 66 -0.26 -22.79 -23.35
N UNK U 67 0.55 -23.58 -24.06
CA UNK U 67 1.28 -23.10 -25.22
C UNK U 67 0.34 -22.73 -26.36
N UNK U 68 -0.65 -23.58 -26.60
CA UNK U 68 -1.66 -23.35 -27.63
C UNK U 68 -2.53 -22.14 -27.29
N UNK U 69 -2.78 -21.98 -25.99
CA UNK U 69 -3.54 -20.84 -25.49
C UNK U 69 -2.76 -19.54 -25.70
N UNK U 70 -1.44 -19.60 -25.50
CA UNK U 70 -0.58 -18.43 -25.67
C UNK U 70 -0.47 -18.05 -27.13
N UNK U 71 -0.43 -19.05 -28.00
CA UNK U 71 -0.41 -18.82 -29.45
C UNK U 71 -1.74 -18.21 -29.90
N UNK U 72 -2.83 -18.67 -29.26
CA UNK U 72 -4.16 -18.12 -29.51
C UNK U 72 -4.26 -16.66 -29.06
N UNK U 73 -3.58 -16.34 -27.97
CA UNK U 73 -3.54 -14.98 -27.45
C UNK U 73 -2.74 -14.07 -28.37
N UNK U 74 -1.63 -14.61 -28.89
CA UNK U 74 -0.79 -13.86 -29.82
C UNK U 74 -1.52 -13.57 -31.13
N UNK U 75 -2.22 -14.58 -31.63
CA UNK U 75 -3.00 -14.44 -32.86
C UNK U 75 -4.20 -13.52 -32.62
N UNK U 76 -4.70 -13.51 -31.39
CA UNK U 76 -5.78 -12.61 -31.00
C UNK U 76 -5.31 -11.17 -31.03
N UNK U 77 -4.08 -10.97 -30.56
CA UNK U 77 -3.46 -9.65 -30.57
C UNK U 77 -3.20 -9.17 -31.99
N UNK U 78 -2.78 -10.10 -32.85
CA UNK U 78 -2.56 -9.80 -34.26
C UNK U 78 -3.87 -9.43 -34.96
N UNK U 79 -4.95 -10.12 -34.58
CA UNK U 79 -6.29 -9.84 -35.10
C UNK U 79 -6.76 -8.46 -34.66
N UNK U 80 -6.42 -8.10 -33.42
CA UNK U 80 -6.75 -6.78 -32.88
C UNK U 80 -6.05 -5.66 -33.65
N UNK U 81 -4.73 -5.83 -33.84
CA UNK U 81 -3.90 -4.84 -34.53
C UNK U 81 -4.29 -4.67 -35.99
N UNK U 82 -4.48 -5.78 -36.70
CA UNK U 82 -4.90 -5.74 -38.10
C UNK U 82 -6.32 -5.20 -38.24
N UNK U 83 -7.16 -5.47 -37.24
CA UNK U 83 -8.52 -4.99 -37.22
C UNK U 83 -8.60 -3.46 -37.14
N UNK U 84 -7.94 -2.91 -36.11
CA UNK U 84 -7.90 -1.47 -35.89
C UNK U 84 -7.22 -0.76 -37.07
N UNK U 85 -6.17 -1.42 -37.58
CA UNK U 85 -5.43 -0.91 -38.73
C UNK U 85 -6.29 -0.78 -39.99
N UNK U 86 -6.97 -1.85 -40.36
CA UNK U 86 -7.81 -1.87 -41.56
C UNK U 86 -9.01 -0.94 -41.45
N UNK U 87 -9.56 -0.83 -40.24
CA UNK U 87 -10.64 0.11 -39.96
C UNK U 87 -10.19 1.56 -40.19
N UNK U 88 -9.05 1.91 -39.59
CA UNK U 88 -8.49 3.25 -39.69
C UNK U 88 -8.09 3.64 -41.12
N UNK U 89 -7.41 2.72 -41.81
CA UNK U 89 -6.96 2.96 -43.18
C UNK U 89 -8.14 3.04 -44.15
N UNK U 90 -9.18 2.25 -43.86
CA UNK U 90 -10.41 2.30 -44.66
C UNK U 90 -11.10 3.66 -44.53
N UNK U 91 -11.24 4.13 -43.28
CA UNK U 91 -11.87 5.42 -43.01
C UNK U 91 -11.08 6.59 -43.62
N UNK U 92 -9.76 6.54 -43.47
CA UNK U 92 -8.87 7.57 -44.00
C UNK U 92 -8.89 7.61 -45.53
N UNK U 93 -8.87 6.42 -46.14
CA UNK U 93 -8.87 6.30 -47.59
C UNK U 93 -10.18 6.79 -48.18
N UNK U 94 -11.29 6.49 -47.51
CA UNK U 94 -12.59 6.98 -47.93
C UNK U 94 -12.67 8.51 -47.76
N UNK U 95 -12.00 9.02 -46.74
CA UNK U 95 -11.95 10.47 -46.49
C UNK U 95 -11.21 11.22 -47.60
N UNK U 96 -10.00 10.74 -47.91
CA UNK U 96 -9.16 11.36 -48.93
C UNK U 96 -9.78 11.21 -50.33
N UNK U 97 -10.42 10.07 -50.56
CA UNK U 97 -11.12 9.82 -51.81
C UNK U 97 -12.33 10.73 -51.92
N UNK U 98 -12.92 11.08 -50.79
CA UNK U 98 -14.04 12.02 -50.77
C UNK U 98 -13.57 13.43 -51.07
N UNK U 99 -12.44 13.83 -50.50
CA UNK U 99 -11.91 15.17 -50.71
C UNK U 99 -11.33 15.37 -52.13
N UNK U 100 -10.92 14.25 -52.74
CA UNK U 100 -10.27 14.26 -54.06
C UNK U 100 -11.20 14.76 -55.16
N UNK U 101 -12.47 14.40 -55.07
CA UNK U 101 -13.45 14.76 -56.08
C UNK U 101 -13.77 16.25 -56.05
N UNK U 102 -13.83 16.82 -54.85
CA UNK U 102 -14.06 18.24 -54.68
C UNK U 102 -12.82 19.01 -55.12
N UNK U 103 -11.66 18.41 -54.88
CA UNK U 103 -10.38 19.00 -55.29
C UNK U 103 -10.26 19.10 -56.81
N UNK U 104 -10.61 18.01 -57.48
CA UNK U 104 -10.60 17.98 -58.95
C UNK U 104 -11.70 18.86 -59.51
N UNK U 105 -12.81 18.97 -58.77
CA UNK U 105 -13.94 19.79 -59.20
C UNK U 105 -13.59 21.28 -59.19
N UNK U 106 -12.98 21.72 -58.09
CA UNK U 106 -12.52 23.10 -57.98
C UNK U 106 -11.35 23.36 -58.93
N UNK U 107 -10.60 22.31 -59.22
CA UNK U 107 -9.52 22.38 -60.22
C UNK U 107 -10.08 22.65 -61.62
N UNK U 108 -11.18 21.96 -61.96
CA UNK U 108 -11.81 22.14 -63.25
C UNK U 108 -12.50 23.49 -63.38
N UNK U 109 -13.16 23.92 -62.31
CA UNK U 109 -13.83 25.22 -62.28
C UNK U 109 -12.82 26.35 -62.40
N UNK U 110 -11.69 26.19 -61.71
CA UNK U 110 -10.59 27.14 -61.79
C UNK U 110 -9.96 27.13 -63.18
N UNK U 111 -9.96 25.97 -63.81
CA UNK U 111 -9.39 25.82 -65.15
C UNK U 111 -10.22 26.55 -66.20
N UNK U 112 -11.54 26.35 -66.15
CA UNK U 112 -12.45 27.01 -67.08
C UNK U 112 -12.50 28.52 -66.81
N UNK U 113 -12.38 28.89 -65.54
CA UNK U 113 -12.29 30.30 -65.15
C UNK U 113 -11.01 30.92 -65.71
N UNK U 114 -9.94 30.12 -65.70
CA UNK U 114 -8.65 30.56 -66.20
C UNK U 114 -8.67 30.75 -67.71
N UNK U 115 -9.35 29.85 -68.42
CA UNK U 115 -9.45 29.96 -69.87
C UNK U 115 -10.36 31.13 -70.25
N UNK U 116 -11.37 31.38 -69.42
CA UNK U 116 -12.29 32.50 -69.65
C UNK U 116 -11.55 33.82 -69.48
N UNK U 117 -10.72 33.90 -68.44
CA UNK U 117 -9.91 35.08 -68.18
C UNK U 117 -8.82 35.23 -69.26
N UNK U 118 -8.40 34.11 -69.83
CA UNK U 118 -7.43 34.11 -70.92
C UNK U 118 -8.04 34.69 -72.18
N UNK U 119 -9.29 34.31 -72.44
CA UNK U 119 -10.03 34.81 -73.59
C UNK U 119 -10.30 36.31 -73.45
N UNK U 120 -10.66 36.71 -72.23
CA UNK U 120 -10.88 38.12 -71.92
C UNK U 120 -9.60 38.92 -72.05
N UNK U 121 -8.48 38.28 -71.70
CA UNK U 121 -7.17 38.90 -71.80
C UNK U 121 -6.74 39.09 -73.26
N UNK U 122 -7.08 38.11 -74.10
CA UNK U 122 -6.74 38.21 -75.53
C UNK U 122 -7.60 39.27 -76.21
N UNK U 123 -8.86 39.35 -75.77
CA UNK U 123 -9.79 40.36 -76.26
C UNK U 123 -9.34 41.76 -75.86
N UNK U 124 -8.94 41.92 -74.60
CA UNK U 124 -8.46 43.20 -74.09
C UNK U 124 -7.13 43.58 -74.73
N UNK U 125 -6.36 42.57 -75.10
CA UNK U 125 -5.10 42.77 -75.83
C UNK U 125 -5.39 43.36 -77.21
N UNK U 126 -6.38 42.77 -77.88
CA UNK U 126 -6.82 43.23 -79.19
C UNK U 126 -7.36 44.66 -79.13
N UNK U 127 -8.13 44.94 -78.08
CA UNK U 127 -8.70 46.26 -77.86
C UNK U 127 -7.61 47.30 -77.56
N UNK U 128 -6.55 46.85 -76.90
CA UNK U 128 -5.41 47.71 -76.60
C UNK U 128 -4.69 48.09 -77.89
N UNK U 129 -4.48 47.10 -78.75
CA UNK U 129 -3.83 47.33 -80.03
C UNK U 129 -4.65 48.26 -80.93
N UNK U 130 -5.96 48.04 -80.97
CA UNK U 130 -6.86 48.82 -81.79
C UNK U 130 -6.97 50.26 -81.28
N UNK U 131 -7.03 50.42 -79.96
CA UNK U 131 -7.16 51.72 -79.34
C UNK U 131 -5.89 52.54 -79.51
N UNK U 132 -4.74 51.86 -79.40
CA UNK U 132 -3.45 52.50 -79.60
C UNK U 132 -3.28 52.91 -81.05
N UNK U 133 -3.80 52.09 -81.95
CA UNK U 133 -3.76 52.40 -83.38
C UNK U 133 -4.67 53.57 -83.71
N UNK U 134 -5.77 53.70 -82.98
CA UNK U 134 -6.78 54.71 -83.28
C UNK U 134 -6.39 56.12 -82.83
N UNK U 135 -5.39 56.22 -81.98
CA UNK U 135 -4.95 57.53 -81.47
C UNK U 135 -4.15 58.28 -82.52
N UNK V 1 1.16 -96.49 40.69
CA UNK V 1 0.39 -95.99 39.56
C UNK V 1 0.32 -94.47 39.56
N UNK V 2 0.61 -93.87 40.71
CA UNK V 2 0.53 -92.42 40.86
C UNK V 2 1.77 -91.73 40.30
N UNK V 3 2.90 -92.43 40.34
CA UNK V 3 4.17 -91.88 39.88
C UNK V 3 4.20 -91.70 38.36
N UNK V 4 3.67 -92.71 37.67
CA UNK V 4 3.59 -92.69 36.21
C UNK V 4 2.61 -91.62 35.74
N UNK V 5 1.54 -91.42 36.53
CA UNK V 5 0.57 -90.39 36.26
C UNK V 5 1.16 -89.00 36.48
N UNK V 6 2.05 -88.91 37.47
CA UNK V 6 2.73 -87.65 37.78
C UNK V 6 3.72 -87.27 36.67
N UNK V 7 4.49 -88.25 36.20
CA UNK V 7 5.47 -88.01 35.15
C UNK V 7 4.78 -87.72 33.81
N UNK V 8 3.72 -88.47 33.52
CA UNK V 8 2.96 -88.29 32.27
C UNK V 8 2.23 -86.95 32.25
N UNK V 9 1.70 -86.57 33.40
CA UNK V 9 1.06 -85.27 33.57
C UNK V 9 2.08 -84.14 33.48
N UNK V 10 3.32 -84.44 33.88
CA UNK V 10 4.40 -83.46 33.81
C UNK V 10 4.80 -83.19 32.37
N UNK V 11 5.01 -84.27 31.61
CA UNK V 11 5.39 -84.17 30.20
C UNK V 11 4.26 -83.56 29.36
N UNK V 12 3.03 -83.95 29.68
CA UNK V 12 1.86 -83.40 29.01
C UNK V 12 1.68 -81.92 29.36
N UNK V 13 2.09 -81.56 30.57
CA UNK V 13 2.02 -80.17 31.04
C UNK V 13 3.01 -79.30 30.27
N UNK V 14 4.22 -79.81 30.10
CA UNK V 14 5.26 -79.11 29.35
C UNK V 14 4.89 -78.96 27.87
N UNK V 15 4.31 -80.03 27.32
CA UNK V 15 3.85 -80.01 25.93
C UNK V 15 2.69 -79.03 25.75
N UNK V 16 1.86 -78.91 26.78
CA UNK V 16 0.75 -77.98 26.79
C UNK V 16 1.24 -76.54 26.82
N UNK V 17 2.28 -76.30 27.60
CA UNK V 17 2.86 -74.96 27.71
C UNK V 17 3.52 -74.51 26.40
N UNK V 18 4.33 -75.40 25.82
CA UNK V 18 5.00 -75.12 24.56
C UNK V 18 3.98 -74.91 23.42
N UNK V 19 2.93 -75.72 23.44
CA UNK V 19 1.85 -75.60 22.48
C UNK V 19 1.12 -74.27 22.64
N UNK V 20 1.00 -73.82 23.89
CA UNK V 20 0.34 -72.56 24.22
C UNK V 20 1.15 -71.37 23.68
N UNK V 21 2.46 -71.44 23.84
CA UNK V 21 3.35 -70.40 23.32
C UNK V 21 3.29 -70.34 21.79
N UNK V 22 3.21 -71.53 21.18
CA UNK V 22 3.05 -71.65 19.73
C UNK V 22 1.77 -70.99 19.23
N UNK V 23 0.67 -71.25 19.95
CA UNK V 23 -0.63 -70.69 19.62
C UNK V 23 -0.65 -69.17 19.75
N UNK V 24 -0.03 -68.67 20.81
CA UNK V 24 0.04 -67.22 21.07
C UNK V 24 0.84 -66.50 20.00
N UNK V 25 1.96 -67.10 19.60
CA UNK V 25 2.81 -66.55 18.55
C UNK V 25 2.07 -66.52 17.21
N UNK V 26 1.32 -67.59 16.95
CA UNK V 26 0.48 -67.70 15.75
C UNK V 26 -0.57 -66.60 15.68
N UNK V 27 -1.27 -66.39 16.79
CA UNK V 27 -2.32 -65.39 16.87
C UNK V 27 -1.78 -63.96 16.75
N UNK V 28 -0.65 -63.70 17.39
CA UNK V 28 -0.03 -62.37 17.35
C UNK V 28 0.44 -62.01 15.93
N UNK V 29 1.09 -62.98 15.29
CA UNK V 29 1.54 -62.80 13.90
C UNK V 29 0.36 -62.60 12.95
N UNK V 30 -0.69 -63.39 13.17
CA UNK V 30 -1.91 -63.32 12.36
C UNK V 30 -2.61 -61.97 12.45
N UNK V 31 -2.79 -61.48 13.67
CA UNK V 31 -3.43 -60.19 13.90
C UNK V 31 -2.56 -59.04 13.38
N UNK V 32 -1.24 -59.22 13.43
CA UNK V 32 -0.32 -58.25 12.85
C UNK V 32 -0.52 -58.13 11.34
N UNK V 33 -0.64 -59.30 10.71
CA UNK V 33 -0.87 -59.37 9.27
C UNK V 33 -2.23 -58.80 8.87
N UNK V 34 -3.23 -59.00 9.72
CA UNK V 34 -4.58 -58.51 9.46
C UNK V 34 -4.65 -56.98 9.60
N UNK V 35 -3.93 -56.46 10.59
CA UNK V 35 -3.85 -55.02 10.80
C UNK V 35 -3.15 -54.32 9.62
N UNK V 36 -1.98 -54.85 9.26
CA UNK V 36 -1.19 -54.30 8.15
C UNK V 36 -1.93 -54.44 6.83
N UNK V 37 -2.68 -55.52 6.70
CA UNK V 37 -3.49 -55.78 5.52
C UNK V 37 -4.64 -54.78 5.42
N UNK V 38 -5.20 -54.44 6.57
CA UNK V 38 -6.30 -53.48 6.63
C UNK V 38 -5.80 -52.09 6.26
N UNK V 39 -4.61 -51.75 6.75
CA UNK V 39 -3.98 -50.48 6.41
C UNK V 39 -3.66 -50.40 4.92
N UNK V 40 -3.20 -51.53 4.37
CA UNK V 40 -2.86 -51.64 2.95
C UNK V 40 -4.10 -51.47 2.07
N UNK V 41 -5.20 -52.07 2.48
CA UNK V 41 -6.46 -51.96 1.77
C UNK V 41 -6.99 -50.54 1.86
N UNK V 42 -6.73 -49.90 3.01
CA UNK V 42 -7.14 -48.51 3.24
C UNK V 42 -6.39 -47.55 2.31
N UNK V 43 -5.09 -47.78 2.15
CA UNK V 43 -4.28 -46.94 1.28
C UNK V 43 -4.58 -47.22 -0.20
N UNK V 44 -4.91 -48.47 -0.51
CA UNK V 44 -5.24 -48.85 -1.88
C UNK V 44 -6.56 -48.23 -2.32
N UNK V 45 -7.57 -48.34 -1.48
CA UNK V 45 -8.88 -47.72 -1.73
C UNK V 45 -8.79 -46.20 -1.67
N UNK V 46 -7.82 -45.71 -0.90
CA UNK V 46 -7.52 -44.28 -0.84
C UNK V 46 -6.94 -43.77 -2.17
N UNK V 47 -6.03 -44.53 -2.75
CA UNK V 47 -5.34 -44.10 -3.96
C UNK V 47 -6.13 -44.41 -5.24
N UNK V 48 -7.15 -45.26 -5.13
CA UNK V 48 -7.99 -45.64 -6.28
C UNK V 48 -8.75 -44.46 -6.88
N UNK V 49 -9.35 -43.66 -6.00
CA UNK V 49 -10.09 -42.47 -6.40
C UNK V 49 -9.14 -41.37 -6.89
N UNK V 50 -7.90 -41.41 -6.41
CA UNK V 50 -6.87 -40.51 -6.88
C UNK V 50 -6.49 -40.86 -8.31
N UNK V 51 -6.44 -42.16 -8.60
CA UNK V 51 -6.13 -42.65 -9.95
C UNK V 51 -7.25 -42.29 -10.92
N UNK V 52 -8.48 -42.53 -10.51
CA UNK V 52 -9.66 -42.22 -11.34
C UNK V 52 -9.81 -40.71 -11.58
N UNK V 53 -9.60 -39.93 -10.53
CA UNK V 53 -9.69 -38.48 -10.59
C UNK V 53 -8.58 -37.90 -11.47
N UNK V 54 -7.40 -38.50 -11.40
CA UNK V 54 -6.27 -38.10 -12.23
C UNK V 54 -6.56 -38.40 -13.69
N UNK V 55 -7.23 -39.53 -13.93
CA UNK V 55 -7.63 -39.91 -15.28
C UNK V 55 -8.66 -38.92 -15.85
N UNK V 56 -9.60 -38.53 -15.01
CA UNK V 56 -10.65 -37.59 -15.40
C UNK V 56 -10.11 -36.20 -15.68
N UNK V 57 -9.13 -35.79 -14.87
CA UNK V 57 -8.45 -34.51 -15.09
C UNK V 57 -7.64 -34.55 -16.38
N UNK V 58 -7.05 -35.71 -16.67
CA UNK V 58 -6.28 -35.90 -17.90
C UNK V 58 -7.14 -35.78 -19.16
N UNK V 59 -8.25 -36.52 -19.18
CA UNK V 59 -9.17 -36.50 -20.31
C UNK V 59 -9.83 -35.13 -20.48
N UNK V 60 -10.13 -34.50 -19.35
CA UNK V 60 -10.72 -33.16 -19.33
C UNK V 60 -9.74 -32.13 -19.91
N UNK V 61 -8.46 -32.30 -19.59
CA UNK V 61 -7.41 -31.43 -20.10
C UNK V 61 -7.23 -31.63 -21.60
N UNK V 62 -7.37 -32.88 -22.05
CA UNK V 62 -7.29 -33.21 -23.48
C UNK V 62 -8.42 -32.53 -24.26
N UNK V 63 -9.62 -32.54 -23.68
CA UNK V 63 -10.77 -31.85 -24.29
C UNK V 63 -10.56 -30.33 -24.34
N UNK V 64 -10.02 -29.81 -23.25
CA UNK V 64 -9.76 -28.38 -23.11
C UNK V 64 -8.72 -27.89 -24.11
N UNK V 65 -7.73 -28.73 -24.42
CA UNK V 65 -6.77 -28.41 -25.47
C UNK V 65 -7.44 -28.49 -26.83
N UNK V 66 -8.28 -29.51 -26.97
CA UNK V 66 -8.96 -29.83 -28.22
C UNK V 66 -9.95 -28.75 -28.67
N UNK V 67 -10.42 -27.92 -27.74
CA UNK V 67 -11.23 -26.77 -28.13
C UNK V 67 -10.35 -25.58 -28.58
N UNK V 68 -9.25 -25.37 -27.86
CA UNK V 68 -8.39 -24.20 -28.04
C UNK V 68 -7.62 -24.23 -29.35
N UNK V 69 -7.22 -25.44 -29.78
CA UNK V 69 -6.54 -25.60 -31.06
C UNK V 69 -7.47 -25.20 -32.21
N UNK V 70 -8.74 -25.57 -32.08
CA UNK V 70 -9.76 -25.22 -33.06
C UNK V 70 -10.04 -23.72 -33.04
N UNK V 71 -9.99 -23.11 -31.86
CA UNK V 71 -10.21 -21.66 -31.73
C UNK V 71 -9.10 -20.85 -32.41
N UNK V 72 -7.85 -21.25 -32.19
CA UNK V 72 -6.71 -20.61 -32.84
C UNK V 72 -6.75 -20.84 -34.35
N UNK V 73 -7.19 -22.04 -34.72
CA UNK V 73 -7.39 -22.39 -36.12
C UNK V 73 -8.56 -21.63 -36.75
N UNK V 74 -9.42 -21.04 -35.92
CA UNK V 74 -10.49 -20.17 -36.40
C UNK V 74 -10.03 -18.70 -36.49
N UNK V 75 -9.11 -18.29 -35.62
CA UNK V 75 -8.56 -16.93 -35.66
C UNK V 75 -7.63 -16.74 -36.87
N UNK V 76 -6.98 -17.85 -37.22
CA UNK V 76 -6.06 -17.90 -38.36
C UNK V 76 -6.72 -17.51 -39.67
N UNK V 77 -8.02 -17.80 -39.80
CA UNK V 77 -8.78 -17.34 -40.94
C UNK V 77 -9.07 -15.83 -40.83
N UNK V 78 -9.26 -15.37 -39.60
CA UNK V 78 -9.71 -14.01 -39.35
C UNK V 78 -8.61 -12.96 -39.54
N UNK V 79 -7.35 -13.36 -39.54
CA UNK V 79 -6.26 -12.39 -39.73
C UNK V 79 -6.09 -11.79 -41.15
N UNK V 80 -6.03 -12.69 -42.13
CA UNK V 80 -5.59 -12.34 -43.48
C UNK V 80 -6.55 -11.45 -44.28
N UNK V 81 -7.84 -11.49 -43.94
CA UNK V 81 -8.85 -10.70 -44.64
C UNK V 81 -8.64 -9.21 -44.39
N UNK V 82 -8.46 -8.89 -43.12
CA UNK V 82 -8.15 -7.54 -42.69
C UNK V 82 -6.77 -7.13 -43.18
N UNK V 83 -5.85 -8.11 -43.22
CA UNK V 83 -4.50 -7.87 -43.74
C UNK V 83 -4.48 -7.38 -45.20
N UNK V 84 -5.15 -8.15 -46.07
CA UNK V 84 -5.23 -7.79 -47.49
C UNK V 84 -6.12 -6.56 -47.72
N UNK V 85 -7.12 -6.37 -46.86
CA UNK V 85 -8.01 -5.21 -46.94
C UNK V 85 -7.26 -3.89 -46.72
N UNK V 86 -6.51 -3.84 -45.61
CA UNK V 86 -5.66 -2.68 -45.32
C UNK V 86 -4.55 -2.54 -46.36
N UNK V 87 -4.09 -3.69 -46.86
CA UNK V 87 -3.08 -3.72 -47.91
C UNK V 87 -3.58 -3.12 -49.23
N UNK V 88 -4.89 -3.16 -49.46
CA UNK V 88 -5.47 -2.55 -50.64
C UNK V 88 -5.76 -1.07 -50.45
N UNK V 89 -6.34 -0.75 -49.29
CA UNK V 89 -6.73 0.63 -48.99
C UNK V 89 -5.52 1.55 -48.84
N UNK V 90 -4.38 0.97 -48.44
CA UNK V 90 -3.14 1.74 -48.37
C UNK V 90 -2.67 2.12 -49.78
N UNK V 91 -2.88 1.21 -50.73
CA UNK V 91 -2.47 1.43 -52.11
C UNK V 91 -3.33 2.51 -52.77
N UNK V 92 -4.64 2.40 -52.58
CA UNK V 92 -5.56 3.39 -53.13
C UNK V 92 -5.39 4.75 -52.43
N UNK V 93 -4.97 4.69 -51.17
CA UNK V 93 -4.67 5.89 -50.40
C UNK V 93 -3.42 6.58 -50.94
N UNK V 94 -2.44 5.78 -51.34
CA UNK V 94 -1.20 6.30 -51.91
C UNK V 94 -1.45 6.94 -53.27
N UNK V 95 -2.22 6.25 -54.11
CA UNK V 95 -2.52 6.75 -55.45
C UNK V 95 -3.40 8.00 -55.41
N UNK V 96 -4.40 7.99 -54.52
CA UNK V 96 -5.29 9.13 -54.36
C UNK V 96 -4.54 10.32 -53.75
N UNK V 97 -3.54 10.02 -52.92
CA UNK V 97 -2.67 11.03 -52.34
C UNK V 97 -1.82 11.69 -53.42
N UNK V 98 -1.29 10.86 -54.32
CA UNK V 98 -0.47 11.34 -55.43
C UNK V 98 -1.26 12.22 -56.39
N UNK V 99 -2.45 11.75 -56.75
CA UNK V 99 -3.32 12.49 -57.67
C UNK V 99 -3.86 13.76 -57.01
N UNK V 100 -4.02 13.71 -55.70
CA UNK V 100 -4.43 14.89 -54.93
C UNK V 100 -3.31 15.93 -54.94
N UNK V 101 -2.08 15.46 -54.86
CA UNK V 101 -0.91 16.32 -54.90
C UNK V 101 -0.74 17.00 -56.26
N UNK V 102 -0.86 16.21 -57.32
CA UNK V 102 -0.73 16.72 -58.68
C UNK V 102 -1.84 17.70 -59.02
N UNK V 103 -3.06 17.36 -58.59
CA UNK V 103 -4.23 18.22 -58.79
C UNK V 103 -4.09 19.52 -58.02
N UNK V 104 -3.45 19.43 -56.86
CA UNK V 104 -3.16 20.61 -56.05
C UNK V 104 -2.16 21.52 -56.75
N UNK V 105 -1.12 20.92 -57.34
CA UNK V 105 -0.09 21.66 -58.03
C UNK V 105 -0.62 22.38 -59.26
N UNK V 106 -1.39 21.65 -60.06
CA UNK V 106 -1.98 22.22 -61.27
C UNK V 106 -3.03 23.29 -60.93
N UNK V 107 -3.75 23.06 -59.83
CA UNK V 107 -4.75 24.01 -59.35
C UNK V 107 -4.11 25.32 -58.92
N UNK V 108 -2.98 25.22 -58.21
CA UNK V 108 -2.24 26.39 -57.76
C UNK V 108 -1.64 27.13 -58.95
N UNK V 109 -1.22 26.36 -59.95
CA UNK V 109 -0.70 26.91 -61.19
C UNK V 109 -1.76 27.73 -61.93
N UNK V 110 -2.97 27.18 -61.98
CA UNK V 110 -4.10 27.83 -62.63
C UNK V 110 -4.55 29.07 -61.87
N UNK V 111 -4.44 29.02 -60.55
CA UNK V 111 -4.79 30.16 -59.71
C UNK V 111 -3.81 31.31 -59.90
N UNK V 112 -2.52 30.95 -60.03
CA UNK V 112 -1.46 31.92 -60.29
C UNK V 112 -1.65 32.58 -61.66
N UNK V 113 -1.96 31.74 -62.65
CA UNK V 113 -2.18 32.20 -64.02
C UNK V 113 -3.41 33.12 -64.10
N UNK V 114 -4.47 32.75 -63.41
CA UNK V 114 -5.71 33.53 -63.42
C UNK V 114 -5.52 34.85 -62.68
N UNK V 115 -4.67 34.85 -61.66
CA UNK V 115 -4.33 36.07 -60.95
C UNK V 115 -3.54 37.00 -61.87
N UNK V 116 -2.65 36.41 -62.66
CA UNK V 116 -1.88 37.17 -63.65
C UNK V 116 -2.78 37.76 -64.73
N UNK V 117 -3.80 37.00 -65.13
CA UNK V 117 -4.77 37.45 -66.11
C UNK V 117 -5.63 38.57 -65.54
N UNK V 118 -5.87 38.51 -64.23
CA UNK V 118 -6.61 39.57 -63.53
C UNK V 118 -5.80 40.86 -63.53
N UNK V 119 -4.50 40.74 -63.27
CA UNK V 119 -3.61 41.90 -63.25
C UNK V 119 -3.44 42.55 -64.63
N UNK V 120 -3.17 41.71 -65.63
CA UNK V 120 -3.01 42.19 -67.00
C UNK V 120 -4.31 42.76 -67.58
N UNK V 121 -5.43 42.17 -67.17
CA UNK V 121 -6.75 42.66 -67.55
C UNK V 121 -6.99 44.03 -66.91
N UNK V 122 -6.53 44.19 -65.67
CA UNK V 122 -6.69 45.44 -64.95
C UNK V 122 -5.90 46.57 -65.60
N UNK V 123 -4.63 46.29 -65.91
CA UNK V 123 -3.78 47.27 -66.58
C UNK V 123 -4.28 47.60 -67.98
N UNK V 124 -4.84 46.59 -68.64
CA UNK V 124 -5.44 46.77 -69.97
C UNK V 124 -6.68 47.67 -69.89
N UNK V 125 -7.43 47.55 -68.81
CA UNK V 125 -8.59 48.41 -68.58
C UNK V 125 -8.16 49.86 -68.35
N UNK V 126 -7.09 50.01 -67.57
CA UNK V 126 -6.53 51.34 -67.28
C UNK V 126 -6.00 52.05 -68.53
N UNK V 127 -5.23 51.33 -69.32
CA UNK V 127 -4.68 51.87 -70.56
C UNK V 127 -5.78 52.10 -71.60
N UNK V 128 -6.84 51.30 -71.52
CA UNK V 128 -8.00 51.46 -72.38
C UNK V 128 -8.70 52.79 -72.08
N UNK V 129 -8.85 53.10 -70.80
CA UNK V 129 -9.46 54.37 -70.40
C UNK V 129 -8.56 55.56 -70.77
N UNK V 130 -7.27 55.41 -70.50
CA UNK V 130 -6.28 56.46 -70.75
C UNK V 130 -6.14 56.79 -72.24
N UNK V 131 -6.23 55.76 -73.08
CA UNK V 131 -6.20 55.95 -74.51
C UNK V 131 -7.54 56.47 -75.01
N UNK V 132 -8.61 56.13 -74.26
CA UNK V 132 -9.95 56.57 -74.62
C UNK V 132 -10.15 58.06 -74.36
N UNK V 133 -9.37 58.62 -73.44
CA UNK V 133 -9.51 60.03 -73.09
C UNK V 133 -8.95 60.99 -74.16
N UNK V 134 -7.82 60.64 -74.77
CA UNK V 134 -7.11 61.55 -75.66
C UNK V 134 -7.59 61.48 -77.10
N UNK V 135 -8.35 60.44 -77.43
CA UNK V 135 -8.82 60.24 -78.79
C UNK V 135 -9.95 61.21 -79.14
#